data_2OQE
#
_entry.id   2OQE
#
_cell.length_a   103.403
_cell.length_b   222.751
_cell.length_c   103.651
_cell.angle_alpha   90.00
_cell.angle_beta   95.85
_cell.angle_gamma   90.00
#
_symmetry.space_group_name_H-M   'P 1 21 1'
#
loop_
_entity.id
_entity.type
_entity.pdbx_description
1 polymer 'Peroxisomal copper amine oxidase'
2 polymer 'Peroxisomal copper amine oxidase'
3 non-polymer 'COPPER (II) ION'
4 non-polymer XENON
5 non-polymer GLYCEROL
6 water water
#
loop_
_entity_poly.entity_id
_entity_poly.type
_entity_poly.pdbx_seq_one_letter_code
_entity_poly.pdbx_strand_id
1 'polypeptide(L)'
;AASAAPARPAHPLDPLSTAEIKAATNTVKSYFAGKKISFNTVTLREPARKAYIQWKEQGGPLPPRLAYYVILEAGKPGVK
EGLVDLASLSVIETRALETVQPILTVEDLCSTEEVIRNDPAVIEQCVLSGIPANEMHKVYCDPWTIGYDERWGTGKRLQQ
ALVYYRSDEDDSQYSHPLDFCPIVDTEEKKVIFIDIPNRRRKVSKHKHANFYPKHMIEKVGAMRPEAPPINVTQPEGVSF
KMTGNVMEWSNFKFHIGFNYREGIVLSDVSYNDHGNVRPIFHRISLSEMIVPYGSPEFPHQRKHALDIGEYGAGYMTNPL
SLGCDCKGVIHYLDAHFSDRAGDPITVKNAVCIHEEDDGLLFKHSDFRDNFATSLVTRATKLVVSQIFTAAN(TPQ)EYC
LYWVFMQDGAIRLDIRLTGILNTYILGDDEEAGPWGTRVYPNVNAHNHQHLFSLRIDPRIDGDGNSAAACDAKSSPYPLG
SPENMYGNAFYSEKTTFKTVKDSLTNYESATGRSWDIFNPNKVNPYSGKPPSYKLVSTQCPPLLAKEGSLVAKRAPWASH
SVNVVPYKDNRLYPSGDHVPQWSGDGVRGMREWIGDGSENIDNTDILFFHTFGITHFPAPEDFPL(SME)PAEPITLMLR
PRHFFTENPGLDIQPSYAMTTSEAKRAV
;
A,B
2 'polypeptide(L)'
;AASAAPARPAHPLDPLSTAEIKAATNTVKSYFAGKKISFNTVTLREPARKAYIQWKEQGGPLPPRLAYYVILEAGKPGVK
EGLVDLASLSVIETRALETVQPILTVEDLCSTEEVIRNDPAVIEQCVLSGIPANEMHKVYCDPWTIGYDERWGTGKRLQQ
ALVYYRSDEDDSQYSHPLDFCPIVDTEEKKVIFIDIPNRRRKVSKHKHANFYPKHMIEKVGAMRPEAPPINVTQPEGVSF
KMTGNVMEWSNFKFHIGFNYREGIVLSDVSYNDHGNVRPIFHRISLSEMIVPYGSPEFPHQRKHALDIGEYGAGYMTNPL
SLGCDCKGVIHYLDAHFSDRAGDPITVKNAVCIHEEDDGLLFKHSDFRDNFATSLVTRATKLVVSQIFTAAN(TPQ)EYC
LYWVFMQDGAIRLDIRLTGILNTYILGDDEEAGPWGTRVYPNVNAHNHQHLFSLRIDPRIDGDGNSAAACDAKSSPYPLG
SPENMYGNAFYSEKTTFKTVKDSLTNYESATGRSWDIFNPNKVNPYSGKPPSYKLVSTQCPPLLAKEGSLVAKRAPWASH
SVNVVPYKDNRLYPSGDHVPQWSGDGVRGMREWIGDGSENIDNTDILFFHTFGITHFPAPEDFPLMPAEPITLMLRPRHF
FTENPGLDIQPSYAMTTSEAKRAV
;
C,D,E,F
#
# COMPACT_ATOMS: atom_id res chain seq x y z
N ALA A 5 48.26 -45.56 -31.92
CA ALA A 5 47.26 -44.89 -31.04
C ALA A 5 47.59 -45.18 -29.57
N PRO A 6 47.24 -44.25 -28.65
CA PRO A 6 47.48 -44.57 -27.24
C PRO A 6 46.53 -45.69 -26.79
N ALA A 7 46.96 -46.45 -25.78
CA ALA A 7 46.10 -47.49 -25.20
C ALA A 7 44.80 -46.87 -24.68
N ARG A 8 43.69 -47.58 -24.90
CA ARG A 8 42.37 -47.16 -24.42
C ARG A 8 42.33 -47.31 -22.91
N PRO A 9 41.62 -46.40 -22.21
CA PRO A 9 41.50 -46.51 -20.76
C PRO A 9 40.58 -47.64 -20.35
N ALA A 10 40.72 -48.07 -19.11
CA ALA A 10 39.83 -49.02 -18.47
C ALA A 10 38.35 -48.62 -18.52
N HIS A 11 38.08 -47.32 -18.64
CA HIS A 11 36.73 -46.77 -18.43
C HIS A 11 36.62 -45.46 -19.22
N PRO A 12 35.52 -45.23 -19.95
CA PRO A 12 35.34 -43.99 -20.75
C PRO A 12 35.44 -42.68 -19.95
N LEU A 13 35.22 -42.74 -18.64
CA LEU A 13 35.30 -41.50 -17.84
C LEU A 13 36.67 -41.29 -17.19
N ASP A 14 37.58 -42.24 -17.37
CA ASP A 14 38.93 -42.06 -16.83
C ASP A 14 39.55 -40.80 -17.45
N PRO A 15 40.24 -40.00 -16.63
CA PRO A 15 40.99 -38.85 -17.20
C PRO A 15 42.06 -39.29 -18.20
N LEU A 16 42.47 -38.35 -19.05
CA LEU A 16 43.56 -38.64 -19.99
C LEU A 16 44.82 -39.09 -19.23
N SER A 17 45.46 -40.15 -19.72
CA SER A 17 46.76 -40.58 -19.20
C SER A 17 47.85 -39.64 -19.74
N THR A 18 49.04 -39.70 -19.14
CA THR A 18 50.16 -38.91 -19.68
C THR A 18 50.42 -39.26 -21.14
N ALA A 19 50.31 -40.54 -21.49
CA ALA A 19 50.45 -40.96 -22.91
C ALA A 19 49.40 -40.31 -23.84
N GLU A 20 48.16 -40.21 -23.37
CA GLU A 20 47.10 -39.60 -24.17
C GLU A 20 47.30 -38.10 -24.29
N ILE A 21 47.74 -37.48 -23.22
CA ILE A 21 48.01 -36.03 -23.27
C ILE A 21 49.07 -35.74 -24.33
N LYS A 22 50.16 -36.50 -24.29
CA LYS A 22 51.25 -36.32 -25.27
C LYS A 22 50.77 -36.66 -26.69
N ALA A 23 49.98 -37.73 -26.85
CA ALA A 23 49.43 -38.04 -28.16
C ALA A 23 48.57 -36.89 -28.69
N ALA A 24 47.80 -36.27 -27.78
CA ALA A 24 46.95 -35.14 -28.15
C ALA A 24 47.77 -33.91 -28.55
N THR A 25 48.77 -33.56 -27.76
CA THR A 25 49.57 -32.39 -28.10
C THR A 25 50.42 -32.59 -29.36
N ASN A 26 50.98 -33.78 -29.56
CA ASN A 26 51.63 -34.08 -30.85
C ASN A 26 50.69 -33.91 -32.04
N THR A 27 49.46 -34.38 -31.87
CA THR A 27 48.45 -34.24 -32.90
C THR A 27 48.19 -32.77 -33.20
N VAL A 28 48.01 -31.98 -32.15
CA VAL A 28 47.72 -30.55 -32.34
C VAL A 28 48.94 -29.80 -32.93
N LYS A 29 50.13 -30.11 -32.44
CA LYS A 29 51.33 -29.49 -33.00
C LYS A 29 51.48 -29.77 -34.50
N SER A 30 51.14 -31.00 -34.90
CA SER A 30 51.22 -31.38 -36.30
CA SER A 30 51.21 -31.39 -36.31
C SER A 30 50.19 -30.63 -37.15
N TYR A 31 48.97 -30.52 -36.62
CA TYR A 31 47.90 -29.82 -37.31
C TYR A 31 48.28 -28.35 -37.55
N PHE A 32 48.91 -27.74 -36.55
CA PHE A 32 49.34 -26.34 -36.65
C PHE A 32 50.84 -26.23 -36.95
N ALA A 33 51.36 -27.16 -37.75
CA ALA A 33 52.79 -27.19 -38.07
C ALA A 33 53.20 -25.85 -38.71
N GLY A 34 54.34 -25.33 -38.28
CA GLY A 34 54.83 -24.07 -38.80
C GLY A 34 54.29 -22.85 -38.05
N LYS A 35 53.42 -23.10 -37.07
CA LYS A 35 52.92 -22.03 -36.19
C LYS A 35 53.51 -22.16 -34.78
N LYS A 36 53.74 -21.02 -34.13
CA LYS A 36 54.26 -20.98 -32.77
C LYS A 36 53.09 -21.01 -31.79
N ILE A 37 52.83 -22.20 -31.23
CA ILE A 37 51.70 -22.39 -30.34
C ILE A 37 52.11 -22.88 -28.96
N SER A 38 51.28 -22.59 -27.97
CA SER A 38 51.51 -23.08 -26.63
C SER A 38 50.21 -23.64 -26.09
N PHE A 39 50.31 -24.61 -25.19
CA PHE A 39 49.12 -25.30 -24.69
C PHE A 39 48.60 -24.71 -23.39
N ASN A 40 47.31 -24.43 -23.37
CA ASN A 40 46.65 -23.94 -22.18
C ASN A 40 45.92 -25.04 -21.41
N THR A 41 45.23 -25.91 -22.15
CA THR A 41 44.37 -26.95 -21.59
C THR A 41 44.45 -28.14 -22.52
N VAL A 42 44.69 -29.32 -21.95
CA VAL A 42 44.51 -30.57 -22.68
C VAL A 42 43.82 -31.54 -21.73
N THR A 43 42.55 -31.83 -22.00
CA THR A 43 41.72 -32.57 -21.05
C THR A 43 40.72 -33.49 -21.74
N LEU A 44 40.25 -34.46 -20.99
CA LEU A 44 39.22 -35.35 -21.50
C LEU A 44 38.01 -34.51 -21.94
N ARG A 45 37.50 -34.80 -23.13
CA ARG A 45 36.16 -34.36 -23.49
C ARG A 45 35.27 -35.54 -23.15
N GLU A 46 34.47 -35.39 -22.09
CA GLU A 46 33.69 -36.53 -21.61
C GLU A 46 32.64 -36.93 -22.66
N PRO A 47 32.32 -38.22 -22.73
CA PRO A 47 31.25 -38.67 -23.64
C PRO A 47 29.94 -37.96 -23.35
N ALA A 48 29.12 -37.80 -24.38
CA ALA A 48 27.76 -37.31 -24.21
C ALA A 48 27.02 -38.18 -23.18
N ARG A 49 26.15 -37.58 -22.41
CA ARG A 49 25.38 -38.29 -21.39
C ARG A 49 24.65 -39.50 -21.99
N LYS A 50 23.94 -39.27 -23.08
CA LYS A 50 23.17 -40.33 -23.74
C LYS A 50 24.12 -41.46 -24.13
N ALA A 51 25.20 -41.08 -24.80
CA ALA A 51 26.20 -42.04 -25.25
C ALA A 51 26.78 -42.86 -24.09
N TYR A 52 27.13 -42.18 -22.99
CA TYR A 52 27.68 -42.90 -21.86
C TYR A 52 26.67 -43.89 -21.28
N ILE A 53 25.44 -43.42 -21.02
CA ILE A 53 24.46 -44.28 -20.36
C ILE A 53 24.10 -45.44 -21.29
N GLN A 54 24.06 -45.17 -22.58
CA GLN A 54 23.76 -46.25 -23.55
C GLN A 54 24.87 -47.31 -23.53
N TRP A 55 26.12 -46.85 -23.47
CA TRP A 55 27.26 -47.75 -23.37
C TRP A 55 27.22 -48.60 -22.09
N LYS A 56 26.93 -47.95 -20.97
CA LYS A 56 27.07 -48.57 -19.65
C LYS A 56 25.92 -49.53 -19.35
N GLU A 57 24.73 -49.20 -19.84
CA GLU A 57 23.50 -49.86 -19.40
C GLU A 57 22.70 -50.51 -20.51
N GLN A 58 23.09 -50.28 -21.75
CA GLN A 58 22.25 -50.69 -22.88
C GLN A 58 23.02 -51.44 -23.97
N GLY A 59 24.24 -51.83 -23.65
CA GLY A 59 25.13 -52.51 -24.60
C GLY A 59 25.40 -51.66 -25.83
N GLY A 60 25.39 -50.34 -25.65
CA GLY A 60 25.51 -49.39 -26.75
C GLY A 60 26.92 -49.14 -27.26
N PRO A 61 27.06 -48.27 -28.29
CA PRO A 61 28.37 -47.99 -28.87
C PRO A 61 29.39 -47.51 -27.85
N LEU A 62 30.64 -47.89 -28.06
CA LEU A 62 31.75 -47.36 -27.28
C LEU A 62 31.96 -45.90 -27.66
N PRO A 63 31.84 -44.98 -26.68
CA PRO A 63 32.07 -43.59 -27.08
C PRO A 63 33.52 -43.34 -27.47
N PRO A 64 33.71 -42.48 -28.48
CA PRO A 64 35.04 -42.08 -28.90
C PRO A 64 35.81 -41.46 -27.75
N ARG A 65 37.10 -41.79 -27.68
CA ARG A 65 38.02 -41.22 -26.71
C ARG A 65 38.54 -39.90 -27.29
N LEU A 66 38.14 -38.78 -26.68
CA LEU A 66 38.41 -37.46 -27.22
C LEU A 66 39.14 -36.58 -26.20
N ALA A 67 40.05 -35.76 -26.73
CA ALA A 67 40.75 -34.75 -25.95
C ALA A 67 40.31 -33.36 -26.43
N TYR A 68 39.95 -32.50 -25.49
CA TYR A 68 39.66 -31.11 -25.76
C TYR A 68 40.93 -30.32 -25.50
N TYR A 69 41.28 -29.42 -26.40
CA TYR A 69 42.48 -28.61 -26.17
C TYR A 69 42.14 -27.14 -26.33
N VAL A 70 42.94 -26.33 -25.65
CA VAL A 70 42.93 -24.88 -25.84
C VAL A 70 44.40 -24.47 -26.01
N ILE A 71 44.69 -23.74 -27.09
CA ILE A 71 46.05 -23.27 -27.36
C ILE A 71 46.04 -21.77 -27.62
N LEU A 72 47.22 -21.18 -27.43
CA LEU A 72 47.48 -19.81 -27.84
C LEU A 72 48.52 -19.85 -28.94
N GLU A 73 48.49 -18.84 -29.79
CA GLU A 73 49.46 -18.71 -30.86
C GLU A 73 50.08 -17.33 -30.77
N ALA A 74 51.42 -17.30 -30.80
CA ALA A 74 52.17 -16.05 -30.71
C ALA A 74 51.66 -15.08 -31.78
N GLY A 75 51.38 -13.85 -31.38
CA GLY A 75 50.93 -12.83 -32.32
C GLY A 75 49.49 -12.93 -32.79
N LYS A 76 48.72 -13.86 -32.22
CA LYS A 76 47.29 -13.96 -32.50
CA LYS A 76 47.28 -13.97 -32.51
C LYS A 76 46.46 -13.69 -31.25
N PRO A 77 45.33 -12.99 -31.39
CA PRO A 77 44.54 -12.69 -30.18
C PRO A 77 43.71 -13.88 -29.76
N GLY A 78 43.37 -13.93 -28.47
CA GLY A 78 42.47 -14.97 -27.94
C GLY A 78 43.08 -16.35 -27.97
N VAL A 79 42.28 -17.34 -28.35
CA VAL A 79 42.71 -18.74 -28.24
C VAL A 79 42.19 -19.52 -29.43
N LYS A 80 42.70 -20.75 -29.61
CA LYS A 80 42.06 -21.69 -30.51
C LYS A 80 41.70 -22.90 -29.67
N GLU A 81 40.57 -23.52 -29.99
CA GLU A 81 40.16 -24.69 -29.20
C GLU A 81 39.68 -25.75 -30.16
N GLY A 82 39.62 -26.99 -29.68
CA GLY A 82 39.14 -28.04 -30.56
C GLY A 82 39.18 -29.41 -29.89
N LEU A 83 38.96 -30.44 -30.70
CA LEU A 83 38.90 -31.80 -30.22
C LEU A 83 39.84 -32.68 -31.03
N VAL A 84 40.52 -33.58 -30.34
CA VAL A 84 41.35 -34.60 -30.98
C VAL A 84 40.70 -35.97 -30.76
N ASP A 85 40.53 -36.72 -31.85
CA ASP A 85 40.17 -38.12 -31.74
C ASP A 85 41.44 -38.91 -31.50
N LEU A 86 41.59 -39.46 -30.30
CA LEU A 86 42.85 -40.13 -29.93
C LEU A 86 43.10 -41.43 -30.71
N ALA A 87 42.04 -42.13 -31.09
CA ALA A 87 42.19 -43.41 -31.82
C ALA A 87 42.79 -43.23 -33.21
N SER A 88 42.48 -42.11 -33.85
CA SER A 88 42.97 -41.81 -35.21
C SER A 88 44.05 -40.72 -35.22
N LEU A 89 44.42 -40.24 -34.04
CA LEU A 89 45.42 -39.18 -33.88
C LEU A 89 45.13 -38.05 -34.85
N SER A 90 43.91 -37.53 -34.77
CA SER A 90 43.50 -36.48 -35.69
C SER A 90 42.64 -35.41 -35.01
N VAL A 91 42.82 -34.16 -35.45
CA VAL A 91 41.96 -33.05 -35.03
C VAL A 91 40.63 -33.15 -35.77
N ILE A 92 39.53 -33.20 -35.03
CA ILE A 92 38.22 -33.43 -35.65
C ILE A 92 37.30 -32.22 -35.62
N GLU A 93 37.68 -31.23 -34.82
CA GLU A 93 36.88 -30.04 -34.64
C GLU A 93 37.84 -28.96 -34.21
N THR A 94 37.68 -27.75 -34.75
CA THR A 94 38.57 -26.67 -34.40
C THR A 94 37.87 -25.33 -34.56
N ARG A 95 38.20 -24.37 -33.70
CA ARG A 95 37.73 -23.01 -33.91
C ARG A 95 38.59 -22.00 -33.19
N ALA A 96 38.62 -20.81 -33.79
CA ALA A 96 39.38 -19.72 -33.27
C ALA A 96 38.43 -18.81 -32.54
N LEU A 97 38.80 -18.42 -31.33
CA LEU A 97 37.99 -17.54 -30.50
C LEU A 97 38.88 -16.36 -30.17
N GLU A 98 38.78 -15.31 -30.98
CA GLU A 98 39.72 -14.18 -30.88
C GLU A 98 39.41 -13.22 -29.73
N THR A 99 38.24 -13.38 -29.10
CA THR A 99 37.76 -12.39 -28.14
C THR A 99 37.51 -12.95 -26.75
N VAL A 100 38.20 -14.04 -26.41
CA VAL A 100 38.14 -14.62 -25.07
C VAL A 100 39.54 -14.81 -24.55
N GLN A 101 39.66 -15.01 -23.24
CA GLN A 101 40.94 -15.37 -22.61
C GLN A 101 40.74 -16.61 -21.72
N PRO A 102 41.75 -17.49 -21.65
CA PRO A 102 41.57 -18.74 -20.94
C PRO A 102 42.14 -18.80 -19.51
N ILE A 103 41.81 -19.88 -18.83
CA ILE A 103 42.26 -20.18 -17.48
C ILE A 103 43.78 -19.98 -17.35
N LEU A 104 44.20 -19.45 -16.20
CA LEU A 104 45.63 -19.24 -15.91
C LEU A 104 46.21 -20.45 -15.19
N THR A 105 47.29 -20.99 -15.75
CA THR A 105 47.93 -22.18 -15.22
C THR A 105 48.99 -21.81 -14.16
N VAL A 106 49.51 -22.82 -13.45
CA VAL A 106 50.57 -22.58 -12.45
C VAL A 106 51.77 -21.89 -13.12
N GLU A 107 52.13 -22.34 -14.32
CA GLU A 107 53.20 -21.71 -15.09
C GLU A 107 52.92 -20.22 -15.30
N ASP A 108 51.67 -19.89 -15.61
CA ASP A 108 51.27 -18.48 -15.81
C ASP A 108 51.37 -17.67 -14.51
N LEU A 109 51.02 -18.27 -13.37
CA LEU A 109 51.17 -17.59 -12.10
C LEU A 109 52.64 -17.35 -11.74
N CYS A 110 53.50 -18.32 -12.04
CA CYS A 110 54.91 -18.20 -11.67
C CYS A 110 55.72 -17.21 -12.52
N SER A 111 55.25 -16.93 -13.74
CA SER A 111 56.00 -16.11 -14.70
C SER A 111 56.01 -14.60 -14.38
N THR A 112 55.02 -14.13 -13.65
CA THR A 112 54.81 -12.68 -13.48
C THR A 112 55.85 -11.94 -12.64
N GLU A 113 56.36 -12.58 -11.60
CA GLU A 113 57.30 -11.91 -10.70
C GLU A 113 58.55 -11.42 -11.38
N GLU A 114 59.15 -12.24 -12.26
CA GLU A 114 60.36 -11.75 -12.88
CA GLU A 114 60.34 -11.86 -13.04
C GLU A 114 60.05 -10.64 -13.90
N VAL A 115 58.83 -10.60 -14.43
CA VAL A 115 58.41 -9.48 -15.27
C VAL A 115 58.36 -8.17 -14.47
N ILE A 116 57.67 -8.17 -13.34
CA ILE A 116 57.53 -6.92 -12.60
C ILE A 116 58.83 -6.48 -11.92
N ARG A 117 59.64 -7.46 -11.50
CA ARG A 117 60.92 -7.14 -10.86
C ARG A 117 61.88 -6.41 -11.79
N ASN A 118 61.74 -6.62 -13.10
CA ASN A 118 62.67 -6.02 -14.06
C ASN A 118 62.10 -4.85 -14.85
N ASP A 119 60.87 -4.47 -14.53
CA ASP A 119 60.21 -3.36 -15.22
C ASP A 119 60.56 -2.03 -14.57
N PRO A 120 61.17 -1.11 -15.35
CA PRO A 120 61.55 0.21 -14.80
C PRO A 120 60.43 0.97 -14.06
N ALA A 121 59.22 0.95 -14.59
CA ALA A 121 58.12 1.67 -13.96
C ALA A 121 57.74 1.05 -12.63
N VAL A 122 57.77 -0.28 -12.56
CA VAL A 122 57.46 -0.95 -11.29
C VAL A 122 58.57 -0.66 -10.28
N ILE A 123 59.82 -0.74 -10.73
CA ILE A 123 60.94 -0.43 -9.83
C ILE A 123 60.78 0.96 -9.22
N GLU A 124 60.45 1.93 -10.06
CA GLU A 124 60.20 3.31 -9.60
C GLU A 124 59.14 3.40 -8.50
N GLN A 125 58.04 2.68 -8.68
CA GLN A 125 56.98 2.65 -7.66
C GLN A 125 57.42 1.97 -6.38
N CYS A 126 58.29 0.97 -6.48
CA CYS A 126 58.81 0.33 -5.28
C CYS A 126 59.67 1.31 -4.50
N VAL A 127 60.52 2.04 -5.23
CA VAL A 127 61.38 3.03 -4.58
C VAL A 127 60.56 4.12 -3.91
N LEU A 128 59.51 4.60 -4.59
CA LEU A 128 58.59 5.61 -4.02
C LEU A 128 57.88 5.05 -2.80
N SER A 129 57.72 3.73 -2.78
CA SER A 129 57.05 3.05 -1.66
C SER A 129 58.01 2.71 -0.52
N GLY A 130 59.29 3.03 -0.68
CA GLY A 130 60.26 2.84 0.40
C GLY A 130 61.15 1.61 0.31
N ILE A 131 61.13 0.95 -0.85
CA ILE A 131 61.96 -0.22 -1.12
C ILE A 131 63.06 0.15 -2.13
N PRO A 132 64.33 0.06 -1.74
CA PRO A 132 65.40 0.47 -2.66
C PRO A 132 65.42 -0.35 -3.95
N ALA A 133 65.89 0.29 -5.03
CA ALA A 133 65.98 -0.34 -6.34
C ALA A 133 66.78 -1.66 -6.37
N ASN A 134 67.78 -1.79 -5.50
CA ASN A 134 68.59 -3.00 -5.44
C ASN A 134 68.00 -4.12 -4.57
N GLU A 135 66.74 -3.92 -4.13
CA GLU A 135 66.07 -4.92 -3.29
CA GLU A 135 66.04 -4.86 -3.26
C GLU A 135 64.81 -5.49 -3.95
N MET A 136 64.77 -5.45 -5.28
CA MET A 136 63.62 -5.99 -6.01
C MET A 136 63.38 -7.48 -5.80
N HIS A 137 64.43 -8.21 -5.41
CA HIS A 137 64.29 -9.63 -5.10
C HIS A 137 63.42 -9.85 -3.85
N LYS A 138 63.12 -8.76 -3.14
CA LYS A 138 62.28 -8.80 -1.94
C LYS A 138 60.81 -8.51 -2.26
N VAL A 139 60.55 -8.13 -3.51
CA VAL A 139 59.21 -7.81 -3.97
C VAL A 139 58.56 -9.04 -4.59
N TYR A 140 57.35 -9.36 -4.13
CA TYR A 140 56.61 -10.52 -4.64
C TYR A 140 55.26 -10.08 -5.16
N CYS A 141 54.61 -10.93 -5.94
CA CYS A 141 53.24 -10.59 -6.30
C CYS A 141 52.41 -11.85 -6.45
N ASP A 142 51.13 -11.72 -6.11
CA ASP A 142 50.15 -12.73 -6.48
C ASP A 142 49.52 -12.20 -7.77
N PRO A 143 49.82 -12.84 -8.92
CA PRO A 143 49.39 -12.30 -10.20
C PRO A 143 48.02 -12.84 -10.66
N TRP A 144 46.97 -12.31 -10.07
CA TRP A 144 45.62 -12.74 -10.37
C TRP A 144 45.31 -12.45 -11.82
N THR A 145 44.31 -13.12 -12.41
CA THR A 145 43.77 -12.55 -13.63
C THR A 145 43.31 -11.13 -13.30
N ILE A 146 43.32 -10.26 -14.29
CA ILE A 146 42.79 -8.91 -14.09
C ILE A 146 41.30 -8.99 -13.76
N GLY A 147 40.70 -10.14 -14.02
CA GLY A 147 39.30 -10.37 -13.75
C GLY A 147 38.49 -9.74 -14.84
N TYR A 148 38.21 -8.45 -14.70
CA TYR A 148 37.68 -7.68 -15.82
C TYR A 148 38.05 -6.22 -15.62
N ASP A 149 38.63 -5.64 -16.66
CA ASP A 149 38.93 -4.21 -16.67
C ASP A 149 38.47 -3.61 -17.98
N GLU A 150 37.53 -2.69 -17.87
CA GLU A 150 36.87 -2.10 -19.04
C GLU A 150 37.82 -1.27 -19.91
N ARG A 151 39.04 -1.03 -19.43
CA ARG A 151 40.02 -0.36 -20.28
C ARG A 151 40.59 -1.26 -21.38
N TRP A 152 40.60 -2.58 -21.16
CA TRP A 152 41.23 -3.47 -22.15
C TRP A 152 40.33 -4.60 -22.63
N GLY A 153 39.23 -4.87 -21.93
CA GLY A 153 38.37 -5.99 -22.32
C GLY A 153 39.16 -7.30 -22.38
N THR A 154 38.93 -8.05 -23.45
CA THR A 154 39.71 -9.27 -23.73
C THR A 154 40.79 -9.04 -24.81
N GLY A 155 41.09 -7.79 -25.15
CA GLY A 155 41.98 -7.49 -26.29
C GLY A 155 43.44 -7.89 -26.07
N LYS A 156 43.81 -8.02 -24.80
CA LYS A 156 45.14 -8.51 -24.37
C LYS A 156 44.90 -9.52 -23.25
N ARG A 157 45.78 -10.50 -23.09
CA ARG A 157 45.68 -11.39 -21.95
C ARG A 157 46.37 -10.73 -20.77
N LEU A 158 45.61 -10.45 -19.70
CA LEU A 158 46.16 -9.60 -18.60
C LEU A 158 46.08 -10.21 -17.23
N GLN A 159 47.11 -9.94 -16.43
CA GLN A 159 47.08 -10.23 -15.00
C GLN A 159 47.25 -8.94 -14.22
N GLN A 160 46.74 -8.92 -12.99
CA GLN A 160 47.00 -7.79 -12.11
C GLN A 160 47.92 -8.30 -11.00
N ALA A 161 49.06 -7.64 -10.80
CA ALA A 161 50.04 -8.11 -9.85
C ALA A 161 49.76 -7.50 -8.49
N LEU A 162 49.15 -8.27 -7.58
CA LEU A 162 48.93 -7.72 -6.23
C LEU A 162 50.28 -7.84 -5.51
N VAL A 163 50.89 -6.70 -5.20
CA VAL A 163 52.30 -6.66 -4.79
CA VAL A 163 52.29 -6.71 -4.77
C VAL A 163 52.49 -6.67 -3.26
N TYR A 164 53.50 -7.41 -2.83
CA TYR A 164 53.83 -7.57 -1.42
C TYR A 164 55.35 -7.53 -1.24
N TYR A 165 55.77 -7.32 -0.01
CA TYR A 165 57.19 -7.25 0.33
C TYR A 165 57.54 -8.31 1.37
N ARG A 166 58.67 -8.99 1.17
CA ARG A 166 59.23 -9.89 2.19
C ARG A 166 60.59 -9.37 2.64
N SER A 167 60.76 -9.22 3.95
CA SER A 167 62.09 -8.87 4.49
C SER A 167 63.07 -10.04 4.38
N ASP A 168 62.53 -11.26 4.40
CA ASP A 168 63.29 -12.50 4.30
C ASP A 168 62.41 -13.46 3.52
N GLU A 169 63.03 -14.35 2.73
CA GLU A 169 62.28 -15.26 1.86
C GLU A 169 61.27 -16.15 2.59
N ASP A 170 61.51 -16.37 3.88
CA ASP A 170 60.66 -17.26 4.69
C ASP A 170 59.51 -16.52 5.37
N ASP A 171 59.46 -15.20 5.18
CA ASP A 171 58.34 -14.40 5.70
C ASP A 171 57.05 -14.77 5.00
N SER A 172 55.93 -14.58 5.71
CA SER A 172 54.63 -14.52 5.06
C SER A 172 54.43 -13.08 4.63
N GLN A 173 54.27 -12.87 3.33
CA GLN A 173 54.31 -11.52 2.75
C GLN A 173 53.08 -10.66 3.06
N TYR A 174 52.02 -11.27 3.57
CA TYR A 174 50.71 -10.63 3.56
C TYR A 174 50.53 -9.53 4.60
N SER A 175 51.48 -9.42 5.54
CA SER A 175 51.51 -8.28 6.45
C SER A 175 52.02 -7.01 5.76
N HIS A 176 52.61 -7.17 4.57
CA HIS A 176 53.28 -6.06 3.89
C HIS A 176 52.89 -5.87 2.43
N PRO A 177 51.59 -5.66 2.17
CA PRO A 177 51.14 -5.25 0.84
C PRO A 177 51.71 -3.87 0.46
N LEU A 178 51.91 -3.67 -0.83
CA LEU A 178 52.24 -2.34 -1.37
C LEU A 178 50.99 -1.68 -1.93
N ASP A 179 51.08 -0.37 -2.25
CA ASP A 179 49.86 0.39 -2.54
C ASP A 179 49.39 0.41 -4.00
N PHE A 180 50.22 -0.06 -4.91
CA PHE A 180 49.97 0.07 -6.34
C PHE A 180 49.78 -1.31 -6.97
N CYS A 181 49.29 -1.32 -8.21
CA CYS A 181 48.90 -2.57 -8.86
C CYS A 181 49.35 -2.60 -10.34
N PRO A 182 50.48 -3.24 -10.65
CA PRO A 182 50.88 -3.32 -12.04
C PRO A 182 49.96 -4.22 -12.85
N ILE A 183 49.72 -3.84 -14.11
CA ILE A 183 48.92 -4.64 -15.05
C ILE A 183 49.90 -5.23 -16.05
N VAL A 184 49.88 -6.57 -16.19
CA VAL A 184 50.88 -7.29 -16.96
C VAL A 184 50.25 -8.03 -18.13
N ASP A 185 50.85 -7.91 -19.32
CA ASP A 185 50.40 -8.68 -20.48
C ASP A 185 51.07 -10.03 -20.37
N THR A 186 50.25 -11.05 -20.12
CA THR A 186 50.71 -12.41 -19.82
C THR A 186 51.58 -12.96 -20.95
N GLU A 187 51.14 -12.73 -22.17
CA GLU A 187 51.77 -13.35 -23.33
C GLU A 187 52.95 -12.54 -23.85
N GLU A 188 52.89 -11.23 -23.72
CA GLU A 188 53.98 -10.37 -24.16
C GLU A 188 55.05 -10.20 -23.08
N LYS A 189 54.72 -10.63 -21.87
CA LYS A 189 55.62 -10.55 -20.71
C LYS A 189 56.12 -9.12 -20.45
N LYS A 190 55.16 -8.19 -20.39
CA LYS A 190 55.48 -6.80 -20.13
C LYS A 190 54.40 -6.12 -19.31
N VAL A 191 54.82 -5.16 -18.49
CA VAL A 191 53.90 -4.31 -17.74
C VAL A 191 53.37 -3.25 -18.69
N ILE A 192 52.04 -3.15 -18.81
CA ILE A 192 51.41 -2.18 -19.71
C ILE A 192 50.82 -0.95 -19.01
N PHE A 193 50.65 -1.04 -17.70
CA PHE A 193 50.03 0.04 -16.92
C PHE A 193 50.28 -0.26 -15.44
N ILE A 194 50.30 0.80 -14.63
CA ILE A 194 50.26 0.64 -13.18
C ILE A 194 49.17 1.51 -12.56
N ASP A 195 48.23 0.87 -11.85
CA ASP A 195 47.23 1.57 -11.08
C ASP A 195 47.89 2.13 -9.82
N ILE A 196 47.89 3.44 -9.72
CA ILE A 196 48.54 4.13 -8.61
C ILE A 196 47.49 4.92 -7.83
N PRO A 197 47.42 4.75 -6.50
CA PRO A 197 46.35 5.43 -5.76
C PRO A 197 46.61 6.91 -5.57
N ASN A 198 45.53 7.68 -5.39
CA ASN A 198 45.65 9.11 -5.19
C ASN A 198 46.36 9.44 -3.89
N ARG A 199 46.08 8.69 -2.83
CA ARG A 199 46.85 8.81 -1.60
C ARG A 199 47.89 7.69 -1.50
N ARG A 200 49.15 8.06 -1.49
CA ARG A 200 50.23 7.06 -1.43
C ARG A 200 50.44 6.55 0.00
N ARG A 201 50.75 5.26 0.13
CA ARG A 201 51.05 4.65 1.43
C ARG A 201 52.30 3.81 1.25
N LYS A 202 53.36 4.20 1.95
CA LYS A 202 54.63 3.50 1.87
C LYS A 202 54.59 2.17 2.62
N VAL A 203 55.53 1.28 2.29
CA VAL A 203 55.60 -0.05 2.88
C VAL A 203 55.63 0.02 4.42
N SER A 204 54.89 -0.88 5.07
CA SER A 204 54.92 -1.00 6.53
C SER A 204 56.34 -1.22 7.08
N LYS A 205 56.65 -0.54 8.18
CA LYS A 205 57.93 -0.75 8.86
C LYS A 205 57.83 -1.77 9.99
N HIS A 206 56.65 -2.35 10.18
CA HIS A 206 56.45 -3.33 11.23
C HIS A 206 57.11 -4.65 10.88
N LYS A 207 57.37 -5.47 11.91
CA LYS A 207 57.79 -6.83 11.70
C LYS A 207 56.72 -7.58 10.90
N HIS A 208 57.15 -8.55 10.11
CA HIS A 208 56.21 -9.41 9.40
C HIS A 208 55.44 -10.26 10.40
N ALA A 209 54.19 -10.57 10.06
CA ALA A 209 53.36 -11.40 10.91
C ALA A 209 53.56 -12.82 10.44
N ASN A 210 54.41 -13.56 11.13
CA ASN A 210 54.85 -14.87 10.66
C ASN A 210 54.25 -16.02 11.47
N PHE A 211 54.33 -17.24 10.94
CA PHE A 211 53.63 -18.38 11.56
C PHE A 211 54.36 -19.74 11.60
N TYR A 212 55.57 -19.84 11.05
CA TYR A 212 56.36 -21.07 11.25
C TYR A 212 56.87 -21.20 12.69
N PRO A 213 57.15 -22.44 13.15
CA PRO A 213 57.68 -22.57 14.53
C PRO A 213 58.84 -21.64 14.91
N LYS A 214 59.81 -21.45 14.02
CA LYS A 214 60.94 -20.56 14.40
C LYS A 214 60.45 -19.16 14.72
N HIS A 215 59.44 -18.70 13.98
CA HIS A 215 58.86 -17.37 14.18
C HIS A 215 58.07 -17.30 15.47
N MET A 216 57.31 -18.36 15.74
CA MET A 216 56.47 -18.40 16.94
C MET A 216 57.30 -18.44 18.23
N ILE A 217 58.40 -19.18 18.19
CA ILE A 217 59.33 -19.20 19.34
C ILE A 217 59.77 -17.77 19.68
N GLU A 218 60.14 -17.01 18.66
CA GLU A 218 60.49 -15.60 18.87
C GLU A 218 59.32 -14.79 19.42
N LYS A 219 58.13 -15.04 18.88
CA LYS A 219 56.97 -14.21 19.15
C LYS A 219 56.33 -14.51 20.51
N VAL A 220 56.16 -15.79 20.83
CA VAL A 220 55.49 -16.16 22.08
C VAL A 220 56.36 -16.90 23.12
N GLY A 221 57.61 -17.19 22.76
CA GLY A 221 58.56 -17.77 23.72
C GLY A 221 58.89 -19.23 23.50
N ALA A 222 57.90 -20.00 23.04
CA ALA A 222 58.07 -21.42 22.83
C ALA A 222 56.84 -22.00 22.15
N MET A 223 57.03 -23.10 21.44
CA MET A 223 55.91 -23.91 20.95
C MET A 223 55.33 -24.70 22.13
N ARG A 224 54.07 -25.08 22.00
CA ARG A 224 53.49 -26.06 22.92
C ARG A 224 54.23 -27.38 22.75
N PRO A 225 54.36 -28.15 23.85
CA PRO A 225 54.93 -29.50 23.71
C PRO A 225 54.11 -30.31 22.71
N GLU A 226 54.75 -31.28 22.06
CA GLU A 226 54.04 -32.22 21.20
C GLU A 226 52.97 -32.91 22.05
N ALA A 227 51.73 -32.87 21.58
CA ALA A 227 50.65 -33.59 22.24
C ALA A 227 50.87 -35.09 22.07
N PRO A 228 50.41 -35.89 23.06
CA PRO A 228 50.43 -37.34 22.87
C PRO A 228 49.62 -37.75 21.65
N PRO A 229 50.09 -38.77 20.91
CA PRO A 229 49.49 -39.14 19.64
C PRO A 229 48.10 -39.77 19.76
N ILE A 230 47.27 -39.53 18.75
CA ILE A 230 46.05 -40.28 18.54
C ILE A 230 46.29 -41.12 17.28
N ASN A 231 46.41 -42.44 17.44
CA ASN A 231 46.77 -43.30 16.31
C ASN A 231 45.57 -43.99 15.71
N VAL A 232 45.49 -43.98 14.38
CA VAL A 232 44.40 -44.61 13.65
C VAL A 232 44.97 -45.71 12.76
N THR A 233 44.51 -46.93 12.99
CA THR A 233 45.01 -48.09 12.26
C THR A 233 43.84 -48.92 11.73
N GLN A 234 44.08 -49.57 10.61
CA GLN A 234 43.15 -50.54 10.05
C GLN A 234 43.93 -51.81 9.74
N PRO A 235 44.23 -52.61 10.79
CA PRO A 235 45.12 -53.77 10.68
C PRO A 235 44.64 -54.86 9.72
N GLU A 236 43.33 -54.91 9.45
CA GLU A 236 42.77 -55.88 8.52
C GLU A 236 42.39 -55.27 7.16
N GLY A 237 42.92 -54.07 6.88
CA GLY A 237 42.63 -53.36 5.64
C GLY A 237 41.32 -52.59 5.66
N VAL A 238 40.89 -52.16 4.48
CA VAL A 238 39.72 -51.28 4.34
C VAL A 238 38.52 -52.05 3.82
N SER A 239 37.33 -51.47 3.97
CA SER A 239 36.12 -52.12 3.47
C SER A 239 35.80 -51.71 2.03
N PHE A 240 36.44 -50.65 1.53
CA PHE A 240 36.14 -50.25 0.15
C PHE A 240 37.00 -50.99 -0.86
N LYS A 241 36.51 -51.05 -2.10
CA LYS A 241 37.18 -51.73 -3.20
C LYS A 241 37.21 -50.82 -4.41
N MET A 242 38.42 -50.57 -4.91
CA MET A 242 38.60 -49.79 -6.12
C MET A 242 39.03 -50.69 -7.28
N THR A 243 38.34 -50.53 -8.40
CA THR A 243 38.70 -51.19 -9.65
C THR A 243 39.01 -50.05 -10.61
N GLY A 244 40.30 -49.78 -10.78
CA GLY A 244 40.76 -48.56 -11.44
C GLY A 244 40.22 -47.37 -10.66
N ASN A 245 39.44 -46.54 -11.33
CA ASN A 245 38.84 -45.36 -10.69
C ASN A 245 37.42 -45.59 -10.17
N VAL A 246 36.94 -46.82 -10.27
CA VAL A 246 35.59 -47.16 -9.81
C VAL A 246 35.63 -47.61 -8.36
N MET A 247 34.81 -46.95 -7.55
CA MET A 247 34.75 -47.22 -6.13
C MET A 247 33.50 -48.02 -5.80
N GLU A 248 33.66 -49.02 -4.93
CA GLU A 248 32.53 -49.75 -4.32
C GLU A 248 32.69 -49.71 -2.81
N TRP A 249 31.69 -49.17 -2.11
CA TRP A 249 31.76 -49.03 -0.66
C TRP A 249 30.35 -48.92 -0.12
N SER A 250 30.01 -49.78 0.83
CA SER A 250 28.71 -49.71 1.53
C SER A 250 27.53 -49.57 0.57
N ASN A 251 27.56 -50.39 -0.49
CA ASN A 251 26.52 -50.45 -1.52
C ASN A 251 26.55 -49.34 -2.55
N PHE A 252 27.32 -48.28 -2.28
CA PHE A 252 27.56 -47.26 -3.29
C PHE A 252 28.52 -47.77 -4.35
N LYS A 253 28.30 -47.34 -5.58
CA LYS A 253 29.28 -47.54 -6.63
C LYS A 253 29.34 -46.26 -7.44
N PHE A 254 30.54 -45.81 -7.77
CA PHE A 254 30.71 -44.58 -8.54
C PHE A 254 32.10 -44.49 -9.13
N HIS A 255 32.26 -43.61 -10.11
CA HIS A 255 33.54 -43.40 -10.76
C HIS A 255 34.15 -42.11 -10.24
N ILE A 256 35.41 -42.18 -9.81
CA ILE A 256 36.13 -40.99 -9.33
C ILE A 256 36.96 -40.44 -10.47
N GLY A 257 36.55 -39.27 -10.99
CA GLY A 257 37.28 -38.63 -12.07
C GLY A 257 37.93 -37.38 -11.53
N PHE A 258 38.70 -36.72 -12.39
CA PHE A 258 39.43 -35.52 -11.97
C PHE A 258 39.77 -34.72 -13.20
N ASN A 259 39.63 -33.39 -13.11
CA ASN A 259 40.16 -32.59 -14.21
C ASN A 259 40.76 -31.28 -13.73
N TYR A 260 41.37 -30.59 -14.68
CA TYR A 260 42.13 -29.38 -14.42
C TYR A 260 41.31 -28.29 -13.73
N ARG A 261 39.99 -28.35 -13.90
CA ARG A 261 39.14 -27.21 -13.64
C ARG A 261 38.28 -27.45 -12.40
N GLU A 262 37.49 -28.51 -12.46
CA GLU A 262 36.58 -28.85 -11.39
C GLU A 262 37.28 -29.59 -10.25
N GLY A 263 38.46 -30.14 -10.54
CA GLY A 263 39.09 -31.08 -9.61
C GLY A 263 38.30 -32.38 -9.63
N ILE A 264 37.89 -32.85 -8.46
CA ILE A 264 37.18 -34.14 -8.37
C ILE A 264 35.83 -34.09 -9.09
N VAL A 265 35.54 -35.11 -9.89
CA VAL A 265 34.25 -35.25 -10.56
C VAL A 265 33.73 -36.64 -10.21
N LEU A 266 32.54 -36.72 -9.60
CA LEU A 266 31.96 -38.04 -9.25
C LEU A 266 30.87 -38.39 -10.25
N SER A 267 30.99 -39.56 -10.85
CA SER A 267 30.08 -39.95 -11.93
C SER A 267 29.47 -41.32 -11.71
N ASP A 268 28.33 -41.52 -12.38
CA ASP A 268 27.71 -42.85 -12.47
C ASP A 268 27.50 -43.40 -11.05
N VAL A 269 26.85 -42.60 -10.21
CA VAL A 269 26.65 -42.93 -8.78
C VAL A 269 25.39 -43.74 -8.62
N SER A 270 25.52 -44.96 -8.09
CA SER A 270 24.37 -45.81 -7.82
C SER A 270 24.41 -46.39 -6.41
N TYR A 271 23.29 -46.93 -5.95
CA TYR A 271 23.22 -47.60 -4.66
C TYR A 271 22.62 -49.00 -4.87
N ASN A 272 23.31 -50.03 -4.36
CA ASN A 272 22.81 -51.39 -4.47
C ASN A 272 21.87 -51.68 -3.31
N ASP A 273 20.57 -51.63 -3.63
CA ASP A 273 19.51 -51.80 -2.66
C ASP A 273 19.15 -53.30 -2.68
N HIS A 274 19.89 -54.08 -1.90
CA HIS A 274 19.68 -55.55 -1.80
C HIS A 274 19.57 -56.26 -3.14
N GLY A 275 20.47 -55.92 -4.06
CA GLY A 275 20.52 -56.57 -5.37
C GLY A 275 19.92 -55.75 -6.49
N ASN A 276 19.09 -54.77 -6.13
CA ASN A 276 18.56 -53.81 -7.08
C ASN A 276 19.48 -52.59 -7.12
N VAL A 277 20.30 -52.49 -8.16
CA VAL A 277 21.25 -51.38 -8.32
C VAL A 277 20.50 -50.16 -8.88
N ARG A 278 20.37 -49.13 -8.04
CA ARG A 278 19.51 -47.99 -8.35
C ARG A 278 20.36 -46.76 -8.63
N PRO A 279 20.21 -46.16 -9.84
CA PRO A 279 21.01 -44.95 -10.11
C PRO A 279 20.56 -43.81 -9.20
N ILE A 280 21.51 -42.94 -8.85
CA ILE A 280 21.20 -41.72 -8.10
C ILE A 280 21.62 -40.45 -8.88
N PHE A 281 22.92 -40.35 -9.19
CA PHE A 281 23.44 -39.17 -9.92
C PHE A 281 24.27 -39.64 -11.10
N HIS A 282 24.13 -38.95 -12.23
CA HIS A 282 25.05 -39.17 -13.34
C HIS A 282 26.40 -38.48 -13.11
N ARG A 283 26.37 -37.28 -12.54
CA ARG A 283 27.59 -36.51 -12.35
C ARG A 283 27.37 -35.45 -11.29
N ILE A 284 28.36 -35.28 -10.43
CA ILE A 284 28.29 -34.25 -9.39
C ILE A 284 29.69 -33.67 -9.22
N SER A 285 29.77 -32.35 -9.11
CA SER A 285 31.08 -31.70 -9.03
C SER A 285 30.86 -30.25 -8.66
N LEU A 286 31.94 -29.54 -8.35
CA LEU A 286 31.86 -28.09 -8.25
C LEU A 286 32.22 -27.52 -9.62
N SER A 287 31.39 -26.60 -10.12
CA SER A 287 31.49 -26.19 -11.53
C SER A 287 31.99 -24.76 -11.72
N GLU A 288 31.90 -23.94 -10.67
CA GLU A 288 32.44 -22.59 -10.72
C GLU A 288 32.44 -22.06 -9.30
N MET A 289 33.19 -20.96 -9.07
CA MET A 289 33.15 -20.23 -7.81
C MET A 289 33.19 -18.75 -8.13
N ILE A 290 32.86 -17.92 -7.14
CA ILE A 290 33.23 -16.51 -7.23
C ILE A 290 33.49 -16.02 -5.82
N VAL A 291 34.53 -15.20 -5.66
CA VAL A 291 34.92 -14.75 -4.34
C VAL A 291 34.95 -13.20 -4.38
N PRO A 292 33.74 -12.60 -4.38
CA PRO A 292 33.66 -11.14 -4.58
C PRO A 292 34.02 -10.32 -3.34
N TYR A 293 34.94 -9.38 -3.51
CA TYR A 293 35.32 -8.47 -2.44
C TYR A 293 34.37 -7.29 -2.36
N GLY A 294 34.30 -6.68 -1.17
CA GLY A 294 33.27 -5.72 -0.84
C GLY A 294 33.80 -4.30 -0.62
N SER A 295 35.02 -4.02 -1.05
CA SER A 295 35.49 -2.60 -1.04
C SER A 295 35.19 -1.97 -2.38
N PRO A 296 34.49 -0.83 -2.36
CA PRO A 296 34.13 -0.18 -3.64
C PRO A 296 35.27 0.62 -4.23
N GLU A 297 36.36 0.80 -3.48
CA GLU A 297 37.45 1.69 -3.92
C GLU A 297 38.29 1.08 -5.03
N PHE A 298 38.69 1.92 -5.98
CA PHE A 298 39.47 1.47 -7.14
C PHE A 298 40.87 1.04 -6.70
N PRO A 299 41.42 -0.06 -7.25
CA PRO A 299 40.88 -0.98 -8.25
C PRO A 299 40.33 -2.25 -7.62
N HIS A 300 39.81 -2.16 -6.40
CA HIS A 300 39.46 -3.38 -5.68
C HIS A 300 38.22 -4.06 -6.25
N GLN A 301 37.49 -3.39 -7.13
CA GLN A 301 36.37 -4.05 -7.81
C GLN A 301 36.86 -5.25 -8.65
N ARG A 302 38.15 -5.26 -8.99
CA ARG A 302 38.69 -6.34 -9.82
C ARG A 302 39.04 -7.56 -8.97
N LYS A 303 38.73 -7.52 -7.67
CA LYS A 303 38.92 -8.69 -6.82
C LYS A 303 37.61 -9.43 -6.71
N HIS A 304 37.44 -10.42 -7.57
CA HIS A 304 36.25 -11.27 -7.53
C HIS A 304 36.57 -12.57 -8.27
N ALA A 305 37.57 -13.26 -7.77
CA ALA A 305 38.11 -14.44 -8.47
C ALA A 305 37.05 -15.49 -8.67
N LEU A 306 36.92 -15.99 -9.90
CA LEU A 306 36.14 -17.19 -10.15
C LEU A 306 37.18 -18.32 -10.17
N ASP A 307 37.51 -18.84 -8.99
CA ASP A 307 38.72 -19.65 -8.84
C ASP A 307 38.75 -20.87 -9.74
N ILE A 308 37.59 -21.51 -9.88
CA ILE A 308 37.51 -22.71 -10.70
C ILE A 308 37.73 -22.39 -12.18
N GLY A 309 37.03 -21.39 -12.71
CA GLY A 309 37.14 -21.05 -14.13
C GLY A 309 38.39 -20.24 -14.49
N GLU A 310 38.98 -19.57 -13.51
CA GLU A 310 40.12 -18.70 -13.80
C GLU A 310 41.49 -19.29 -13.46
N TYR A 311 41.53 -20.29 -12.58
CA TYR A 311 42.78 -20.95 -12.17
C TYR A 311 42.69 -22.46 -12.20
N GLY A 312 41.60 -23.00 -11.66
CA GLY A 312 41.30 -24.44 -11.79
C GLY A 312 41.58 -25.19 -10.51
N ALA A 313 40.58 -25.89 -9.99
CA ALA A 313 40.73 -26.69 -8.78
C ALA A 313 41.65 -27.90 -8.99
N GLY A 314 41.88 -28.27 -10.25
CA GLY A 314 42.84 -29.33 -10.60
C GLY A 314 44.24 -28.72 -10.73
N TYR A 315 44.39 -27.72 -11.59
CA TYR A 315 45.68 -27.10 -11.77
C TYR A 315 46.29 -26.63 -10.45
N MET A 316 45.43 -26.15 -9.53
CA MET A 316 45.87 -25.55 -8.26
CA MET A 316 45.92 -25.56 -8.28
C MET A 316 45.96 -26.59 -7.14
N THR A 317 45.69 -27.85 -7.46
CA THR A 317 45.60 -28.85 -6.40
C THR A 317 46.95 -29.18 -5.75
N ASN A 318 46.93 -29.43 -4.44
CA ASN A 318 48.14 -29.70 -3.67
C ASN A 318 48.52 -31.17 -3.76
N PRO A 319 49.82 -31.47 -3.92
CA PRO A 319 50.22 -32.87 -3.69
C PRO A 319 50.08 -33.15 -2.19
N LEU A 320 49.26 -34.14 -1.83
CA LEU A 320 48.90 -34.35 -0.43
C LEU A 320 50.01 -35.12 0.29
N SER A 321 50.51 -34.54 1.38
CA SER A 321 51.70 -35.08 2.05
C SER A 321 51.35 -36.33 2.84
N LEU A 322 52.19 -37.34 2.69
CA LEU A 322 52.02 -38.60 3.40
C LEU A 322 52.72 -38.50 4.76
N GLY A 323 51.99 -38.76 5.85
CA GLY A 323 50.54 -38.87 5.87
C GLY A 323 50.08 -37.81 6.86
N CYS A 324 50.13 -36.56 6.43
CA CYS A 324 49.85 -35.40 7.26
C CYS A 324 48.52 -34.73 6.91
N ASP A 325 48.27 -34.55 5.60
CA ASP A 325 47.01 -33.98 5.16
C ASP A 325 45.87 -34.95 5.42
N CYS A 326 46.15 -36.24 5.21
CA CYS A 326 45.15 -37.28 5.35
C CYS A 326 45.67 -38.36 6.29
N LYS A 327 44.91 -38.60 7.34
CA LYS A 327 45.31 -39.53 8.39
C LYS A 327 44.63 -40.89 8.24
N GLY A 328 45.42 -41.96 8.42
CA GLY A 328 44.90 -43.32 8.31
C GLY A 328 45.39 -44.04 7.08
N VAL A 329 44.67 -45.09 6.68
CA VAL A 329 45.01 -45.88 5.51
C VAL A 329 44.36 -45.24 4.29
N ILE A 330 45.20 -44.77 3.36
CA ILE A 330 44.77 -43.94 2.25
C ILE A 330 45.06 -44.58 0.90
N HIS A 331 44.14 -44.38 -0.04
CA HIS A 331 44.36 -44.70 -1.45
C HIS A 331 44.48 -43.35 -2.15
N TYR A 332 45.59 -43.12 -2.86
CA TYR A 332 45.82 -41.84 -3.53
C TYR A 332 45.65 -41.98 -5.02
N LEU A 333 45.22 -40.88 -5.65
CA LEU A 333 45.22 -40.78 -7.11
C LEU A 333 46.11 -39.61 -7.52
N ASP A 334 46.80 -39.76 -8.66
CA ASP A 334 47.62 -38.69 -9.23
C ASP A 334 46.80 -37.92 -10.27
N ALA A 335 47.16 -36.67 -10.52
CA ALA A 335 46.51 -35.86 -11.55
C ALA A 335 47.52 -35.63 -12.66
N HIS A 336 47.04 -35.62 -13.90
CA HIS A 336 47.90 -35.38 -15.07
C HIS A 336 47.32 -34.30 -15.96
N PHE A 337 48.15 -33.30 -16.28
CA PHE A 337 47.78 -32.20 -17.17
C PHE A 337 48.84 -32.00 -18.25
N SER A 338 48.66 -30.97 -19.09
CA SER A 338 49.69 -30.58 -20.03
C SER A 338 50.32 -29.29 -19.54
N ASP A 339 51.63 -29.14 -19.74
CA ASP A 339 52.25 -27.83 -19.57
C ASP A 339 52.20 -27.04 -20.90
N ARG A 340 52.76 -25.84 -20.92
CA ARG A 340 52.66 -25.00 -22.11
CA ARG A 340 52.72 -24.96 -22.08
C ARG A 340 53.35 -25.58 -23.33
N ALA A 341 54.39 -26.41 -23.11
CA ALA A 341 55.11 -27.03 -24.21
C ALA A 341 54.40 -28.27 -24.74
N GLY A 342 53.31 -28.67 -24.09
CA GLY A 342 52.58 -29.84 -24.56
C GLY A 342 53.11 -31.11 -23.94
N ASP A 343 53.92 -30.97 -22.89
CA ASP A 343 54.41 -32.13 -22.16
C ASP A 343 53.53 -32.43 -20.95
N PRO A 344 53.28 -33.71 -20.68
CA PRO A 344 52.47 -34.06 -19.51
C PRO A 344 53.16 -33.72 -18.21
N ILE A 345 52.39 -33.19 -17.27
CA ILE A 345 52.88 -32.94 -15.93
C ILE A 345 52.00 -33.69 -14.95
N THR A 346 52.57 -34.03 -13.80
CA THR A 346 51.88 -34.86 -12.81
C THR A 346 51.83 -34.12 -11.50
N VAL A 347 50.67 -34.14 -10.85
CA VAL A 347 50.60 -33.77 -9.44
C VAL A 347 50.36 -35.08 -8.68
N LYS A 348 51.36 -35.49 -7.91
CA LYS A 348 51.31 -36.75 -7.18
C LYS A 348 50.37 -36.63 -6.00
N ASN A 349 49.57 -37.66 -5.77
CA ASN A 349 48.72 -37.71 -4.57
C ASN A 349 47.80 -36.50 -4.50
N ALA A 350 47.12 -36.24 -5.61
CA ALA A 350 46.20 -35.11 -5.73
C ALA A 350 44.88 -35.36 -5.01
N VAL A 351 44.48 -36.63 -4.99
CA VAL A 351 43.22 -37.05 -4.38
C VAL A 351 43.49 -38.11 -3.32
N CYS A 352 42.85 -37.96 -2.17
CA CYS A 352 42.93 -39.03 -1.19
CA CYS A 352 42.92 -38.94 -1.08
C CYS A 352 41.58 -39.62 -0.91
N ILE A 353 41.59 -40.94 -0.75
CA ILE A 353 40.39 -41.71 -0.53
C ILE A 353 40.62 -42.55 0.70
N HIS A 354 39.69 -42.46 1.65
CA HIS A 354 39.80 -43.26 2.85
C HIS A 354 38.46 -43.32 3.56
N GLU A 355 38.36 -44.28 4.49
CA GLU A 355 37.16 -44.40 5.32
C GLU A 355 37.51 -44.04 6.75
N GLU A 356 36.56 -43.42 7.44
CA GLU A 356 36.78 -42.93 8.80
C GLU A 356 35.58 -43.25 9.66
N ASP A 357 35.81 -43.34 10.97
CA ASP A 357 34.70 -43.46 11.90
CA ASP A 357 34.73 -43.43 11.95
C ASP A 357 33.90 -42.16 11.85
N ASP A 358 32.58 -42.29 11.91
CA ASP A 358 31.75 -41.09 11.88
C ASP A 358 30.74 -41.07 13.04
N GLY A 359 31.15 -41.56 14.20
CA GLY A 359 30.27 -41.59 15.37
C GLY A 359 29.13 -42.59 15.25
N LEU A 360 27.97 -42.25 15.82
CA LEU A 360 26.84 -43.16 15.82
C LEU A 360 26.01 -43.06 14.56
N LEU A 361 25.59 -44.20 14.04
CA LEU A 361 24.67 -44.27 12.90
C LEU A 361 23.22 -44.22 13.40
N PHE A 362 22.91 -45.05 14.40
CA PHE A 362 21.63 -45.00 15.08
C PHE A 362 21.73 -45.73 16.41
N LYS A 363 20.80 -45.42 17.30
CA LYS A 363 20.70 -46.06 18.61
C LYS A 363 19.27 -45.98 19.10
N HIS A 364 18.82 -47.04 19.80
CA HIS A 364 17.61 -46.94 20.59
C HIS A 364 17.66 -47.88 21.77
N SER A 365 17.21 -47.38 22.91
CA SER A 365 17.13 -48.16 24.15
C SER A 365 15.73 -48.01 24.76
N ASP A 366 15.33 -49.03 25.51
CA ASP A 366 14.02 -49.07 26.13
C ASP A 366 14.08 -48.65 27.62
N PHE A 367 13.36 -47.59 28.00
CA PHE A 367 13.34 -47.12 29.40
C PHE A 367 12.80 -48.16 30.38
N ARG A 368 12.02 -49.14 29.87
CA ARG A 368 11.30 -50.08 30.73
C ARG A 368 12.20 -50.95 31.59
N ASP A 369 13.37 -51.29 31.05
CA ASP A 369 14.38 -52.02 31.83
C ASP A 369 15.65 -51.19 32.07
N ASN A 370 15.46 -49.89 32.27
CA ASN A 370 16.55 -48.96 32.53
CA ASN A 370 16.53 -48.92 32.51
C ASN A 370 17.59 -48.94 31.40
N PHE A 371 17.10 -49.10 30.17
CA PHE A 371 17.93 -49.03 28.97
C PHE A 371 18.84 -50.25 28.77
N ALA A 372 18.53 -51.34 29.47
CA ALA A 372 19.24 -52.62 29.25
C ALA A 372 18.92 -53.17 27.87
N THR A 373 17.67 -53.01 27.43
CA THR A 373 17.30 -53.29 26.05
C THR A 373 17.84 -52.14 25.19
N SER A 374 18.77 -52.46 24.30
CA SER A 374 19.52 -51.43 23.58
C SER A 374 20.19 -51.94 22.33
N LEU A 375 20.18 -51.11 21.29
CA LEU A 375 20.96 -51.40 20.09
C LEU A 375 21.69 -50.14 19.67
N VAL A 376 22.99 -50.27 19.41
CA VAL A 376 23.82 -49.16 18.94
C VAL A 376 24.63 -49.62 17.73
N THR A 377 24.62 -48.83 16.67
CA THR A 377 25.43 -49.14 15.49
C THR A 377 26.25 -47.91 15.15
N ARG A 378 27.55 -48.12 14.99
CA ARG A 378 28.48 -47.02 14.70
CA ARG A 378 28.47 -47.01 14.70
C ARG A 378 28.55 -46.79 13.19
N ALA A 379 28.80 -45.54 12.81
CA ALA A 379 28.84 -45.15 11.40
C ALA A 379 30.26 -45.11 10.89
N THR A 380 30.42 -45.45 9.63
CA THR A 380 31.66 -45.24 8.91
C THR A 380 31.33 -44.32 7.74
N LYS A 381 32.23 -43.39 7.43
CA LYS A 381 32.06 -42.57 6.21
C LYS A 381 33.24 -42.79 5.24
N LEU A 382 32.95 -42.60 3.95
CA LEU A 382 33.98 -42.68 2.93
C LEU A 382 34.23 -41.26 2.44
N VAL A 383 35.49 -40.87 2.39
CA VAL A 383 35.87 -39.49 2.06
C VAL A 383 36.78 -39.50 0.83
N VAL A 384 36.45 -38.67 -0.15
CA VAL A 384 37.25 -38.49 -1.37
C VAL A 384 37.57 -37.02 -1.34
N SER A 385 38.86 -36.68 -1.24
CA SER A 385 39.26 -35.31 -0.90
CA SER A 385 39.23 -35.30 -0.94
C SER A 385 40.43 -34.75 -1.71
N GLN A 386 40.50 -33.42 -1.79
CA GLN A 386 41.62 -32.71 -2.37
C GLN A 386 41.74 -31.39 -1.64
N ILE A 387 42.89 -30.75 -1.79
CA ILE A 387 43.07 -29.39 -1.30
C ILE A 387 43.70 -28.59 -2.44
N PHE A 388 43.10 -27.45 -2.77
CA PHE A 388 43.72 -26.58 -3.77
C PHE A 388 44.06 -25.22 -3.21
N THR A 389 45.08 -24.59 -3.78
CA THR A 389 45.57 -23.30 -3.30
C THR A 389 45.44 -22.31 -4.42
N ALA A 390 44.65 -21.26 -4.18
CA ALA A 390 44.57 -20.18 -5.16
C ALA A 390 45.25 -18.97 -4.55
N ALA A 391 46.52 -18.77 -4.91
CA ALA A 391 47.36 -17.75 -4.32
C ALA A 391 47.33 -17.83 -2.79
N ASN A 392 46.56 -16.95 -2.15
CA ASN A 392 46.51 -16.88 -0.70
C ASN A 392 45.53 -17.89 -0.11
N GLU A 394 43.37 -21.35 0.68
CA GLU A 394 43.28 -22.85 0.59
C GLU A 394 41.85 -23.36 0.75
N TYR A 395 41.46 -24.25 -0.15
CA TYR A 395 40.13 -24.87 -0.10
C TYR A 395 40.33 -26.36 0.04
N CYS A 396 39.92 -26.88 1.19
CA CYS A 396 39.93 -28.31 1.45
C CYS A 396 38.55 -28.86 1.11
N LEU A 397 38.49 -29.78 0.16
CA LEU A 397 37.22 -30.26 -0.40
C LEU A 397 37.04 -31.74 -0.07
N TYR A 398 35.93 -32.08 0.58
CA TYR A 398 35.68 -33.46 1.05
C TYR A 398 34.34 -33.93 0.55
N TRP A 399 34.34 -34.92 -0.34
CA TRP A 399 33.10 -35.54 -0.77
C TRP A 399 32.89 -36.73 0.15
N VAL A 400 31.75 -36.75 0.83
CA VAL A 400 31.56 -37.73 1.90
C VAL A 400 30.34 -38.61 1.63
N PHE A 401 30.54 -39.92 1.60
CA PHE A 401 29.44 -40.87 1.43
C PHE A 401 29.12 -41.52 2.77
N MET A 402 27.83 -41.67 3.08
CA MET A 402 27.41 -42.10 4.40
C MET A 402 26.54 -43.35 4.32
N GLN A 403 26.49 -44.08 5.43
CA GLN A 403 25.86 -45.41 5.43
C GLN A 403 24.32 -45.39 5.47
N ASP A 404 23.75 -44.20 5.68
CA ASP A 404 22.32 -44.00 5.52
C ASP A 404 21.94 -43.62 4.09
N GLY A 405 22.91 -43.64 3.19
CA GLY A 405 22.66 -43.38 1.77
C GLY A 405 22.82 -41.91 1.39
N ALA A 406 23.12 -41.07 2.38
CA ALA A 406 23.33 -39.66 2.09
C ALA A 406 24.73 -39.41 1.51
N ILE A 407 24.85 -38.28 0.82
CA ILE A 407 26.10 -37.81 0.27
C ILE A 407 26.23 -36.37 0.72
N ARG A 408 27.42 -36.04 1.23
CA ARG A 408 27.69 -34.72 1.80
C ARG A 408 28.90 -34.10 1.12
N LEU A 409 28.89 -32.78 0.97
CA LEU A 409 30.09 -32.07 0.55
C LEU A 409 30.47 -31.18 1.72
N ASP A 410 31.69 -31.39 2.23
CA ASP A 410 32.28 -30.56 3.30
C ASP A 410 33.42 -29.78 2.69
N ILE A 411 33.50 -28.49 3.04
CA ILE A 411 34.60 -27.67 2.59
C ILE A 411 35.16 -27.03 3.84
N ARG A 412 36.48 -26.94 3.90
CA ARG A 412 37.15 -26.13 4.92
C ARG A 412 38.01 -25.09 4.25
N LEU A 413 37.74 -23.83 4.59
CA LEU A 413 38.51 -22.71 4.08
C LEU A 413 39.63 -22.41 5.05
N THR A 414 40.85 -22.33 4.53
CA THR A 414 41.99 -21.90 5.32
C THR A 414 42.94 -21.09 4.42
N GLY A 415 44.22 -21.07 4.76
CA GLY A 415 45.14 -20.20 4.03
C GLY A 415 45.23 -18.83 4.67
N ILE A 416 45.42 -17.83 3.82
CA ILE A 416 45.74 -16.50 4.29
C ILE A 416 44.74 -15.50 3.72
N LEU A 417 44.36 -14.52 4.53
CA LEU A 417 43.59 -13.38 4.05
C LEU A 417 44.29 -12.61 2.94
N ASN A 418 43.56 -12.26 1.88
CA ASN A 418 44.07 -11.26 0.94
C ASN A 418 44.07 -9.93 1.68
N THR A 419 45.20 -9.21 1.61
CA THR A 419 45.35 -7.96 2.36
C THR A 419 45.76 -6.85 1.42
N TYR A 420 45.35 -5.63 1.79
CA TYR A 420 45.81 -4.43 1.11
C TYR A 420 46.37 -3.49 2.18
N ILE A 421 47.15 -2.50 1.78
CA ILE A 421 47.82 -1.60 2.73
C ILE A 421 46.84 -0.66 3.42
N LEU A 422 47.15 -0.30 4.65
CA LEU A 422 46.32 0.62 5.43
C LEU A 422 47.25 1.66 6.03
N GLY A 423 46.92 2.95 5.86
CA GLY A 423 47.73 4.03 6.45
C GLY A 423 47.67 4.02 7.97
N ASP A 424 48.62 4.68 8.63
CA ASP A 424 48.61 4.75 10.10
C ASP A 424 47.30 5.31 10.65
N ASP A 425 46.74 6.31 9.97
CA ASP A 425 45.53 7.01 10.43
C ASP A 425 44.26 6.60 9.68
N GLU A 426 44.37 5.59 8.83
CA GLU A 426 43.27 5.19 7.95
C GLU A 426 42.36 4.17 8.64
N GLU A 427 41.06 4.39 8.52
CA GLU A 427 40.07 3.47 9.05
C GLU A 427 39.80 2.38 8.01
N ALA A 428 39.85 1.11 8.42
CA ALA A 428 39.53 0.01 7.48
C ALA A 428 38.02 -0.17 7.27
N GLY A 429 37.23 0.11 8.29
CA GLY A 429 35.78 -0.05 8.18
C GLY A 429 35.17 0.98 7.24
N PRO A 430 33.98 0.69 6.68
CA PRO A 430 33.15 -0.51 6.86
C PRO A 430 33.49 -1.67 5.93
N TRP A 431 34.44 -1.46 5.02
CA TRP A 431 34.73 -2.46 3.97
C TRP A 431 35.78 -3.50 4.28
N GLY A 432 36.51 -3.33 5.38
CA GLY A 432 37.52 -4.30 5.78
C GLY A 432 37.86 -4.16 7.25
N THR A 433 38.83 -4.97 7.69
CA THR A 433 39.25 -5.00 9.09
C THR A 433 40.75 -4.78 9.18
N ARG A 434 41.16 -3.97 10.16
CA ARG A 434 42.57 -3.87 10.50
C ARG A 434 42.96 -5.11 11.32
N VAL A 435 43.62 -6.08 10.69
CA VAL A 435 43.94 -7.36 11.35
C VAL A 435 45.37 -7.40 11.91
N TYR A 436 46.12 -6.35 11.60
CA TYR A 436 47.52 -6.21 11.98
C TYR A 436 47.88 -4.77 11.60
N PRO A 437 48.87 -4.17 12.30
CA PRO A 437 49.16 -2.79 11.91
C PRO A 437 49.44 -2.60 10.42
N ASN A 438 48.81 -1.57 9.84
CA ASN A 438 48.91 -1.22 8.42
C ASN A 438 48.37 -2.30 7.44
N VAL A 439 47.55 -3.21 7.95
CA VAL A 439 46.98 -4.28 7.11
C VAL A 439 45.46 -4.19 7.08
N ASN A 440 44.90 -4.01 5.89
CA ASN A 440 43.45 -3.99 5.71
C ASN A 440 43.04 -5.28 5.00
N ALA A 441 42.26 -6.12 5.67
CA ALA A 441 41.72 -7.33 5.05
C ALA A 441 40.28 -7.04 4.67
N HIS A 442 40.02 -6.94 3.37
CA HIS A 442 38.69 -6.55 2.88
C HIS A 442 37.63 -7.64 3.04
N ASN A 443 36.39 -7.20 3.25
CA ASN A 443 35.22 -8.08 3.26
C ASN A 443 35.13 -8.81 1.93
N HIS A 444 34.67 -10.06 1.98
CA HIS A 444 34.44 -10.79 0.72
C HIS A 444 33.49 -11.94 1.01
N GLN A 445 32.88 -12.47 -0.05
CA GLN A 445 32.09 -13.71 0.06
C GLN A 445 32.90 -14.81 -0.64
N HIS A 446 32.65 -16.08 -0.27
CA HIS A 446 33.12 -17.22 -1.05
C HIS A 446 31.86 -17.95 -1.49
N LEU A 447 31.61 -17.99 -2.79
CA LEU A 447 30.38 -18.62 -3.32
C LEU A 447 30.80 -19.73 -4.29
N PHE A 448 30.05 -20.84 -4.28
CA PHE A 448 30.39 -22.04 -5.04
C PHE A 448 29.15 -22.46 -5.82
N SER A 449 29.34 -23.02 -7.02
CA SER A 449 28.23 -23.56 -7.79
C SER A 449 28.35 -25.07 -7.89
N LEU A 450 27.53 -25.79 -7.13
CA LEU A 450 27.52 -27.26 -7.14
C LEU A 450 26.66 -27.66 -8.33
N ARG A 451 27.21 -28.52 -9.20
CA ARG A 451 26.48 -28.96 -10.39
C ARG A 451 26.07 -30.39 -10.23
N ILE A 452 24.76 -30.63 -10.23
CA ILE A 452 24.23 -31.99 -10.07
C ILE A 452 23.50 -32.38 -11.34
N ASP A 453 23.91 -33.50 -11.91
CA ASP A 453 23.20 -34.11 -13.04
C ASP A 453 22.56 -35.36 -12.44
N PRO A 454 21.28 -35.27 -12.08
CA PRO A 454 20.65 -36.35 -11.34
C PRO A 454 20.08 -37.43 -12.25
N ARG A 455 19.92 -38.61 -11.66
CA ARG A 455 19.26 -39.71 -12.30
C ARG A 455 18.58 -40.50 -11.20
N ILE A 456 17.72 -39.84 -10.44
CA ILE A 456 17.17 -40.40 -9.20
C ILE A 456 16.32 -41.61 -9.54
N ASP A 457 16.82 -42.80 -9.18
CA ASP A 457 16.12 -44.04 -9.49
C ASP A 457 15.84 -44.16 -10.98
N GLY A 458 16.72 -43.59 -11.81
CA GLY A 458 16.57 -43.65 -13.26
C GLY A 458 16.30 -42.32 -13.92
N ASP A 459 16.01 -42.33 -15.21
CA ASP A 459 15.86 -41.11 -16.01
C ASP A 459 14.45 -40.54 -15.95
N GLY A 460 14.35 -39.22 -16.11
CA GLY A 460 13.09 -38.52 -16.02
C GLY A 460 12.95 -38.01 -14.61
N ASN A 461 13.51 -36.82 -14.37
CA ASN A 461 13.52 -36.26 -13.01
C ASN A 461 12.89 -34.88 -13.01
N SER A 462 12.55 -34.39 -11.81
CA SER A 462 12.03 -33.06 -11.61
C SER A 462 12.67 -32.51 -10.34
N ALA A 463 12.45 -31.22 -10.10
CA ALA A 463 12.92 -30.63 -8.85
C ALA A 463 11.81 -29.78 -8.26
N ALA A 464 11.92 -29.55 -6.96
CA ALA A 464 10.90 -28.81 -6.23
C ALA A 464 11.53 -28.06 -5.05
N ALA A 465 10.89 -26.96 -4.67
CA ALA A 465 11.19 -26.32 -3.38
C ALA A 465 10.22 -26.87 -2.35
N CYS A 466 10.70 -27.11 -1.13
CA CYS A 466 9.90 -27.60 -0.03
C CYS A 466 9.95 -26.58 1.08
N ASP A 467 8.78 -26.08 1.44
CA ASP A 467 8.65 -25.01 2.44
C ASP A 467 7.77 -25.45 3.59
N ALA A 468 8.30 -25.40 4.83
CA ALA A 468 7.46 -25.67 6.00
C ALA A 468 6.50 -24.50 6.22
N LYS A 469 5.21 -24.83 6.34
CA LYS A 469 4.17 -23.81 6.51
C LYS A 469 3.18 -24.20 7.59
N SER A 470 2.74 -23.22 8.38
CA SER A 470 1.62 -23.41 9.28
C SER A 470 0.38 -23.64 8.41
N SER A 471 -0.58 -24.39 8.92
CA SER A 471 -1.88 -24.49 8.25
C SER A 471 -2.46 -23.09 8.00
N PRO A 472 -3.14 -22.87 6.84
CA PRO A 472 -3.74 -21.55 6.62
C PRO A 472 -4.99 -21.31 7.49
N TYR A 473 -5.51 -22.36 8.13
CA TYR A 473 -6.67 -22.22 9.02
C TYR A 473 -6.27 -21.63 10.36
N PRO A 474 -7.10 -20.71 10.90
CA PRO A 474 -6.68 -20.02 12.10
C PRO A 474 -6.86 -20.86 13.36
N LEU A 475 -6.13 -20.45 14.40
CA LEU A 475 -6.34 -20.98 15.74
C LEU A 475 -7.83 -20.90 16.10
N GLY A 476 -8.39 -21.99 16.61
CA GLY A 476 -9.78 -21.97 17.06
C GLY A 476 -10.77 -22.41 16.00
N SER A 477 -10.27 -22.68 14.81
CA SER A 477 -11.11 -23.18 13.71
C SER A 477 -11.25 -24.69 13.91
N PRO A 478 -12.36 -25.29 13.40
CA PRO A 478 -12.46 -26.75 13.45
C PRO A 478 -11.26 -27.48 12.81
N GLU A 479 -10.61 -26.82 11.84
CA GLU A 479 -9.52 -27.42 11.07
C GLU A 479 -8.19 -27.33 11.81
N ASN A 480 -8.10 -26.42 12.79
CA ASN A 480 -6.80 -26.15 13.46
C ASN A 480 -7.07 -25.64 14.87
N MET A 481 -7.84 -26.42 15.64
CA MET A 481 -8.40 -25.93 16.90
C MET A 481 -7.34 -25.33 17.83
N TYR A 482 -6.21 -26.02 17.96
CA TYR A 482 -5.17 -25.57 18.90
C TYR A 482 -4.02 -24.86 18.20
N GLY A 483 -4.16 -24.64 16.89
CA GLY A 483 -3.23 -23.80 16.13
C GLY A 483 -1.85 -24.42 15.87
N ASN A 484 -1.73 -25.75 16.02
CA ASN A 484 -0.44 -26.46 15.91
C ASN A 484 -0.16 -27.05 14.51
N ALA A 485 -1.19 -27.09 13.67
CA ALA A 485 -1.08 -27.81 12.39
C ALA A 485 -0.04 -27.20 11.46
N PHE A 486 0.79 -28.04 10.87
CA PHE A 486 1.73 -27.57 9.86
C PHE A 486 2.08 -28.68 8.87
N TYR A 487 2.55 -28.27 7.70
CA TYR A 487 2.78 -29.19 6.59
C TYR A 487 3.96 -28.69 5.77
N SER A 488 4.38 -29.51 4.81
CA SER A 488 5.42 -29.13 3.86
C SER A 488 4.78 -28.83 2.53
N GLU A 489 4.93 -27.60 2.07
CA GLU A 489 4.41 -27.19 0.80
C GLU A 489 5.45 -27.48 -0.26
N LYS A 490 5.11 -28.34 -1.21
CA LYS A 490 6.01 -28.67 -2.29
C LYS A 490 5.63 -27.89 -3.54
N THR A 491 6.58 -27.12 -4.06
CA THR A 491 6.35 -26.40 -5.30
C THR A 491 7.22 -27.04 -6.38
N THR A 492 6.59 -27.85 -7.23
CA THR A 492 7.35 -28.49 -8.30
C THR A 492 7.64 -27.48 -9.38
N PHE A 493 8.89 -27.45 -9.84
CA PHE A 493 9.27 -26.47 -10.86
C PHE A 493 8.82 -27.01 -12.21
N LYS A 494 7.99 -26.26 -12.92
CA LYS A 494 7.54 -26.69 -14.24
C LYS A 494 8.43 -26.18 -15.37
N THR A 495 8.84 -24.90 -15.29
CA THR A 495 9.72 -24.29 -16.28
C THR A 495 10.94 -23.72 -15.55
N VAL A 496 11.98 -23.42 -16.31
CA VAL A 496 13.22 -22.90 -15.72
C VAL A 496 12.99 -21.73 -14.76
N LYS A 497 12.17 -20.78 -15.18
CA LYS A 497 11.87 -19.61 -14.35
C LYS A 497 11.39 -19.98 -12.95
N ASP A 498 10.57 -21.04 -12.85
CA ASP A 498 10.03 -21.47 -11.55
C ASP A 498 11.16 -21.87 -10.58
N SER A 499 12.27 -22.34 -11.13
CA SER A 499 13.32 -22.95 -10.32
C SER A 499 14.23 -21.92 -9.65
N LEU A 500 14.19 -20.69 -10.14
CA LEU A 500 15.15 -19.67 -9.69
C LEU A 500 14.72 -19.20 -8.32
N THR A 501 15.30 -19.85 -7.33
CA THR A 501 14.83 -19.75 -5.94
C THR A 501 16.01 -19.59 -4.99
N ASN A 502 15.75 -18.93 -3.87
CA ASN A 502 16.74 -18.77 -2.85
C ASN A 502 16.40 -19.56 -1.59
N TYR A 503 17.41 -19.81 -0.77
CA TYR A 503 17.16 -20.38 0.53
C TYR A 503 16.30 -19.39 1.33
N GLU A 504 15.34 -19.91 2.10
CA GLU A 504 14.50 -19.04 2.91
C GLU A 504 14.44 -19.57 4.34
N SER A 505 15.00 -18.81 5.28
CA SER A 505 14.92 -19.22 6.67
C SER A 505 13.48 -19.25 7.18
N ALA A 506 12.63 -18.40 6.62
CA ALA A 506 11.24 -18.32 7.12
C ALA A 506 10.46 -19.62 6.95
N THR A 507 10.92 -20.48 6.03
CA THR A 507 10.23 -21.75 5.76
C THR A 507 11.17 -22.96 5.87
N GLY A 508 12.39 -22.71 6.33
CA GLY A 508 13.43 -23.76 6.39
C GLY A 508 13.51 -24.51 5.07
N ARG A 509 13.60 -23.75 3.99
CA ARG A 509 13.50 -24.31 2.65
C ARG A 509 14.54 -25.41 2.35
N SER A 510 14.06 -26.53 1.80
CA SER A 510 14.94 -27.49 1.20
C SER A 510 14.49 -27.67 -0.25
N TRP A 511 15.25 -28.45 -1.02
CA TRP A 511 14.85 -28.72 -2.39
C TRP A 511 14.89 -30.23 -2.60
N ASP A 512 13.95 -30.72 -3.37
CA ASP A 512 13.94 -32.14 -3.75
C ASP A 512 14.32 -32.30 -5.22
N ILE A 513 15.09 -33.35 -5.49
CA ILE A 513 15.27 -33.85 -6.85
C ILE A 513 14.65 -35.23 -6.82
N PHE A 514 13.67 -35.44 -7.69
CA PHE A 514 12.86 -36.65 -7.55
C PHE A 514 12.48 -37.22 -8.90
N ASN A 515 12.01 -38.46 -8.87
CA ASN A 515 11.56 -39.16 -10.06
C ASN A 515 10.04 -39.27 -10.01
N PRO A 516 9.33 -38.43 -10.79
CA PRO A 516 7.88 -38.40 -10.78
C PRO A 516 7.24 -39.62 -11.42
N ASN A 517 8.07 -40.50 -11.97
CA ASN A 517 7.58 -41.70 -12.65
C ASN A 517 7.47 -42.87 -11.70
N LYS A 518 7.92 -42.67 -10.46
CA LYS A 518 7.95 -43.77 -9.51
C LYS A 518 7.30 -43.34 -8.21
N VAL A 519 6.93 -44.32 -7.39
CA VAL A 519 6.19 -44.06 -6.15
CA VAL A 519 6.24 -44.02 -6.15
C VAL A 519 6.75 -44.94 -5.05
N ASN A 520 6.96 -44.37 -3.86
CA ASN A 520 7.33 -45.19 -2.71
C ASN A 520 6.11 -46.00 -2.25
N PRO A 521 6.24 -47.34 -2.14
CA PRO A 521 5.03 -48.14 -1.84
C PRO A 521 4.46 -47.93 -0.46
N TYR A 522 5.25 -47.37 0.45
CA TYR A 522 4.75 -47.04 1.77
C TYR A 522 4.15 -45.65 1.78
N SER A 523 4.96 -44.63 1.50
CA SER A 523 4.50 -43.24 1.67
C SER A 523 3.68 -42.67 0.54
N GLY A 524 3.74 -43.29 -0.64
CA GLY A 524 3.03 -42.78 -1.80
C GLY A 524 3.67 -41.57 -2.47
N LYS A 525 4.87 -41.22 -2.00
CA LYS A 525 5.62 -40.10 -2.55
C LYS A 525 6.70 -40.58 -3.54
N PRO A 526 7.11 -39.72 -4.49
CA PRO A 526 8.19 -40.13 -5.40
C PRO A 526 9.53 -40.30 -4.70
N PRO A 527 10.40 -41.20 -5.20
CA PRO A 527 11.72 -41.31 -4.60
C PRO A 527 12.49 -40.03 -4.85
N SER A 528 13.25 -39.58 -3.87
CA SER A 528 13.94 -38.31 -4.01
C SER A 528 15.25 -38.34 -3.25
N TYR A 529 16.14 -37.46 -3.67
CA TYR A 529 17.22 -36.97 -2.83
C TYR A 529 16.90 -35.52 -2.52
N LYS A 530 17.00 -35.17 -1.23
CA LYS A 530 16.69 -33.82 -0.78
C LYS A 530 17.98 -33.07 -0.49
N LEU A 531 18.07 -31.87 -1.03
CA LEU A 531 19.19 -30.97 -0.77
C LEU A 531 18.88 -30.21 0.52
N VAL A 532 19.73 -30.44 1.53
CA VAL A 532 19.65 -29.77 2.81
C VAL A 532 20.88 -28.87 2.90
N SER A 533 20.66 -27.58 2.78
CA SER A 533 21.75 -26.64 2.64
C SER A 533 21.30 -25.28 3.17
N THR A 534 21.97 -24.79 4.21
CA THR A 534 21.57 -23.53 4.81
C THR A 534 22.67 -22.47 4.71
N GLN A 535 23.87 -22.85 4.31
CA GLN A 535 24.91 -21.84 4.08
C GLN A 535 24.77 -21.32 2.65
N CYS A 536 23.75 -20.47 2.46
CA CYS A 536 23.32 -19.98 1.16
C CYS A 536 23.20 -18.47 1.22
N PRO A 537 24.34 -17.77 1.12
CA PRO A 537 24.31 -16.33 1.26
C PRO A 537 23.67 -15.67 0.06
N PRO A 538 23.02 -14.51 0.25
CA PRO A 538 22.60 -13.82 -0.95
C PRO A 538 23.85 -13.26 -1.62
N LEU A 539 23.77 -13.01 -2.92
CA LEU A 539 24.82 -12.28 -3.59
C LEU A 539 24.69 -10.82 -3.20
N LEU A 540 25.71 -10.29 -2.54
CA LEU A 540 25.62 -8.94 -2.00
C LEU A 540 25.81 -7.87 -3.07
N ALA A 541 26.62 -8.16 -4.09
CA ALA A 541 26.81 -7.21 -5.19
C ALA A 541 25.48 -6.95 -5.90
N LYS A 542 25.27 -5.71 -6.35
CA LYS A 542 23.98 -5.26 -6.89
C LYS A 542 23.67 -5.87 -8.25
N GLU A 543 22.37 -5.94 -8.58
CA GLU A 543 21.98 -6.31 -9.93
C GLU A 543 22.68 -5.38 -10.91
N GLY A 544 23.22 -5.95 -11.98
CA GLY A 544 23.89 -5.17 -12.99
C GLY A 544 25.33 -4.88 -12.67
N SER A 545 25.80 -5.29 -11.51
CA SER A 545 27.21 -5.15 -11.15
C SER A 545 28.09 -6.10 -11.94
N LEU A 546 29.38 -5.77 -12.02
CA LEU A 546 30.35 -6.63 -12.66
C LEU A 546 30.29 -8.08 -12.11
N VAL A 547 30.27 -8.21 -10.78
CA VAL A 547 30.13 -9.51 -10.12
C VAL A 547 28.85 -10.26 -10.54
N ALA A 548 27.70 -9.60 -10.47
CA ALA A 548 26.44 -10.26 -10.81
C ALA A 548 26.37 -10.65 -12.29
N LYS A 549 27.00 -9.84 -13.14
CA LYS A 549 27.00 -10.13 -14.58
C LYS A 549 27.91 -11.30 -14.93
N ARG A 550 29.07 -11.37 -14.29
CA ARG A 550 30.05 -12.43 -14.60
C ARG A 550 29.70 -13.76 -13.93
N ALA A 551 28.84 -13.71 -12.91
CA ALA A 551 28.43 -14.92 -12.21
C ALA A 551 26.89 -14.99 -12.14
N PRO A 552 26.23 -15.15 -13.30
CA PRO A 552 24.76 -15.13 -13.34
C PRO A 552 24.12 -16.19 -12.44
N TRP A 553 24.84 -17.29 -12.24
CA TRP A 553 24.39 -18.38 -11.40
C TRP A 553 24.29 -18.01 -9.92
N ALA A 554 25.06 -17.00 -9.50
CA ALA A 554 25.23 -16.73 -8.07
C ALA A 554 24.08 -15.94 -7.45
N SER A 555 23.23 -15.37 -8.29
CA SER A 555 22.09 -14.53 -7.86
CA SER A 555 22.14 -14.54 -7.77
C SER A 555 20.96 -15.35 -7.23
N HIS A 556 20.94 -16.66 -7.49
CA HIS A 556 19.95 -17.54 -6.86
C HIS A 556 20.59 -18.78 -6.22
N SER A 557 19.96 -19.28 -5.17
CA SER A 557 20.49 -20.48 -4.49
C SER A 557 20.32 -21.68 -5.39
N VAL A 558 19.25 -21.69 -6.17
CA VAL A 558 19.02 -22.82 -7.06
C VAL A 558 18.66 -22.35 -8.46
N ASN A 559 19.26 -23.01 -9.46
CA ASN A 559 18.98 -22.78 -10.88
C ASN A 559 18.81 -24.17 -11.48
N VAL A 560 17.67 -24.46 -12.09
CA VAL A 560 17.50 -25.76 -12.76
C VAL A 560 17.20 -25.54 -14.24
N VAL A 561 17.98 -26.20 -15.09
CA VAL A 561 17.90 -26.00 -16.54
C VAL A 561 17.84 -27.37 -17.24
N PRO A 562 17.34 -27.39 -18.48
CA PRO A 562 17.40 -28.67 -19.21
C PRO A 562 18.83 -29.14 -19.41
N TYR A 563 19.02 -30.46 -19.41
CA TYR A 563 20.29 -31.00 -19.78
C TYR A 563 20.56 -30.80 -21.27
N LYS A 564 21.76 -30.31 -21.58
CA LYS A 564 22.34 -30.42 -22.92
CA LYS A 564 22.34 -30.43 -22.92
C LYS A 564 23.81 -30.79 -22.75
N ASP A 565 24.39 -31.43 -23.76
CA ASP A 565 25.81 -31.75 -23.68
C ASP A 565 26.63 -30.46 -23.52
N ASN A 566 27.75 -30.54 -22.81
CA ASN A 566 28.66 -29.40 -22.68
C ASN A 566 28.07 -28.18 -21.94
N ARG A 567 27.16 -28.46 -21.01
CA ARG A 567 26.64 -27.44 -20.09
C ARG A 567 27.30 -27.66 -18.74
N LEU A 568 28.62 -27.44 -18.70
CA LEU A 568 29.37 -27.67 -17.48
C LEU A 568 29.60 -26.40 -16.64
N TYR A 569 29.99 -25.33 -17.33
CA TYR A 569 30.61 -24.18 -16.64
C TYR A 569 29.71 -22.94 -16.75
N PRO A 570 29.07 -22.56 -15.62
CA PRO A 570 27.97 -21.61 -15.70
C PRO A 570 28.33 -20.12 -15.90
N SER A 571 29.63 -19.78 -15.82
CA SER A 571 30.11 -18.44 -16.20
C SER A 571 30.79 -18.46 -17.57
N GLY A 572 30.53 -19.51 -18.35
CA GLY A 572 31.11 -19.62 -19.67
C GLY A 572 32.34 -20.52 -19.73
N ASP A 573 32.71 -20.90 -20.95
CA ASP A 573 33.86 -21.78 -21.12
C ASP A 573 35.19 -21.08 -20.83
N HIS A 574 35.31 -19.80 -21.18
CA HIS A 574 36.54 -19.05 -20.99
C HIS A 574 36.24 -17.82 -20.17
N VAL A 575 36.61 -17.89 -18.89
CA VAL A 575 36.08 -16.94 -17.92
C VAL A 575 36.87 -15.64 -17.80
N PRO A 576 38.21 -15.71 -17.71
CA PRO A 576 38.97 -14.45 -17.47
C PRO A 576 38.64 -13.37 -18.50
N GLN A 577 38.43 -12.16 -17.99
CA GLN A 577 38.20 -10.95 -18.79
C GLN A 577 36.87 -10.87 -19.57
N TRP A 578 35.97 -11.83 -19.38
CA TRP A 578 34.61 -11.68 -19.88
C TRP A 578 33.91 -10.57 -19.07
N SER A 579 33.29 -9.62 -19.76
CA SER A 579 32.59 -8.52 -19.08
C SER A 579 31.31 -8.95 -18.35
N GLY A 580 30.82 -10.15 -18.64
CA GLY A 580 29.51 -10.52 -18.11
C GLY A 580 28.37 -10.14 -19.05
N ASP A 581 28.69 -9.50 -20.18
CA ASP A 581 27.66 -9.20 -21.20
C ASP A 581 27.63 -10.35 -22.19
N GLY A 582 26.43 -10.87 -22.43
CA GLY A 582 26.25 -11.88 -23.45
C GLY A 582 25.50 -13.11 -22.99
N VAL A 583 24.96 -13.81 -23.96
CA VAL A 583 24.16 -14.99 -23.68
C VAL A 583 25.09 -16.20 -23.73
N ARG A 584 25.67 -16.52 -22.58
CA ARG A 584 26.55 -17.70 -22.46
C ARG A 584 26.39 -18.27 -21.05
N GLY A 585 26.86 -19.50 -20.86
CA GLY A 585 26.80 -20.12 -19.53
C GLY A 585 25.37 -20.14 -19.02
N MET A 586 25.21 -19.97 -17.71
CA MET A 586 23.88 -20.05 -17.08
C MET A 586 22.88 -19.09 -17.73
N ARG A 587 23.34 -17.93 -18.19
CA ARG A 587 22.41 -16.99 -18.83
C ARG A 587 21.81 -17.59 -20.10
N GLU A 588 22.64 -18.29 -20.87
CA GLU A 588 22.17 -18.98 -22.07
C GLU A 588 21.23 -20.12 -21.70
N TRP A 589 21.59 -20.88 -20.68
CA TRP A 589 20.81 -22.08 -20.31
C TRP A 589 19.45 -21.71 -19.77
N ILE A 590 19.38 -20.60 -19.03
CA ILE A 590 18.08 -20.13 -18.56
C ILE A 590 17.25 -19.60 -19.73
N GLY A 591 17.89 -18.93 -20.68
CA GLY A 591 17.16 -18.37 -21.84
C GLY A 591 16.04 -17.45 -21.39
N ASP A 592 14.85 -17.63 -21.98
CA ASP A 592 13.70 -16.83 -21.58
C ASP A 592 12.96 -17.43 -20.38
N GLY A 593 13.50 -18.51 -19.81
CA GLY A 593 12.90 -19.14 -18.63
C GLY A 593 11.71 -20.06 -18.87
N SER A 594 11.33 -20.23 -20.14
CA SER A 594 10.10 -20.95 -20.48
C SER A 594 10.28 -22.45 -20.70
N GLU A 595 11.51 -22.94 -20.85
CA GLU A 595 11.69 -24.36 -21.17
C GLU A 595 11.26 -25.28 -20.05
N ASN A 596 10.73 -26.44 -20.44
CA ASN A 596 10.28 -27.44 -19.47
C ASN A 596 11.41 -28.09 -18.71
N ILE A 597 11.23 -28.23 -17.39
CA ILE A 597 12.18 -28.97 -16.55
C ILE A 597 11.48 -30.02 -15.65
N ASP A 598 10.23 -30.34 -16.00
CA ASP A 598 9.42 -31.29 -15.26
C ASP A 598 9.45 -32.63 -16.00
N ASN A 599 9.98 -33.64 -15.31
CA ASN A 599 10.06 -35.00 -15.83
C ASN A 599 10.87 -35.09 -17.12
N THR A 600 12.13 -34.70 -17.01
CA THR A 600 13.03 -34.71 -18.16
C THR A 600 14.45 -34.85 -17.67
N ASP A 601 15.42 -34.65 -18.56
CA ASP A 601 16.83 -34.65 -18.14
C ASP A 601 17.18 -33.21 -17.73
N ILE A 602 17.55 -33.03 -16.47
CA ILE A 602 17.75 -31.68 -15.92
C ILE A 602 19.15 -31.53 -15.34
N LEU A 603 19.53 -30.28 -15.10
CA LEU A 603 20.78 -29.98 -14.40
C LEU A 603 20.42 -29.02 -13.31
N PHE A 604 20.87 -29.33 -12.10
CA PHE A 604 20.50 -28.60 -10.90
C PHE A 604 21.79 -27.92 -10.43
N PHE A 605 21.84 -26.59 -10.47
CA PHE A 605 23.03 -25.84 -10.03
C PHE A 605 22.70 -25.11 -8.72
N HIS A 606 23.47 -25.39 -7.69
CA HIS A 606 23.19 -24.84 -6.37
C HIS A 606 24.31 -23.91 -5.92
N THR A 607 23.93 -22.69 -5.54
CA THR A 607 24.88 -21.69 -5.06
C THR A 607 24.92 -21.71 -3.56
N PHE A 608 26.11 -21.91 -2.98
CA PHE A 608 26.22 -21.93 -1.53
C PHE A 608 27.56 -21.30 -1.16
N GLY A 609 27.77 -21.07 0.13
CA GLY A 609 29.06 -20.51 0.54
C GLY A 609 28.94 -19.68 1.81
N ILE A 610 29.85 -18.71 1.96
CA ILE A 610 29.90 -17.91 3.17
C ILE A 610 30.19 -16.44 2.88
N THR A 611 29.87 -15.57 3.83
CA THR A 611 30.27 -14.17 3.77
C THR A 611 31.30 -13.95 4.88
N HIS A 612 32.47 -13.44 4.51
CA HIS A 612 33.61 -13.36 5.42
C HIS A 612 33.91 -11.90 5.77
N PHE A 613 33.70 -11.57 7.04
CA PHE A 613 34.14 -10.28 7.61
C PHE A 613 35.37 -10.60 8.47
N PRO A 614 36.58 -10.30 7.94
CA PRO A 614 37.80 -10.73 8.63
C PRO A 614 37.91 -10.23 10.06
N ALA A 615 38.59 -11.02 10.90
CA ALA A 615 38.89 -10.61 12.26
C ALA A 615 40.33 -11.01 12.52
N PRO A 616 40.97 -10.41 13.53
CA PRO A 616 42.37 -10.80 13.81
C PRO A 616 42.65 -12.31 14.00
N GLU A 617 41.68 -13.07 14.49
CA GLU A 617 41.83 -14.53 14.62
C GLU A 617 42.23 -15.18 13.31
N ASP A 618 41.85 -14.53 12.20
CA ASP A 618 42.06 -15.08 10.85
C ASP A 618 43.49 -14.83 10.37
N PHE A 619 44.26 -14.08 11.15
CA PHE A 619 45.58 -13.62 10.68
C PHE A 619 46.65 -14.08 11.68
N PRO A 620 47.90 -14.32 11.20
CA PRO A 620 48.43 -14.27 9.84
C PRO A 620 48.08 -15.50 8.99
N LEU A 621 47.49 -16.51 9.62
CA LEU A 621 47.06 -17.74 8.93
C LEU A 621 45.71 -18.10 9.52
N PRO A 623 42.42 -20.12 10.82
CA PRO A 623 41.88 -21.40 11.23
C PRO A 623 40.78 -21.84 10.28
N ALA A 624 40.67 -23.15 10.06
CA ALA A 624 39.69 -23.66 9.12
C ALA A 624 38.26 -23.20 9.41
N GLU A 625 37.56 -22.73 8.37
CA GLU A 625 36.15 -22.37 8.44
C GLU A 625 35.32 -23.37 7.65
N PRO A 626 34.33 -24.01 8.31
CA PRO A 626 33.57 -25.06 7.64
C PRO A 626 32.36 -24.58 6.82
N ILE A 627 32.14 -25.27 5.69
CA ILE A 627 30.95 -25.11 4.87
C ILE A 627 30.47 -26.53 4.58
N THR A 628 29.15 -26.76 4.62
CA THR A 628 28.62 -28.10 4.30
C THR A 628 27.25 -28.05 3.67
N LEU A 629 26.95 -29.10 2.89
CA LEU A 629 25.61 -29.31 2.38
C LEU A 629 25.42 -30.81 2.26
N MET A 630 24.18 -31.26 2.24
CA MET A 630 23.94 -32.69 2.17
C MET A 630 22.83 -33.00 1.18
N LEU A 631 22.92 -34.18 0.55
CA LEU A 631 21.86 -34.71 -0.29
C LEU A 631 21.41 -36.01 0.37
N ARG A 632 20.17 -36.07 0.85
CA ARG A 632 19.66 -37.17 1.68
C ARG A 632 18.55 -37.91 0.97
N PRO A 633 18.57 -39.24 1.01
CA PRO A 633 17.45 -39.97 0.42
C PRO A 633 16.21 -39.74 1.27
N ARG A 634 15.11 -39.32 0.64
CA ARG A 634 13.80 -39.24 1.30
C ARG A 634 12.78 -39.88 0.36
N HIS A 635 12.15 -40.95 0.85
CA HIS A 635 11.14 -41.73 0.11
C HIS A 635 11.84 -42.55 -0.98
N PHE A 636 13.17 -42.56 -0.93
CA PHE A 636 13.97 -43.38 -1.86
C PHE A 636 13.92 -44.84 -1.43
N PHE A 637 14.18 -45.08 -0.15
CA PHE A 637 14.10 -46.43 0.42
C PHE A 637 12.77 -46.63 1.11
N THR A 638 12.43 -47.88 1.38
CA THR A 638 11.22 -48.18 2.14
C THR A 638 11.48 -48.32 3.64
N GLU A 639 12.76 -48.36 4.02
CA GLU A 639 13.15 -48.34 5.43
C GLU A 639 14.62 -47.95 5.53
N ASN A 640 15.07 -47.65 6.74
CA ASN A 640 16.47 -47.33 7.04
C ASN A 640 17.38 -48.33 6.33
N PRO A 641 18.18 -47.87 5.34
CA PRO A 641 19.04 -48.79 4.57
C PRO A 641 20.22 -49.38 5.35
N GLY A 642 20.51 -48.85 6.54
CA GLY A 642 21.69 -49.28 7.31
C GLY A 642 21.45 -50.39 8.32
N LEU A 643 20.23 -50.94 8.36
CA LEU A 643 19.86 -51.87 9.44
C LEU A 643 20.55 -53.23 9.37
N ASP A 644 21.07 -53.59 8.20
CA ASP A 644 21.82 -54.85 8.05
C ASP A 644 23.33 -54.72 8.38
N ILE A 645 23.74 -53.54 8.85
CA ILE A 645 25.10 -53.36 9.37
C ILE A 645 25.18 -53.93 10.78
N GLN A 646 26.22 -54.72 11.08
CA GLN A 646 26.32 -55.35 12.40
C GLN A 646 26.38 -54.28 13.48
N PRO A 647 25.47 -54.33 14.47
CA PRO A 647 25.54 -53.38 15.59
C PRO A 647 26.85 -53.50 16.36
N SER A 648 27.28 -52.40 16.97
CA SER A 648 28.41 -52.45 17.88
C SER A 648 27.99 -53.09 19.20
N TYR A 649 26.73 -52.88 19.57
CA TYR A 649 26.16 -53.53 20.75
C TYR A 649 24.68 -53.76 20.54
N ALA A 650 24.20 -54.94 20.91
CA ALA A 650 22.78 -55.23 20.83
C ALA A 650 22.38 -56.17 21.95
N MET A 651 21.33 -55.78 22.67
CA MET A 651 20.71 -56.63 23.67
CA MET A 651 20.73 -56.58 23.72
C MET A 651 19.21 -56.46 23.57
N THR A 652 18.53 -57.58 23.36
CA THR A 652 17.07 -57.59 23.28
C THR A 652 16.46 -57.63 24.69
N THR A 653 15.14 -57.45 24.76
CA THR A 653 14.45 -57.50 26.04
C THR A 653 14.56 -58.87 26.71
N SER A 654 14.38 -59.93 25.92
CA SER A 654 14.48 -61.29 26.44
C SER A 654 15.90 -61.59 26.93
N GLU A 655 16.90 -61.17 26.16
CA GLU A 655 18.29 -61.35 26.56
C GLU A 655 18.59 -60.59 27.86
N ALA A 656 18.06 -59.36 27.98
CA ALA A 656 18.25 -58.58 29.20
C ALA A 656 17.65 -59.29 30.43
N LYS A 657 16.49 -59.92 30.24
CA LYS A 657 15.80 -60.64 31.32
C LYS A 657 16.58 -61.88 31.75
N ARG A 658 17.08 -62.64 30.78
CA ARG A 658 17.76 -63.91 31.08
C ARG A 658 19.22 -63.71 31.50
N ALA A 659 19.69 -62.47 31.42
CA ALA A 659 20.97 -62.07 32.00
C ALA A 659 20.82 -61.86 33.51
N VAL A 660 19.59 -62.04 34.01
CA VAL A 660 19.24 -61.96 35.44
C VAL A 660 19.99 -60.88 36.23
N ALA B 4 28.25 -36.17 61.52
CA ALA B 4 26.96 -35.45 61.28
C ALA B 4 26.80 -34.98 59.82
N ALA B 5 27.38 -33.83 59.48
CA ALA B 5 27.18 -33.19 58.17
C ALA B 5 27.93 -33.92 57.06
N PRO B 6 27.41 -33.85 55.80
CA PRO B 6 28.17 -34.54 54.75
C PRO B 6 29.49 -33.81 54.45
N ALA B 7 30.46 -34.55 53.92
CA ALA B 7 31.73 -33.94 53.50
C ALA B 7 31.48 -32.92 52.40
N ARG B 8 32.16 -31.78 52.50
CA ARG B 8 32.10 -30.72 51.49
C ARG B 8 32.75 -31.19 50.19
N PRO B 9 32.19 -30.78 49.03
CA PRO B 9 32.72 -31.15 47.73
C PRO B 9 34.03 -30.47 47.44
N ALA B 10 34.79 -31.03 46.50
CA ALA B 10 36.01 -30.40 46.01
C ALA B 10 35.81 -28.99 45.44
N HIS B 11 34.57 -28.66 45.06
CA HIS B 11 34.27 -27.48 44.22
C HIS B 11 32.80 -27.14 44.41
N PRO B 12 32.46 -25.85 44.62
CA PRO B 12 31.06 -25.44 44.85
C PRO B 12 30.05 -25.81 43.75
N LEU B 13 30.52 -26.06 42.51
CA LEU B 13 29.60 -26.41 41.43
C LEU B 13 29.47 -27.91 41.24
N ASP B 14 30.19 -28.69 42.05
CA ASP B 14 30.09 -30.13 41.93
C ASP B 14 28.64 -30.55 42.24
N PRO B 15 28.11 -31.52 41.48
CA PRO B 15 26.75 -31.98 41.82
C PRO B 15 26.71 -32.64 43.20
N LEU B 16 25.51 -32.75 43.78
CA LEU B 16 25.38 -33.46 45.04
C LEU B 16 25.89 -34.90 44.93
N SER B 17 26.66 -35.32 45.94
CA SER B 17 27.10 -36.71 46.05
C SER B 17 25.95 -37.56 46.55
N THR B 18 26.07 -38.88 46.45
CA THR B 18 25.04 -39.76 47.01
C THR B 18 24.83 -39.51 48.51
N ALA B 19 25.92 -39.23 49.25
CA ALA B 19 25.79 -38.91 50.67
C ALA B 19 25.03 -37.60 50.90
N GLU B 20 25.25 -36.60 50.04
CA GLU B 20 24.55 -35.33 50.20
C GLU B 20 23.06 -35.48 49.86
N ILE B 21 22.77 -36.28 48.85
CA ILE B 21 21.38 -36.53 48.49
C ILE B 21 20.67 -37.17 49.69
N LYS B 22 21.28 -38.20 50.27
CA LYS B 22 20.67 -38.88 51.41
C LYS B 22 20.56 -37.96 52.62
N ALA B 23 21.56 -37.12 52.87
CA ALA B 23 21.49 -36.14 53.94
C ALA B 23 20.33 -35.15 53.74
N ALA B 24 20.15 -34.77 52.47
CA ALA B 24 19.06 -33.85 52.13
C ALA B 24 17.69 -34.50 52.35
N THR B 25 17.53 -35.73 51.86
CA THR B 25 16.21 -36.37 52.00
C THR B 25 15.90 -36.72 53.46
N ASN B 26 16.90 -37.15 54.21
CA ASN B 26 16.70 -37.34 55.66
C ASN B 26 16.25 -36.05 56.34
N THR B 27 16.86 -34.94 55.96
CA THR B 27 16.50 -33.65 56.53
C THR B 27 15.05 -33.33 56.22
N VAL B 28 14.66 -33.51 54.96
CA VAL B 28 13.31 -33.19 54.54
C VAL B 28 12.27 -34.13 55.19
N LYS B 29 12.61 -35.41 55.25
CA LYS B 29 11.71 -36.38 55.92
C LYS B 29 11.47 -36.01 57.37
N SER B 30 12.52 -35.52 58.03
CA SER B 30 12.41 -35.10 59.44
CA SER B 30 12.42 -35.11 59.43
C SER B 30 11.53 -33.88 59.58
N TYR B 31 11.75 -32.90 58.71
CA TYR B 31 10.96 -31.67 58.74
C TYR B 31 9.47 -31.98 58.56
N PHE B 32 9.18 -32.94 57.68
CA PHE B 32 7.80 -33.35 57.42
C PHE B 32 7.43 -34.66 58.13
N ALA B 33 8.02 -34.91 59.29
CA ALA B 33 7.74 -36.16 60.03
C ALA B 33 6.24 -36.31 60.29
N GLY B 34 5.74 -37.53 60.10
CA GLY B 34 4.33 -37.81 60.30
C GLY B 34 3.51 -37.63 59.03
N LYS B 35 4.13 -37.02 58.02
CA LYS B 35 3.51 -36.86 56.70
C LYS B 35 4.04 -37.90 55.70
N LYS B 36 3.15 -38.41 54.85
CA LYS B 36 3.54 -39.35 53.81
C LYS B 36 3.98 -38.60 52.55
N ILE B 37 5.28 -38.54 52.34
CA ILE B 37 5.86 -37.76 51.26
C ILE B 37 6.73 -38.61 50.34
N SER B 38 6.84 -38.19 49.09
CA SER B 38 7.71 -38.85 48.14
C SER B 38 8.57 -37.80 47.45
N PHE B 39 9.76 -38.19 47.01
CA PHE B 39 10.70 -37.24 46.44
C PHE B 39 10.63 -37.20 44.94
N ASN B 40 10.51 -35.99 44.39
CA ASN B 40 10.52 -35.79 42.96
C ASN B 40 11.89 -35.36 42.44
N THR B 41 12.52 -34.43 43.14
CA THR B 41 13.79 -33.85 42.73
C THR B 41 14.59 -33.59 43.98
N VAL B 42 15.87 -33.97 43.97
CA VAL B 42 16.80 -33.51 45.00
C VAL B 42 18.10 -33.16 44.27
N THR B 43 18.40 -31.86 44.15
CA THR B 43 19.51 -31.45 43.28
C THR B 43 20.27 -30.26 43.89
N LEU B 44 21.48 -30.06 43.41
CA LEU B 44 22.24 -28.89 43.84
C LEU B 44 21.46 -27.61 43.51
N ARG B 45 21.37 -26.71 44.50
CA ARG B 45 20.99 -25.35 44.24
C ARG B 45 22.31 -24.61 44.06
N GLU B 46 22.61 -24.22 42.82
CA GLU B 46 23.91 -23.63 42.54
C GLU B 46 24.07 -22.29 43.26
N PRO B 47 25.31 -21.96 43.67
CA PRO B 47 25.54 -20.66 44.28
C PRO B 47 25.11 -19.54 43.35
N ALA B 48 24.67 -18.44 43.94
CA ALA B 48 24.46 -17.20 43.18
C ALA B 48 25.70 -16.84 42.37
N ARG B 49 25.48 -16.26 41.19
CA ARG B 49 26.55 -15.91 40.27
C ARG B 49 27.58 -15.02 40.96
N LYS B 50 27.07 -13.99 41.63
CA LYS B 50 27.95 -13.02 42.31
C LYS B 50 28.78 -13.75 43.38
N ALA B 51 28.10 -14.52 44.21
CA ALA B 51 28.76 -15.32 45.24
C ALA B 51 29.82 -16.25 44.64
N TYR B 52 29.50 -16.94 43.56
CA TYR B 52 30.47 -17.86 42.98
C TYR B 52 31.71 -17.12 42.48
N ILE B 53 31.49 -16.05 41.70
CA ILE B 53 32.61 -15.32 41.12
C ILE B 53 33.46 -14.68 42.22
N GLN B 54 32.79 -14.18 43.26
CA GLN B 54 33.51 -13.58 44.38
C GLN B 54 34.40 -14.62 45.09
N TRP B 55 33.85 -15.81 45.27
CA TRP B 55 34.61 -16.92 45.85
C TRP B 55 35.80 -17.32 44.98
N LYS B 56 35.57 -17.41 43.67
CA LYS B 56 36.55 -17.99 42.78
C LYS B 56 37.68 -17.02 42.49
N GLU B 57 37.35 -15.73 42.41
CA GLU B 57 38.26 -14.73 41.84
C GLU B 57 38.61 -13.59 42.79
N GLN B 58 37.94 -13.52 43.94
CA GLN B 58 38.11 -12.34 44.80
C GLN B 58 38.36 -12.69 46.25
N GLY B 59 38.71 -13.94 46.51
CA GLY B 59 38.94 -14.42 47.87
C GLY B 59 37.71 -14.31 48.75
N GLY B 60 36.54 -14.41 48.12
CA GLY B 60 35.27 -14.15 48.80
C GLY B 60 34.73 -15.30 49.63
N PRO B 61 33.59 -15.07 50.29
CA PRO B 61 32.98 -16.09 51.15
C PRO B 61 32.71 -17.41 50.41
N LEU B 62 32.84 -18.51 51.13
CA LEU B 62 32.48 -19.82 50.60
C LEU B 62 30.96 -19.90 50.53
N PRO B 63 30.41 -20.11 49.32
CA PRO B 63 28.96 -20.21 49.24
C PRO B 63 28.42 -21.42 49.99
N PRO B 64 27.27 -21.26 50.65
CA PRO B 64 26.66 -22.39 51.34
C PRO B 64 26.37 -23.49 50.34
N ARG B 65 26.55 -24.73 50.79
CA ARG B 65 26.21 -25.93 50.03
C ARG B 65 24.73 -26.22 50.28
N LEU B 66 23.91 -26.03 49.24
CA LEU B 66 22.44 -26.10 49.34
C LEU B 66 21.87 -27.16 48.40
N ALA B 67 20.85 -27.85 48.87
CA ALA B 67 20.05 -28.81 48.07
C ALA B 67 18.64 -28.27 47.85
N TYR B 68 18.17 -28.29 46.61
CA TYR B 68 16.80 -27.93 46.28
C TYR B 68 16.04 -29.20 46.19
N TYR B 69 14.84 -29.25 46.80
CA TYR B 69 14.03 -30.44 46.71
C TYR B 69 12.64 -30.08 46.21
N VAL B 70 12.00 -31.07 45.60
CA VAL B 70 10.59 -31.00 45.26
C VAL B 70 10.00 -32.32 45.77
N ILE B 71 8.93 -32.22 46.57
CA ILE B 71 8.26 -33.41 47.10
C ILE B 71 6.76 -33.39 46.78
N LEU B 72 6.15 -34.57 46.82
CA LEU B 72 4.70 -34.72 46.77
C LEU B 72 4.26 -35.28 48.13
N GLU B 73 3.04 -34.94 48.54
CA GLU B 73 2.46 -35.50 49.76
C GLU B 73 1.13 -36.14 49.38
N ALA B 74 0.92 -37.37 49.84
CA ALA B 74 -0.30 -38.12 49.56
C ALA B 74 -1.50 -37.31 50.03
N GLY B 75 -2.51 -37.19 49.17
CA GLY B 75 -3.73 -36.48 49.51
C GLY B 75 -3.66 -34.96 49.42
N LYS B 76 -2.50 -34.45 48.99
CA LYS B 76 -2.31 -33.00 48.81
CA LYS B 76 -2.32 -33.00 48.80
C LYS B 76 -2.05 -32.65 47.34
N PRO B 77 -2.67 -31.57 46.84
CA PRO B 77 -2.44 -31.25 45.43
C PRO B 77 -1.10 -30.58 45.19
N GLY B 78 -0.57 -30.76 43.98
CA GLY B 78 0.65 -30.05 43.56
C GLY B 78 1.86 -30.58 44.28
N VAL B 79 2.73 -29.68 44.71
CA VAL B 79 4.04 -30.07 45.24
C VAL B 79 4.43 -29.15 46.37
N LYS B 80 5.49 -29.55 47.10
CA LYS B 80 6.17 -28.65 48.03
C LYS B 80 7.60 -28.58 47.58
N GLU B 81 8.22 -27.41 47.70
CA GLU B 81 9.61 -27.27 47.28
C GLU B 81 10.36 -26.47 48.32
N GLY B 82 11.68 -26.55 48.30
CA GLY B 82 12.45 -25.82 49.30
C GLY B 82 13.93 -26.06 49.19
N LEU B 83 14.66 -25.54 50.18
CA LEU B 83 16.10 -25.64 50.21
C LEU B 83 16.55 -26.24 51.52
N VAL B 84 17.55 -27.10 51.44
CA VAL B 84 18.22 -27.66 52.62
C VAL B 84 19.65 -27.12 52.68
N ASP B 85 20.01 -26.55 53.83
CA ASP B 85 21.41 -26.20 54.11
C ASP B 85 22.08 -27.49 54.57
N LEU B 86 23.00 -28.01 53.77
CA LEU B 86 23.59 -29.31 54.07
C LEU B 86 24.50 -29.30 55.28
N ALA B 87 25.17 -28.18 55.52
CA ALA B 87 26.11 -28.06 56.64
C ALA B 87 25.41 -28.16 57.99
N SER B 88 24.19 -27.62 58.08
CA SER B 88 23.43 -27.64 59.33
C SER B 88 22.29 -28.66 59.33
N LEU B 89 22.18 -29.40 58.22
CA LEU B 89 21.11 -30.39 58.06
C LEU B 89 19.78 -29.79 58.45
N SER B 90 19.46 -28.65 57.83
CA SER B 90 18.19 -27.99 58.13
C SER B 90 17.50 -27.46 56.87
N VAL B 91 16.18 -27.47 56.91
CA VAL B 91 15.38 -26.84 55.85
C VAL B 91 15.40 -25.34 56.13
N ILE B 92 15.79 -24.54 55.13
CA ILE B 92 15.92 -23.09 55.35
C ILE B 92 14.92 -22.26 54.55
N GLU B 93 14.19 -22.92 53.66
CA GLU B 93 13.23 -22.26 52.81
C GLU B 93 12.23 -23.33 52.37
N THR B 94 10.95 -22.99 52.39
CA THR B 94 9.95 -23.97 51.98
C THR B 94 8.74 -23.26 51.42
N ARG B 95 8.06 -23.88 50.46
CA ARG B 95 6.73 -23.41 50.06
C ARG B 95 5.93 -24.49 49.37
N ALA B 96 4.61 -24.34 49.51
CA ALA B 96 3.67 -25.24 48.90
C ALA B 96 3.15 -24.59 47.63
N LEU B 97 3.16 -25.36 46.55
CA LEU B 97 2.70 -24.90 45.24
C LEU B 97 1.58 -25.83 44.83
N GLU B 98 0.35 -25.46 45.17
CA GLU B 98 -0.78 -26.40 45.02
C GLU B 98 -1.27 -26.55 43.59
N THR B 99 -0.80 -25.68 42.70
CA THR B 99 -1.37 -25.60 41.34
C THR B 99 -0.33 -25.81 40.25
N VAL B 100 0.72 -26.57 40.54
CA VAL B 100 1.70 -26.95 39.51
C VAL B 100 1.90 -28.44 39.59
N GLN B 101 2.53 -28.99 38.55
CA GLN B 101 2.92 -30.41 38.54
C GLN B 101 4.39 -30.50 38.11
N PRO B 102 5.13 -31.46 38.67
CA PRO B 102 6.56 -31.51 38.44
C PRO B 102 7.02 -32.52 37.38
N ILE B 103 8.29 -32.42 37.02
CA ILE B 103 8.98 -33.32 36.11
C ILE B 103 8.68 -34.81 36.41
N LEU B 104 8.50 -35.59 35.35
CA LEU B 104 8.27 -37.04 35.48
C LEU B 104 9.59 -37.82 35.45
N THR B 105 9.80 -38.64 36.47
CA THR B 105 11.02 -39.41 36.63
C THR B 105 10.89 -40.78 35.93
N VAL B 106 12.01 -41.50 35.82
CA VAL B 106 12.00 -42.83 35.22
C VAL B 106 11.01 -43.75 35.96
N GLU B 107 11.00 -43.68 37.29
CA GLU B 107 10.04 -44.41 38.10
C GLU B 107 8.60 -44.10 37.69
N ASP B 108 8.31 -42.81 37.45
CA ASP B 108 6.99 -42.38 36.99
C ASP B 108 6.64 -42.94 35.60
N LEU B 109 7.60 -42.96 34.70
CA LEU B 109 7.34 -43.55 33.38
C LEU B 109 7.08 -45.06 33.45
N CYS B 110 7.79 -45.77 34.33
CA CYS B 110 7.66 -47.23 34.41
C CYS B 110 6.36 -47.72 35.09
N SER B 111 5.74 -46.85 35.87
CA SER B 111 4.60 -47.25 36.70
C SER B 111 3.26 -47.39 35.95
N THR B 112 3.16 -46.75 34.78
CA THR B 112 1.89 -46.63 34.10
C THR B 112 1.37 -47.90 33.44
N GLU B 113 2.29 -48.72 32.92
CA GLU B 113 1.85 -49.94 32.23
C GLU B 113 1.04 -50.87 33.09
N GLU B 114 1.49 -51.09 34.32
CA GLU B 114 0.73 -51.93 35.25
C GLU B 114 -0.67 -51.38 35.48
N VAL B 115 -0.79 -50.05 35.54
CA VAL B 115 -2.07 -49.42 35.77
C VAL B 115 -3.04 -49.67 34.60
N ILE B 116 -2.57 -49.42 33.37
CA ILE B 116 -3.47 -49.56 32.23
C ILE B 116 -3.81 -51.01 31.89
N ARG B 117 -2.87 -51.93 32.10
CA ARG B 117 -3.10 -53.35 31.83
C ARG B 117 -4.19 -53.94 32.71
N ASN B 118 -4.38 -53.34 33.88
CA ASN B 118 -5.35 -53.87 34.85
C ASN B 118 -6.63 -53.05 34.96
N ASP B 119 -6.77 -52.02 34.13
CA ASP B 119 -7.95 -51.20 34.17
C ASP B 119 -9.03 -51.78 33.28
N PRO B 120 -10.22 -52.07 33.86
CA PRO B 120 -11.31 -52.64 33.06
C PRO B 120 -11.68 -51.86 31.79
N ALA B 121 -11.71 -50.53 31.86
CA ALA B 121 -12.09 -49.74 30.69
C ALA B 121 -11.03 -49.83 29.59
N VAL B 122 -9.77 -49.89 29.98
CA VAL B 122 -8.70 -50.01 29.01
C VAL B 122 -8.72 -51.40 28.37
N ILE B 123 -8.96 -52.42 29.19
CA ILE B 123 -9.04 -53.78 28.67
C ILE B 123 -10.15 -53.86 27.63
N GLU B 124 -11.30 -53.26 27.94
CA GLU B 124 -12.42 -53.20 26.99
C GLU B 124 -12.03 -52.57 25.65
N GLN B 125 -11.28 -51.46 25.70
CA GLN B 125 -10.82 -50.82 24.48
C GLN B 125 -9.80 -51.65 23.69
N CYS B 126 -9.01 -52.46 24.39
CA CYS B 126 -8.07 -53.35 23.73
C CYS B 126 -8.84 -54.43 22.98
N VAL B 127 -9.86 -54.98 23.64
CA VAL B 127 -10.68 -56.04 23.01
C VAL B 127 -11.39 -55.50 21.77
N LEU B 128 -11.97 -54.30 21.88
CA LEU B 128 -12.59 -53.61 20.76
C LEU B 128 -11.61 -53.37 19.61
N SER B 129 -10.34 -53.22 19.96
CA SER B 129 -9.28 -52.98 19.00
C SER B 129 -8.67 -54.26 18.42
N GLY B 130 -9.19 -55.42 18.85
CA GLY B 130 -8.75 -56.69 18.28
C GLY B 130 -7.73 -57.46 19.10
N ILE B 131 -7.50 -57.04 20.35
CA ILE B 131 -6.57 -57.72 21.24
C ILE B 131 -7.37 -58.39 22.36
N PRO B 132 -7.27 -59.73 22.47
CA PRO B 132 -8.05 -60.42 23.49
C PRO B 132 -7.71 -60.00 24.91
N ALA B 133 -8.70 -60.06 25.79
CA ALA B 133 -8.56 -59.68 27.20
C ALA B 133 -7.42 -60.40 27.92
N ASN B 134 -7.12 -61.64 27.52
CA ASN B 134 -6.05 -62.41 28.15
C ASN B 134 -4.65 -62.13 27.58
N GLU B 135 -4.55 -61.12 26.71
CA GLU B 135 -3.28 -60.75 26.07
CA GLU B 135 -3.27 -60.78 26.10
C GLU B 135 -2.80 -59.36 26.47
N MET B 136 -3.25 -58.88 27.64
CA MET B 136 -2.86 -57.53 28.09
C MET B 136 -1.37 -57.36 28.35
N HIS B 137 -0.68 -58.48 28.60
CA HIS B 137 0.77 -58.46 28.77
C HIS B 137 1.48 -58.04 27.47
N LYS B 138 0.74 -58.01 26.37
CA LYS B 138 1.28 -57.63 25.06
C LYS B 138 1.01 -56.15 24.74
N VAL B 139 0.30 -55.48 25.65
CA VAL B 139 -0.04 -54.06 25.46
C VAL B 139 0.99 -53.22 26.21
N TYR B 140 1.55 -52.23 25.52
CA TYR B 140 2.55 -51.37 26.12
C TYR B 140 2.11 -49.93 25.95
N CYS B 141 2.71 -49.03 26.74
CA CYS B 141 2.45 -47.61 26.52
C CYS B 141 3.67 -46.76 26.83
N ASP B 142 3.81 -45.68 26.08
CA ASP B 142 4.72 -44.60 26.44
C ASP B 142 3.89 -43.56 27.21
N PRO B 143 4.12 -43.44 28.52
CA PRO B 143 3.23 -42.63 29.34
C PRO B 143 3.72 -41.17 29.47
N TRP B 144 3.53 -40.41 28.41
CA TRP B 144 3.95 -39.03 28.36
C TRP B 144 3.23 -38.25 29.44
N THR B 145 3.79 -37.11 29.87
CA THR B 145 2.90 -36.20 30.58
C THR B 145 1.72 -35.90 29.66
N ILE B 146 0.58 -35.60 30.25
CA ILE B 146 -0.56 -35.17 29.46
C ILE B 146 -0.23 -33.88 28.69
N GLY B 147 0.82 -33.18 29.14
CA GLY B 147 1.29 -31.96 28.48
C GLY B 147 0.42 -30.81 28.96
N TYR B 148 -0.73 -30.62 28.33
CA TYR B 148 -1.76 -29.76 28.88
C TYR B 148 -3.09 -30.22 28.32
N ASP B 149 -4.06 -30.42 29.21
CA ASP B 149 -5.43 -30.72 28.82
C ASP B 149 -6.37 -29.85 29.64
N GLU B 150 -7.13 -29.03 28.93
CA GLU B 150 -7.97 -28.02 29.53
C GLU B 150 -9.13 -28.60 30.33
N ARG B 151 -9.35 -29.91 30.23
CA ARG B 151 -10.35 -30.57 31.05
C ARG B 151 -9.92 -30.73 32.53
N TRP B 152 -8.61 -30.77 32.78
CA TRP B 152 -8.14 -31.02 34.14
C TRP B 152 -7.14 -30.00 34.67
N GLY B 153 -6.54 -29.20 33.77
CA GLY B 153 -5.55 -28.23 34.22
C GLY B 153 -4.42 -28.92 34.98
N THR B 154 -4.05 -28.34 36.13
CA THR B 154 -3.07 -28.96 37.04
C THR B 154 -3.74 -29.59 38.27
N GLY B 155 -5.06 -29.78 38.23
CA GLY B 155 -5.81 -30.25 39.40
C GLY B 155 -5.52 -31.69 39.82
N LYS B 156 -5.01 -32.47 38.88
CA LYS B 156 -4.57 -33.85 39.12
C LYS B 156 -3.23 -33.99 38.38
N ARG B 157 -2.36 -34.88 38.84
CA ARG B 157 -1.11 -35.15 38.14
C ARG B 157 -1.41 -36.20 37.09
N LEU B 158 -1.22 -35.86 35.82
CA LEU B 158 -1.71 -36.75 34.76
C LEU B 158 -0.68 -37.14 33.72
N GLN B 159 -0.81 -38.39 33.24
CA GLN B 159 -0.08 -38.85 32.08
C GLN B 159 -1.08 -39.29 31.02
N GLN B 160 -0.65 -39.25 29.76
CA GLN B 160 -1.43 -39.81 28.67
C GLN B 160 -0.67 -41.02 28.19
N ALA B 161 -1.34 -42.17 28.16
CA ALA B 161 -0.68 -43.41 27.79
C ALA B 161 -0.81 -43.62 26.28
N LEU B 162 0.26 -43.39 25.54
CA LEU B 162 0.25 -43.65 24.11
C LEU B 162 0.46 -45.15 23.93
N VAL B 163 -0.59 -45.84 23.47
CA VAL B 163 -0.67 -47.30 23.52
CA VAL B 163 -0.62 -47.29 23.54
C VAL B 163 -0.17 -48.00 22.25
N TYR B 164 0.57 -49.09 22.44
CA TYR B 164 1.12 -49.88 21.36
C TYR B 164 1.00 -51.36 21.70
N TYR B 165 1.19 -52.20 20.69
CA TYR B 165 1.07 -53.66 20.84
C TYR B 165 2.37 -54.33 20.39
N ARG B 166 2.81 -55.31 21.16
CA ARG B 166 3.93 -56.17 20.76
C ARG B 166 3.43 -57.59 20.62
N SER B 167 3.72 -58.21 19.48
CA SER B 167 3.39 -59.64 19.30
C SER B 167 4.36 -60.52 20.09
N ASP B 168 5.55 -59.98 20.35
CA ASP B 168 6.60 -60.65 21.10
C ASP B 168 7.37 -59.57 21.84
N GLU B 169 7.88 -59.86 23.03
CA GLU B 169 8.51 -58.84 23.88
C GLU B 169 9.70 -58.14 23.18
N ASP B 170 10.32 -58.83 22.23
CA ASP B 170 11.49 -58.30 21.53
C ASP B 170 11.14 -57.43 20.33
N ASP B 171 9.85 -57.35 20.01
CA ASP B 171 9.39 -56.45 18.93
C ASP B 171 9.66 -55.00 19.26
N SER B 172 9.83 -54.19 18.22
CA SER B 172 9.69 -52.76 18.35
C SER B 172 8.21 -52.42 18.14
N GLN B 173 7.61 -51.82 19.16
CA GLN B 173 6.15 -51.71 19.22
C GLN B 173 5.57 -50.67 18.26
N TYR B 174 6.43 -49.82 17.71
CA TYR B 174 5.96 -48.60 17.04
C TYR B 174 5.29 -48.80 15.70
N SER B 175 5.35 -50.02 15.16
CA SER B 175 4.59 -50.35 13.95
C SER B 175 3.13 -50.65 14.28
N HIS B 176 2.83 -50.78 15.57
CA HIS B 176 1.50 -51.22 16.01
C HIS B 176 0.88 -50.34 17.11
N PRO B 177 0.73 -49.03 16.83
CA PRO B 177 -0.02 -48.17 17.74
C PRO B 177 -1.50 -48.58 17.79
N LEU B 178 -2.13 -48.35 18.93
CA LEU B 178 -3.58 -48.48 19.04
C LEU B 178 -4.25 -47.11 18.90
N ASP B 179 -5.58 -47.10 18.76
CA ASP B 179 -6.28 -45.86 18.38
C ASP B 179 -6.73 -44.92 19.50
N PHE B 180 -6.66 -45.39 20.73
CA PHE B 180 -7.22 -44.68 21.88
C PHE B 180 -6.11 -44.27 22.86
N CYS B 181 -6.45 -43.35 23.76
CA CYS B 181 -5.47 -42.76 24.64
C CYS B 181 -6.01 -42.69 26.09
N PRO B 182 -5.62 -43.65 26.94
CA PRO B 182 -5.99 -43.57 28.35
C PRO B 182 -5.31 -42.38 29.05
N ILE B 183 -6.05 -41.75 29.95
CA ILE B 183 -5.53 -40.66 30.79
C ILE B 183 -5.40 -41.23 32.19
N VAL B 184 -4.20 -41.14 32.76
CA VAL B 184 -3.86 -41.79 34.04
C VAL B 184 -3.47 -40.78 35.12
N ASP B 185 -4.06 -40.93 36.32
CA ASP B 185 -3.66 -40.11 37.48
C ASP B 185 -2.43 -40.77 38.06
N THR B 186 -1.30 -40.09 37.92
CA THR B 186 0.03 -40.59 38.24
C THR B 186 0.13 -40.99 39.72
N GLU B 187 -0.48 -40.18 40.56
CA GLU B 187 -0.37 -40.38 42.00
C GLU B 187 -1.43 -41.33 42.57
N GLU B 188 -2.62 -41.34 41.98
CA GLU B 188 -3.67 -42.25 42.43
C GLU B 188 -3.57 -43.63 41.79
N LYS B 189 -2.74 -43.74 40.75
CA LYS B 189 -2.53 -44.97 39.99
C LYS B 189 -3.83 -45.53 39.42
N LYS B 190 -4.59 -44.65 38.77
CA LYS B 190 -5.84 -45.07 38.18
C LYS B 190 -6.11 -44.34 36.86
N VAL B 191 -6.79 -45.04 35.95
CA VAL B 191 -7.26 -44.44 34.71
C VAL B 191 -8.50 -43.61 35.02
N ILE B 192 -8.47 -42.33 34.66
CA ILE B 192 -9.60 -41.43 34.91
C ILE B 192 -10.48 -41.13 33.68
N PHE B 193 -9.95 -41.40 32.49
CA PHE B 193 -10.62 -41.13 31.24
C PHE B 193 -9.93 -41.86 30.09
N ILE B 194 -10.68 -42.13 29.01
CA ILE B 194 -10.05 -42.58 27.78
C ILE B 194 -10.56 -41.79 26.58
N ASP B 195 -9.63 -41.14 25.88
CA ASP B 195 -9.92 -40.48 24.62
C ASP B 195 -10.11 -41.56 23.55
N ILE B 196 -11.32 -41.64 23.02
CA ILE B 196 -11.65 -42.64 22.00
C ILE B 196 -12.02 -41.90 20.70
N PRO B 197 -11.41 -42.28 19.56
CA PRO B 197 -11.68 -41.52 18.34
C PRO B 197 -13.05 -41.82 17.74
N ASN B 198 -13.58 -40.89 16.95
CA ASN B 198 -14.87 -41.08 16.29
C ASN B 198 -14.85 -42.23 15.29
N ARG B 199 -13.76 -42.37 14.55
CA ARG B 199 -13.58 -43.53 13.68
C ARG B 199 -12.60 -44.49 14.31
N ARG B 200 -13.07 -45.69 14.63
CA ARG B 200 -12.22 -46.70 15.25
C ARG B 200 -11.30 -47.35 14.23
N ARG B 201 -10.10 -47.69 14.67
CA ARG B 201 -9.14 -48.41 13.84
C ARG B 201 -8.54 -49.54 14.67
N LYS B 202 -8.81 -50.77 14.26
CA LYS B 202 -8.31 -51.92 14.98
C LYS B 202 -6.82 -52.13 14.74
N VAL B 203 -6.18 -52.89 15.63
CA VAL B 203 -4.73 -53.12 15.59
C VAL B 203 -4.27 -53.67 14.22
N SER B 204 -3.13 -53.18 13.74
CA SER B 204 -2.55 -53.72 12.51
C SER B 204 -2.30 -55.23 12.55
N LYS B 205 -2.62 -55.89 11.44
CA LYS B 205 -2.38 -57.33 11.30
C LYS B 205 -1.02 -57.61 10.64
N HIS B 206 -0.30 -56.55 10.27
CA HIS B 206 1.01 -56.72 9.62
C HIS B 206 2.07 -57.21 10.59
N LYS B 207 3.14 -57.78 10.05
CA LYS B 207 4.29 -58.10 10.86
C LYS B 207 4.84 -56.82 11.48
N HIS B 208 5.46 -56.94 12.65
CA HIS B 208 6.14 -55.80 13.27
C HIS B 208 7.33 -55.38 12.44
N ALA B 209 7.61 -54.08 12.41
CA ALA B 209 8.77 -53.58 11.67
C ALA B 209 9.96 -53.59 12.63
N ASN B 210 10.79 -54.62 12.53
CA ASN B 210 11.82 -54.86 13.53
C ASN B 210 13.24 -54.56 13.03
N PHE B 211 14.19 -54.43 13.95
CA PHE B 211 15.53 -53.97 13.59
C PHE B 211 16.74 -54.64 14.25
N TYR B 212 16.53 -55.63 15.12
CA TYR B 212 17.65 -56.42 15.65
C TYR B 212 18.19 -57.39 14.59
N PRO B 213 19.49 -57.76 14.68
CA PRO B 213 20.02 -58.72 13.71
C PRO B 213 19.15 -59.95 13.42
N LYS B 214 18.57 -60.57 14.45
CA LYS B 214 17.77 -61.77 14.19
C LYS B 214 16.58 -61.48 13.28
N HIS B 215 16.01 -60.27 13.42
CA HIS B 215 14.90 -59.81 12.61
C HIS B 215 15.34 -59.49 11.18
N MET B 216 16.49 -58.86 11.06
CA MET B 216 17.04 -58.45 9.78
C MET B 216 17.42 -59.67 8.92
N ILE B 217 17.96 -60.69 9.56
CA ILE B 217 18.25 -61.95 8.87
C ILE B 217 16.99 -62.53 8.22
N GLU B 218 15.86 -62.47 8.94
CA GLU B 218 14.59 -62.94 8.39
C GLU B 218 14.08 -62.05 7.26
N LYS B 219 14.31 -60.74 7.40
CA LYS B 219 13.75 -59.75 6.49
C LYS B 219 14.56 -59.62 5.21
N VAL B 220 15.88 -59.54 5.32
CA VAL B 220 16.72 -59.30 4.14
C VAL B 220 17.63 -60.47 3.75
N GLY B 221 17.61 -61.55 4.53
CA GLY B 221 18.38 -62.75 4.20
C GLY B 221 19.61 -62.97 5.06
N ALA B 222 20.34 -61.89 5.36
CA ALA B 222 21.60 -61.97 6.09
C ALA B 222 22.06 -60.58 6.48
N MET B 223 22.82 -60.50 7.57
CA MET B 223 23.54 -59.28 7.94
C MET B 223 24.73 -59.09 7.00
N ARG B 224 25.19 -57.85 6.84
CA ARG B 224 26.45 -57.60 6.16
C ARG B 224 27.56 -58.24 6.97
N PRO B 225 28.62 -58.74 6.29
CA PRO B 225 29.78 -59.21 7.05
C PRO B 225 30.31 -58.11 7.96
N GLU B 226 30.94 -58.48 9.08
CA GLU B 226 31.56 -57.49 9.95
C GLU B 226 32.65 -56.77 9.15
N ALA B 227 32.60 -55.44 9.12
CA ALA B 227 33.60 -54.67 8.41
C ALA B 227 34.96 -54.76 9.12
N PRO B 228 36.06 -54.55 8.38
CA PRO B 228 37.38 -54.52 9.01
C PRO B 228 37.43 -53.37 10.00
N PRO B 229 38.06 -53.58 11.17
CA PRO B 229 38.05 -52.57 12.22
C PRO B 229 38.85 -51.32 11.87
N ILE B 230 38.41 -50.19 12.39
CA ILE B 230 39.17 -48.96 12.42
C ILE B 230 39.51 -48.76 13.89
N ASN B 231 40.79 -48.90 14.24
CA ASN B 231 41.21 -48.82 15.65
C ASN B 231 41.77 -47.46 16.03
N VAL B 232 41.33 -46.94 17.17
CA VAL B 232 41.81 -45.66 17.68
C VAL B 232 42.51 -45.86 19.02
N THR B 233 43.79 -45.49 19.06
CA THR B 233 44.60 -45.68 20.25
C THR B 233 45.34 -44.41 20.63
N GLN B 234 45.55 -44.22 21.93
CA GLN B 234 46.36 -43.15 22.46
C GLN B 234 47.38 -43.77 23.40
N PRO B 235 48.43 -44.42 22.84
CA PRO B 235 49.39 -45.18 23.63
C PRO B 235 50.16 -44.40 24.69
N GLU B 236 50.25 -43.08 24.54
CA GLU B 236 50.94 -42.23 25.51
C GLU B 236 49.96 -41.41 26.36
N GLY B 237 48.69 -41.82 26.36
CA GLY B 237 47.65 -41.13 27.10
C GLY B 237 47.06 -39.92 26.40
N VAL B 238 46.31 -39.13 27.16
CA VAL B 238 45.57 -38.00 26.62
C VAL B 238 46.22 -36.68 27.00
N SER B 239 45.86 -35.62 26.28
CA SER B 239 46.44 -34.30 26.54
C SER B 239 45.63 -33.50 27.56
N PHE B 240 44.41 -33.93 27.85
CA PHE B 240 43.61 -33.20 28.83
C PHE B 240 43.89 -33.67 30.26
N LYS B 241 43.58 -32.80 31.21
CA LYS B 241 43.82 -33.07 32.61
C LYS B 241 42.55 -32.70 33.36
N MET B 242 42.05 -33.66 34.14
CA MET B 242 40.89 -33.42 34.98
C MET B 242 41.30 -33.40 36.44
N THR B 243 40.84 -32.38 37.15
CA THR B 243 41.03 -32.25 38.59
C THR B 243 39.63 -32.24 39.16
N GLY B 244 39.19 -33.40 39.64
CA GLY B 244 37.79 -33.63 39.97
C GLY B 244 36.96 -33.43 38.71
N ASN B 245 36.04 -32.47 38.75
CA ASN B 245 35.21 -32.13 37.60
C ASN B 245 35.75 -30.98 36.77
N VAL B 246 36.94 -30.46 37.09
CA VAL B 246 37.52 -29.34 36.37
C VAL B 246 38.43 -29.85 35.27
N MET B 247 38.14 -29.40 34.05
CA MET B 247 38.86 -29.80 32.86
C MET B 247 39.86 -28.74 32.45
N GLU B 248 41.06 -29.17 32.06
CA GLU B 248 42.05 -28.32 31.42
C GLU B 248 42.47 -28.99 30.12
N TRP B 249 42.31 -28.29 29.01
CA TRP B 249 42.65 -28.84 27.70
C TRP B 249 42.87 -27.69 26.74
N SER B 250 44.02 -27.69 26.06
CA SER B 250 44.33 -26.71 25.01
C SER B 250 44.01 -25.27 25.43
N ASN B 251 44.44 -24.92 26.64
CA ASN B 251 44.27 -23.59 27.22
C ASN B 251 42.87 -23.30 27.77
N PHE B 252 41.89 -24.14 27.42
CA PHE B 252 40.57 -24.01 28.05
C PHE B 252 40.60 -24.56 29.46
N LYS B 253 39.84 -23.93 30.34
CA LYS B 253 39.58 -24.52 31.64
C LYS B 253 38.11 -24.29 31.94
N PHE B 254 37.47 -25.32 32.48
CA PHE B 254 36.05 -25.22 32.81
C PHE B 254 35.63 -26.32 33.75
N HIS B 255 34.46 -26.13 34.37
CA HIS B 255 33.90 -27.12 35.29
C HIS B 255 32.78 -27.86 34.57
N ILE B 256 32.86 -29.20 34.62
CA ILE B 256 31.85 -30.07 34.03
C ILE B 256 30.85 -30.47 35.11
N GLY B 257 29.64 -29.91 35.03
CA GLY B 257 28.59 -30.23 35.98
C GLY B 257 27.53 -31.08 35.30
N PHE B 258 26.55 -31.52 36.08
CA PHE B 258 25.47 -32.38 35.56
C PHE B 258 24.29 -32.25 36.49
N ASN B 259 23.07 -32.20 35.94
CA ASN B 259 21.91 -32.33 36.80
C ASN B 259 20.78 -33.06 36.13
N TYR B 260 19.73 -33.30 36.91
CA TYR B 260 18.61 -34.15 36.49
C TYR B 260 17.90 -33.62 35.27
N ARG B 261 18.05 -32.33 35.00
CA ARG B 261 17.15 -31.64 34.07
C ARG B 261 17.88 -31.22 32.80
N GLU B 262 18.93 -30.41 32.97
CA GLU B 262 19.72 -29.95 31.84
C GLU B 262 20.70 -31.01 31.32
N GLY B 263 21.00 -32.00 32.16
CA GLY B 263 22.11 -32.90 31.85
C GLY B 263 23.40 -32.13 32.04
N ILE B 264 24.26 -32.13 31.03
CA ILE B 264 25.57 -31.48 31.14
C ILE B 264 25.45 -29.97 31.32
N VAL B 265 26.19 -29.43 32.30
CA VAL B 265 26.23 -27.98 32.51
C VAL B 265 27.70 -27.58 32.53
N LEU B 266 28.09 -26.67 31.64
CA LEU B 266 29.51 -26.25 31.59
C LEU B 266 29.64 -24.87 32.23
N SER B 267 30.53 -24.76 33.21
CA SER B 267 30.64 -23.54 33.98
C SER B 267 32.06 -23.00 34.07
N ASP B 268 32.16 -21.69 34.34
CA ASP B 268 33.45 -21.08 34.68
C ASP B 268 34.47 -21.36 33.58
N VAL B 269 34.05 -21.07 32.34
CA VAL B 269 34.84 -21.38 31.14
C VAL B 269 35.78 -20.21 30.86
N SER B 270 37.08 -20.51 30.81
CA SER B 270 38.08 -19.49 30.50
C SER B 270 39.08 -20.02 29.47
N TYR B 271 39.89 -19.11 28.93
CA TYR B 271 40.93 -19.48 27.99
C TYR B 271 42.24 -18.83 28.44
N ASN B 272 43.29 -19.63 28.53
CA ASN B 272 44.59 -19.12 28.93
C ASN B 272 45.35 -18.62 27.70
N ASP B 273 45.33 -17.29 27.54
CA ASP B 273 45.93 -16.59 26.42
C ASP B 273 47.35 -16.20 26.84
N HIS B 274 48.27 -17.14 26.67
CA HIS B 274 49.70 -16.95 27.03
C HIS B 274 49.93 -16.36 28.41
N GLY B 275 49.23 -16.91 29.39
CA GLY B 275 49.40 -16.52 30.79
C GLY B 275 48.30 -15.61 31.31
N ASN B 276 47.57 -14.98 30.39
CA ASN B 276 46.42 -14.17 30.72
C ASN B 276 45.17 -15.03 30.63
N VAL B 277 44.64 -15.44 31.79
CA VAL B 277 43.49 -16.32 31.83
C VAL B 277 42.26 -15.43 31.67
N ARG B 278 41.57 -15.62 30.55
CA ARG B 278 40.47 -14.73 30.17
C ARG B 278 39.13 -15.45 30.26
N PRO B 279 38.19 -14.92 31.07
CA PRO B 279 36.89 -15.58 31.14
C PRO B 279 36.16 -15.50 29.81
N ILE B 280 35.35 -16.52 29.52
CA ILE B 280 34.50 -16.52 28.33
C ILE B 280 33.02 -16.66 28.72
N PHE B 281 32.66 -17.76 29.38
CA PHE B 281 31.26 -17.99 29.78
C PHE B 281 31.21 -18.36 31.25
N HIS B 282 30.21 -17.85 31.96
CA HIS B 282 29.99 -18.31 33.32
C HIS B 282 29.27 -19.65 33.34
N ARG B 283 28.33 -19.85 32.41
CA ARG B 283 27.55 -21.07 32.40
C ARG B 283 26.92 -21.28 31.04
N ILE B 284 26.96 -22.49 30.55
CA ILE B 284 26.32 -22.80 29.27
C ILE B 284 25.67 -24.17 29.38
N SER B 285 24.45 -24.29 28.85
CA SER B 285 23.71 -25.55 28.96
C SER B 285 22.49 -25.48 28.05
N LEU B 286 21.82 -26.62 27.86
CA LEU B 286 20.49 -26.62 27.26
C LEU B 286 19.48 -26.49 28.39
N SER B 287 18.57 -25.51 28.27
CA SER B 287 17.69 -25.15 29.38
C SER B 287 16.24 -25.59 29.24
N GLU B 288 15.83 -25.86 28.01
CA GLU B 288 14.47 -26.36 27.75
C GLU B 288 14.42 -26.88 26.30
N MET B 289 13.40 -27.66 26.00
CA MET B 289 13.11 -28.07 24.62
C MET B 289 11.61 -28.02 24.40
N ILE B 290 11.19 -28.04 23.14
CA ILE B 290 9.81 -28.40 22.84
C ILE B 290 9.78 -29.14 21.50
N VAL B 291 8.95 -30.18 21.44
CA VAL B 291 8.91 -31.02 20.25
C VAL B 291 7.45 -31.04 19.77
N PRO B 292 7.02 -29.91 19.18
CA PRO B 292 5.59 -29.80 18.85
C PRO B 292 5.18 -30.57 17.59
N TYR B 293 4.13 -31.39 17.72
CA TYR B 293 3.58 -32.12 16.59
C TYR B 293 2.61 -31.28 15.76
N GLY B 294 2.47 -31.64 14.48
CA GLY B 294 1.75 -30.82 13.54
C GLY B 294 0.44 -31.39 13.03
N SER B 295 -0.11 -32.42 13.69
CA SER B 295 -1.49 -32.85 13.36
C SER B 295 -2.49 -32.11 14.22
N PRO B 296 -3.50 -31.48 13.60
CA PRO B 296 -4.47 -30.74 14.41
C PRO B 296 -5.55 -31.63 15.03
N GLU B 297 -5.56 -32.91 14.67
CA GLU B 297 -6.66 -33.79 15.09
C GLU B 297 -6.52 -34.17 16.55
N PHE B 298 -7.66 -34.26 17.24
CA PHE B 298 -7.68 -34.53 18.66
C PHE B 298 -7.31 -36.00 18.88
N PRO B 299 -6.53 -36.32 19.94
CA PRO B 299 -5.89 -35.49 20.97
C PRO B 299 -4.45 -35.17 20.66
N HIS B 300 -4.07 -35.12 19.39
CA HIS B 300 -2.67 -34.98 19.06
C HIS B 300 -2.09 -33.61 19.37
N GLN B 301 -2.94 -32.63 19.68
CA GLN B 301 -2.43 -31.34 20.14
C GLN B 301 -1.63 -31.49 21.43
N ARG B 302 -1.85 -32.59 22.15
CA ARG B 302 -1.15 -32.80 23.42
C ARG B 302 0.24 -33.40 23.23
N LYS B 303 0.67 -33.55 21.97
CA LYS B 303 2.02 -34.01 21.70
C LYS B 303 2.88 -32.78 21.42
N HIS B 304 3.54 -32.30 22.47
CA HIS B 304 4.49 -31.19 22.34
C HIS B 304 5.42 -31.23 23.54
N ALA B 305 6.13 -32.34 23.67
CA ALA B 305 6.94 -32.60 24.86
C ALA B 305 7.97 -31.52 25.05
N LEU B 306 8.03 -30.97 26.26
CA LEU B 306 9.18 -30.15 26.63
C LEU B 306 10.11 -31.10 27.38
N ASP B 307 10.95 -31.81 26.64
CA ASP B 307 11.64 -32.99 27.17
C ASP B 307 12.50 -32.68 28.38
N ILE B 308 13.16 -31.53 28.35
CA ILE B 308 14.05 -31.17 29.44
C ILE B 308 13.22 -30.89 30.71
N GLY B 309 12.20 -30.04 30.59
CA GLY B 309 11.40 -29.64 31.76
C GLY B 309 10.41 -30.69 32.23
N GLU B 310 10.05 -31.61 31.33
CA GLU B 310 9.01 -32.61 31.65
C GLU B 310 9.52 -34.00 31.99
N TYR B 311 10.75 -34.33 31.56
CA TYR B 311 11.38 -35.64 31.84
C TYR B 311 12.80 -35.52 32.34
N GLY B 312 13.57 -34.63 31.73
CA GLY B 312 14.93 -34.33 32.23
C GLY B 312 16.02 -35.02 31.44
N ALA B 313 16.95 -34.24 30.90
CA ALA B 313 18.08 -34.79 30.15
C ALA B 313 19.04 -35.55 31.05
N GLY B 314 18.92 -35.32 32.35
CA GLY B 314 19.70 -36.09 33.35
C GLY B 314 18.96 -37.37 33.71
N TYR B 315 17.74 -37.25 34.19
CA TYR B 315 16.96 -38.42 34.55
C TYR B 315 16.90 -39.43 33.40
N MET B 316 16.86 -38.94 32.16
CA MET B 316 16.66 -39.86 31.04
CA MET B 316 16.66 -39.80 30.99
C MET B 316 17.97 -40.28 30.38
N THR B 317 19.09 -39.90 30.99
CA THR B 317 20.38 -40.15 30.36
C THR B 317 20.74 -41.64 30.36
N ASN B 318 21.39 -42.07 29.28
CA ASN B 318 21.79 -43.47 29.10
C ASN B 318 23.11 -43.76 29.81
N PRO B 319 23.21 -44.92 30.46
CA PRO B 319 24.54 -45.36 30.86
C PRO B 319 25.28 -45.79 29.59
N LEU B 320 26.38 -45.12 29.30
CA LEU B 320 27.10 -45.30 28.02
C LEU B 320 27.94 -46.57 28.05
N SER B 321 27.69 -47.49 27.12
CA SER B 321 28.37 -48.79 27.14
C SER B 321 29.79 -48.65 26.64
N LEU B 322 30.72 -49.24 27.39
CA LEU B 322 32.15 -49.06 27.16
C LEU B 322 32.59 -49.53 25.78
N GLY B 323 33.38 -48.70 25.10
CA GLY B 323 33.89 -49.01 23.76
C GLY B 323 32.86 -48.98 22.64
N CYS B 324 31.60 -48.70 22.97
CA CYS B 324 30.53 -48.72 21.97
C CYS B 324 29.95 -47.33 21.64
N ASP B 325 29.31 -46.68 22.61
CA ASP B 325 28.80 -45.33 22.39
C ASP B 325 29.92 -44.35 22.13
N CYS B 326 31.02 -44.52 22.85
CA CYS B 326 32.17 -43.63 22.74
C CYS B 326 33.41 -44.45 22.45
N LYS B 327 34.09 -44.09 21.37
CA LYS B 327 35.24 -44.82 20.89
C LYS B 327 36.53 -44.11 21.28
N GLY B 328 37.52 -44.88 21.72
CA GLY B 328 38.81 -44.31 22.10
C GLY B 328 39.06 -44.37 23.59
N VAL B 329 39.97 -43.53 24.06
CA VAL B 329 40.32 -43.44 25.47
C VAL B 329 39.37 -42.45 26.15
N ILE B 330 38.56 -42.96 27.05
CA ILE B 330 37.46 -42.18 27.64
C ILE B 330 37.59 -41.97 29.15
N HIS B 331 37.21 -40.78 29.60
CA HIS B 331 37.01 -40.47 31.01
C HIS B 331 35.50 -40.37 31.22
N TYR B 332 34.96 -41.17 32.14
CA TYR B 332 33.51 -41.17 32.36
C TYR B 332 33.16 -40.49 33.66
N LEU B 333 31.97 -39.89 33.71
CA LEU B 333 31.40 -39.42 34.96
C LEU B 333 30.07 -40.12 35.22
N ASP B 334 29.77 -40.39 36.50
CA ASP B 334 28.49 -40.95 36.91
C ASP B 334 27.55 -39.82 37.32
N ALA B 335 26.25 -40.07 37.20
CA ALA B 335 25.21 -39.14 37.61
C ALA B 335 24.53 -39.71 38.84
N HIS B 336 24.15 -38.83 39.77
CA HIS B 336 23.46 -39.24 41.01
C HIS B 336 22.21 -38.40 41.23
N PHE B 337 21.10 -39.09 41.49
CA PHE B 337 19.81 -38.46 41.73
C PHE B 337 19.14 -39.07 42.97
N SER B 338 17.94 -38.62 43.30
CA SER B 338 17.14 -39.29 44.31
C SER B 338 15.98 -40.03 43.67
N ASP B 339 15.64 -41.20 44.21
CA ASP B 339 14.38 -41.86 43.81
C ASP B 339 13.22 -41.39 44.71
N ARG B 340 12.02 -41.93 44.49
CA ARG B 340 10.85 -41.44 45.22
CA ARG B 340 10.82 -41.51 45.20
C ARG B 340 10.94 -41.66 46.73
N ALA B 341 11.65 -42.69 47.15
CA ALA B 341 11.85 -43.00 48.56
C ALA B 341 12.91 -42.11 49.24
N GLY B 342 13.61 -41.30 48.44
CA GLY B 342 14.64 -40.45 48.99
C GLY B 342 16.00 -41.14 49.07
N ASP B 343 16.12 -42.28 48.38
CA ASP B 343 17.40 -42.98 48.30
C ASP B 343 18.17 -42.58 47.05
N PRO B 344 19.50 -42.40 47.16
CA PRO B 344 20.29 -42.05 45.97
C PRO B 344 20.28 -43.13 44.91
N ILE B 345 20.17 -42.72 43.65
CA ILE B 345 20.33 -43.65 42.55
C ILE B 345 21.46 -43.16 41.66
N THR B 346 22.08 -44.10 40.96
CA THR B 346 23.26 -43.78 40.15
C THR B 346 23.00 -44.20 38.72
N VAL B 347 23.36 -43.33 37.78
CA VAL B 347 23.50 -43.74 36.38
C VAL B 347 24.99 -43.78 36.07
N LYS B 348 25.51 -44.98 35.85
CA LYS B 348 26.92 -45.18 35.60
C LYS B 348 27.29 -44.70 34.20
N ASN B 349 28.44 -44.03 34.08
CA ASN B 349 28.95 -43.64 32.75
C ASN B 349 27.94 -42.81 31.99
N ALA B 350 27.37 -41.82 32.68
CA ALA B 350 26.38 -40.89 32.11
C ALA B 350 27.00 -39.88 31.14
N VAL B 351 28.25 -39.50 31.42
CA VAL B 351 28.98 -38.50 30.61
C VAL B 351 30.28 -39.10 30.13
N CYS B 352 30.60 -38.87 28.87
CA CYS B 352 31.86 -39.32 28.30
CA CYS B 352 31.91 -39.30 28.40
C CYS B 352 32.71 -38.12 27.92
N ILE B 353 34.00 -38.17 28.21
CA ILE B 353 34.92 -37.10 27.92
C ILE B 353 36.09 -37.70 27.20
N HIS B 354 36.39 -37.16 26.03
CA HIS B 354 37.52 -37.66 25.26
C HIS B 354 37.96 -36.66 24.22
N GLU B 355 39.17 -36.85 23.70
CA GLU B 355 39.68 -36.02 22.61
C GLU B 355 39.75 -36.84 21.33
N GLU B 356 39.49 -36.19 20.20
CA GLU B 356 39.46 -36.86 18.90
C GLU B 356 40.18 -36.01 17.88
N ASP B 357 40.71 -36.67 16.84
CA ASP B 357 41.23 -35.94 15.69
C ASP B 357 40.08 -35.21 15.02
N ASP B 358 40.32 -34.00 14.56
CA ASP B 358 39.27 -33.26 13.91
C ASP B 358 39.74 -32.72 12.56
N GLY B 359 40.53 -33.49 11.84
CA GLY B 359 41.03 -33.07 10.52
C GLY B 359 42.03 -31.94 10.60
N LEU B 360 42.00 -31.02 9.63
CA LEU B 360 42.96 -29.93 9.56
C LEU B 360 42.56 -28.71 10.36
N LEU B 361 43.52 -28.12 11.07
CA LEU B 361 43.29 -26.88 11.79
C LEU B 361 43.59 -25.67 10.90
N PHE B 362 44.72 -25.74 10.19
CA PHE B 362 45.06 -24.74 9.17
C PHE B 362 46.16 -25.27 8.28
N LYS B 363 46.27 -24.66 7.10
CA LYS B 363 47.28 -25.02 6.11
C LYS B 363 47.52 -23.84 5.17
N HIS B 364 48.78 -23.66 4.77
CA HIS B 364 49.09 -22.78 3.65
C HIS B 364 50.35 -23.21 2.95
N SER B 365 50.27 -23.22 1.61
CA SER B 365 51.42 -23.54 0.77
C SER B 365 51.62 -22.46 -0.27
N ASP B 366 52.88 -22.31 -0.67
CA ASP B 366 53.27 -21.27 -1.65
C ASP B 366 53.33 -21.83 -3.10
N PHE B 367 52.57 -21.26 -4.02
CA PHE B 367 52.56 -21.77 -5.40
C PHE B 367 53.92 -21.60 -6.09
N ARG B 368 54.76 -20.72 -5.56
CA ARG B 368 56.00 -20.34 -6.23
C ARG B 368 57.00 -21.48 -6.41
N ASP B 369 57.05 -22.38 -5.43
CA ASP B 369 57.87 -23.59 -5.55
C ASP B 369 57.03 -24.86 -5.62
N ASN B 370 55.90 -24.76 -6.32
CA ASN B 370 54.99 -25.88 -6.53
CA ASN B 370 54.95 -25.86 -6.53
C ASN B 370 54.50 -26.47 -5.21
N PHE B 371 54.28 -25.58 -4.23
CA PHE B 371 53.74 -25.97 -2.92
C PHE B 371 54.73 -26.73 -2.03
N ALA B 372 56.02 -26.65 -2.36
CA ALA B 372 57.06 -27.20 -1.50
C ALA B 372 57.18 -26.43 -0.18
N THR B 373 57.00 -25.11 -0.26
CA THR B 373 56.85 -24.30 0.94
C THR B 373 55.45 -24.56 1.45
N SER B 374 55.34 -25.12 2.65
CA SER B 374 54.07 -25.59 3.16
C SER B 374 54.07 -25.76 4.67
N LEU B 375 52.96 -25.41 5.30
CA LEU B 375 52.76 -25.70 6.72
C LEU B 375 51.37 -26.30 6.89
N VAL B 376 51.28 -27.42 7.60
CA VAL B 376 49.99 -28.04 7.88
C VAL B 376 49.94 -28.42 9.37
N THR B 377 48.86 -28.03 10.04
CA THR B 377 48.67 -28.38 11.44
C THR B 377 47.32 -29.06 11.60
N ARG B 378 47.34 -30.24 12.21
CA ARG B 378 46.11 -31.01 12.41
C ARG B 378 45.41 -30.56 13.68
N ALA B 379 44.08 -30.67 13.66
CA ALA B 379 43.22 -30.24 14.75
C ALA B 379 42.89 -31.41 15.67
N THR B 380 42.79 -31.10 16.97
CA THR B 380 42.22 -32.03 17.92
C THR B 380 41.01 -31.33 18.54
N LYS B 381 39.97 -32.11 18.82
CA LYS B 381 38.79 -31.58 19.54
C LYS B 381 38.56 -32.31 20.85
N LEU B 382 38.03 -31.59 21.84
CA LEU B 382 37.65 -32.18 23.11
C LEU B 382 36.14 -32.27 23.14
N VAL B 383 35.63 -33.47 23.44
CA VAL B 383 34.19 -33.74 23.38
C VAL B 383 33.70 -34.19 24.75
N VAL B 384 32.65 -33.54 25.24
CA VAL B 384 31.99 -33.88 26.51
C VAL B 384 30.57 -34.23 26.10
N SER B 385 30.14 -35.47 26.32
CA SER B 385 28.94 -35.99 25.65
CA SER B 385 28.91 -35.94 25.69
C SER B 385 28.02 -36.82 26.56
N GLN B 386 26.74 -36.86 26.19
CA GLN B 386 25.75 -37.70 26.84
C GLN B 386 24.72 -38.09 25.79
N ILE B 387 23.95 -39.13 26.07
CA ILE B 387 22.82 -39.51 25.22
C ILE B 387 21.64 -39.72 26.17
N PHE B 388 20.52 -39.04 25.89
CA PHE B 388 19.30 -39.30 26.66
C PHE B 388 18.16 -39.82 25.80
N THR B 389 17.29 -40.60 26.43
CA THR B 389 16.18 -41.23 25.73
C THR B 389 14.89 -40.74 26.36
N ALA B 390 14.06 -40.08 25.55
CA ALA B 390 12.72 -39.72 25.98
C ALA B 390 11.72 -40.59 25.24
N ALA B 391 11.28 -41.65 25.91
CA ALA B 391 10.41 -42.67 25.32
C ALA B 391 11.00 -43.17 24.00
N ASN B 392 10.47 -42.69 22.88
CA ASN B 392 10.90 -43.10 21.56
C ASN B 392 12.15 -42.36 21.08
N GLU B 394 15.88 -40.50 20.90
CA GLU B 394 17.30 -40.43 21.41
C GLU B 394 17.96 -39.14 20.97
N TYR B 395 18.51 -38.43 21.95
CA TYR B 395 19.24 -37.21 21.66
C TYR B 395 20.66 -37.42 22.12
N CYS B 396 21.59 -37.40 21.16
CA CYS B 396 23.02 -37.48 21.44
C CYS B 396 23.56 -36.04 21.47
N LEU B 397 24.13 -35.64 22.61
CA LEU B 397 24.54 -34.25 22.82
C LEU B 397 26.05 -34.22 22.98
N TYR B 398 26.71 -33.36 22.20
CA TYR B 398 28.17 -33.31 22.18
C TYR B 398 28.61 -31.86 22.34
N TRP B 399 29.24 -31.55 23.46
CA TRP B 399 29.82 -30.24 23.64
C TRP B 399 31.26 -30.33 23.19
N VAL B 400 31.62 -29.50 22.23
CA VAL B 400 32.91 -29.66 21.55
C VAL B 400 33.76 -28.40 21.67
N PHE B 401 34.95 -28.58 22.22
CA PHE B 401 35.91 -27.49 22.31
C PHE B 401 36.98 -27.64 21.25
N MET B 402 37.35 -26.53 20.62
CA MET B 402 38.24 -26.57 19.47
C MET B 402 39.49 -25.70 19.68
N GLN B 403 40.54 -26.01 18.93
CA GLN B 403 41.84 -25.41 19.19
C GLN B 403 41.99 -23.99 18.62
N ASP B 404 40.98 -23.52 17.88
CA ASP B 404 40.92 -22.11 17.47
C ASP B 404 40.17 -21.26 18.49
N GLY B 405 39.78 -21.88 19.59
CA GLY B 405 39.09 -21.16 20.66
C GLY B 405 37.58 -21.22 20.56
N ALA B 406 37.07 -21.84 19.49
CA ALA B 406 35.62 -21.97 19.32
C ALA B 406 35.06 -23.10 20.19
N ILE B 407 33.77 -22.99 20.48
CA ILE B 407 33.02 -24.00 21.20
C ILE B 407 31.79 -24.31 20.36
N ARG B 408 31.51 -25.61 20.17
CA ARG B 408 30.43 -26.05 19.30
C ARG B 408 29.49 -26.96 20.11
N LEU B 409 28.20 -26.91 19.81
CA LEU B 409 27.27 -27.90 20.30
C LEU B 409 26.79 -28.68 19.09
N ASP B 410 27.00 -30.00 19.11
CA ASP B 410 26.54 -30.89 18.06
C ASP B 410 25.48 -31.80 18.69
N ILE B 411 24.38 -31.99 17.99
CA ILE B 411 23.33 -32.88 18.45
C ILE B 411 23.09 -33.84 17.32
N ARG B 412 22.91 -35.12 17.66
CA ARG B 412 22.39 -36.11 16.70
C ARG B 412 21.10 -36.70 17.22
N LEU B 413 20.05 -36.59 16.40
CA LEU B 413 18.76 -37.16 16.74
C LEU B 413 18.66 -38.54 16.14
N THR B 414 18.31 -39.50 16.97
CA THR B 414 18.05 -40.85 16.49
C THR B 414 16.90 -41.46 17.32
N GLY B 415 16.85 -42.79 17.43
CA GLY B 415 15.70 -43.41 18.08
C GLY B 415 14.61 -43.71 17.07
N ILE B 416 13.37 -43.65 17.54
CA ILE B 416 12.23 -44.13 16.78
C ILE B 416 11.20 -43.01 16.63
N LEU B 417 10.58 -42.94 15.44
CA LEU B 417 9.44 -42.05 15.22
C LEU B 417 8.29 -42.34 16.18
N ASN B 418 7.70 -41.28 16.74
CA ASN B 418 6.40 -41.44 17.39
C ASN B 418 5.39 -41.72 16.30
N THR B 419 4.59 -42.76 16.47
CA THR B 419 3.63 -43.16 15.44
C THR B 419 2.23 -43.28 16.03
N TYR B 420 1.26 -43.08 15.15
CA TYR B 420 -0.15 -43.27 15.50
C TYR B 420 -0.73 -44.18 14.39
N ILE B 421 -1.88 -44.76 14.67
CA ILE B 421 -2.48 -45.71 13.74
C ILE B 421 -3.07 -45.03 12.48
N LEU B 422 -3.03 -45.74 11.37
CA LEU B 422 -3.53 -45.25 10.10
C LEU B 422 -4.41 -46.34 9.53
N GLY B 423 -5.63 -45.98 9.13
CA GLY B 423 -6.56 -46.94 8.53
C GLY B 423 -6.06 -47.42 7.19
N ASP B 424 -6.56 -48.57 6.71
CA ASP B 424 -6.16 -49.05 5.38
C ASP B 424 -6.33 -48.04 4.25
N ASP B 425 -7.43 -47.28 4.30
CA ASP B 425 -7.77 -46.32 3.25
C ASP B 425 -7.58 -44.86 3.67
N GLU B 426 -6.88 -44.66 4.78
CA GLU B 426 -6.68 -43.32 5.34
C GLU B 426 -5.42 -42.68 4.78
N GLU B 427 -5.54 -41.40 4.41
CA GLU B 427 -4.41 -40.64 3.92
C GLU B 427 -3.68 -40.01 5.11
N ALA B 428 -2.36 -40.18 5.20
CA ALA B 428 -1.60 -39.56 6.29
C ALA B 428 -1.33 -38.06 6.07
N GLY B 429 -1.16 -37.68 4.81
CA GLY B 429 -0.89 -36.28 4.49
C GLY B 429 -2.10 -35.43 4.77
N PRO B 430 -1.90 -34.10 4.96
CA PRO B 430 -0.63 -33.40 4.93
C PRO B 430 0.13 -33.39 6.26
N TRP B 431 -0.45 -33.98 7.31
CA TRP B 431 0.09 -33.82 8.67
C TRP B 431 1.05 -34.94 9.10
N GLY B 432 1.15 -35.99 8.29
CA GLY B 432 2.06 -37.07 8.61
C GLY B 432 2.40 -37.88 7.38
N THR B 433 3.20 -38.93 7.59
CA THR B 433 3.65 -39.79 6.50
C THR B 433 3.36 -41.24 6.84
N ARG B 434 2.85 -41.99 5.85
CA ARG B 434 2.73 -43.42 5.98
C ARG B 434 4.12 -44.03 5.80
N VAL B 435 4.75 -44.42 6.90
CA VAL B 435 6.14 -44.94 6.85
C VAL B 435 6.20 -46.47 6.84
N TYR B 436 5.03 -47.08 6.99
CA TYR B 436 4.86 -48.52 7.06
C TYR B 436 3.35 -48.76 7.01
N PRO B 437 2.90 -49.93 6.51
CA PRO B 437 1.46 -50.09 6.48
C PRO B 437 0.77 -49.86 7.83
N ASN B 438 -0.31 -49.07 7.79
CA ASN B 438 -1.13 -48.71 8.95
C ASN B 438 -0.37 -47.86 9.98
N VAL B 439 0.74 -47.24 9.58
CA VAL B 439 1.52 -46.40 10.51
C VAL B 439 1.60 -44.96 10.01
N ASN B 440 1.11 -44.01 10.83
CA ASN B 440 1.20 -42.59 10.51
C ASN B 440 2.23 -41.97 11.44
N ALA B 441 3.33 -41.46 10.87
CA ALA B 441 4.29 -40.68 11.67
C ALA B 441 4.02 -39.20 11.43
N HIS B 442 3.51 -38.52 12.45
CA HIS B 442 3.14 -37.10 12.33
C HIS B 442 4.35 -36.16 12.22
N ASN B 443 4.13 -35.06 11.50
CA ASN B 443 5.09 -33.97 11.38
C ASN B 443 5.35 -33.40 12.77
N HIS B 444 6.60 -32.99 13.01
CA HIS B 444 6.91 -32.34 14.29
C HIS B 444 8.19 -31.53 14.14
N GLN B 445 8.40 -30.58 15.05
CA GLN B 445 9.69 -29.88 15.10
C GLN B 445 10.40 -30.37 16.37
N HIS B 446 11.73 -30.25 16.41
CA HIS B 446 12.47 -30.39 17.65
C HIS B 446 13.16 -29.07 17.85
N LEU B 447 12.81 -28.39 18.94
CA LEU B 447 13.37 -27.06 19.24
C LEU B 447 14.05 -27.10 20.61
N PHE B 448 15.16 -26.36 20.72
CA PHE B 448 16.03 -26.38 21.92
C PHE B 448 16.30 -24.95 22.33
N SER B 449 16.42 -24.73 23.64
CA SER B 449 16.78 -23.41 24.16
C SER B 449 18.17 -23.47 24.82
N LEU B 450 19.18 -22.98 24.10
CA LEU B 450 20.53 -22.93 24.61
C LEU B 450 20.61 -21.72 25.51
N ARG B 451 21.07 -21.92 26.74
CA ARG B 451 21.18 -20.82 27.69
C ARG B 451 22.64 -20.48 27.93
N ILE B 452 23.01 -19.25 27.58
CA ILE B 452 24.37 -18.78 27.72
C ILE B 452 24.42 -17.67 28.76
N ASP B 453 25.25 -17.85 29.78
CA ASP B 453 25.51 -16.78 30.75
C ASP B 453 26.95 -16.36 30.47
N PRO B 454 27.13 -15.29 29.68
CA PRO B 454 28.45 -14.94 29.19
C PRO B 454 29.23 -14.10 30.18
N ARG B 455 30.54 -14.15 30.04
CA ARG B 455 31.42 -13.21 30.72
C ARG B 455 32.61 -12.97 29.80
N ILE B 456 32.31 -12.43 28.63
CA ILE B 456 33.30 -12.34 27.54
C ILE B 456 34.44 -11.41 27.98
N ASP B 457 35.60 -12.00 28.26
CA ASP B 457 36.77 -11.23 28.70
C ASP B 457 36.41 -10.45 29.96
N GLY B 458 35.52 -10.99 30.77
CA GLY B 458 35.12 -10.34 32.02
C GLY B 458 33.70 -9.82 32.06
N ASP B 459 33.35 -9.12 33.14
CA ASP B 459 31.96 -8.71 33.39
C ASP B 459 31.55 -7.46 32.63
N GLY B 460 30.26 -7.37 32.33
CA GLY B 460 29.73 -6.21 31.61
C GLY B 460 29.73 -6.55 30.14
N ASN B 461 28.63 -7.19 29.70
CA ASN B 461 28.54 -7.67 28.30
C ASN B 461 27.31 -7.08 27.62
N SER B 462 27.30 -7.15 26.29
CA SER B 462 26.16 -6.74 25.49
C SER B 462 25.99 -7.78 24.39
N ALA B 463 24.88 -7.69 23.68
CA ALA B 463 24.63 -8.59 22.57
C ALA B 463 24.18 -7.76 21.38
N ALA B 464 24.40 -8.30 20.18
CA ALA B 464 24.04 -7.62 18.94
C ALA B 464 23.65 -8.63 17.87
N ALA B 465 22.80 -8.16 16.95
CA ALA B 465 22.58 -8.87 15.68
C ALA B 465 23.53 -8.30 14.64
N CYS B 466 24.11 -9.17 13.82
CA CYS B 466 25.01 -8.78 12.75
C CYS B 466 24.40 -9.21 11.43
N ASP B 467 24.21 -8.25 10.53
CA ASP B 467 23.52 -8.51 9.27
C ASP B 467 24.38 -8.05 8.10
N ALA B 468 24.70 -8.96 7.17
CA ALA B 468 25.42 -8.58 5.95
C ALA B 468 24.48 -7.76 5.06
N LYS B 469 24.95 -6.58 4.64
CA LYS B 469 24.15 -5.70 3.82
C LYS B 469 24.97 -5.11 2.67
N SER B 470 24.34 -4.99 1.50
CA SER B 470 24.95 -4.21 0.42
C SER B 470 25.02 -2.76 0.85
N SER B 471 26.00 -2.03 0.32
CA SER B 471 26.00 -0.58 0.49
C SER B 471 24.66 0.01 0.03
N PRO B 472 24.14 1.03 0.74
CA PRO B 472 22.88 1.66 0.32
C PRO B 472 23.06 2.52 -0.94
N TYR B 473 24.31 2.80 -1.30
CA TYR B 473 24.60 3.60 -2.49
C TYR B 473 24.48 2.75 -3.75
N PRO B 474 23.87 3.32 -4.82
CA PRO B 474 23.56 2.50 -5.98
C PRO B 474 24.78 2.25 -6.86
N LEU B 475 24.67 1.21 -7.68
CA LEU B 475 25.59 0.99 -8.77
C LEU B 475 25.79 2.27 -9.59
N GLY B 476 27.05 2.61 -9.88
CA GLY B 476 27.31 3.78 -10.72
C GLY B 476 27.50 5.06 -9.94
N SER B 477 27.27 4.99 -8.64
CA SER B 477 27.50 6.16 -7.77
C SER B 477 29.00 6.26 -7.48
N PRO B 478 29.51 7.47 -7.20
CA PRO B 478 30.90 7.58 -6.78
C PRO B 478 31.25 6.69 -5.58
N GLU B 479 30.29 6.44 -4.69
CA GLU B 479 30.49 5.64 -3.49
C GLU B 479 30.50 4.13 -3.74
N ASN B 480 29.93 3.71 -4.87
CA ASN B 480 29.76 2.28 -5.13
C ASN B 480 29.76 2.04 -6.64
N MET B 481 30.83 2.49 -7.30
CA MET B 481 30.85 2.56 -8.77
C MET B 481 30.47 1.26 -9.44
N TYR B 482 31.05 0.16 -8.94
CA TYR B 482 30.82 -1.15 -9.57
C TYR B 482 29.81 -2.01 -8.83
N GLY B 483 29.14 -1.41 -7.83
CA GLY B 483 28.03 -2.05 -7.13
C GLY B 483 28.42 -3.24 -6.24
N ASN B 484 29.69 -3.34 -5.86
CA ASN B 484 30.18 -4.49 -5.12
C ASN B 484 30.27 -4.27 -3.60
N ALA B 485 30.12 -3.03 -3.15
CA ALA B 485 30.43 -2.74 -1.75
C ALA B 485 29.43 -3.40 -0.80
N PHE B 486 29.95 -3.96 0.29
CA PHE B 486 29.08 -4.49 1.34
C PHE B 486 29.75 -4.47 2.70
N TYR B 487 28.93 -4.51 3.74
CA TYR B 487 29.41 -4.36 5.10
C TYR B 487 28.55 -5.18 6.03
N SER B 488 28.96 -5.22 7.29
CA SER B 488 28.20 -5.87 8.34
C SER B 488 27.55 -4.81 9.21
N GLU B 489 26.23 -4.85 9.27
CA GLU B 489 25.47 -3.92 10.07
C GLU B 489 25.27 -4.55 11.44
N LYS B 490 25.83 -3.90 12.46
CA LYS B 490 25.71 -4.36 13.82
C LYS B 490 24.61 -3.61 14.54
N THR B 491 23.62 -4.33 15.05
CA THR B 491 22.55 -3.70 15.81
C THR B 491 22.70 -4.14 17.26
N THR B 492 23.27 -3.25 18.08
CA THR B 492 23.44 -3.55 19.50
C THR B 492 22.10 -3.47 20.20
N PHE B 493 21.80 -4.49 21.00
CA PHE B 493 20.53 -4.51 21.71
C PHE B 493 20.63 -3.61 22.95
N LYS B 494 19.78 -2.59 23.03
CA LYS B 494 19.79 -1.73 24.20
C LYS B 494 18.83 -2.19 25.29
N THR B 495 17.61 -2.59 24.89
CA THR B 495 16.63 -3.12 25.85
C THR B 495 16.21 -4.50 25.41
N VAL B 496 15.59 -5.23 26.32
CA VAL B 496 15.18 -6.62 26.03
C VAL B 496 14.41 -6.71 24.70
N LYS B 497 13.47 -5.79 24.50
CA LYS B 497 12.64 -5.81 23.28
C LYS B 497 13.49 -5.86 22.03
N ASP B 498 14.59 -5.10 22.02
CA ASP B 498 15.47 -5.07 20.84
C ASP B 498 16.06 -6.45 20.48
N SER B 499 16.20 -7.32 21.47
CA SER B 499 16.95 -8.56 21.30
C SER B 499 16.10 -9.66 20.68
N LEU B 500 14.80 -9.46 20.67
CA LEU B 500 13.87 -10.51 20.25
C LEU B 500 13.91 -10.60 18.73
N THR B 501 14.78 -11.51 18.27
CA THR B 501 15.20 -11.52 16.87
C THR B 501 15.25 -12.95 16.35
N ASN B 502 15.03 -13.07 15.05
CA ASN B 502 15.09 -14.35 14.40
C ASN B 502 16.27 -14.44 13.46
N TYR B 503 16.66 -15.67 13.15
CA TYR B 503 17.63 -15.88 12.10
C TYR B 503 17.04 -15.36 10.78
N GLU B 504 17.88 -14.72 9.97
CA GLU B 504 17.43 -14.21 8.67
C GLU B 504 18.41 -14.66 7.59
N SER B 505 17.96 -15.52 6.69
CA SER B 505 18.81 -15.93 5.57
C SER B 505 19.14 -14.74 4.66
N ALA B 506 18.25 -13.76 4.59
CA ALA B 506 18.48 -12.63 3.69
C ALA B 506 19.73 -11.81 4.04
N THR B 507 20.18 -11.89 5.29
CA THR B 507 21.36 -11.13 5.75
C THR B 507 22.44 -12.03 6.35
N GLY B 508 22.24 -13.35 6.23
CA GLY B 508 23.15 -14.31 6.88
C GLY B 508 23.41 -13.94 8.34
N ARG B 509 22.32 -13.67 9.06
CA ARG B 509 22.42 -13.10 10.40
C ARG B 509 23.24 -13.96 11.37
N SER B 510 24.15 -13.29 12.10
CA SER B 510 24.77 -13.92 13.24
C SER B 510 24.50 -13.00 14.43
N TRP B 511 24.91 -13.44 15.61
CA TRP B 511 24.78 -12.60 16.81
C TRP B 511 26.12 -12.56 17.52
N ASP B 512 26.45 -11.41 18.08
CA ASP B 512 27.65 -11.26 18.89
C ASP B 512 27.29 -11.14 20.35
N ILE B 513 28.08 -11.79 21.19
CA ILE B 513 28.11 -11.46 22.62
C ILE B 513 29.49 -10.84 22.86
N PHE B 514 29.51 -9.62 23.39
CA PHE B 514 30.76 -8.89 23.43
C PHE B 514 30.92 -8.07 24.68
N ASN B 515 32.14 -7.60 24.90
CA ASN B 515 32.45 -6.77 26.04
C ASN B 515 32.73 -5.35 25.55
N PRO B 516 31.75 -4.44 25.74
CA PRO B 516 31.87 -3.08 25.24
C PRO B 516 32.88 -2.24 26.04
N ASN B 517 33.43 -2.82 27.09
CA ASN B 517 34.41 -2.12 27.92
C ASN B 517 35.82 -2.30 27.46
N LYS B 518 36.00 -3.15 26.46
CA LYS B 518 37.34 -3.47 25.98
C LYS B 518 37.42 -3.31 24.47
N VAL B 519 38.64 -3.25 23.98
CA VAL B 519 38.89 -2.99 22.56
CA VAL B 519 38.86 -3.04 22.56
C VAL B 519 40.03 -3.88 22.06
N ASN B 520 39.84 -4.50 20.89
CA ASN B 520 40.94 -5.22 20.26
C ASN B 520 41.98 -4.21 19.73
N PRO B 521 43.26 -4.37 20.12
CA PRO B 521 44.26 -3.34 19.75
C PRO B 521 44.55 -3.27 18.25
N TYR B 522 44.21 -4.33 17.53
CA TYR B 522 44.38 -4.30 16.09
C TYR B 522 43.15 -3.76 15.39
N SER B 523 42.02 -4.44 15.55
CA SER B 523 40.83 -4.09 14.79
C SER B 523 40.01 -2.93 15.34
N GLY B 524 40.20 -2.62 16.61
CA GLY B 524 39.45 -1.55 17.25
C GLY B 524 38.04 -1.90 17.64
N LYS B 525 37.71 -3.19 17.49
CA LYS B 525 36.39 -3.72 17.83
C LYS B 525 36.41 -4.40 19.21
N PRO B 526 35.23 -4.49 19.89
CA PRO B 526 35.23 -5.17 21.19
C PRO B 526 35.47 -6.68 21.06
N PRO B 527 36.08 -7.32 22.08
CA PRO B 527 36.25 -8.77 22.05
C PRO B 527 34.87 -9.41 22.08
N SER B 528 34.67 -10.45 21.27
CA SER B 528 33.36 -11.07 21.21
C SER B 528 33.49 -12.56 20.98
N TYR B 529 32.43 -13.27 21.33
CA TYR B 529 32.16 -14.59 20.76
C TYR B 529 30.93 -14.43 19.88
N LYS B 530 30.99 -14.97 18.67
CA LYS B 530 29.89 -14.85 17.71
C LYS B 530 29.14 -16.16 17.60
N LEU B 531 27.82 -16.06 17.74
CA LEU B 531 26.95 -17.22 17.55
C LEU B 531 26.70 -17.38 16.05
N VAL B 532 27.16 -18.51 15.50
CA VAL B 532 26.96 -18.88 14.10
C VAL B 532 26.02 -20.07 14.13
N SER B 533 24.77 -19.83 13.76
CA SER B 533 23.72 -20.83 13.91
C SER B 533 22.66 -20.63 12.83
N THR B 534 22.47 -21.63 11.97
CA THR B 534 21.53 -21.46 10.87
C THR B 534 20.39 -22.46 10.94
N GLN B 535 20.48 -23.46 11.82
CA GLN B 535 19.35 -24.37 12.01
C GLN B 535 18.41 -23.76 13.05
N CYS B 536 17.69 -22.73 12.60
CA CYS B 536 16.84 -21.89 13.43
C CYS B 536 15.45 -21.83 12.82
N PRO B 537 14.65 -22.89 13.06
CA PRO B 537 13.33 -22.92 12.45
C PRO B 537 12.40 -21.90 13.08
N PRO B 538 11.45 -21.39 12.31
CA PRO B 538 10.42 -20.59 12.95
C PRO B 538 9.55 -21.55 13.76
N LEU B 539 8.90 -21.04 14.79
CA LEU B 539 7.93 -21.84 15.48
C LEU B 539 6.68 -21.86 14.60
N LEU B 540 6.28 -23.04 14.15
CA LEU B 540 5.18 -23.13 13.19
C LEU B 540 3.81 -23.00 13.85
N ALA B 541 3.69 -23.38 15.11
CA ALA B 541 2.44 -23.19 15.84
C ALA B 541 2.07 -21.71 15.92
N LYS B 542 0.78 -21.41 15.82
CA LYS B 542 0.30 -20.02 15.71
C LYS B 542 0.47 -19.23 17.00
N GLU B 543 0.52 -17.91 16.89
CA GLU B 543 0.49 -17.08 18.09
C GLU B 543 -0.77 -17.41 18.88
N GLY B 544 -0.63 -17.57 20.19
CA GLY B 544 -1.76 -17.86 21.05
C GLY B 544 -2.11 -19.33 21.12
N SER B 545 -1.37 -20.17 20.40
CA SER B 545 -1.55 -21.61 20.49
C SER B 545 -1.00 -22.12 21.80
N LEU B 546 -1.46 -23.29 22.20
CA LEU B 546 -0.94 -23.99 23.36
C LEU B 546 0.60 -24.09 23.33
N VAL B 547 1.15 -24.49 22.18
CA VAL B 547 2.60 -24.61 22.01
C VAL B 547 3.28 -23.25 22.20
N ALA B 548 2.78 -22.22 21.55
CA ALA B 548 3.43 -20.90 21.67
C ALA B 548 3.33 -20.33 23.07
N LYS B 549 2.23 -20.63 23.76
CA LYS B 549 2.04 -20.13 25.12
C LYS B 549 2.94 -20.86 26.13
N ARG B 550 3.08 -22.17 25.97
CA ARG B 550 3.88 -22.95 26.92
C ARG B 550 5.40 -22.83 26.69
N ALA B 551 5.78 -22.35 25.50
CA ALA B 551 7.19 -22.16 25.15
C ALA B 551 7.44 -20.74 24.60
N PRO B 552 7.30 -19.71 25.45
CA PRO B 552 7.41 -18.31 25.01
C PRO B 552 8.77 -18.02 24.39
N TRP B 553 9.79 -18.76 24.81
CA TRP B 553 11.15 -18.59 24.29
C TRP B 553 11.29 -19.05 22.84
N ALA B 554 10.40 -19.95 22.39
CA ALA B 554 10.57 -20.60 21.09
C ALA B 554 10.18 -19.75 19.90
N SER B 555 9.47 -18.64 20.17
CA SER B 555 8.94 -17.74 19.14
CA SER B 555 8.96 -17.81 19.08
C SER B 555 10.01 -16.87 18.52
N HIS B 556 11.16 -16.77 19.19
CA HIS B 556 12.30 -16.01 18.64
C HIS B 556 13.58 -16.84 18.68
N SER B 557 14.47 -16.62 17.71
CA SER B 557 15.76 -17.33 17.68
C SER B 557 16.63 -16.86 18.83
N VAL B 558 16.48 -15.59 19.20
CA VAL B 558 17.30 -15.02 20.26
C VAL B 558 16.42 -14.21 21.22
N ASN B 559 16.66 -14.43 22.51
CA ASN B 559 15.99 -13.70 23.59
C ASN B 559 17.11 -13.32 24.54
N VAL B 560 17.28 -12.02 24.82
CA VAL B 560 18.33 -11.59 25.77
C VAL B 560 17.68 -10.84 26.92
N VAL B 561 17.95 -11.30 28.13
CA VAL B 561 17.34 -10.73 29.34
C VAL B 561 18.37 -10.40 30.41
N PRO B 562 18.01 -9.53 31.35
CA PRO B 562 18.97 -9.29 32.44
C PRO B 562 19.22 -10.56 33.26
N TYR B 563 20.44 -10.70 33.76
CA TYR B 563 20.73 -11.77 34.68
C TYR B 563 20.00 -11.52 36.00
N LYS B 564 19.35 -12.56 36.51
CA LYS B 564 18.97 -12.63 37.92
C LYS B 564 19.20 -14.06 38.38
N ASP B 565 19.40 -14.26 39.68
CA ASP B 565 19.59 -15.62 40.18
C ASP B 565 18.35 -16.47 39.86
N ASN B 566 18.56 -17.75 39.63
CA ASN B 566 17.44 -18.69 39.40
C ASN B 566 16.58 -18.40 38.16
N ARG B 567 17.21 -17.84 37.13
CA ARG B 567 16.61 -17.69 35.80
C ARG B 567 17.20 -18.77 34.90
N LEU B 568 16.83 -20.01 35.20
CA LEU B 568 17.35 -21.16 34.46
C LEU B 568 16.40 -21.66 33.37
N TYR B 569 15.13 -21.82 33.74
CA TYR B 569 14.21 -22.63 32.94
C TYR B 569 13.12 -21.77 32.31
N PRO B 570 13.21 -21.55 30.98
CA PRO B 570 12.40 -20.52 30.35
C PRO B 570 10.90 -20.80 30.16
N SER B 571 10.49 -22.06 30.37
CA SER B 571 9.05 -22.36 30.42
C SER B 571 8.55 -22.52 31.86
N GLY B 572 9.32 -21.99 32.81
CA GLY B 572 8.96 -22.08 34.24
C GLY B 572 9.63 -23.21 34.97
N ASP B 573 9.57 -23.16 36.29
CA ASP B 573 10.19 -24.20 37.11
C ASP B 573 9.47 -25.55 37.06
N HIS B 574 8.15 -25.52 36.98
CA HIS B 574 7.36 -26.76 36.95
C HIS B 574 6.52 -26.79 35.70
N VAL B 575 6.96 -27.58 34.73
CA VAL B 575 6.44 -27.41 33.38
C VAL B 575 5.18 -28.22 33.07
N PRO B 576 5.14 -29.52 33.46
CA PRO B 576 3.94 -30.30 33.07
C PRO B 576 2.63 -29.65 33.51
N GLN B 577 1.68 -29.65 32.58
CA GLN B 577 0.30 -29.21 32.78
C GLN B 577 0.08 -27.71 33.00
N TRP B 578 1.15 -26.90 32.89
CA TRP B 578 0.99 -25.46 32.83
C TRP B 578 0.30 -25.08 31.51
N SER B 579 -0.76 -24.27 31.57
CA SER B 579 -1.53 -23.86 30.38
C SER B 579 -0.75 -22.92 29.47
N GLY B 580 0.32 -22.31 29.98
CA GLY B 580 0.99 -21.28 29.21
C GLY B 580 0.45 -19.89 29.53
N ASP B 581 -0.55 -19.81 30.40
CA ASP B 581 -1.07 -18.50 30.86
C ASP B 581 -0.31 -18.12 32.11
N GLY B 582 0.21 -16.90 32.12
CA GLY B 582 0.87 -16.37 33.29
C GLY B 582 2.25 -15.80 33.06
N VAL B 583 2.63 -14.91 33.96
CA VAL B 583 3.92 -14.27 33.87
C VAL B 583 4.95 -15.14 34.62
N ARG B 584 5.55 -16.08 33.91
CA ARG B 584 6.60 -16.94 34.51
C ARG B 584 7.61 -17.26 33.43
N GLY B 585 8.78 -17.75 33.85
CA GLY B 585 9.83 -18.10 32.88
C GLY B 585 10.21 -16.94 31.97
N MET B 586 10.46 -17.24 30.70
CA MET B 586 10.89 -16.20 29.74
C MET B 586 9.90 -15.05 29.66
N ARG B 587 8.61 -15.34 29.85
CA ARG B 587 7.61 -14.27 29.74
C ARG B 587 7.83 -13.26 30.88
N GLU B 588 8.13 -13.79 32.06
CA GLU B 588 8.45 -12.92 33.21
C GLU B 588 9.74 -12.14 32.97
N TRP B 589 10.76 -12.83 32.45
CA TRP B 589 12.08 -12.20 32.27
C TRP B 589 12.04 -11.13 31.21
N ILE B 590 11.23 -11.33 30.17
CA ILE B 590 11.09 -10.26 29.17
C ILE B 590 10.31 -9.07 29.75
N GLY B 591 9.29 -9.35 30.54
CA GLY B 591 8.44 -8.29 31.14
C GLY B 591 7.84 -7.41 30.06
N ASP B 592 7.92 -6.10 30.26
CA ASP B 592 7.43 -5.16 29.26
C ASP B 592 8.49 -4.85 28.19
N GLY B 593 9.64 -5.54 28.25
CA GLY B 593 10.71 -5.40 27.24
C GLY B 593 11.61 -4.20 27.37
N SER B 594 11.40 -3.39 28.42
CA SER B 594 12.09 -2.12 28.58
C SER B 594 13.41 -2.19 29.35
N GLU B 595 13.72 -3.29 30.02
CA GLU B 595 14.91 -3.33 30.86
CA GLU B 595 14.91 -3.33 30.87
C GLU B 595 16.20 -3.30 30.04
N ASN B 596 17.20 -2.62 30.58
CA ASN B 596 18.49 -2.52 29.94
C ASN B 596 19.20 -3.85 29.85
N ILE B 597 19.76 -4.11 28.67
CA ILE B 597 20.66 -5.27 28.49
C ILE B 597 22.00 -4.88 27.85
N ASP B 598 22.32 -3.58 27.84
CA ASP B 598 23.58 -3.07 27.27
C ASP B 598 24.61 -2.88 28.38
N ASN B 599 25.73 -3.58 28.27
CA ASN B 599 26.84 -3.44 29.23
C ASN B 599 26.43 -3.76 30.68
N THR B 600 25.99 -5.00 30.87
CA THR B 600 25.50 -5.46 32.16
C THR B 600 25.63 -6.99 32.23
N ASP B 601 25.06 -7.59 33.26
CA ASP B 601 25.04 -9.05 33.36
C ASP B 601 23.78 -9.52 32.61
N ILE B 602 23.97 -10.31 31.55
CA ILE B 602 22.85 -10.68 30.68
C ILE B 602 22.76 -12.19 30.58
N LEU B 603 21.61 -12.67 30.07
CA LEU B 603 21.45 -14.08 29.76
C LEU B 603 20.93 -14.12 28.34
N PHE B 604 21.55 -14.98 27.53
CA PHE B 604 21.30 -15.06 26.09
C PHE B 604 20.71 -16.43 25.87
N PHE B 605 19.43 -16.48 25.49
CA PHE B 605 18.74 -17.74 25.21
C PHE B 605 18.53 -17.87 23.70
N HIS B 606 19.01 -18.97 23.15
CA HIS B 606 18.96 -19.18 21.70
C HIS B 606 18.09 -20.39 21.35
N THR B 607 17.13 -20.16 20.46
CA THR B 607 16.23 -21.24 20.01
C THR B 607 16.76 -21.78 18.70
N PHE B 608 16.98 -23.09 18.64
CA PHE B 608 17.48 -23.68 17.42
C PHE B 608 16.88 -25.09 17.30
N GLY B 609 17.05 -25.74 16.15
CA GLY B 609 16.52 -27.10 16.03
C GLY B 609 16.16 -27.41 14.59
N ILE B 610 15.21 -28.34 14.40
CA ILE B 610 14.85 -28.81 13.06
C ILE B 610 13.35 -29.03 12.92
N THR B 611 12.87 -29.06 11.68
CA THR B 611 11.50 -29.40 11.39
C THR B 611 11.55 -30.77 10.70
N HIS B 612 10.81 -31.74 11.23
CA HIS B 612 10.92 -33.13 10.77
C HIS B 612 9.64 -33.54 10.06
N PHE B 613 9.77 -33.78 8.75
CA PHE B 613 8.71 -34.41 7.93
C PHE B 613 9.16 -35.86 7.70
N PRO B 614 8.58 -36.82 8.46
CA PRO B 614 9.09 -38.19 8.37
C PRO B 614 9.04 -38.79 6.99
N ALA B 615 9.97 -39.71 6.75
CA ALA B 615 10.00 -40.46 5.50
C ALA B 615 10.30 -41.89 5.90
N PRO B 616 10.02 -42.85 5.00
CA PRO B 616 10.31 -44.26 5.34
C PRO B 616 11.75 -44.58 5.76
N GLU B 617 12.73 -43.81 5.26
CA GLU B 617 14.13 -43.97 5.71
C GLU B 617 14.28 -43.87 7.22
N ASP B 618 13.35 -43.15 7.86
CA ASP B 618 13.41 -42.92 9.31
C ASP B 618 12.87 -44.08 10.12
N PHE B 619 12.34 -45.10 9.42
CA PHE B 619 11.61 -46.19 10.10
C PHE B 619 12.25 -47.53 9.73
N PRO B 620 12.20 -48.54 10.63
CA PRO B 620 11.64 -48.56 11.99
C PRO B 620 12.56 -47.92 13.04
N LEU B 621 13.77 -47.58 12.63
CA LEU B 621 14.74 -46.91 13.53
C LEU B 621 15.43 -45.84 12.67
N PRO B 623 18.11 -43.11 11.18
CA PRO B 623 19.51 -42.76 11.07
C PRO B 623 19.73 -41.39 11.70
N ALA B 624 20.90 -41.20 12.31
CA ALA B 624 21.17 -39.96 13.03
C ALA B 624 20.98 -38.72 12.14
N GLU B 625 20.24 -37.73 12.66
CA GLU B 625 20.10 -36.44 11.97
C GLU B 625 20.87 -35.37 12.75
N PRO B 626 21.79 -34.66 12.08
CA PRO B 626 22.64 -33.70 12.79
C PRO B 626 22.05 -32.30 12.96
N ILE B 627 22.39 -31.67 14.10
CA ILE B 627 22.08 -30.27 14.37
C ILE B 627 23.36 -29.70 14.97
N THR B 628 23.71 -28.47 14.62
CA THR B 628 24.92 -27.87 15.19
C THR B 628 24.83 -26.37 15.27
N LEU B 629 25.58 -25.81 16.22
CA LEU B 629 25.77 -24.37 16.30
C LEU B 629 27.15 -24.13 16.87
N MET B 630 27.69 -22.95 16.64
CA MET B 630 29.04 -22.67 17.12
C MET B 630 29.13 -21.27 17.71
N LEU B 631 30.01 -21.13 18.70
CA LEU B 631 30.36 -19.84 19.29
C LEU B 631 31.86 -19.65 19.02
N ARG B 632 32.20 -18.64 18.22
CA ARG B 632 33.56 -18.44 17.68
C ARG B 632 34.12 -17.14 18.19
N PRO B 633 35.39 -17.14 18.60
CA PRO B 633 35.98 -15.87 19.01
C PRO B 633 36.17 -14.99 17.78
N ARG B 634 35.73 -13.75 17.86
CA ARG B 634 35.97 -12.76 16.80
C ARG B 634 36.38 -11.47 17.48
N HIS B 635 37.60 -11.03 17.18
CA HIS B 635 38.20 -9.84 17.80
C HIS B 635 38.53 -10.11 19.27
N PHE B 636 38.44 -11.37 19.68
CA PHE B 636 38.85 -11.77 21.05
C PHE B 636 40.35 -11.84 21.15
N PHE B 637 40.96 -12.55 20.20
CA PHE B 637 42.42 -12.64 20.13
C PHE B 637 42.95 -11.62 19.12
N THR B 638 44.26 -11.36 19.19
CA THR B 638 44.90 -10.49 18.23
C THR B 638 45.52 -11.26 17.05
N GLU B 639 45.54 -12.59 17.13
CA GLU B 639 45.94 -13.45 16.02
C GLU B 639 45.46 -14.87 16.30
N ASN B 640 45.53 -15.71 15.27
CA ASN B 640 45.16 -17.12 15.35
C ASN B 640 45.79 -17.73 16.59
N PRO B 641 44.96 -18.15 17.58
CA PRO B 641 45.47 -18.65 18.85
C PRO B 641 46.13 -20.04 18.79
N GLY B 642 46.03 -20.73 17.65
CA GLY B 642 46.56 -22.09 17.55
C GLY B 642 47.95 -22.18 16.92
N LEU B 643 48.58 -21.05 16.66
CA LEU B 643 49.85 -21.05 15.92
C LEU B 643 51.04 -21.67 16.66
N ASP B 644 50.94 -21.75 17.99
CA ASP B 644 51.99 -22.39 18.80
C ASP B 644 51.82 -23.92 18.95
N ILE B 645 50.82 -24.47 18.27
CA ILE B 645 50.67 -25.93 18.18
C ILE B 645 51.68 -26.47 17.14
N GLN B 646 52.44 -27.51 17.49
CA GLN B 646 53.42 -28.08 16.54
C GLN B 646 52.75 -28.52 15.24
N PRO B 647 53.22 -28.01 14.09
CA PRO B 647 52.70 -28.49 12.79
C PRO B 647 52.90 -29.99 12.59
N SER B 648 52.03 -30.61 11.80
CA SER B 648 52.23 -31.98 11.38
C SER B 648 53.32 -32.02 10.30
N TYR B 649 53.44 -30.92 9.56
CA TYR B 649 54.47 -30.78 8.54
C TYR B 649 54.75 -29.31 8.34
N ALA B 650 56.04 -28.97 8.28
CA ALA B 650 56.45 -27.61 8.02
C ALA B 650 57.72 -27.61 7.20
N MET B 651 57.68 -26.88 6.09
CA MET B 651 58.88 -26.63 5.30
CA MET B 651 58.84 -26.67 5.22
C MET B 651 58.85 -25.19 4.79
N THR B 652 59.91 -24.47 5.13
CA THR B 652 60.02 -23.08 4.72
C THR B 652 60.58 -23.00 3.30
N THR B 653 60.53 -21.79 2.72
CA THR B 653 61.11 -21.56 1.39
C THR B 653 62.60 -21.86 1.35
N SER B 654 63.34 -21.40 2.36
CA SER B 654 64.78 -21.67 2.41
C SER B 654 65.07 -23.17 2.52
N GLU B 655 64.31 -23.85 3.39
CA GLU B 655 64.45 -25.30 3.52
C GLU B 655 64.14 -26.04 2.21
N ALA B 656 63.12 -25.59 1.49
CA ALA B 656 62.79 -26.19 0.19
C ALA B 656 63.93 -26.06 -0.82
N LYS B 657 64.63 -24.92 -0.79
CA LYS B 657 65.78 -24.68 -1.68
C LYS B 657 66.99 -25.52 -1.29
N ARG B 658 67.17 -25.75 0.01
CA ARG B 658 68.27 -26.58 0.52
C ARG B 658 68.11 -28.06 0.20
N ALA B 659 66.88 -28.48 -0.08
CA ALA B 659 66.62 -29.83 -0.56
C ALA B 659 67.10 -30.00 -2.01
N VAL B 660 67.44 -28.87 -2.64
CA VAL B 660 68.05 -28.80 -3.98
C VAL B 660 67.29 -29.67 -4.99
N ALA C 5 -48.71 -41.64 36.18
CA ALA C 5 -48.60 -41.18 34.75
C ALA C 5 -49.28 -39.82 34.57
N PRO C 6 -48.48 -38.75 34.36
CA PRO C 6 -49.04 -37.40 34.40
C PRO C 6 -49.92 -37.10 33.19
N ALA C 7 -50.91 -36.22 33.39
CA ALA C 7 -51.80 -35.78 32.31
C ALA C 7 -51.03 -34.99 31.25
N ARG C 8 -51.35 -35.24 29.98
CA ARG C 8 -50.81 -34.46 28.86
C ARG C 8 -51.17 -32.98 28.99
N PRO C 9 -50.29 -32.08 28.49
CA PRO C 9 -50.60 -30.66 28.54
C PRO C 9 -51.64 -30.27 27.48
N ALA C 10 -52.15 -29.06 27.57
CA ALA C 10 -53.07 -28.54 26.55
C ALA C 10 -52.40 -28.37 25.17
N HIS C 11 -51.08 -28.17 25.17
CA HIS C 11 -50.32 -27.82 23.98
C HIS C 11 -48.93 -28.45 24.10
N PRO C 12 -48.37 -29.01 22.99
CA PRO C 12 -47.07 -29.71 23.03
C PRO C 12 -45.91 -28.82 23.44
N LEU C 13 -46.07 -27.49 23.35
CA LEU C 13 -44.99 -26.58 23.73
C LEU C 13 -45.11 -26.05 25.14
N ASP C 14 -46.19 -26.43 25.84
CA ASP C 14 -46.35 -26.00 27.22
C ASP C 14 -45.19 -26.49 28.09
N PRO C 15 -44.71 -25.64 29.01
CA PRO C 15 -43.64 -26.10 29.91
C PRO C 15 -44.12 -27.30 30.74
N LEU C 16 -43.19 -28.11 31.24
CA LEU C 16 -43.56 -29.19 32.17
C LEU C 16 -44.35 -28.67 33.37
N SER C 17 -45.43 -29.38 33.71
CA SER C 17 -46.18 -29.12 34.93
C SER C 17 -45.43 -29.64 36.14
N THR C 18 -45.85 -29.21 37.33
CA THR C 18 -45.30 -29.74 38.57
C THR C 18 -45.45 -31.26 38.62
N ALA C 19 -46.59 -31.77 38.15
CA ALA C 19 -46.82 -33.22 38.12
C ALA C 19 -45.87 -33.92 37.16
N GLU C 20 -45.59 -33.27 36.03
CA GLU C 20 -44.69 -33.84 35.05
C GLU C 20 -43.26 -33.84 35.57
N ILE C 21 -42.90 -32.78 36.29
CA ILE C 21 -41.56 -32.66 36.90
C ILE C 21 -41.36 -33.77 37.93
N LYS C 22 -42.35 -33.96 38.80
CA LYS C 22 -42.33 -35.05 39.79
C LYS C 22 -42.27 -36.43 39.14
N ALA C 23 -43.07 -36.65 38.10
CA ALA C 23 -43.08 -37.92 37.39
C ALA C 23 -41.73 -38.21 36.74
N ALA C 24 -41.12 -37.19 36.17
CA ALA C 24 -39.82 -37.33 35.53
C ALA C 24 -38.73 -37.69 36.54
N THR C 25 -38.72 -37.03 37.70
CA THR C 25 -37.68 -37.28 38.70
C THR C 25 -37.85 -38.63 39.39
N ASN C 26 -39.10 -39.04 39.59
CA ASN C 26 -39.42 -40.40 40.09
C ASN C 26 -38.86 -41.45 39.15
N THR C 27 -39.06 -41.23 37.85
CA THR C 27 -38.62 -42.16 36.81
C THR C 27 -37.10 -42.28 36.80
N VAL C 28 -36.41 -41.13 36.86
CA VAL C 28 -34.96 -41.10 36.92
C VAL C 28 -34.43 -41.75 38.20
N LYS C 29 -34.97 -41.35 39.36
CA LYS C 29 -34.62 -41.95 40.66
C LYS C 29 -34.66 -43.47 40.62
N SER C 30 -35.68 -44.02 39.97
CA SER C 30 -35.85 -45.47 39.87
CA SER C 30 -35.87 -45.47 39.85
C SER C 30 -34.88 -46.11 38.87
N TYR C 31 -34.57 -45.40 37.79
CA TYR C 31 -33.63 -45.90 36.80
C TYR C 31 -32.23 -46.02 37.41
N PHE C 32 -31.90 -45.09 38.30
CA PHE C 32 -30.63 -45.11 39.01
C PHE C 32 -30.86 -45.68 40.41
N ALA C 33 -31.54 -46.82 40.44
CA ALA C 33 -31.87 -47.51 41.69
C ALA C 33 -30.63 -47.74 42.55
N GLY C 34 -30.69 -47.26 43.80
CA GLY C 34 -29.60 -47.44 44.75
C GLY C 34 -28.53 -46.37 44.71
N LYS C 35 -28.48 -45.62 43.61
CA LYS C 35 -27.49 -44.55 43.44
C LYS C 35 -27.91 -43.26 44.14
N LYS C 36 -26.92 -42.52 44.65
CA LYS C 36 -27.14 -41.27 45.33
C LYS C 36 -27.05 -40.10 44.33
N ILE C 37 -28.20 -39.72 43.77
CA ILE C 37 -28.25 -38.69 42.71
C ILE C 37 -28.93 -37.40 43.14
N SER C 38 -28.57 -36.30 42.48
CA SER C 38 -29.19 -35.00 42.71
C SER C 38 -29.59 -34.37 41.38
N PHE C 39 -30.64 -33.55 41.40
CA PHE C 39 -31.18 -32.99 40.15
C PHE C 39 -30.71 -31.57 39.92
N ASN C 40 -30.14 -31.35 38.73
CA ASN C 40 -29.69 -30.02 38.33
C ASN C 40 -30.71 -29.35 37.40
N THR C 41 -31.26 -30.13 36.48
CA THR C 41 -32.22 -29.62 35.48
C THR C 41 -33.27 -30.68 35.20
N VAL C 42 -34.53 -30.28 35.24
CA VAL C 42 -35.62 -31.10 34.68
C VAL C 42 -36.54 -30.16 33.87
N THR C 43 -36.54 -30.33 32.55
CA THR C 43 -37.18 -29.35 31.66
C THR C 43 -37.77 -30.02 30.41
N LEU C 44 -38.71 -29.34 29.77
CA LEU C 44 -39.26 -29.85 28.52
C LEU C 44 -38.18 -30.07 27.46
N ARG C 45 -38.18 -31.23 26.81
CA ARG C 45 -37.47 -31.40 25.56
C ARG C 45 -38.49 -31.07 24.48
N GLU C 46 -38.30 -29.93 23.81
CA GLU C 46 -39.26 -29.50 22.82
C GLU C 46 -39.33 -30.49 21.66
N PRO C 47 -40.52 -30.66 21.06
CA PRO C 47 -40.69 -31.57 19.92
C PRO C 47 -39.79 -31.20 18.74
N ALA C 48 -39.46 -32.17 17.89
CA ALA C 48 -38.79 -31.90 16.62
C ALA C 48 -39.62 -30.88 15.82
N ARG C 49 -38.94 -29.94 15.15
CA ARG C 49 -39.63 -28.86 14.41
C ARG C 49 -40.59 -29.41 13.35
N LYS C 50 -40.11 -30.38 12.58
CA LYS C 50 -40.90 -31.01 11.51
C LYS C 50 -42.15 -31.69 12.08
N ALA C 51 -41.94 -32.52 13.11
CA ALA C 51 -43.02 -33.21 13.80
C ALA C 51 -44.04 -32.25 14.41
N TYR C 52 -43.57 -31.15 14.97
CA TYR C 52 -44.46 -30.13 15.52
C TYR C 52 -45.32 -29.51 14.41
N ILE C 53 -44.68 -29.08 13.33
CA ILE C 53 -45.38 -28.43 12.23
C ILE C 53 -46.36 -29.41 11.58
N GLN C 54 -45.95 -30.67 11.49
CA GLN C 54 -46.83 -31.72 10.96
C GLN C 54 -48.07 -31.97 11.82
N TRP C 55 -47.90 -31.94 13.14
CA TRP C 55 -49.02 -32.04 14.06
C TRP C 55 -49.91 -30.80 13.93
N LYS C 56 -49.27 -29.64 13.91
CA LYS C 56 -50.00 -28.37 13.92
C LYS C 56 -50.79 -28.13 12.65
N GLU C 57 -50.26 -28.58 11.50
CA GLU C 57 -50.75 -28.15 10.20
C GLU C 57 -51.12 -29.25 9.20
N GLN C 58 -50.69 -30.48 9.45
CA GLN C 58 -50.85 -31.56 8.47
C GLN C 58 -51.53 -32.79 9.07
N GLY C 59 -52.26 -32.61 10.17
CA GLY C 59 -52.94 -33.72 10.84
C GLY C 59 -52.00 -34.81 11.36
N GLY C 60 -50.74 -34.45 11.60
CA GLY C 60 -49.76 -35.41 12.10
C GLY C 60 -50.00 -35.84 13.54
N PRO C 61 -49.31 -36.90 13.98
CA PRO C 61 -49.49 -37.39 15.35
C PRO C 61 -48.93 -36.40 16.37
N LEU C 62 -49.55 -36.39 17.55
CA LEU C 62 -49.09 -35.61 18.67
C LEU C 62 -47.69 -36.04 19.05
N PRO C 63 -46.71 -35.11 19.03
CA PRO C 63 -45.36 -35.46 19.44
C PRO C 63 -45.30 -36.04 20.85
N PRO C 64 -44.36 -36.97 21.10
CA PRO C 64 -44.18 -37.51 22.44
C PRO C 64 -43.86 -36.38 23.41
N ARG C 65 -44.31 -36.55 24.65
CA ARG C 65 -44.06 -35.58 25.69
C ARG C 65 -42.81 -36.00 26.47
N LEU C 66 -41.72 -35.26 26.27
CA LEU C 66 -40.42 -35.64 26.78
C LEU C 66 -39.84 -34.65 27.80
N ALA C 67 -39.20 -35.18 28.83
CA ALA C 67 -38.48 -34.33 29.79
C ALA C 67 -36.98 -34.59 29.66
N TYR C 68 -36.21 -33.51 29.64
CA TYR C 68 -34.75 -33.60 29.60
C TYR C 68 -34.26 -33.37 31.01
N TYR C 69 -33.36 -34.24 31.46
CA TYR C 69 -32.81 -34.13 32.80
C TYR C 69 -31.30 -34.09 32.78
N VAL C 70 -30.76 -33.36 33.76
CA VAL C 70 -29.35 -33.36 34.10
C VAL C 70 -29.23 -33.67 35.59
N ILE C 71 -28.43 -34.69 35.92
CA ILE C 71 -28.21 -35.05 37.31
C ILE C 71 -26.73 -35.14 37.63
N LEU C 72 -26.43 -35.00 38.92
CA LEU C 72 -25.11 -35.29 39.45
C LEU C 72 -25.21 -36.53 40.34
N GLU C 73 -24.10 -37.27 40.45
CA GLU C 73 -24.04 -38.40 41.38
C GLU C 73 -22.85 -38.17 42.30
N ALA C 74 -23.08 -38.33 43.61
CA ALA C 74 -22.00 -38.17 44.60
C ALA C 74 -20.83 -39.08 44.24
N GLY C 75 -19.63 -38.52 44.28
CA GLY C 75 -18.41 -39.27 43.95
C GLY C 75 -18.16 -39.56 42.48
N LYS C 76 -19.02 -39.04 41.59
CA LYS C 76 -18.84 -39.21 40.14
C LYS C 76 -18.55 -37.84 39.49
N PRO C 77 -17.61 -37.81 38.52
CA PRO C 77 -17.26 -36.51 37.95
C PRO C 77 -18.28 -36.07 36.90
N GLY C 78 -18.46 -34.77 36.73
CA GLY C 78 -19.32 -34.26 35.66
C GLY C 78 -20.80 -34.49 35.98
N VAL C 79 -21.54 -34.93 34.98
CA VAL C 79 -23.00 -35.07 35.07
C VAL C 79 -23.46 -36.28 34.29
N LYS C 80 -24.73 -36.64 34.49
CA LYS C 80 -25.41 -37.52 33.57
C LYS C 80 -26.63 -36.77 33.05
N GLU C 81 -26.98 -37.01 31.79
CA GLU C 81 -28.17 -36.41 31.21
C GLU C 81 -28.97 -37.43 30.42
N GLY C 82 -30.19 -37.09 30.08
CA GLY C 82 -30.98 -37.98 29.24
C GLY C 82 -32.40 -37.49 29.09
N LEU C 83 -33.26 -38.37 28.60
CA LEU C 83 -34.67 -38.06 28.35
C LEU C 83 -35.58 -39.05 29.04
N VAL C 84 -36.70 -38.55 29.54
CA VAL C 84 -37.79 -39.36 30.07
C VAL C 84 -38.99 -39.21 29.15
N ASP C 85 -39.50 -40.33 28.65
CA ASP C 85 -40.82 -40.32 28.01
C ASP C 85 -41.86 -40.34 29.12
N LEU C 86 -42.68 -39.29 29.18
CA LEU C 86 -43.58 -39.08 30.30
C LEU C 86 -44.83 -39.96 30.26
N ALA C 87 -45.22 -40.42 29.08
CA ALA C 87 -46.39 -41.30 28.94
C ALA C 87 -46.07 -42.69 29.49
N SER C 88 -44.93 -43.24 29.08
CA SER C 88 -44.51 -44.58 29.48
C SER C 88 -43.71 -44.60 30.78
N LEU C 89 -43.48 -43.41 31.35
CA LEU C 89 -42.69 -43.24 32.57
C LEU C 89 -41.35 -44.00 32.52
N SER C 90 -40.58 -43.76 31.46
CA SER C 90 -39.32 -44.48 31.29
C SER C 90 -38.20 -43.63 30.70
N VAL C 91 -36.97 -43.92 31.11
CA VAL C 91 -35.79 -43.31 30.53
C VAL C 91 -35.55 -43.90 29.12
N ILE C 92 -35.52 -43.04 28.10
CA ILE C 92 -35.40 -43.52 26.73
C ILE C 92 -34.03 -43.24 26.12
N GLU C 93 -33.25 -42.40 26.80
CA GLU C 93 -31.97 -41.97 26.30
C GLU C 93 -31.17 -41.53 27.50
N THR C 94 -29.88 -41.89 27.53
CA THR C 94 -29.03 -41.51 28.65
C THR C 94 -27.56 -41.41 28.24
N ARG C 95 -26.82 -40.50 28.86
CA ARG C 95 -25.37 -40.47 28.70
C ARG C 95 -24.65 -39.76 29.84
N ALA C 96 -23.46 -40.26 30.15
CA ALA C 96 -22.59 -39.72 31.19
C ALA C 96 -21.62 -38.77 30.52
N LEU C 97 -21.50 -37.57 31.08
CA LEU C 97 -20.58 -36.56 30.57
C LEU C 97 -19.65 -36.18 31.69
N GLU C 98 -18.50 -36.85 31.75
CA GLU C 98 -17.63 -36.72 32.90
C GLU C 98 -16.78 -35.46 32.93
N THR C 99 -16.74 -34.74 31.79
CA THR C 99 -15.82 -33.63 31.64
C THR C 99 -16.52 -32.29 31.35
N VAL C 100 -17.77 -32.17 31.80
CA VAL C 100 -18.49 -30.89 31.74
C VAL C 100 -19.02 -30.50 33.12
N GLN C 101 -19.41 -29.24 33.27
CA GLN C 101 -20.09 -28.81 34.50
C GLN C 101 -21.38 -28.10 34.10
N PRO C 102 -22.46 -28.32 34.87
CA PRO C 102 -23.78 -27.78 34.48
C PRO C 102 -24.11 -26.43 35.09
N ILE C 103 -25.19 -25.85 34.60
CA ILE C 103 -25.74 -24.59 35.12
C ILE C 103 -25.80 -24.59 36.67
N LEU C 104 -25.53 -23.44 37.28
CA LEU C 104 -25.63 -23.29 38.74
C LEU C 104 -27.03 -22.85 39.14
N THR C 105 -27.70 -23.70 39.91
CA THR C 105 -29.09 -23.45 40.33
C THR C 105 -29.02 -22.56 41.56
N VAL C 106 -30.12 -21.90 41.93
CA VAL C 106 -30.03 -21.00 43.09
C VAL C 106 -29.72 -21.78 44.37
N GLU C 107 -30.12 -23.06 44.43
CA GLU C 107 -29.75 -23.91 45.56
C GLU C 107 -28.24 -24.04 45.63
N ASP C 108 -27.67 -24.71 44.62
CA ASP C 108 -26.26 -25.10 44.67
C ASP C 108 -25.35 -23.90 44.85
N LEU C 109 -25.93 -22.70 44.69
CA LEU C 109 -25.25 -21.42 44.95
CA LEU C 109 -25.17 -21.50 45.00
C LEU C 109 -25.44 -20.86 46.38
N CYS C 110 -26.68 -20.92 46.89
CA CYS C 110 -26.99 -20.28 48.20
C CYS C 110 -26.13 -20.86 49.34
N SER C 111 -25.45 -21.98 49.08
CA SER C 111 -24.62 -22.68 50.07
C SER C 111 -23.22 -22.10 50.28
N THR C 112 -22.72 -21.33 49.31
CA THR C 112 -21.32 -20.92 49.31
C THR C 112 -20.92 -19.98 50.44
N GLU C 113 -21.84 -19.09 50.80
CA GLU C 113 -21.55 -18.10 51.81
C GLU C 113 -21.17 -18.74 53.15
N GLU C 114 -21.93 -19.74 53.56
CA GLU C 114 -21.62 -20.35 54.85
CA GLU C 114 -21.71 -20.50 54.79
C GLU C 114 -20.35 -21.21 54.74
N VAL C 115 -20.02 -21.72 53.54
CA VAL C 115 -18.77 -22.42 53.34
C VAL C 115 -17.60 -21.46 53.60
N ILE C 116 -17.65 -20.28 52.99
CA ILE C 116 -16.50 -19.39 53.15
C ILE C 116 -16.44 -18.77 54.55
N ARG C 117 -17.59 -18.55 55.17
CA ARG C 117 -17.60 -17.96 56.52
C ARG C 117 -16.94 -18.86 57.56
N ASN C 118 -16.96 -20.17 57.28
CA ASN C 118 -16.46 -21.16 58.22
C ASN C 118 -15.13 -21.78 57.83
N ASP C 119 -14.54 -21.28 56.75
CA ASP C 119 -13.23 -21.77 56.32
C ASP C 119 -12.08 -21.04 57.01
N PRO C 120 -11.20 -21.78 57.71
CA PRO C 120 -10.10 -21.09 58.44
C PRO C 120 -9.17 -20.22 57.59
N ALA C 121 -8.89 -20.64 56.35
CA ALA C 121 -8.03 -19.85 55.46
C ALA C 121 -8.70 -18.53 55.09
N VAL C 122 -10.01 -18.58 54.83
CA VAL C 122 -10.78 -17.36 54.53
C VAL C 122 -10.83 -16.44 55.75
N ILE C 123 -11.06 -17.02 56.92
CA ILE C 123 -11.15 -16.23 58.14
C ILE C 123 -9.83 -15.49 58.34
N GLU C 124 -8.71 -16.19 58.14
CA GLU C 124 -7.39 -15.55 58.27
C GLU C 124 -7.25 -14.34 57.33
N GLN C 125 -7.78 -14.46 56.11
CA GLN C 125 -7.67 -13.37 55.15
C GLN C 125 -8.56 -12.18 55.52
N CYS C 126 -9.72 -12.47 56.11
CA CYS C 126 -10.58 -11.44 56.65
C CYS C 126 -9.86 -10.69 57.77
N VAL C 127 -9.26 -11.44 58.69
CA VAL C 127 -8.50 -10.81 59.78
C VAL C 127 -7.37 -9.92 59.25
N LEU C 128 -6.61 -10.42 58.29
CA LEU C 128 -5.55 -9.64 57.65
C LEU C 128 -6.07 -8.38 56.96
N SER C 129 -7.32 -8.46 56.49
CA SER C 129 -7.99 -7.36 55.80
C SER C 129 -8.68 -6.39 56.77
N GLY C 130 -8.56 -6.62 58.08
CA GLY C 130 -9.17 -5.70 59.05
C GLY C 130 -10.54 -6.07 59.61
N ILE C 131 -10.98 -7.31 59.37
CA ILE C 131 -12.25 -7.81 59.89
C ILE C 131 -11.96 -8.95 60.87
N PRO C 132 -12.18 -8.71 62.18
CA PRO C 132 -11.90 -9.76 63.17
C PRO C 132 -12.71 -11.05 62.95
N ALA C 133 -12.15 -12.17 63.39
CA ALA C 133 -12.80 -13.47 63.21
C ALA C 133 -14.20 -13.51 63.81
N ASN C 134 -14.44 -12.71 64.87
CA ASN C 134 -15.77 -12.69 65.47
C ASN C 134 -16.80 -11.84 64.72
N GLU C 135 -16.39 -11.34 63.56
CA GLU C 135 -17.27 -10.54 62.72
C GLU C 135 -17.50 -11.23 61.37
N MET C 136 -17.23 -12.54 61.30
CA MET C 136 -17.45 -13.28 60.06
C MET C 136 -18.90 -13.26 59.59
N HIS C 137 -19.85 -13.02 60.49
CA HIS C 137 -21.26 -12.99 60.09
C HIS C 137 -21.56 -11.73 59.27
N LYS C 138 -20.59 -10.81 59.26
CA LYS C 138 -20.66 -9.57 58.49
C LYS C 138 -20.04 -9.69 57.10
N VAL C 139 -19.48 -10.86 56.81
CA VAL C 139 -18.82 -11.08 55.53
C VAL C 139 -19.80 -11.82 54.65
N TYR C 140 -19.91 -11.35 53.41
CA TYR C 140 -20.85 -11.91 52.43
C TYR C 140 -20.08 -12.21 51.15
N CYS C 141 -20.64 -13.04 50.29
CA CYS C 141 -20.04 -13.18 48.98
C CYS C 141 -21.12 -13.40 47.92
N ASP C 142 -20.82 -12.92 46.72
CA ASP C 142 -21.60 -13.29 45.54
C ASP C 142 -20.91 -14.48 44.92
N PRO C 143 -21.61 -15.63 44.95
CA PRO C 143 -21.08 -16.86 44.44
C PRO C 143 -21.28 -16.85 42.92
N TRP C 144 -20.18 -16.77 42.18
CA TRP C 144 -20.21 -16.84 40.72
C TRP C 144 -19.64 -18.18 40.35
N THR C 145 -20.01 -18.71 39.18
CA THR C 145 -19.18 -19.77 38.64
C THR C 145 -17.79 -19.21 38.51
N ILE C 146 -16.83 -20.12 38.61
CA ILE C 146 -15.44 -19.75 38.36
C ILE C 146 -15.28 -19.23 36.91
N GLY C 147 -16.21 -19.60 36.04
CA GLY C 147 -16.17 -19.15 34.64
C GLY C 147 -15.24 -20.10 33.92
N TYR C 148 -13.96 -19.78 33.94
CA TYR C 148 -12.94 -20.73 33.51
C TYR C 148 -11.64 -20.44 34.22
N ASP C 149 -11.08 -21.47 34.84
CA ASP C 149 -9.74 -21.33 35.44
C ASP C 149 -8.87 -22.49 34.97
N GLU C 150 -7.80 -22.17 34.24
CA GLU C 150 -6.92 -23.17 33.64
C GLU C 150 -6.21 -24.06 34.66
N ARG C 151 -6.27 -23.70 35.94
CA ARG C 151 -5.68 -24.55 36.98
C ARG C 151 -6.50 -25.81 37.25
N TRP C 152 -7.81 -25.78 36.94
CA TRP C 152 -8.71 -26.90 37.27
C TRP C 152 -9.60 -27.43 36.15
N GLY C 153 -9.75 -26.67 35.07
CA GLY C 153 -10.60 -27.12 33.95
C GLY C 153 -12.00 -27.42 34.46
N THR C 154 -12.55 -28.55 34.01
CA THR C 154 -13.84 -29.03 34.50
C THR C 154 -13.67 -30.18 35.50
N GLY C 155 -12.45 -30.36 36.01
CA GLY C 155 -12.14 -31.53 36.86
C GLY C 155 -12.79 -31.53 38.23
N LYS C 156 -13.18 -30.35 38.70
CA LYS C 156 -13.97 -30.11 39.91
C LYS C 156 -15.04 -29.10 39.54
N ARG C 157 -16.18 -29.13 40.22
CA ARG C 157 -17.21 -28.10 40.02
C ARG C 157 -16.92 -26.94 40.94
N LEU C 158 -16.67 -25.76 40.37
CA LEU C 158 -16.08 -24.66 41.16
C LEU C 158 -16.85 -23.35 41.08
N GLN C 159 -16.90 -22.65 42.21
CA GLN C 159 -17.39 -21.28 42.22
C GLN C 159 -16.27 -20.39 42.69
N GLN C 160 -16.35 -19.12 42.33
CA GLN C 160 -15.45 -18.13 42.90
C GLN C 160 -16.32 -17.19 43.74
N ALA C 161 -15.84 -16.88 44.94
CA ALA C 161 -16.61 -16.07 45.86
C ALA C 161 -16.10 -14.64 45.84
N LEU C 162 -16.86 -13.72 45.24
CA LEU C 162 -16.48 -12.31 45.29
C LEU C 162 -16.98 -11.81 46.62
N VAL C 163 -16.02 -11.42 47.48
CA VAL C 163 -16.28 -11.18 48.90
CA VAL C 163 -16.32 -11.17 48.89
C VAL C 163 -16.55 -9.71 49.20
N TYR C 164 -17.50 -9.45 50.09
CA TYR C 164 -17.90 -8.12 50.49
C TYR C 164 -18.17 -8.09 52.00
N TYR C 165 -18.29 -6.89 52.55
CA TYR C 165 -18.51 -6.70 53.97
C TYR C 165 -19.72 -5.81 54.19
N ARG C 166 -20.59 -6.18 55.13
CA ARG C 166 -21.71 -5.31 55.54
C ARG C 166 -21.56 -4.96 57.02
N SER C 167 -21.60 -3.67 57.34
CA SER C 167 -21.59 -3.26 58.75
CA SER C 167 -21.60 -3.24 58.75
C SER C 167 -22.90 -3.61 59.45
N ASP C 168 -23.99 -3.59 58.69
CA ASP C 168 -25.32 -3.91 59.15
C ASP C 168 -25.97 -4.73 58.03
N GLU C 169 -26.77 -5.73 58.40
CA GLU C 169 -27.40 -6.61 57.43
C GLU C 169 -28.21 -5.90 56.33
N ASP C 170 -28.70 -4.68 56.61
CA ASP C 170 -29.50 -3.90 55.65
C ASP C 170 -28.64 -3.05 54.71
N ASP C 171 -27.32 -3.07 54.92
CA ASP C 171 -26.39 -2.34 54.06
C ASP C 171 -26.40 -2.92 52.65
N SER C 172 -26.07 -2.08 51.66
CA SER C 172 -25.70 -2.59 50.35
C SER C 172 -24.19 -2.87 50.39
N GLN C 173 -23.82 -4.12 50.23
CA GLN C 173 -22.44 -4.52 50.51
C GLN C 173 -21.41 -4.01 49.50
N TYR C 174 -21.88 -3.49 48.37
CA TYR C 174 -21.00 -3.29 47.21
C TYR C 174 -20.04 -2.11 47.35
N SER C 175 -20.22 -1.31 48.40
CA SER C 175 -19.22 -0.27 48.67
C SER C 175 -18.00 -0.83 49.42
N HIS C 176 -18.10 -2.09 49.87
CA HIS C 176 -17.05 -2.69 50.68
C HIS C 176 -16.62 -4.08 50.18
N PRO C 177 -16.10 -4.15 48.95
CA PRO C 177 -15.45 -5.39 48.49
C PRO C 177 -14.16 -5.65 49.28
N LEU C 178 -13.80 -6.92 49.43
CA LEU C 178 -12.51 -7.30 49.98
C LEU C 178 -11.54 -7.64 48.84
N ASP C 179 -10.28 -7.88 49.17
CA ASP C 179 -9.27 -7.91 48.10
C ASP C 179 -8.97 -9.28 47.51
N PHE C 180 -9.47 -10.33 48.16
CA PHE C 180 -9.11 -11.72 47.83
C PHE C 180 -10.32 -12.49 47.31
N CYS C 181 -10.06 -13.64 46.70
CA CYS C 181 -11.12 -14.40 46.01
C CYS C 181 -10.99 -15.90 46.32
N PRO C 182 -11.78 -16.40 47.26
CA PRO C 182 -11.78 -17.83 47.54
C PRO C 182 -12.39 -18.62 46.39
N ILE C 183 -11.82 -19.80 46.16
CA ILE C 183 -12.31 -20.75 45.16
C ILE C 183 -12.93 -21.93 45.91
N VAL C 184 -14.18 -22.24 45.59
CA VAL C 184 -14.97 -23.21 46.34
C VAL C 184 -15.39 -24.41 45.46
N ASP C 185 -15.14 -25.62 45.96
CA ASP C 185 -15.67 -26.83 45.34
C ASP C 185 -17.14 -26.94 45.73
N THR C 186 -18.01 -26.82 44.72
CA THR C 186 -19.46 -26.75 44.90
C THR C 186 -20.01 -27.99 45.57
N GLU C 187 -19.54 -29.15 45.13
CA GLU C 187 -20.11 -30.41 45.56
C GLU C 187 -19.49 -30.91 46.87
N GLU C 188 -18.21 -30.59 47.08
CA GLU C 188 -17.54 -30.94 48.33
C GLU C 188 -17.76 -29.91 49.44
N LYS C 189 -18.29 -28.74 49.08
CA LYS C 189 -18.53 -27.65 50.03
C LYS C 189 -17.29 -27.27 50.85
N LYS C 190 -16.18 -27.03 50.13
CA LYS C 190 -14.96 -26.59 50.79
C LYS C 190 -14.18 -25.63 49.94
N VAL C 191 -13.44 -24.74 50.60
CA VAL C 191 -12.52 -23.83 49.92
C VAL C 191 -11.26 -24.59 49.53
N ILE C 192 -10.90 -24.53 48.25
CA ILE C 192 -9.74 -25.28 47.77
C ILE C 192 -8.54 -24.38 47.49
N PHE C 193 -8.79 -23.09 47.36
CA PHE C 193 -7.73 -22.15 47.07
C PHE C 193 -8.23 -20.75 47.37
N ILE C 194 -7.31 -19.82 47.61
CA ILE C 194 -7.68 -18.40 47.71
C ILE C 194 -6.70 -17.57 46.87
N ASP C 195 -7.24 -16.86 45.87
CA ASP C 195 -6.43 -15.91 45.09
C ASP C 195 -6.19 -14.67 45.96
N ILE C 196 -4.92 -14.40 46.26
CA ILE C 196 -4.55 -13.28 47.12
C ILE C 196 -3.66 -12.34 46.30
N PRO C 197 -4.01 -11.05 46.26
CA PRO C 197 -3.27 -10.11 45.42
C PRO C 197 -1.89 -9.75 45.97
N ASN C 198 -1.00 -9.33 45.07
CA ASN C 198 0.35 -8.91 45.42
C ASN C 198 0.31 -7.69 46.34
N ARG C 199 -0.59 -6.77 46.04
CA ARG C 199 -0.78 -5.58 46.85
C ARG C 199 -2.06 -5.75 47.68
N ARG C 200 -1.89 -5.90 48.99
CA ARG C 200 -3.05 -6.03 49.88
C ARG C 200 -3.74 -4.70 50.11
N ARG C 201 -5.07 -4.75 50.16
CA ARG C 201 -5.91 -3.59 50.46
C ARG C 201 -6.89 -4.00 51.53
N LYS C 202 -6.79 -3.37 52.70
CA LYS C 202 -7.69 -3.67 53.82
C LYS C 202 -9.07 -3.06 53.58
N VAL C 203 -10.06 -3.59 54.30
CA VAL C 203 -11.47 -3.19 54.14
C VAL C 203 -11.61 -1.68 54.28
N SER C 204 -12.44 -1.08 53.42
CA SER C 204 -12.71 0.34 53.50
C SER C 204 -13.29 0.76 54.87
N LYS C 205 -12.87 1.93 55.36
CA LYS C 205 -13.40 2.45 56.61
C LYS C 205 -14.54 3.47 56.41
N HIS C 206 -14.92 3.69 55.16
CA HIS C 206 -16.00 4.62 54.87
C HIS C 206 -17.35 4.06 55.20
N LYS C 207 -18.35 4.94 55.35
CA LYS C 207 -19.72 4.51 55.55
C LYS C 207 -20.14 3.73 54.29
N HIS C 208 -21.06 2.80 54.47
CA HIS C 208 -21.62 2.09 53.32
C HIS C 208 -22.41 3.05 52.44
N ALA C 209 -22.40 2.80 51.13
CA ALA C 209 -23.18 3.62 50.21
C ALA C 209 -24.55 2.97 50.06
N ASN C 210 -25.54 3.46 50.80
CA ASN C 210 -26.82 2.78 50.91
C ASN C 210 -27.92 3.51 50.17
N PHE C 211 -29.06 2.85 49.97
CA PHE C 211 -30.09 3.40 49.10
C PHE C 211 -31.54 3.23 49.56
N TYR C 212 -31.78 2.59 50.70
CA TYR C 212 -33.18 2.50 51.19
C TYR C 212 -33.59 3.88 51.76
N PRO C 213 -34.91 4.15 51.82
CA PRO C 213 -35.40 5.42 52.37
C PRO C 213 -34.78 5.81 53.73
N LYS C 214 -34.66 4.88 54.68
CA LYS C 214 -34.06 5.22 55.96
C LYS C 214 -32.63 5.72 55.83
N HIS C 215 -31.90 5.15 54.87
CA HIS C 215 -30.52 5.55 54.62
C HIS C 215 -30.49 6.90 53.94
N MET C 216 -31.44 7.10 53.04
CA MET C 216 -31.47 8.37 52.30
C MET C 216 -31.84 9.55 53.20
N ILE C 217 -32.72 9.32 54.16
CA ILE C 217 -33.05 10.37 55.14
C ILE C 217 -31.79 10.80 55.91
N GLU C 218 -30.97 9.83 56.32
CA GLU C 218 -29.71 10.17 56.99
C GLU C 218 -28.74 10.89 56.08
N LYS C 219 -28.68 10.46 54.82
CA LYS C 219 -27.69 10.98 53.87
C LYS C 219 -28.04 12.37 53.33
N VAL C 220 -29.28 12.57 52.89
CA VAL C 220 -29.66 13.85 52.25
C VAL C 220 -30.73 14.63 53.00
N GLY C 221 -31.19 14.11 54.13
CA GLY C 221 -32.08 14.85 55.03
C GLY C 221 -33.53 14.42 55.02
N ALA C 222 -34.05 14.11 53.84
CA ALA C 222 -35.45 13.72 53.70
C ALA C 222 -35.64 13.06 52.34
N MET C 223 -36.69 12.25 52.22
CA MET C 223 -37.16 11.78 50.93
C MET C 223 -37.97 12.88 50.28
N ARG C 224 -38.15 12.78 48.96
CA ARG C 224 -39.06 13.67 48.26
C ARG C 224 -40.47 13.30 48.69
N PRO C 225 -41.42 14.27 48.63
CA PRO C 225 -42.82 13.89 48.87
C PRO C 225 -43.27 12.80 47.89
N GLU C 226 -44.21 11.95 48.31
CA GLU C 226 -44.84 11.00 47.41
C GLU C 226 -45.46 11.77 46.24
N ALA C 227 -45.19 11.33 45.02
CA ALA C 227 -45.74 11.96 43.82
C ALA C 227 -47.18 11.52 43.63
N PRO C 228 -48.00 12.35 42.97
CA PRO C 228 -49.37 11.95 42.65
C PRO C 228 -49.38 10.67 41.81
N PRO C 229 -50.37 9.81 42.03
CA PRO C 229 -50.43 8.52 41.34
C PRO C 229 -50.73 8.66 39.85
N ILE C 230 -50.31 7.66 39.08
CA ILE C 230 -50.71 7.53 37.68
C ILE C 230 -51.35 6.16 37.58
N ASN C 231 -52.66 6.13 37.35
CA ASN C 231 -53.46 4.92 37.46
C ASN C 231 -53.90 4.33 36.14
N VAL C 232 -53.64 3.04 35.95
CA VAL C 232 -54.00 2.33 34.72
C VAL C 232 -55.14 1.36 35.00
N THR C 233 -56.25 1.55 34.29
CA THR C 233 -57.42 0.69 34.44
C THR C 233 -57.95 0.21 33.08
N GLN C 234 -58.55 -0.96 33.08
CA GLN C 234 -59.26 -1.49 31.92
C GLN C 234 -60.61 -2.05 32.38
N PRO C 235 -61.59 -1.14 32.61
CA PRO C 235 -62.91 -1.49 33.16
C PRO C 235 -63.73 -2.45 32.30
N GLU C 236 -63.43 -2.53 31.00
CA GLU C 236 -64.16 -3.44 30.11
C GLU C 236 -63.32 -4.65 29.73
N GLY C 237 -62.23 -4.85 30.47
CA GLY C 237 -61.35 -5.99 30.25
C GLY C 237 -60.26 -5.65 29.26
N VAL C 238 -59.55 -6.68 28.83
CA VAL C 238 -58.42 -6.54 27.90
C VAL C 238 -58.82 -6.99 26.48
N SER C 239 -58.02 -6.60 25.49
CA SER C 239 -58.34 -6.95 24.10
C SER C 239 -57.76 -8.30 23.70
N PHE C 240 -56.77 -8.79 24.46
CA PHE C 240 -56.13 -10.05 24.12
C PHE C 240 -56.87 -11.24 24.71
N LYS C 241 -56.66 -12.41 24.10
CA LYS C 241 -57.34 -13.62 24.51
C LYS C 241 -56.27 -14.67 24.71
N MET C 242 -56.21 -15.25 25.90
CA MET C 242 -55.30 -16.37 26.14
CA MET C 242 -55.32 -16.38 26.06
C MET C 242 -56.06 -17.68 26.29
N THR C 243 -55.58 -18.70 25.59
CA THR C 243 -56.14 -20.03 25.69
C THR C 243 -54.98 -20.88 26.18
N GLY C 244 -54.93 -21.09 27.49
CA GLY C 244 -53.76 -21.68 28.12
C GLY C 244 -52.60 -20.72 27.92
N ASN C 245 -51.56 -21.18 27.24
CA ASN C 245 -50.38 -20.35 26.98
C ASN C 245 -50.38 -19.71 25.59
N VAL C 246 -51.47 -19.89 24.85
CA VAL C 246 -51.56 -19.37 23.50
C VAL C 246 -52.21 -17.99 23.54
N MET C 247 -51.52 -17.02 22.96
CA MET C 247 -51.95 -15.65 22.98
C MET C 247 -52.52 -15.25 21.62
N GLU C 248 -53.61 -14.50 21.63
CA GLU C 248 -54.15 -13.88 20.42
C GLU C 248 -54.37 -12.40 20.72
N TRP C 249 -53.76 -11.53 19.93
CA TRP C 249 -53.84 -10.11 20.14
C TRP C 249 -53.52 -9.39 18.84
N SER C 250 -54.42 -8.46 18.44
CA SER C 250 -54.23 -7.62 17.25
C SER C 250 -53.68 -8.41 16.05
N ASN C 251 -54.35 -9.53 15.78
CA ASN C 251 -54.03 -10.45 14.68
C ASN C 251 -52.83 -11.38 14.88
N PHE C 252 -52.00 -11.08 15.88
CA PHE C 252 -50.90 -12.00 16.22
C PHE C 252 -51.46 -13.21 16.96
N LYS C 253 -50.89 -14.38 16.70
CA LYS C 253 -51.14 -15.55 17.53
C LYS C 253 -49.78 -16.18 17.79
N PHE C 254 -49.57 -16.61 19.03
CA PHE C 254 -48.30 -17.24 19.39
C PHE C 254 -48.41 -18.00 20.70
N HIS C 255 -47.43 -18.85 20.94
CA HIS C 255 -47.36 -19.61 22.19
C HIS C 255 -46.33 -18.99 23.14
N ILE C 256 -46.74 -18.74 24.38
CA ILE C 256 -45.81 -18.22 25.39
C ILE C 256 -45.27 -19.37 26.22
N GLY C 257 -43.98 -19.66 26.06
CA GLY C 257 -43.33 -20.72 26.83
C GLY C 257 -42.33 -20.11 27.78
N PHE C 258 -41.73 -20.94 28.62
CA PHE C 258 -40.76 -20.45 29.61
C PHE C 258 -39.91 -21.64 29.98
N ASN C 259 -38.61 -21.43 30.11
CA ASN C 259 -37.78 -22.48 30.68
C ASN C 259 -36.70 -21.93 31.60
N TYR C 260 -36.03 -22.84 32.29
CA TYR C 260 -35.03 -22.48 33.33
C TYR C 260 -33.91 -21.61 32.81
N ARG C 261 -33.67 -21.66 31.50
CA ARG C 261 -32.43 -21.14 30.95
C ARG C 261 -32.66 -19.86 30.15
N GLU C 262 -33.54 -19.95 29.14
CA GLU C 262 -33.84 -18.82 28.28
C GLU C 262 -34.84 -17.86 28.90
N GLY C 263 -35.57 -18.34 29.90
CA GLY C 263 -36.72 -17.58 30.38
C GLY C 263 -37.82 -17.68 29.35
N ILE C 264 -38.35 -16.53 28.94
CA ILE C 264 -39.44 -16.48 27.97
C ILE C 264 -39.04 -17.04 26.59
N VAL C 265 -39.89 -17.92 26.03
CA VAL C 265 -39.68 -18.45 24.68
C VAL C 265 -40.98 -18.24 23.92
N LEU C 266 -40.92 -17.51 22.82
CA LEU C 266 -42.12 -17.25 22.02
C LEU C 266 -42.10 -18.17 20.80
N SER C 267 -43.16 -18.95 20.60
CA SER C 267 -43.17 -19.91 19.52
C SER C 267 -44.38 -19.80 18.60
N ASP C 268 -44.22 -20.29 17.37
CA ASP C 268 -45.37 -20.47 16.47
C ASP C 268 -46.07 -19.13 16.29
N VAL C 269 -45.29 -18.11 15.96
CA VAL C 269 -45.79 -16.74 15.84
C VAL C 269 -46.33 -16.56 14.42
N SER C 270 -47.60 -16.17 14.33
CA SER C 270 -48.25 -15.88 13.05
C SER C 270 -49.02 -14.55 13.09
N TYR C 271 -49.36 -14.03 11.91
CA TYR C 271 -50.19 -12.85 11.84
C TYR C 271 -51.36 -13.14 10.92
N ASN C 272 -52.57 -12.88 11.42
CA ASN C 272 -53.79 -13.07 10.63
C ASN C 272 -54.03 -11.87 9.75
N ASP C 273 -53.58 -11.98 8.49
CA ASP C 273 -53.69 -10.89 7.53
C ASP C 273 -55.03 -11.04 6.80
N HIS C 274 -56.08 -10.52 7.42
CA HIS C 274 -57.45 -10.56 6.84
C HIS C 274 -57.83 -11.96 6.32
N GLY C 275 -57.59 -12.97 7.14
CA GLY C 275 -58.04 -14.32 6.80
C GLY C 275 -56.91 -15.22 6.35
N ASN C 276 -55.84 -14.60 5.84
CA ASN C 276 -54.65 -15.36 5.53
CA ASN C 276 -54.61 -15.29 5.48
C ASN C 276 -53.74 -15.39 6.75
N VAL C 277 -53.69 -16.55 7.40
CA VAL C 277 -52.87 -16.70 8.61
C VAL C 277 -51.45 -17.01 8.15
N ARG C 278 -50.57 -16.02 8.32
CA ARG C 278 -49.21 -16.08 7.78
C ARG C 278 -48.18 -16.28 8.89
N PRO C 279 -47.42 -17.37 8.80
CA PRO C 279 -46.37 -17.58 9.79
C PRO C 279 -45.31 -16.48 9.69
N ILE C 280 -44.67 -16.19 10.81
CA ILE C 280 -43.58 -15.24 10.85
C ILE C 280 -42.34 -15.90 11.47
N PHE C 281 -42.45 -16.40 12.72
CA PHE C 281 -41.31 -17.06 13.36
C PHE C 281 -41.76 -18.38 13.96
N HIS C 282 -40.92 -19.41 13.85
CA HIS C 282 -41.19 -20.62 14.60
C HIS C 282 -40.84 -20.48 16.09
N ARG C 283 -39.77 -19.76 16.39
CA ARG C 283 -39.32 -19.63 17.77
C ARG C 283 -38.43 -18.40 17.87
N ILE C 284 -38.60 -17.64 18.94
CA ILE C 284 -37.70 -16.52 19.24
C ILE C 284 -37.43 -16.45 20.74
N SER C 285 -36.17 -16.21 21.11
CA SER C 285 -35.78 -16.19 22.52
C SER C 285 -34.38 -15.60 22.62
N LEU C 286 -33.96 -15.32 23.85
CA LEU C 286 -32.55 -15.05 24.13
C LEU C 286 -31.92 -16.39 24.48
N SER C 287 -30.79 -16.69 23.82
CA SER C 287 -30.20 -18.02 23.87
C SER C 287 -28.91 -18.09 24.69
N GLU C 288 -28.24 -16.95 24.85
CA GLU C 288 -27.02 -16.89 25.66
C GLU C 288 -26.69 -15.42 25.90
N MET C 289 -25.82 -15.17 26.87
CA MET C 289 -25.28 -13.82 27.07
C MET C 289 -23.83 -13.97 27.44
N ILE C 290 -23.09 -12.87 27.36
CA ILE C 290 -21.77 -12.83 28.02
C ILE C 290 -21.57 -11.40 28.49
N VAL C 291 -21.01 -11.26 29.68
CA VAL C 291 -20.79 -9.96 30.30
C VAL C 291 -19.29 -9.83 30.62
N PRO C 292 -18.47 -9.58 29.57
CA PRO C 292 -17.02 -9.60 29.77
C PRO C 292 -16.48 -8.32 30.39
N TYR C 293 -15.73 -8.47 31.48
CA TYR C 293 -15.09 -7.34 32.14
C TYR C 293 -13.77 -7.02 31.49
N GLY C 294 -13.35 -5.77 31.68
CA GLY C 294 -12.23 -5.22 30.92
C GLY C 294 -10.97 -4.88 31.71
N SER C 295 -10.84 -5.39 32.94
CA SER C 295 -9.57 -5.25 33.67
C SER C 295 -8.70 -6.47 33.40
N PRO C 296 -7.44 -6.25 32.97
CA PRO C 296 -6.59 -7.40 32.68
C PRO C 296 -5.98 -8.04 33.92
N GLU C 297 -6.13 -7.41 35.09
CA GLU C 297 -5.42 -7.83 36.28
C GLU C 297 -6.04 -9.10 36.88
N PHE C 298 -5.18 -10.01 37.32
CA PHE C 298 -5.63 -11.29 37.85
C PHE C 298 -6.35 -11.07 39.19
N PRO C 299 -7.45 -11.80 39.46
CA PRO C 299 -8.14 -12.83 38.69
C PRO C 299 -9.34 -12.28 37.93
N HIS C 300 -9.32 -11.00 37.58
CA HIS C 300 -10.50 -10.36 37.00
C HIS C 300 -10.85 -10.87 35.60
N GLN C 301 -9.94 -11.60 34.95
CA GLN C 301 -10.27 -12.23 33.66
C GLN C 301 -11.38 -13.27 33.82
N ARG C 302 -11.59 -13.75 35.04
CA ARG C 302 -12.64 -14.76 35.28
C ARG C 302 -14.02 -14.12 35.41
N LYS C 303 -14.12 -12.81 35.22
CA LYS C 303 -15.41 -12.12 35.23
C LYS C 303 -15.85 -11.95 33.79
N HIS C 304 -16.63 -12.92 33.32
CA HIS C 304 -17.22 -12.87 31.99
C HIS C 304 -18.43 -13.79 32.00
N ALA C 305 -19.36 -13.48 32.89
CA ALA C 305 -20.50 -14.39 33.12
C ALA C 305 -21.31 -14.62 31.85
N LEU C 306 -21.63 -15.87 31.58
CA LEU C 306 -22.60 -16.16 30.53
C LEU C 306 -23.92 -16.46 31.27
N ASP C 307 -24.66 -15.41 31.60
CA ASP C 307 -25.69 -15.56 32.64
C ASP C 307 -26.75 -16.58 32.28
N ILE C 308 -27.12 -16.60 31.02
CA ILE C 308 -28.16 -17.54 30.56
C ILE C 308 -27.68 -19.00 30.72
N GLY C 309 -26.51 -19.33 30.18
CA GLY C 309 -26.02 -20.69 30.27
C GLY C 309 -25.40 -21.08 31.61
N GLU C 310 -24.98 -20.12 32.44
CA GLU C 310 -24.34 -20.46 33.70
C GLU C 310 -25.24 -20.35 34.93
N TYR C 311 -26.33 -19.57 34.84
CA TYR C 311 -27.28 -19.42 35.96
C TYR C 311 -28.73 -19.65 35.55
N GLY C 312 -29.09 -19.14 34.38
CA GLY C 312 -30.43 -19.38 33.78
C GLY C 312 -31.38 -18.22 34.02
N ALA C 313 -31.88 -17.61 32.94
CA ALA C 313 -32.85 -16.51 33.06
C ALA C 313 -34.18 -16.96 33.69
N GLY C 314 -34.45 -18.26 33.67
CA GLY C 314 -35.63 -18.80 34.36
C GLY C 314 -35.31 -18.99 35.83
N TYR C 315 -34.24 -19.73 36.13
CA TYR C 315 -33.84 -19.96 37.53
C TYR C 315 -33.65 -18.67 38.33
N MET C 316 -33.14 -17.62 37.67
CA MET C 316 -32.86 -16.33 38.32
CA MET C 316 -32.87 -16.35 38.35
C MET C 316 -34.05 -15.37 38.30
N THR C 317 -35.17 -15.81 37.76
CA THR C 317 -36.27 -14.87 37.56
C THR C 317 -36.97 -14.44 38.84
N ASN C 318 -37.36 -13.15 38.90
CA ASN C 318 -38.03 -12.57 40.07
C ASN C 318 -39.53 -12.84 40.09
N PRO C 319 -40.08 -13.21 41.25
CA PRO C 319 -41.53 -13.09 41.37
C PRO C 319 -41.92 -11.62 41.27
N LEU C 320 -42.82 -11.31 40.34
CA LEU C 320 -43.13 -9.91 39.98
C LEU C 320 -44.30 -9.31 40.78
N SER C 321 -44.26 -7.98 40.96
CA SER C 321 -45.27 -7.13 41.69
C SER C 321 -46.24 -7.91 42.62
N LEU C 322 -47.52 -7.56 42.85
CA LEU C 322 -48.20 -6.22 42.87
C LEU C 322 -48.47 -5.41 41.61
N GLY C 323 -48.34 -4.09 41.73
CA GLY C 323 -48.48 -3.17 40.60
C GLY C 323 -47.25 -2.29 40.53
N CYS C 324 -46.15 -2.78 41.09
CA CYS C 324 -44.87 -2.07 41.11
CA CYS C 324 -44.89 -2.05 41.10
C CYS C 324 -44.00 -2.46 39.93
N ASP C 325 -43.79 -3.77 39.76
CA ASP C 325 -43.00 -4.25 38.62
C ASP C 325 -43.74 -4.02 37.32
N CYS C 326 -45.01 -4.41 37.32
CA CYS C 326 -45.86 -4.29 36.14
C CYS C 326 -47.14 -3.54 36.47
N LYS C 327 -47.37 -2.45 35.75
CA LYS C 327 -48.50 -1.58 36.02
C LYS C 327 -49.64 -1.86 35.06
N GLY C 328 -50.85 -1.92 35.60
CA GLY C 328 -52.05 -2.11 34.79
C GLY C 328 -52.74 -3.43 35.06
N VAL C 329 -53.49 -3.90 34.07
CA VAL C 329 -54.25 -5.11 34.20
C VAL C 329 -53.38 -6.24 33.66
N ILE C 330 -52.94 -7.12 34.56
CA ILE C 330 -51.90 -8.08 34.24
C ILE C 330 -52.40 -9.52 34.22
N HIS C 331 -51.95 -10.29 33.22
CA HIS C 331 -52.09 -11.74 33.25
C HIS C 331 -50.73 -12.31 33.61
N TYR C 332 -50.64 -13.06 34.71
CA TYR C 332 -49.36 -13.63 35.15
C TYR C 332 -49.23 -15.10 34.81
N LEU C 333 -47.99 -15.54 34.55
CA LEU C 333 -47.66 -16.97 34.50
C LEU C 333 -46.68 -17.30 35.61
N ASP C 334 -46.79 -18.52 36.14
CA ASP C 334 -45.84 -19.05 37.11
C ASP C 334 -44.82 -19.93 36.39
N ALA C 335 -43.62 -20.05 36.95
CA ALA C 335 -42.59 -20.96 36.41
C ALA C 335 -42.46 -22.18 37.32
N HIS C 336 -42.20 -23.35 36.74
CA HIS C 336 -41.98 -24.57 37.51
C HIS C 336 -40.68 -25.26 37.13
N PHE C 337 -39.89 -25.59 38.15
CA PHE C 337 -38.57 -26.19 38.00
C PHE C 337 -38.46 -27.41 38.92
N SER C 338 -37.31 -28.08 38.92
CA SER C 338 -37.02 -29.08 39.96
C SER C 338 -35.95 -28.54 40.91
N ASP C 339 -36.01 -28.95 42.18
CA ASP C 339 -34.91 -28.65 43.10
C ASP C 339 -33.95 -29.84 43.13
N ARG C 340 -32.87 -29.74 43.90
CA ARG C 340 -31.85 -30.79 43.95
CA ARG C 340 -31.85 -30.80 44.00
C ARG C 340 -32.47 -32.15 44.33
N ALA C 341 -33.44 -32.13 45.24
CA ALA C 341 -34.11 -33.36 45.67
C ALA C 341 -35.05 -34.00 44.63
N GLY C 342 -35.45 -33.24 43.60
CA GLY C 342 -36.34 -33.79 42.58
C GLY C 342 -37.78 -33.38 42.81
N ASP C 343 -37.98 -32.44 43.74
CA ASP C 343 -39.30 -31.91 44.05
C ASP C 343 -39.54 -30.63 43.27
N PRO C 344 -40.76 -30.46 42.72
CA PRO C 344 -41.08 -29.24 41.98
C PRO C 344 -41.01 -28.00 42.85
N ILE C 345 -40.46 -26.94 42.29
CA ILE C 345 -40.48 -25.63 42.92
C ILE C 345 -41.19 -24.67 41.97
N THR C 346 -41.84 -23.66 42.54
CA THR C 346 -42.63 -22.69 41.79
C THR C 346 -42.09 -21.29 42.02
N VAL C 347 -41.94 -20.52 40.95
CA VAL C 347 -41.72 -19.09 41.07
C VAL C 347 -43.02 -18.44 40.63
N LYS C 348 -43.73 -17.82 41.57
CA LYS C 348 -45.05 -17.23 41.32
C LYS C 348 -44.87 -15.95 40.51
N ASN C 349 -45.75 -15.74 39.53
CA ASN C 349 -45.77 -14.46 38.80
C ASN C 349 -44.40 -14.18 38.15
N ALA C 350 -43.87 -15.19 37.47
CA ALA C 350 -42.56 -15.11 36.80
C ALA C 350 -42.65 -14.26 35.52
N VAL C 351 -43.79 -14.34 34.85
CA VAL C 351 -44.01 -13.62 33.59
C VAL C 351 -45.24 -12.73 33.70
N CYS C 352 -45.11 -11.51 33.17
CA CYS C 352 -46.18 -10.53 33.14
CA CYS C 352 -46.17 -10.50 33.13
C CYS C 352 -46.66 -10.34 31.70
N ILE C 353 -47.98 -10.37 31.50
CA ILE C 353 -48.52 -10.14 30.16
C ILE C 353 -49.53 -9.01 30.27
N HIS C 354 -49.37 -7.96 29.48
CA HIS C 354 -50.36 -6.88 29.50
C HIS C 354 -50.30 -6.03 28.26
N GLU C 355 -51.34 -5.23 28.05
CA GLU C 355 -51.35 -4.30 26.93
C GLU C 355 -51.27 -2.88 27.46
N GLU C 356 -50.61 -2.00 26.69
CA GLU C 356 -50.28 -0.64 27.15
C GLU C 356 -50.47 0.32 25.98
N ASP C 357 -50.85 1.56 26.27
CA ASP C 357 -50.76 2.61 25.26
C ASP C 357 -49.30 2.77 24.81
N ASP C 358 -49.09 2.98 23.51
CA ASP C 358 -47.74 3.15 22.99
C ASP C 358 -47.58 4.39 22.09
N GLY C 359 -48.22 5.49 22.49
CA GLY C 359 -48.14 6.74 21.72
C GLY C 359 -48.95 6.70 20.45
N LEU C 360 -48.54 7.50 19.47
CA LEU C 360 -49.24 7.52 18.18
C LEU C 360 -48.88 6.34 17.30
N LEU C 361 -49.89 5.76 16.64
CA LEU C 361 -49.64 4.75 15.63
C LEU C 361 -49.42 5.42 14.27
N PHE C 362 -50.30 6.37 13.93
CA PHE C 362 -50.13 7.21 12.74
C PHE C 362 -51.04 8.43 12.80
N LYS C 363 -50.68 9.44 12.02
CA LYS C 363 -51.45 10.66 11.97
C LYS C 363 -51.20 11.33 10.61
N HIS C 364 -52.24 11.93 10.03
CA HIS C 364 -52.03 12.88 8.95
C HIS C 364 -53.14 13.92 8.92
N SER C 365 -52.75 15.18 8.72
CA SER C 365 -53.71 16.28 8.58
C SER C 365 -53.42 17.09 7.31
N ASP C 366 -54.45 17.71 6.76
CA ASP C 366 -54.32 18.46 5.50
C ASP C 366 -54.18 19.95 5.82
N PHE C 367 -53.06 20.54 5.40
CA PHE C 367 -52.81 21.98 5.62
C PHE C 367 -53.86 22.87 4.97
N ARG C 368 -54.55 22.33 3.96
CA ARG C 368 -55.45 23.16 3.12
C ARG C 368 -56.62 23.77 3.87
N ASP C 369 -57.12 23.08 4.88
CA ASP C 369 -58.18 23.60 5.76
C ASP C 369 -57.69 23.76 7.21
N ASN C 370 -56.42 24.15 7.34
CA ASN C 370 -55.81 24.37 8.63
C ASN C 370 -55.85 23.15 9.54
N PHE C 371 -55.67 21.97 8.93
CA PHE C 371 -55.62 20.69 9.65
C PHE C 371 -56.98 20.22 10.20
N ALA C 372 -58.07 20.83 9.76
CA ALA C 372 -59.41 20.32 10.10
C ALA C 372 -59.63 18.92 9.53
N THR C 373 -59.11 18.69 8.32
CA THR C 373 -59.05 17.35 7.76
C THR C 373 -57.91 16.64 8.49
N SER C 374 -58.26 15.63 9.28
CA SER C 374 -57.26 14.98 10.12
C SER C 374 -57.69 13.58 10.51
N LEU C 375 -56.71 12.68 10.58
CA LEU C 375 -56.94 11.34 11.12
C LEU C 375 -55.78 11.03 12.06
N VAL C 376 -56.12 10.58 13.27
CA VAL C 376 -55.15 10.18 14.28
C VAL C 376 -55.57 8.86 14.89
N THR C 377 -54.64 7.92 14.96
CA THR C 377 -54.87 6.66 15.66
C THR C 377 -53.77 6.40 16.69
N ARG C 378 -54.18 6.12 17.92
CA ARG C 378 -53.24 5.79 18.99
C ARG C 378 -52.85 4.31 18.93
N ALA C 379 -51.62 4.02 19.32
CA ALA C 379 -51.05 2.68 19.28
C ALA C 379 -51.26 1.97 20.60
N THR C 380 -51.44 0.66 20.54
CA THR C 380 -51.42 -0.20 21.71
C THR C 380 -50.31 -1.20 21.49
N LYS C 381 -49.57 -1.56 22.54
CA LYS C 381 -48.57 -2.64 22.43
C LYS C 381 -48.90 -3.74 23.43
N LEU C 382 -48.50 -4.95 23.09
CA LEU C 382 -48.65 -6.09 23.98
C LEU C 382 -47.27 -6.44 24.49
N VAL C 383 -47.13 -6.56 25.80
CA VAL C 383 -45.82 -6.76 26.45
C VAL C 383 -45.82 -8.08 27.23
N VAL C 384 -44.81 -8.92 26.98
CA VAL C 384 -44.63 -10.18 27.70
C VAL C 384 -43.27 -10.01 28.35
N SER C 385 -43.23 -9.99 29.68
CA SER C 385 -42.04 -9.51 30.40
CA SER C 385 -42.02 -9.56 30.36
C SER C 385 -41.62 -10.39 31.58
N GLN C 386 -40.33 -10.33 31.92
CA GLN C 386 -39.79 -10.95 33.12
C GLN C 386 -38.65 -10.07 33.61
N ILE C 387 -38.23 -10.28 34.85
CA ILE C 387 -37.03 -9.61 35.36
C ILE C 387 -36.23 -10.68 36.07
N PHE C 388 -34.94 -10.80 35.74
CA PHE C 388 -34.10 -11.76 36.45
C PHE C 388 -32.94 -11.07 37.12
N THR C 389 -32.44 -11.69 38.20
CA THR C 389 -31.37 -11.14 39.01
C THR C 389 -30.19 -12.11 38.98
N ALA C 390 -29.05 -11.64 38.49
CA ALA C 390 -27.82 -12.42 38.54
C ALA C 390 -26.88 -11.72 39.51
N ALA C 391 -26.97 -12.13 40.79
CA ALA C 391 -26.22 -11.53 41.90
C ALA C 391 -26.51 -10.03 41.97
N ASN C 392 -25.60 -9.22 41.43
CA ASN C 392 -25.71 -7.77 41.52
C ASN C 392 -26.60 -7.14 40.46
N GLU C 394 -29.64 -6.71 37.61
CA GLU C 394 -31.05 -6.95 37.21
C GLU C 394 -31.23 -6.71 35.72
N TYR C 395 -31.82 -7.69 35.05
CA TYR C 395 -32.16 -7.56 33.63
C TYR C 395 -33.67 -7.62 33.50
N CYS C 396 -34.27 -6.55 32.99
CA CYS C 396 -35.70 -6.50 32.77
C CYS C 396 -35.92 -6.71 31.27
N LEU C 397 -36.63 -7.78 30.92
CA LEU C 397 -36.79 -8.16 29.52
C LEU C 397 -38.26 -7.97 29.13
N TYR C 398 -38.48 -7.30 28.01
CA TYR C 398 -39.82 -6.97 27.54
C TYR C 398 -39.94 -7.35 26.07
N TRP C 399 -40.74 -8.38 25.79
CA TRP C 399 -41.03 -8.73 24.40
C TRP C 399 -42.28 -7.98 23.99
N VAL C 400 -42.20 -7.18 22.93
CA VAL C 400 -43.25 -6.21 22.61
C VAL C 400 -43.82 -6.43 21.22
N PHE C 401 -45.13 -6.66 21.14
CA PHE C 401 -45.81 -6.81 19.87
C PHE C 401 -46.53 -5.51 19.56
N MET C 402 -46.45 -5.07 18.30
CA MET C 402 -46.99 -3.78 17.92
CA MET C 402 -46.93 -3.76 17.87
C MET C 402 -47.99 -3.88 16.76
N GLN C 403 -48.86 -2.89 16.67
CA GLN C 403 -49.99 -2.94 15.75
C GLN C 403 -49.65 -2.63 14.30
N ASP C 404 -48.40 -2.26 14.04
CA ASP C 404 -47.91 -2.19 12.66
C ASP C 404 -47.29 -3.53 12.22
N GLY C 405 -47.45 -4.57 13.05
CA GLY C 405 -46.89 -5.89 12.74
C GLY C 405 -45.45 -6.12 13.18
N ALA C 406 -44.83 -5.10 13.76
CA ALA C 406 -43.45 -5.23 14.25
C ALA C 406 -43.39 -5.91 15.63
N ILE C 407 -42.25 -6.53 15.90
CA ILE C 407 -41.97 -7.15 17.18
C ILE C 407 -40.66 -6.52 17.66
N ARG C 408 -40.63 -6.09 18.92
CA ARG C 408 -39.47 -5.44 19.50
C ARG C 408 -39.04 -6.16 20.76
N LEU C 409 -37.73 -6.16 21.03
CA LEU C 409 -37.25 -6.58 22.32
C LEU C 409 -36.65 -5.36 22.99
N ASP C 410 -37.17 -5.03 24.17
CA ASP C 410 -36.63 -3.95 24.99
C ASP C 410 -35.99 -4.58 26.22
N ILE C 411 -34.79 -4.13 26.58
CA ILE C 411 -34.15 -4.60 27.81
C ILE C 411 -33.81 -3.37 28.62
N ARG C 412 -33.99 -3.44 29.93
CA ARG C 412 -33.50 -2.39 30.82
C ARG C 412 -32.61 -3.06 31.85
N LEU C 413 -31.39 -2.54 31.98
CA LEU C 413 -30.39 -3.06 32.91
C LEU C 413 -30.45 -2.16 34.12
N THR C 414 -30.58 -2.77 35.28
CA THR C 414 -30.50 -2.02 36.52
C THR C 414 -29.79 -2.90 37.56
N GLY C 415 -30.00 -2.64 38.84
CA GLY C 415 -29.24 -3.35 39.86
C GLY C 415 -28.00 -2.59 40.26
N ILE C 416 -26.95 -3.34 40.62
CA ILE C 416 -25.77 -2.74 41.23
C ILE C 416 -24.53 -3.12 40.44
N LEU C 417 -23.62 -2.15 40.30
CA LEU C 417 -22.31 -2.40 39.70
C LEU C 417 -21.56 -3.50 40.43
N ASN C 418 -20.90 -4.37 39.69
CA ASN C 418 -19.88 -5.21 40.31
C ASN C 418 -18.72 -4.29 40.69
N THR C 419 -18.25 -4.42 41.92
CA THR C 419 -17.17 -3.57 42.38
C THR C 419 -16.04 -4.42 42.98
N TYR C 420 -14.85 -3.86 42.91
CA TYR C 420 -13.67 -4.45 43.51
C TYR C 420 -13.00 -3.33 44.31
N ILE C 421 -12.15 -3.71 45.25
CA ILE C 421 -11.57 -2.72 46.17
C ILE C 421 -10.51 -1.88 45.45
N LEU C 422 -10.40 -0.62 45.88
CA LEU C 422 -9.43 0.30 45.34
C LEU C 422 -8.67 0.90 46.51
N GLY C 423 -7.34 0.83 46.46
CA GLY C 423 -6.52 1.42 47.51
C GLY C 423 -6.66 2.94 47.55
N ASP C 424 -6.32 3.55 48.68
CA ASP C 424 -6.42 5.00 48.86
C ASP C 424 -5.70 5.81 47.77
N ASP C 425 -4.52 5.35 47.36
CA ASP C 425 -3.74 6.10 46.37
C ASP C 425 -3.70 5.40 45.01
N GLU C 426 -4.55 4.39 44.86
CA GLU C 426 -4.64 3.60 43.64
C GLU C 426 -5.55 4.30 42.62
N GLU C 427 -5.10 4.35 41.37
CA GLU C 427 -5.90 4.87 40.26
C GLU C 427 -6.75 3.73 39.67
N ALA C 428 -8.03 3.98 39.44
CA ALA C 428 -8.92 2.96 38.87
C ALA C 428 -8.78 2.86 37.37
N GLY C 429 -8.57 4.00 36.70
CA GLY C 429 -8.46 4.00 35.24
C GLY C 429 -7.17 3.32 34.81
N PRO C 430 -7.10 2.87 33.54
CA PRO C 430 -8.10 3.02 32.48
C PRO C 430 -9.18 1.93 32.49
N TRP C 431 -9.07 0.95 33.39
CA TRP C 431 -9.94 -0.24 33.31
C TRP C 431 -11.19 -0.15 34.15
N GLY C 432 -11.32 0.89 34.97
CA GLY C 432 -12.47 1.05 35.84
C GLY C 432 -12.59 2.48 36.31
N THR C 433 -13.61 2.72 37.13
CA THR C 433 -13.93 4.05 37.63
C THR C 433 -14.06 4.03 39.15
N ARG C 434 -13.50 5.04 39.81
CA ARG C 434 -13.68 5.18 41.25
C ARG C 434 -15.06 5.78 41.43
N VAL C 435 -16.06 4.94 41.72
CA VAL C 435 -17.44 5.46 41.84
C VAL C 435 -17.85 5.88 43.26
N TYR C 436 -16.98 5.59 44.23
CA TYR C 436 -17.18 5.85 45.66
C TYR C 436 -15.80 5.61 46.27
N PRO C 437 -15.46 6.29 47.39
CA PRO C 437 -14.12 6.06 47.94
C PRO C 437 -13.81 4.57 48.14
N ASN C 438 -12.61 4.16 47.71
CA ASN C 438 -12.12 2.78 47.80
C ASN C 438 -12.92 1.77 46.97
N VAL C 439 -13.68 2.27 46.00
CA VAL C 439 -14.50 1.37 45.15
C VAL C 439 -14.11 1.51 43.68
N ASN C 440 -13.69 0.40 43.08
CA ASN C 440 -13.35 0.35 41.65
C ASN C 440 -14.45 -0.46 40.90
N ALA C 441 -15.20 0.22 40.05
CA ALA C 441 -16.17 -0.47 39.18
C ALA C 441 -15.53 -0.64 37.82
N HIS C 442 -15.23 -1.88 37.48
CA HIS C 442 -14.48 -2.21 36.27
C HIS C 442 -15.36 -2.06 35.03
N ASN C 443 -14.72 -1.71 33.91
CA ASN C 443 -15.38 -1.62 32.60
C ASN C 443 -15.89 -3.01 32.24
N HIS C 444 -17.00 -3.07 31.52
CA HIS C 444 -17.49 -4.36 31.03
C HIS C 444 -18.48 -4.14 29.90
N GLN C 445 -18.75 -5.20 29.15
CA GLN C 445 -19.80 -5.19 28.13
C GLN C 445 -20.94 -6.10 28.59
N HIS C 446 -22.16 -5.80 28.15
CA HIS C 446 -23.25 -6.77 28.31
C HIS C 446 -23.65 -7.19 26.91
N LEU C 447 -23.42 -8.45 26.53
CA LEU C 447 -23.76 -8.92 25.18
C LEU C 447 -24.77 -10.04 25.22
N PHE C 448 -25.70 -10.04 24.27
CA PHE C 448 -26.81 -10.98 24.26
C PHE C 448 -26.89 -11.66 22.90
N SER C 449 -27.32 -12.91 22.89
CA SER C 449 -27.51 -13.63 21.63
C SER C 449 -29.01 -13.95 21.44
N LEU C 450 -29.64 -13.17 20.58
CA LEU C 450 -31.05 -13.35 20.20
C LEU C 450 -31.08 -14.48 19.19
N ARG C 451 -31.92 -15.50 19.45
CA ARG C 451 -32.04 -16.60 18.51
C ARG C 451 -33.39 -16.57 17.82
N ILE C 452 -33.36 -16.44 16.49
CA ILE C 452 -34.57 -16.42 15.68
C ILE C 452 -34.62 -17.65 14.79
N ASP C 453 -35.69 -18.43 14.94
CA ASP C 453 -35.98 -19.54 14.01
C ASP C 453 -37.12 -19.01 13.15
N PRO C 454 -36.80 -18.48 11.95
CA PRO C 454 -37.81 -17.79 11.15
C PRO C 454 -38.66 -18.73 10.31
N ARG C 455 -39.84 -18.25 9.95
CA ARG C 455 -40.75 -18.97 9.04
C ARG C 455 -41.51 -17.89 8.31
N ILE C 456 -40.76 -17.02 7.63
CA ILE C 456 -41.33 -15.80 7.08
C ILE C 456 -42.30 -16.13 5.96
N ASP C 457 -43.59 -15.92 6.23
CA ASP C 457 -44.65 -16.24 5.25
C ASP C 457 -44.57 -17.69 4.81
N GLY C 458 -44.07 -18.54 5.70
CA GLY C 458 -43.95 -19.97 5.46
C GLY C 458 -42.51 -20.46 5.34
N ASP C 459 -42.35 -21.63 4.73
CA ASP C 459 -41.09 -22.35 4.73
C ASP C 459 -40.18 -22.04 3.55
N GLY C 460 -38.88 -22.01 3.84
CA GLY C 460 -37.86 -21.72 2.85
C GLY C 460 -37.53 -20.25 2.96
N ASN C 461 -36.51 -19.95 3.76
CA ASN C 461 -36.14 -18.56 4.02
C ASN C 461 -34.68 -18.29 3.70
N SER C 462 -34.33 -17.01 3.65
CA SER C 462 -32.94 -16.62 3.41
C SER C 462 -32.70 -15.38 4.24
N ALA C 463 -31.44 -14.99 4.35
CA ALA C 463 -31.12 -13.77 5.07
C ALA C 463 -30.18 -12.92 4.24
N ALA C 464 -30.10 -11.62 4.55
CA ALA C 464 -29.31 -10.70 3.76
C ALA C 464 -28.91 -9.53 4.64
N ALA C 465 -27.81 -8.87 4.26
CA ALA C 465 -27.44 -7.58 4.83
C ALA C 465 -27.89 -6.53 3.83
N CYS C 466 -28.37 -5.40 4.34
CA CYS C 466 -28.80 -4.27 3.55
C CYS C 466 -27.98 -3.05 3.92
N ASP C 467 -27.30 -2.47 2.93
CA ASP C 467 -26.37 -1.36 3.17
C ASP C 467 -26.76 -0.15 2.33
N ALA C 468 -27.01 0.99 2.95
CA ALA C 468 -27.24 2.23 2.18
C ALA C 468 -25.95 2.69 1.51
N LYS C 469 -26.04 3.00 0.23
CA LYS C 469 -24.85 3.42 -0.53
C LYS C 469 -25.19 4.51 -1.52
N SER C 470 -24.30 5.49 -1.64
CA SER C 470 -24.40 6.45 -2.73
C SER C 470 -24.27 5.71 -4.05
N SER C 471 -24.89 6.25 -5.10
CA SER C 471 -24.62 5.77 -6.46
C SER C 471 -23.12 5.75 -6.71
N PRO C 472 -22.62 4.75 -7.43
CA PRO C 472 -21.19 4.74 -7.77
C PRO C 472 -20.84 5.77 -8.85
N TYR C 473 -21.85 6.30 -9.54
CA TYR C 473 -21.60 7.33 -10.56
C TYR C 473 -21.30 8.68 -9.92
N PRO C 474 -20.34 9.42 -10.49
CA PRO C 474 -19.89 10.64 -9.84
C PRO C 474 -20.84 11.82 -10.03
N LEU C 475 -20.72 12.81 -9.15
CA LEU C 475 -21.33 14.11 -9.35
C LEU C 475 -21.08 14.57 -10.80
N GLY C 476 -22.14 15.02 -11.46
CA GLY C 476 -21.99 15.64 -12.79
C GLY C 476 -22.04 14.68 -13.98
N SER C 477 -22.14 13.40 -13.70
CA SER C 477 -22.36 12.37 -14.71
C SER C 477 -23.83 12.35 -15.14
N PRO C 478 -24.11 11.89 -16.37
CA PRO C 478 -25.51 11.82 -16.77
C PRO C 478 -26.35 11.00 -15.80
N GLU C 479 -25.72 10.00 -15.18
CA GLU C 479 -26.39 9.06 -14.27
C GLU C 479 -26.67 9.62 -12.87
N ASN C 480 -25.97 10.69 -12.51
CA ASN C 480 -26.06 11.24 -11.15
C ASN C 480 -25.67 12.69 -11.21
N MET C 481 -26.37 13.45 -12.06
CA MET C 481 -25.98 14.84 -12.36
C MET C 481 -25.72 15.69 -11.11
N TYR C 482 -26.62 15.63 -10.13
CA TYR C 482 -26.50 16.49 -8.95
C TYR C 482 -25.93 15.75 -7.73
N GLY C 483 -25.43 14.53 -7.92
CA GLY C 483 -24.75 13.82 -6.87
C GLY C 483 -25.60 13.30 -5.73
N ASN C 484 -26.91 13.26 -5.91
CA ASN C 484 -27.83 12.93 -4.81
C ASN C 484 -28.30 11.47 -4.80
N ALA C 485 -27.97 10.72 -5.85
CA ALA C 485 -28.58 9.39 -5.97
C ALA C 485 -28.07 8.41 -4.91
N PHE C 486 -28.96 7.62 -4.33
CA PHE C 486 -28.53 6.55 -3.44
C PHE C 486 -29.50 5.39 -3.40
N TYR C 487 -29.01 4.24 -2.94
CA TYR C 487 -29.81 3.03 -3.03
C TYR C 487 -29.46 2.10 -1.88
N SER C 488 -30.20 1.00 -1.79
CA SER C 488 -29.94 0.01 -0.79
C SER C 488 -29.35 -1.23 -1.45
N GLU C 489 -28.12 -1.57 -1.07
CA GLU C 489 -27.45 -2.75 -1.61
C GLU C 489 -27.78 -3.96 -0.73
N LYS C 490 -28.45 -4.96 -1.33
CA LYS C 490 -28.81 -6.17 -0.62
C LYS C 490 -27.80 -7.27 -0.94
N THR C 491 -27.15 -7.81 0.08
CA THR C 491 -26.24 -8.93 -0.08
C THR C 491 -26.88 -10.15 0.56
N THR C 492 -27.43 -11.02 -0.29
CA THR C 492 -28.05 -12.24 0.19
C THR C 492 -26.95 -13.22 0.56
N PHE C 493 -27.08 -13.82 1.75
CA PHE C 493 -26.12 -14.79 2.21
C PHE C 493 -26.38 -16.14 1.54
N LYS C 494 -25.39 -16.66 0.84
CA LYS C 494 -25.53 -17.96 0.19
C LYS C 494 -25.04 -19.10 1.08
N THR C 495 -23.92 -18.88 1.77
CA THR C 495 -23.38 -19.91 2.68
C THR C 495 -23.18 -19.32 4.05
N VAL C 496 -23.00 -20.19 5.05
CA VAL C 496 -22.80 -19.70 6.42
C VAL C 496 -21.76 -18.57 6.51
N LYS C 497 -20.60 -18.76 5.90
CA LYS C 497 -19.53 -17.76 6.00
C LYS C 497 -19.99 -16.37 5.56
N ASP C 498 -20.85 -16.31 4.55
CA ASP C 498 -21.34 -15.03 4.04
C ASP C 498 -22.10 -14.27 5.11
N SER C 499 -22.71 -14.99 6.05
CA SER C 499 -23.61 -14.35 7.02
C SER C 499 -22.90 -13.66 8.16
N LEU C 500 -21.63 -13.99 8.35
CA LEU C 500 -20.89 -13.57 9.55
C LEU C 500 -20.53 -12.11 9.36
N THR C 501 -21.41 -11.25 9.87
CA THR C 501 -21.42 -9.82 9.53
C THR C 501 -21.62 -8.95 10.76
N ASN C 502 -21.08 -7.72 10.71
CA ASN C 502 -21.21 -6.81 11.81
C ASN C 502 -22.07 -5.62 11.46
N TYR C 503 -22.66 -4.98 12.46
CA TYR C 503 -23.36 -3.73 12.22
C TYR C 503 -22.32 -2.73 11.67
N GLU C 504 -22.75 -1.86 10.75
CA GLU C 504 -21.86 -0.87 10.16
C GLU C 504 -22.55 0.48 10.13
N SER C 505 -22.06 1.43 10.91
CA SER C 505 -22.65 2.76 10.87
C SER C 505 -22.48 3.40 9.50
N ALA C 506 -21.40 3.07 8.79
CA ALA C 506 -21.08 3.73 7.52
C ALA C 506 -22.16 3.52 6.47
N THR C 507 -22.90 2.42 6.60
CA THR C 507 -23.98 2.08 5.65
C THR C 507 -25.35 1.96 6.34
N GLY C 508 -25.41 2.27 7.64
CA GLY C 508 -26.64 2.09 8.41
C GLY C 508 -27.23 0.70 8.20
N ARG C 509 -26.37 -0.31 8.32
CA ARG C 509 -26.73 -1.69 7.96
C ARG C 509 -27.94 -2.23 8.73
N SER C 510 -28.81 -2.91 8.00
CA SER C 510 -29.89 -3.68 8.61
C SER C 510 -29.80 -5.07 7.98
N TRP C 511 -30.58 -6.02 8.50
CA TRP C 511 -30.57 -7.36 7.94
C TRP C 511 -31.99 -7.75 7.65
N ASP C 512 -32.17 -8.50 6.56
CA ASP C 512 -33.51 -9.00 6.20
C ASP C 512 -33.55 -10.48 6.43
N ILE C 513 -34.68 -10.97 6.91
CA ILE C 513 -35.00 -12.38 6.80
C ILE C 513 -36.22 -12.46 5.90
N PHE C 514 -36.10 -13.21 4.80
CA PHE C 514 -37.13 -13.10 3.77
C PHE C 514 -37.48 -14.44 3.16
N ASN C 515 -38.59 -14.49 2.42
CA ASN C 515 -39.01 -15.73 1.76
C ASN C 515 -38.82 -15.55 0.24
N PRO C 516 -37.77 -16.15 -0.34
CA PRO C 516 -37.45 -15.95 -1.77
C PRO C 516 -38.44 -16.66 -2.70
N ASN C 517 -39.34 -17.44 -2.12
CA ASN C 517 -40.38 -18.18 -2.86
C ASN C 517 -41.63 -17.37 -3.16
N LYS C 518 -41.69 -16.17 -2.60
CA LYS C 518 -42.87 -15.31 -2.70
C LYS C 518 -42.47 -13.91 -3.09
N VAL C 519 -43.46 -13.12 -3.52
CA VAL C 519 -43.21 -11.78 -4.08
CA VAL C 519 -43.18 -11.78 -4.00
C VAL C 519 -44.34 -10.86 -3.66
N ASN C 520 -43.99 -9.67 -3.17
CA ASN C 520 -44.98 -8.62 -2.92
C ASN C 520 -45.50 -8.11 -4.28
N PRO C 521 -46.84 -8.15 -4.51
CA PRO C 521 -47.34 -7.80 -5.84
C PRO C 521 -47.24 -6.32 -6.16
N TYR C 522 -47.01 -5.50 -5.15
CA TYR C 522 -46.79 -4.10 -5.42
C TYR C 522 -45.32 -3.80 -5.66
N SER C 523 -44.46 -4.09 -4.68
CA SER C 523 -43.06 -3.68 -4.77
C SER C 523 -42.17 -4.63 -5.58
N GLY C 524 -42.62 -5.87 -5.75
CA GLY C 524 -41.82 -6.87 -6.48
C GLY C 524 -40.70 -7.53 -5.68
N LYS C 525 -40.65 -7.20 -4.39
CA LYS C 525 -39.63 -7.71 -3.46
C LYS C 525 -40.24 -8.83 -2.61
N PRO C 526 -39.37 -9.74 -2.10
CA PRO C 526 -39.88 -10.83 -1.28
C PRO C 526 -40.37 -10.32 0.09
N PRO C 527 -41.37 -10.99 0.66
CA PRO C 527 -41.87 -10.61 1.97
C PRO C 527 -40.74 -10.83 2.97
N SER C 528 -40.55 -9.88 3.88
CA SER C 528 -39.44 -9.96 4.84
C SER C 528 -39.83 -9.40 6.19
N TYR C 529 -39.06 -9.79 7.20
CA TYR C 529 -38.96 -9.01 8.45
C TYR C 529 -37.53 -8.48 8.48
N LYS C 530 -37.38 -7.21 8.82
CA LYS C 530 -36.07 -6.57 8.79
C LYS C 530 -35.62 -6.33 10.23
N LEU C 531 -34.40 -6.74 10.54
CA LEU C 531 -33.80 -6.50 11.86
C LEU C 531 -33.19 -5.12 11.84
N VAL C 532 -33.73 -4.27 12.71
CA VAL C 532 -33.26 -2.90 12.86
C VAL C 532 -32.63 -2.84 14.25
N SER C 533 -31.31 -2.78 14.29
CA SER C 533 -30.59 -2.96 15.54
C SER C 533 -29.27 -2.20 15.45
N THR C 534 -29.11 -1.16 16.27
CA THR C 534 -27.86 -0.38 16.25
C THR C 534 -26.98 -0.50 17.50
N GLN C 535 -27.54 -1.02 18.58
CA GLN C 535 -26.77 -1.29 19.79
C GLN C 535 -26.05 -2.62 19.63
N CYS C 536 -25.00 -2.57 18.80
CA CYS C 536 -24.27 -3.75 18.36
C CYS C 536 -22.77 -3.53 18.57
N PRO C 537 -22.30 -3.70 19.83
CA PRO C 537 -20.90 -3.41 20.10
C PRO C 537 -19.99 -4.45 19.47
N PRO C 538 -18.77 -4.05 19.12
CA PRO C 538 -17.77 -5.04 18.75
C PRO C 538 -17.44 -5.78 20.02
N LEU C 539 -17.03 -7.03 19.90
CA LEU C 539 -16.49 -7.73 21.05
C LEU C 539 -15.11 -7.17 21.27
N LEU C 540 -14.86 -6.57 22.44
CA LEU C 540 -13.59 -5.88 22.69
C LEU C 540 -12.46 -6.84 23.03
N ALA C 541 -12.78 -7.98 23.64
CA ALA C 541 -11.79 -9.01 23.94
C ALA C 541 -11.18 -9.51 22.64
N LYS C 542 -9.89 -9.80 22.65
CA LYS C 542 -9.19 -10.13 21.41
C LYS C 542 -9.46 -11.53 20.90
N GLU C 543 -9.18 -11.76 19.62
CA GLU C 543 -9.26 -13.12 19.07
C GLU C 543 -8.35 -14.03 19.90
N GLY C 544 -8.85 -15.21 20.22
CA GLY C 544 -8.08 -16.15 21.01
C GLY C 544 -8.14 -15.93 22.52
N SER C 545 -8.82 -14.88 22.95
CA SER C 545 -9.09 -14.65 24.37
C SER C 545 -10.07 -15.67 24.92
N LEU C 546 -10.08 -15.82 26.24
CA LEU C 546 -11.01 -16.68 26.94
C LEU C 546 -12.46 -16.31 26.57
N VAL C 547 -12.74 -15.01 26.60
CA VAL C 547 -14.06 -14.48 26.25
C VAL C 547 -14.44 -14.86 24.81
N ALA C 548 -13.54 -14.62 23.86
CA ALA C 548 -13.88 -14.88 22.44
C ALA C 548 -14.03 -16.37 22.19
N LYS C 549 -13.26 -17.18 22.92
CA LYS C 549 -13.34 -18.65 22.71
C LYS C 549 -14.62 -19.24 23.30
N ARG C 550 -15.00 -18.74 24.47
CA ARG C 550 -16.19 -19.26 25.15
C ARG C 550 -17.50 -18.72 24.57
N ALA C 551 -17.42 -17.60 23.84
CA ALA C 551 -18.62 -17.00 23.21
C ALA C 551 -18.36 -16.78 21.72
N PRO C 552 -18.22 -17.88 20.95
CA PRO C 552 -17.93 -17.81 19.53
C PRO C 552 -18.95 -16.97 18.75
N TRP C 553 -20.19 -16.94 19.23
CA TRP C 553 -21.27 -16.18 18.61
C TRP C 553 -21.09 -14.66 18.74
N ALA C 554 -20.36 -14.24 19.77
CA ALA C 554 -20.29 -12.80 20.13
C ALA C 554 -19.37 -11.96 19.23
N SER C 555 -18.53 -12.61 18.42
CA SER C 555 -17.58 -11.94 17.52
CA SER C 555 -17.59 -11.88 17.56
C SER C 555 -18.23 -11.28 16.32
N HIS C 556 -19.46 -11.70 15.98
CA HIS C 556 -20.20 -11.11 14.86
C HIS C 556 -21.59 -10.68 15.28
N SER C 557 -22.08 -9.62 14.66
CA SER C 557 -23.42 -9.13 14.97
C SER C 557 -24.46 -10.12 14.50
N VAL C 558 -24.17 -10.81 13.40
CA VAL C 558 -25.11 -11.77 12.86
C VAL C 558 -24.39 -13.07 12.50
N ASN C 559 -25.04 -14.20 12.82
CA ASN C 559 -24.54 -15.52 12.48
C ASN C 559 -25.76 -16.29 11.97
N VAL C 560 -25.70 -16.78 10.73
CA VAL C 560 -26.83 -17.56 10.20
C VAL C 560 -26.36 -18.97 9.87
N VAL C 561 -27.04 -19.97 10.43
CA VAL C 561 -26.64 -21.36 10.23
C VAL C 561 -27.86 -22.21 9.81
N PRO C 562 -27.61 -23.38 9.21
CA PRO C 562 -28.75 -24.24 8.92
C PRO C 562 -29.49 -24.66 10.19
N TYR C 563 -30.80 -24.83 10.08
CA TYR C 563 -31.59 -25.41 11.15
C TYR C 563 -31.25 -26.89 11.36
N LYS C 564 -31.03 -27.28 12.62
CA LYS C 564 -31.16 -28.68 13.04
C LYS C 564 -31.85 -28.67 14.38
N ASP C 565 -32.48 -29.78 14.74
CA ASP C 565 -33.07 -29.87 16.06
C ASP C 565 -31.99 -29.74 17.13
N ASN C 566 -32.37 -29.20 18.27
CA ASN C 566 -31.47 -29.07 19.42
C ASN C 566 -30.26 -28.16 19.16
N ARG C 567 -30.44 -27.13 18.31
CA ARG C 567 -29.43 -26.09 18.15
C ARG C 567 -29.93 -24.82 18.84
N LEU C 568 -29.92 -24.88 20.17
CA LEU C 568 -30.46 -23.81 20.98
C LEU C 568 -29.36 -22.90 21.51
N TYR C 569 -28.29 -23.51 22.06
CA TYR C 569 -27.38 -22.77 22.97
C TYR C 569 -25.99 -22.63 22.37
N PRO C 570 -25.66 -21.40 21.93
CA PRO C 570 -24.49 -21.18 21.08
C PRO C 570 -23.11 -21.23 21.74
N SER C 571 -23.08 -21.27 23.08
CA SER C 571 -21.84 -21.58 23.80
C SER C 571 -21.81 -23.03 24.32
N GLY C 572 -22.69 -23.86 23.75
CA GLY C 572 -22.77 -25.28 24.13
C GLY C 572 -23.83 -25.57 25.18
N ASP C 573 -24.07 -26.85 25.42
CA ASP C 573 -25.11 -27.26 26.36
C ASP C 573 -24.74 -27.08 27.81
N HIS C 574 -23.47 -27.29 28.13
CA HIS C 574 -23.03 -27.16 29.51
C HIS C 574 -21.89 -26.17 29.57
N VAL C 575 -22.22 -24.94 30.00
CA VAL C 575 -21.32 -23.80 29.81
C VAL C 575 -20.24 -23.60 30.89
N PRO C 576 -20.60 -23.70 32.18
CA PRO C 576 -19.56 -23.43 33.20
C PRO C 576 -18.30 -24.28 33.00
N GLN C 577 -17.15 -23.60 33.09
CA GLN C 577 -15.81 -24.21 33.07
C GLN C 577 -15.33 -24.78 31.76
N TRP C 578 -16.13 -24.61 30.70
CA TRP C 578 -15.66 -24.91 29.34
C TRP C 578 -14.55 -23.93 28.99
N SER C 579 -13.42 -24.43 28.50
CA SER C 579 -12.29 -23.56 28.12
C SER C 579 -12.53 -22.73 26.87
N GLY C 580 -13.52 -23.12 26.07
CA GLY C 580 -13.74 -22.51 24.77
C GLY C 580 -13.01 -23.23 23.65
N ASP C 581 -12.25 -24.30 23.98
CA ASP C 581 -11.65 -25.19 22.97
C ASP C 581 -12.63 -26.31 22.63
N GLY C 582 -12.83 -26.52 21.33
CA GLY C 582 -13.69 -27.59 20.86
C GLY C 582 -14.77 -27.16 19.90
N VAL C 583 -15.22 -28.12 19.10
CA VAL C 583 -16.24 -27.89 18.11
C VAL C 583 -17.61 -28.17 18.76
N ARG C 584 -18.20 -27.12 19.32
CA ARG C 584 -19.51 -27.22 19.96
C ARG C 584 -20.22 -25.89 19.79
N GLY C 585 -21.53 -25.89 20.04
CA GLY C 585 -22.35 -24.67 19.94
C GLY C 585 -22.17 -24.02 18.59
N MET C 586 -22.11 -22.68 18.58
CA MET C 586 -21.99 -21.94 17.32
C MET C 586 -20.78 -22.34 16.46
N ARG C 587 -19.68 -22.74 17.10
CA ARG C 587 -18.51 -23.13 16.33
C ARG C 587 -18.81 -24.41 15.54
N GLU C 588 -19.54 -25.32 16.15
CA GLU C 588 -19.98 -26.53 15.44
C GLU C 588 -20.95 -26.20 14.31
N TRP C 589 -21.90 -25.31 14.59
CA TRP C 589 -22.92 -25.00 13.59
C TRP C 589 -22.37 -24.26 12.38
N ILE C 590 -21.40 -23.39 12.61
CA ILE C 590 -20.71 -22.74 11.49
C ILE C 590 -19.89 -23.74 10.67
N GLY C 591 -19.27 -24.68 11.37
CA GLY C 591 -18.42 -25.69 10.70
C GLY C 591 -17.35 -25.00 9.85
N ASP C 592 -17.18 -25.46 8.61
CA ASP C 592 -16.22 -24.84 7.71
C ASP C 592 -16.80 -23.64 6.95
N GLY C 593 -18.03 -23.27 7.28
CA GLY C 593 -18.69 -22.09 6.70
C GLY C 593 -19.34 -22.31 5.35
N SER C 594 -19.28 -23.55 4.86
CA SER C 594 -19.65 -23.81 3.46
C SER C 594 -21.11 -24.18 3.26
N GLU C 595 -21.83 -24.49 4.33
CA GLU C 595 -23.20 -25.02 4.17
C GLU C 595 -24.16 -23.97 3.66
N ASN C 596 -25.10 -24.44 2.83
CA ASN C 596 -26.12 -23.56 2.26
C ASN C 596 -27.07 -22.98 3.32
N ILE C 597 -27.35 -21.69 3.21
CA ILE C 597 -28.37 -21.03 4.03
C ILE C 597 -29.34 -20.19 3.18
N ASP C 598 -29.32 -20.42 1.85
CA ASP C 598 -30.22 -19.73 0.92
C ASP C 598 -31.44 -20.61 0.63
N ASN C 599 -32.62 -20.08 0.94
CA ASN C 599 -33.90 -20.75 0.68
C ASN C 599 -33.99 -22.13 1.31
N THR C 600 -33.90 -22.13 2.63
CA THR C 600 -33.91 -23.38 3.38
C THR C 600 -34.34 -23.06 4.81
N ASP C 601 -34.25 -24.04 5.70
CA ASP C 601 -34.58 -23.82 7.11
C ASP C 601 -33.32 -23.32 7.79
N ILE C 602 -33.40 -22.10 8.32
CA ILE C 602 -32.22 -21.44 8.89
C ILE C 602 -32.43 -21.03 10.35
N LEU C 603 -31.33 -20.69 11.04
CA LEU C 603 -31.40 -20.08 12.35
C LEU C 603 -30.56 -18.82 12.27
N PHE C 604 -31.10 -17.72 12.81
CA PHE C 604 -30.48 -16.39 12.75
C PHE C 604 -30.16 -15.95 14.19
N PHE C 605 -28.87 -15.88 14.50
CA PHE C 605 -28.44 -15.50 15.85
C PHE C 605 -27.85 -14.11 15.78
N HIS C 606 -28.39 -13.16 16.56
CA HIS C 606 -27.96 -11.76 16.54
C HIS C 606 -27.32 -11.38 17.88
N THR C 607 -26.12 -10.83 17.82
CA THR C 607 -25.41 -10.35 19.02
C THR C 607 -25.65 -8.84 19.13
N PHE C 608 -26.14 -8.41 20.30
CA PHE C 608 -26.38 -6.98 20.54
C PHE C 608 -26.09 -6.71 22.01
N GLY C 609 -26.04 -5.44 22.40
CA GLY C 609 -25.80 -5.12 23.81
C GLY C 609 -25.13 -3.78 23.96
N ILE C 610 -24.41 -3.58 25.06
CA ILE C 610 -23.82 -2.29 25.34
C ILE C 610 -22.43 -2.47 25.93
N THR C 611 -21.69 -1.37 25.90
CA THR C 611 -20.39 -1.31 26.55
C THR C 611 -20.54 -0.31 27.69
N HIS C 612 -20.21 -0.75 28.89
CA HIS C 612 -20.48 0.00 30.12
C HIS C 612 -19.17 0.54 30.74
N PHE C 613 -19.01 1.86 30.74
CA PHE C 613 -17.92 2.52 31.46
C PHE C 613 -18.56 3.20 32.67
N PRO C 614 -18.44 2.59 33.85
CA PRO C 614 -19.19 3.08 35.00
C PRO C 614 -18.89 4.53 35.35
N ALA C 615 -19.89 5.20 35.90
CA ALA C 615 -19.71 6.54 36.43
C ALA C 615 -20.44 6.60 37.78
N PRO C 616 -20.14 7.63 38.59
CA PRO C 616 -20.79 7.71 39.91
C PRO C 616 -22.33 7.70 39.86
N GLU C 617 -22.92 8.19 38.77
CA GLU C 617 -24.39 8.16 38.61
C GLU C 617 -24.96 6.73 38.72
N ASP C 618 -24.11 5.76 38.42
CA ASP C 618 -24.53 4.34 38.39
C ASP C 618 -24.55 3.72 39.78
N PHE C 619 -24.07 4.47 40.78
CA PHE C 619 -23.80 3.94 42.13
C PHE C 619 -24.59 4.73 43.18
N PRO C 620 -25.01 4.10 44.30
CA PRO C 620 -24.91 2.70 44.69
C PRO C 620 -25.90 1.77 44.01
N LEU C 621 -26.84 2.35 43.28
CA LEU C 621 -27.88 1.57 42.59
C LEU C 621 -28.05 2.21 41.22
N MET C 622 -28.05 1.42 40.16
CA MET C 622 -27.98 1.98 38.80
C MET C 622 -29.33 2.33 38.19
N PRO C 623 -29.49 3.58 37.69
CA PRO C 623 -30.71 3.89 36.93
C PRO C 623 -30.80 3.01 35.70
N ALA C 624 -32.00 2.60 35.33
CA ALA C 624 -32.17 1.69 34.18
C ALA C 624 -31.51 2.22 32.92
N GLU C 625 -30.72 1.35 32.28
CA GLU C 625 -30.09 1.63 30.99
C GLU C 625 -30.80 0.82 29.90
N PRO C 626 -31.30 1.50 28.86
CA PRO C 626 -32.09 0.79 27.85
C PRO C 626 -31.29 0.16 26.70
N ILE C 627 -31.81 -0.95 26.19
CA ILE C 627 -31.30 -1.61 24.98
C ILE C 627 -32.54 -2.01 24.21
N THR C 628 -32.51 -1.89 22.87
CA THR C 628 -33.66 -2.30 22.06
C THR C 628 -33.23 -2.75 20.68
N LEU C 629 -34.08 -3.60 20.09
CA LEU C 629 -33.93 -3.98 18.70
C LEU C 629 -35.33 -4.25 18.20
N MET C 630 -35.50 -4.18 16.88
CA MET C 630 -36.84 -4.42 16.33
C MET C 630 -36.78 -5.32 15.11
N LEU C 631 -37.84 -6.09 14.93
CA LEU C 631 -38.06 -6.87 13.69
C LEU C 631 -39.32 -6.30 13.04
N ARG C 632 -39.16 -5.63 11.90
CA ARG C 632 -40.26 -4.87 11.26
C ARG C 632 -40.65 -5.54 9.95
N PRO C 633 -41.97 -5.65 9.66
CA PRO C 633 -42.32 -6.18 8.34
C PRO C 633 -41.96 -5.18 7.24
N ARG C 634 -41.28 -5.66 6.20
CA ARG C 634 -41.01 -4.81 5.03
C ARG C 634 -41.29 -5.65 3.81
N HIS C 635 -42.22 -5.18 2.98
CA HIS C 635 -42.72 -5.94 1.82
C HIS C 635 -43.51 -7.18 2.21
N PHE C 636 -43.78 -7.33 3.51
CA PHE C 636 -44.59 -8.43 4.01
C PHE C 636 -46.06 -8.15 3.70
N PHE C 637 -46.49 -6.93 3.98
CA PHE C 637 -47.88 -6.53 3.68
C PHE C 637 -47.88 -5.66 2.43
N THR C 638 -49.07 -5.46 1.84
CA THR C 638 -49.16 -4.55 0.69
C THR C 638 -49.60 -3.15 1.06
N GLU C 639 -49.96 -2.94 2.33
CA GLU C 639 -50.24 -1.60 2.85
C GLU C 639 -50.11 -1.63 4.37
N ASN C 640 -50.10 -0.46 4.99
CA ASN C 640 -50.12 -0.34 6.46
C ASN C 640 -51.19 -1.25 7.08
N PRO C 641 -50.77 -2.26 7.88
CA PRO C 641 -51.74 -3.24 8.38
C PRO C 641 -52.64 -2.73 9.52
N GLY C 642 -52.38 -1.53 10.04
CA GLY C 642 -53.17 -1.03 11.16
C GLY C 642 -54.32 -0.12 10.77
N LEU C 643 -54.56 0.03 9.45
CA LEU C 643 -55.54 1.01 8.98
C LEU C 643 -56.99 0.67 9.31
N ASP C 644 -57.26 -0.60 9.63
CA ASP C 644 -58.62 -0.98 10.06
C ASP C 644 -58.86 -0.82 11.57
N ILE C 645 -57.88 -0.25 12.27
CA ILE C 645 -58.07 0.10 13.68
C ILE C 645 -58.91 1.39 13.76
N GLN C 646 -59.97 1.40 14.58
CA GLN C 646 -60.77 2.63 14.73
C GLN C 646 -59.88 3.80 15.13
N PRO C 647 -59.94 4.90 14.37
CA PRO C 647 -59.18 6.12 14.72
C PRO C 647 -59.61 6.68 16.07
N SER C 648 -58.68 7.36 16.74
CA SER C 648 -58.99 8.10 17.95
C SER C 648 -59.75 9.36 17.57
N TYR C 649 -59.42 9.90 16.40
CA TYR C 649 -60.10 11.06 15.85
C TYR C 649 -60.01 10.97 14.34
N ALA C 650 -61.12 11.27 13.66
CA ALA C 650 -61.11 11.34 12.21
C ALA C 650 -62.13 12.35 11.72
N MET C 651 -61.66 13.24 10.86
CA MET C 651 -62.54 14.18 10.17
CA MET C 651 -62.50 14.23 10.20
C MET C 651 -62.06 14.34 8.74
N THR C 652 -62.97 14.06 7.82
CA THR C 652 -62.70 14.17 6.39
C THR C 652 -62.86 15.62 5.93
N THR C 653 -62.41 15.88 4.71
CA THR C 653 -62.54 17.20 4.10
C THR C 653 -64.00 17.64 3.98
N SER C 654 -64.86 16.72 3.55
CA SER C 654 -66.30 16.97 3.40
C SER C 654 -66.97 17.20 4.75
N GLU C 655 -66.58 16.42 5.76
CA GLU C 655 -67.08 16.64 7.12
C GLU C 655 -66.66 18.01 7.65
N ALA C 656 -65.41 18.42 7.39
CA ALA C 656 -64.91 19.71 7.87
C ALA C 656 -65.60 20.89 7.21
N LYS C 657 -66.00 20.72 5.95
CA LYS C 657 -66.77 21.73 5.22
C LYS C 657 -68.20 21.86 5.78
N ARG C 658 -68.84 20.72 6.03
CA ARG C 658 -70.18 20.67 6.65
C ARG C 658 -70.22 21.25 8.06
N ALA C 659 -69.10 21.16 8.78
CA ALA C 659 -68.98 21.79 10.09
C ALA C 659 -68.84 23.29 9.90
N VAL C 660 -68.80 23.72 8.64
CA VAL C 660 -68.60 25.11 8.20
C VAL C 660 -67.22 25.63 8.59
N ALA D 5 -44.68 50.97 24.41
CA ALA D 5 -46.12 50.86 24.75
C ALA D 5 -46.62 49.44 25.12
N PRO D 6 -46.20 48.39 24.36
CA PRO D 6 -46.66 47.07 24.82
C PRO D 6 -46.03 46.68 26.16
N ALA D 7 -46.82 46.03 27.01
CA ALA D 7 -46.36 45.59 28.32
C ALA D 7 -45.25 44.56 28.17
N ARG D 8 -44.29 44.59 29.10
CA ARG D 8 -43.18 43.65 29.10
C ARG D 8 -43.69 42.28 29.55
N PRO D 9 -43.06 41.19 29.06
CA PRO D 9 -43.40 39.84 29.49
C PRO D 9 -42.89 39.51 30.89
N ALA D 10 -43.34 38.38 31.40
CA ALA D 10 -42.92 37.88 32.72
C ALA D 10 -41.42 37.54 32.79
N HIS D 11 -40.81 37.30 31.63
CA HIS D 11 -39.50 36.64 31.50
C HIS D 11 -38.87 37.06 30.15
N PRO D 12 -37.58 37.43 30.13
CA PRO D 12 -36.90 37.89 28.91
C PRO D 12 -36.92 36.92 27.73
N LEU D 13 -37.17 35.63 27.98
CA LEU D 13 -37.18 34.67 26.87
C LEU D 13 -38.57 34.32 26.39
N ASP D 14 -39.59 34.93 26.99
CA ASP D 14 -40.94 34.65 26.57
C ASP D 14 -41.10 35.10 25.12
N PRO D 15 -41.80 34.29 24.29
CA PRO D 15 -42.11 34.70 22.93
C PRO D 15 -42.88 36.01 22.90
N LEU D 16 -42.84 36.69 21.76
CA LEU D 16 -43.62 37.93 21.61
C LEU D 16 -45.13 37.66 21.77
N SER D 17 -45.81 38.51 22.55
CA SER D 17 -47.26 38.46 22.71
C SER D 17 -47.92 38.99 21.44
N THR D 18 -49.23 38.75 21.28
CA THR D 18 -49.93 39.33 20.14
C THR D 18 -49.84 40.87 20.13
N ALA D 19 -49.90 41.50 21.31
CA ALA D 19 -49.76 42.95 21.40
C ALA D 19 -48.37 43.43 20.97
N GLU D 20 -47.35 42.64 21.31
CA GLU D 20 -45.98 42.97 20.92
C GLU D 20 -45.76 42.82 19.41
N ILE D 21 -46.38 41.80 18.82
CA ILE D 21 -46.31 41.59 17.38
C ILE D 21 -46.97 42.78 16.68
N LYS D 22 -48.18 43.14 17.10
CA LYS D 22 -48.88 44.26 16.48
C LYS D 22 -48.09 45.56 16.64
N ALA D 23 -47.49 45.74 17.81
CA ALA D 23 -46.67 46.92 18.07
C ALA D 23 -45.49 46.96 17.10
N ALA D 24 -44.87 45.80 16.88
CA ALA D 24 -43.72 45.71 16.00
C ALA D 24 -44.12 46.01 14.54
N THR D 25 -45.24 45.45 14.09
CA THR D 25 -45.64 45.66 12.70
C THR D 25 -46.13 47.10 12.46
N ASN D 26 -46.77 47.70 13.47
CA ASN D 26 -47.11 49.13 13.40
C ASN D 26 -45.87 49.98 13.23
N THR D 27 -44.85 49.67 14.03
CA THR D 27 -43.59 50.40 14.04
C THR D 27 -42.88 50.30 12.69
N VAL D 28 -42.91 49.12 12.09
CA VAL D 28 -42.25 48.90 10.80
C VAL D 28 -43.01 49.60 9.67
N LYS D 29 -44.34 49.49 9.68
CA LYS D 29 -45.21 50.17 8.70
C LYS D 29 -44.95 51.68 8.67
N SER D 30 -44.77 52.27 9.86
CA SER D 30 -44.49 53.71 9.98
C SER D 30 -43.10 54.07 9.51
N TYR D 31 -42.13 53.18 9.75
CA TYR D 31 -40.77 53.41 9.28
C TYR D 31 -40.72 53.43 7.76
N PHE D 32 -41.46 52.51 7.14
CA PHE D 32 -41.55 52.43 5.69
C PHE D 32 -42.80 53.14 5.20
N ALA D 33 -43.07 54.31 5.78
CA ALA D 33 -44.24 55.11 5.44
C ALA D 33 -44.23 55.39 3.95
N GLY D 34 -45.38 55.15 3.31
CA GLY D 34 -45.54 55.38 1.89
C GLY D 34 -45.16 54.18 1.03
N LYS D 35 -44.55 53.17 1.67
CA LYS D 35 -44.12 51.96 0.97
C LYS D 35 -45.11 50.81 1.16
N LYS D 36 -45.33 50.06 0.09
CA LYS D 36 -46.19 48.90 0.14
C LYS D 36 -45.39 47.65 0.57
N ILE D 37 -45.52 47.28 1.83
CA ILE D 37 -44.78 46.15 2.39
C ILE D 37 -45.67 45.00 2.84
N SER D 38 -45.09 43.81 2.94
CA SER D 38 -45.77 42.65 3.52
C SER D 38 -44.84 41.94 4.50
N PHE D 39 -45.43 41.35 5.55
CA PHE D 39 -44.63 40.76 6.63
C PHE D 39 -44.40 39.27 6.41
N ASN D 40 -43.13 38.87 6.50
CA ASN D 40 -42.76 37.47 6.37
C ASN D 40 -42.55 36.81 7.72
N THR D 41 -41.85 37.50 8.62
CA THR D 41 -41.47 37.02 9.94
C THR D 41 -41.51 38.18 10.92
N VAL D 42 -42.18 38.00 12.06
CA VAL D 42 -42.03 38.90 13.20
C VAL D 42 -41.87 38.03 14.44
N THR D 43 -40.67 38.04 15.03
CA THR D 43 -40.33 37.09 16.08
C THR D 43 -39.41 37.72 17.12
N LEU D 44 -39.38 37.14 18.31
CA LEU D 44 -38.47 37.60 19.36
C LEU D 44 -37.01 37.55 18.90
N ARG D 45 -36.28 38.63 19.11
CA ARG D 45 -34.84 38.58 19.03
C ARG D 45 -34.37 38.34 20.46
N GLU D 46 -33.83 37.13 20.70
CA GLU D 46 -33.50 36.74 22.06
C GLU D 46 -32.36 37.60 22.60
N PRO D 47 -32.38 37.84 23.93
CA PRO D 47 -31.30 38.63 24.54
C PRO D 47 -29.93 38.02 24.34
N ALA D 48 -28.89 38.88 24.36
CA ALA D 48 -27.51 38.38 24.37
C ALA D 48 -27.32 37.39 25.51
N ARG D 49 -26.56 36.33 25.24
CA ARG D 49 -26.33 35.27 26.21
C ARG D 49 -25.79 35.82 27.54
N LYS D 50 -24.79 36.68 27.45
CA LYS D 50 -24.20 37.27 28.66
C LYS D 50 -25.21 38.14 29.41
N ALA D 51 -25.99 38.92 28.65
CA ALA D 51 -26.98 39.80 29.24
C ALA D 51 -28.06 39.00 29.99
N TYR D 52 -28.48 37.88 29.40
CA TYR D 52 -29.45 37.03 30.04
C TYR D 52 -28.91 36.44 31.33
N ILE D 53 -27.74 35.82 31.26
CA ILE D 53 -27.15 35.14 32.41
C ILE D 53 -26.91 36.13 33.57
N GLN D 54 -26.44 37.32 33.24
CA GLN D 54 -26.20 38.32 34.28
C GLN D 54 -27.50 38.78 34.91
N TRP D 55 -28.56 38.86 34.11
CA TRP D 55 -29.86 39.19 34.67
C TRP D 55 -30.35 38.10 35.61
N LYS D 56 -30.18 36.83 35.21
CA LYS D 56 -30.78 35.73 35.95
C LYS D 56 -30.02 35.43 37.23
N GLU D 57 -28.70 35.61 37.19
CA GLU D 57 -27.82 35.09 38.23
C GLU D 57 -26.99 36.12 38.97
N GLN D 58 -26.89 37.34 38.42
CA GLN D 58 -26.02 38.37 39.02
C GLN D 58 -26.73 39.70 39.27
N GLY D 59 -28.06 39.69 39.29
CA GLY D 59 -28.83 40.90 39.55
C GLY D 59 -28.64 41.98 38.51
N GLY D 60 -28.29 41.57 37.29
CA GLY D 60 -28.10 42.50 36.17
C GLY D 60 -29.40 43.08 35.63
N PRO D 61 -29.29 44.04 34.70
CA PRO D 61 -30.47 44.71 34.17
C PRO D 61 -31.30 43.80 33.26
N LEU D 62 -32.60 44.05 33.22
CA LEU D 62 -33.50 43.35 32.33
C LEU D 62 -33.13 43.70 30.89
N PRO D 63 -32.83 42.68 30.05
CA PRO D 63 -32.53 42.98 28.66
C PRO D 63 -33.67 43.70 27.93
N PRO D 64 -33.33 44.50 26.90
CA PRO D 64 -34.31 45.18 26.09
C PRO D 64 -35.18 44.15 25.38
N ARG D 65 -36.45 44.47 25.20
CA ARG D 65 -37.37 43.63 24.47
C ARG D 65 -37.33 43.95 22.98
N LEU D 66 -36.77 43.04 22.18
CA LEU D 66 -36.56 43.30 20.75
C LEU D 66 -37.32 42.36 19.82
N ALA D 67 -37.79 42.91 18.70
CA ALA D 67 -38.44 42.10 17.65
C ALA D 67 -37.63 42.11 16.37
N TYR D 68 -37.39 40.91 15.83
CA TYR D 68 -36.77 40.75 14.52
C TYR D 68 -37.86 40.60 13.47
N TYR D 69 -37.74 41.38 12.39
CA TYR D 69 -38.69 41.31 11.30
C TYR D 69 -38.01 41.06 9.97
N VAL D 70 -38.76 40.39 9.09
CA VAL D 70 -38.42 40.24 7.70
C VAL D 70 -39.67 40.68 6.93
N ILE D 71 -39.46 41.59 5.98
CA ILE D 71 -40.53 42.08 5.13
C ILE D 71 -40.15 41.99 3.66
N LEU D 72 -41.18 41.94 2.82
CA LEU D 72 -41.03 42.10 1.37
C LEU D 72 -41.62 43.44 0.97
N GLU D 73 -41.12 44.02 -0.12
CA GLU D 73 -41.74 45.21 -0.69
C GLU D 73 -42.10 44.93 -2.14
N ALA D 74 -43.31 45.33 -2.53
CA ALA D 74 -43.78 45.14 -3.90
C ALA D 74 -42.82 45.80 -4.90
N GLY D 75 -42.45 45.05 -5.94
CA GLY D 75 -41.50 45.52 -6.97
C GLY D 75 -40.03 45.57 -6.57
N LYS D 76 -39.71 45.15 -5.36
CA LYS D 76 -38.32 45.13 -4.88
C LYS D 76 -37.85 43.69 -4.70
N PRO D 77 -36.62 43.38 -5.13
CA PRO D 77 -36.12 42.01 -5.01
C PRO D 77 -35.68 41.66 -3.60
N GLY D 78 -35.76 40.37 -3.25
CA GLY D 78 -35.28 39.90 -1.96
C GLY D 78 -36.17 40.35 -0.82
N VAL D 79 -35.53 40.79 0.26
CA VAL D 79 -36.23 41.11 1.50
C VAL D 79 -35.58 42.31 2.18
N LYS D 80 -36.26 42.84 3.19
CA LYS D 80 -35.61 43.71 4.14
C LYS D 80 -35.80 43.09 5.51
N GLU D 81 -34.79 43.24 6.36
CA GLU D 81 -34.90 42.72 7.71
C GLU D 81 -34.42 43.77 8.69
N GLY D 82 -34.69 43.56 9.98
CA GLY D 82 -34.19 44.51 10.97
C GLY D 82 -34.72 44.23 12.36
N LEU D 83 -34.48 45.17 13.27
CA LEU D 83 -34.90 45.04 14.66
C LEU D 83 -35.73 46.22 15.12
N VAL D 84 -36.72 45.92 15.96
CA VAL D 84 -37.56 46.93 16.60
C VAL D 84 -37.34 46.86 18.09
N ASP D 85 -37.01 48.00 18.69
CA ASP D 85 -37.00 48.11 20.13
C ASP D 85 -38.45 48.40 20.53
N LEU D 86 -39.04 47.47 21.28
CA LEU D 86 -40.47 47.56 21.57
C LEU D 86 -40.82 48.64 22.61
N ALA D 87 -39.90 48.89 23.53
CA ALA D 87 -40.11 49.90 24.59
C ALA D 87 -40.24 51.29 24.01
N SER D 88 -39.43 51.59 23.00
CA SER D 88 -39.43 52.90 22.37
C SER D 88 -40.18 52.94 21.02
N LEU D 89 -40.78 51.82 20.65
CA LEU D 89 -41.49 51.66 19.36
C LEU D 89 -40.72 52.24 18.17
N SER D 90 -39.46 51.81 18.03
CA SER D 90 -38.61 52.33 16.97
C SER D 90 -37.76 51.25 16.32
N VAL D 91 -37.54 51.40 15.02
CA VAL D 91 -36.62 50.54 14.27
C VAL D 91 -35.20 50.96 14.62
N ILE D 92 -34.38 50.01 15.10
CA ILE D 92 -33.04 50.33 15.60
C ILE D 92 -31.92 49.78 14.71
N GLU D 93 -32.29 48.90 13.78
CA GLU D 93 -31.35 48.24 12.89
C GLU D 93 -32.13 47.81 11.66
N THR D 94 -31.52 47.96 10.49
CA THR D 94 -32.21 47.69 9.24
C THR D 94 -31.20 47.29 8.16
N ARG D 95 -31.62 46.41 7.25
CA ARG D 95 -30.81 46.15 6.05
C ARG D 95 -31.60 45.43 4.96
N ALA D 96 -31.26 45.75 3.71
CA ALA D 96 -31.91 45.16 2.55
C ALA D 96 -31.01 44.07 2.00
N LEU D 97 -31.62 42.93 1.70
CA LEU D 97 -30.91 41.78 1.16
C LEU D 97 -31.57 41.41 -0.14
N GLU D 98 -31.00 41.92 -1.24
CA GLU D 98 -31.69 41.82 -2.53
C GLU D 98 -31.61 40.46 -3.16
N THR D 99 -30.68 39.63 -2.69
CA THR D 99 -30.39 38.35 -3.37
C THR D 99 -30.61 37.11 -2.50
N VAL D 100 -31.56 37.22 -1.56
CA VAL D 100 -32.00 36.04 -0.80
C VAL D 100 -33.52 35.90 -0.94
N GLN D 101 -34.04 34.72 -0.57
CA GLN D 101 -35.48 34.53 -0.45
C GLN D 101 -35.78 33.95 0.92
N PRO D 102 -36.89 34.39 1.54
CA PRO D 102 -37.19 33.99 2.91
C PRO D 102 -38.10 32.76 3.05
N ILE D 103 -38.24 32.32 4.30
CA ILE D 103 -39.10 31.22 4.67
C ILE D 103 -40.52 31.37 4.07
N LEU D 104 -41.08 30.26 3.62
CA LEU D 104 -42.41 30.27 3.04
C LEU D 104 -43.43 30.08 4.15
N THR D 105 -44.31 31.07 4.31
CA THR D 105 -45.31 31.03 5.38
C THR D 105 -46.52 30.23 4.89
N VAL D 106 -47.42 29.90 5.81
CA VAL D 106 -48.65 29.22 5.44
C VAL D 106 -49.44 30.02 4.39
N GLU D 107 -49.46 31.35 4.55
CA GLU D 107 -50.16 32.23 3.61
C GLU D 107 -49.59 32.10 2.21
N ASP D 108 -48.33 32.52 2.05
CA ASP D 108 -47.71 32.57 0.71
C ASP D 108 -47.63 31.20 0.02
N LEU D 109 -47.98 30.15 0.75
CA LEU D 109 -48.12 28.79 0.21
C LEU D 109 -49.54 28.33 -0.16
N CYS D 110 -50.55 28.64 0.67
CA CYS D 110 -51.93 28.20 0.41
C CYS D 110 -52.47 28.80 -0.91
N SER D 111 -51.77 29.78 -1.47
CA SER D 111 -52.21 30.48 -2.68
C SER D 111 -51.86 29.79 -4.00
N THR D 112 -50.97 28.81 -3.96
CA THR D 112 -50.42 28.24 -5.19
C THR D 112 -51.40 27.39 -6.00
N GLU D 113 -52.28 26.67 -5.30
CA GLU D 113 -53.23 25.80 -5.95
C GLU D 113 -54.14 26.57 -6.88
N GLU D 114 -54.65 27.71 -6.41
CA GLU D 114 -55.53 28.51 -7.25
C GLU D 114 -54.77 29.11 -8.43
N VAL D 115 -53.49 29.42 -8.24
CA VAL D 115 -52.66 29.89 -9.36
C VAL D 115 -52.57 28.83 -10.46
N ILE D 116 -52.22 27.61 -10.08
CA ILE D 116 -52.03 26.59 -11.11
C ILE D 116 -53.35 26.12 -11.73
N ARG D 117 -54.42 26.09 -10.95
CA ARG D 117 -55.73 25.68 -11.50
C ARG D 117 -56.23 26.60 -12.59
N ASN D 118 -55.77 27.85 -12.57
CA ASN D 118 -56.25 28.88 -13.50
C ASN D 118 -55.26 29.25 -14.59
N ASP D 119 -54.11 28.59 -14.60
CA ASP D 119 -53.10 28.87 -15.59
C ASP D 119 -53.33 28.05 -16.88
N PRO D 120 -53.50 28.74 -18.02
CA PRO D 120 -53.73 28.00 -19.28
C PRO D 120 -52.72 26.89 -19.59
N ALA D 121 -51.42 27.14 -19.34
CA ALA D 121 -50.41 26.11 -19.67
C ALA D 121 -50.53 24.88 -18.77
N VAL D 122 -50.84 25.08 -17.49
CA VAL D 122 -51.08 23.96 -16.55
C VAL D 122 -52.33 23.17 -16.94
N ILE D 123 -53.40 23.89 -17.27
CA ILE D 123 -54.65 23.28 -17.74
C ILE D 123 -54.37 22.40 -18.97
N GLU D 124 -53.60 22.92 -19.91
CA GLU D 124 -53.21 22.14 -21.10
C GLU D 124 -52.49 20.84 -20.71
N GLN D 125 -51.61 20.93 -19.72
CA GLN D 125 -50.88 19.75 -19.28
C GLN D 125 -51.78 18.74 -18.56
N CYS D 126 -52.79 19.23 -17.84
CA CYS D 126 -53.76 18.32 -17.22
C CYS D 126 -54.56 17.61 -18.30
N VAL D 127 -54.98 18.36 -19.32
CA VAL D 127 -55.74 17.78 -20.43
C VAL D 127 -54.94 16.65 -21.10
N LEU D 128 -53.67 16.93 -21.41
CA LEU D 128 -52.77 15.92 -22.00
C LEU D 128 -52.57 14.71 -21.10
N SER D 129 -52.63 14.95 -19.78
CA SER D 129 -52.46 13.90 -18.77
C SER D 129 -53.75 13.15 -18.46
N GLY D 130 -54.82 13.45 -19.21
CA GLY D 130 -56.07 12.71 -19.08
C GLY D 130 -57.09 13.30 -18.10
N ILE D 131 -56.91 14.56 -17.74
CA ILE D 131 -57.86 15.25 -16.87
C ILE D 131 -58.54 16.40 -17.65
N PRO D 132 -59.86 16.28 -17.89
CA PRO D 132 -60.53 17.34 -18.66
C PRO D 132 -60.43 18.73 -18.01
N ALA D 133 -60.41 19.76 -18.86
CA ALA D 133 -60.25 21.15 -18.42
C ALA D 133 -61.32 21.62 -17.43
N ASN D 134 -62.51 21.03 -17.48
CA ASN D 134 -63.58 21.40 -16.55
C ASN D 134 -63.51 20.62 -15.24
N GLU D 135 -62.41 19.90 -15.05
CA GLU D 135 -62.20 19.15 -13.81
C GLU D 135 -60.97 19.63 -13.05
N MET D 136 -60.59 20.88 -13.27
CA MET D 136 -59.41 21.44 -12.60
C MET D 136 -59.58 21.54 -11.08
N HIS D 137 -60.82 21.52 -10.60
CA HIS D 137 -61.07 21.55 -9.16
C HIS D 137 -60.60 20.25 -8.49
N LYS D 138 -60.33 19.23 -9.30
CA LYS D 138 -59.84 17.94 -8.81
C LYS D 138 -58.31 17.86 -8.78
N VAL D 139 -57.65 18.89 -9.31
CA VAL D 139 -56.19 18.94 -9.34
C VAL D 139 -55.69 19.70 -8.10
N TYR D 140 -54.68 19.14 -7.44
CA TYR D 140 -54.13 19.69 -6.20
C TYR D 140 -52.63 19.78 -6.34
N CYS D 141 -51.98 20.57 -5.49
CA CYS D 141 -50.53 20.52 -5.48
C CYS D 141 -50.03 20.77 -4.07
N ASP D 142 -48.90 20.13 -3.75
CA ASP D 142 -48.15 20.49 -2.56
C ASP D 142 -47.16 21.54 -3.02
N PRO D 143 -47.34 22.77 -2.53
CA PRO D 143 -46.45 23.86 -2.92
C PRO D 143 -45.19 23.72 -2.08
N TRP D 144 -44.08 23.37 -2.74
CA TRP D 144 -42.79 23.32 -2.06
C TRP D 144 -42.01 24.53 -2.48
N THR D 145 -41.03 24.97 -1.69
CA THR D 145 -40.04 25.87 -2.29
C THR D 145 -39.38 25.10 -3.44
N ILE D 146 -38.91 25.85 -4.42
CA ILE D 146 -38.17 25.26 -5.53
C ILE D 146 -36.88 24.62 -5.00
N GLY D 147 -36.47 25.02 -3.80
CA GLY D 147 -35.24 24.53 -3.18
C GLY D 147 -34.07 25.26 -3.76
N TYR D 148 -33.60 24.76 -4.89
CA TYR D 148 -32.67 25.52 -5.72
C TYR D 148 -32.78 25.07 -7.16
N ASP D 149 -32.93 26.04 -8.05
CA ASP D 149 -32.93 25.76 -9.47
C ASP D 149 -32.00 26.77 -10.15
N GLU D 150 -30.94 26.24 -10.75
CA GLU D 150 -29.89 27.04 -11.37
C GLU D 150 -30.35 27.87 -12.56
N ARG D 151 -31.57 27.63 -13.03
CA ARG D 151 -32.12 28.48 -14.09
C ARG D 151 -32.54 29.85 -13.60
N TRP D 152 -32.85 30.00 -12.30
CA TRP D 152 -33.37 31.28 -11.79
C TRP D 152 -32.65 31.81 -10.55
N GLY D 153 -31.92 30.95 -9.84
CA GLY D 153 -31.22 31.41 -8.64
C GLY D 153 -32.21 31.98 -7.62
N THR D 154 -31.89 33.17 -7.09
CA THR D 154 -32.77 33.90 -6.17
C THR D 154 -33.43 35.10 -6.87
N GLY D 155 -33.37 35.12 -8.20
CA GLY D 155 -33.80 36.28 -8.98
C GLY D 155 -35.30 36.52 -8.91
N LYS D 156 -36.04 35.44 -8.69
CA LYS D 156 -37.48 35.46 -8.45
C LYS D 156 -37.76 34.58 -7.24
N ARG D 157 -38.84 34.88 -6.50
CA ARG D 157 -39.23 34.01 -5.40
C ARG D 157 -40.09 32.88 -5.97
N LEU D 158 -39.66 31.61 -5.82
CA LEU D 158 -40.27 30.52 -6.59
C LEU D 158 -40.71 29.33 -5.78
N GLN D 159 -41.82 28.74 -6.20
CA GLN D 159 -42.26 27.47 -5.68
C GLN D 159 -42.35 26.46 -6.82
N GLN D 160 -42.24 25.20 -6.46
CA GLN D 160 -42.47 24.15 -7.41
C GLN D 160 -43.72 23.43 -6.93
N ALA D 161 -44.66 23.24 -7.83
CA ALA D 161 -45.92 22.67 -7.44
C ALA D 161 -45.90 21.18 -7.74
N LEU D 162 -45.78 20.37 -6.71
CA LEU D 162 -45.92 18.92 -6.93
C LEU D 162 -47.40 18.57 -7.08
N VAL D 163 -47.78 18.12 -8.27
CA VAL D 163 -49.19 18.04 -8.66
C VAL D 163 -49.77 16.65 -8.46
N TYR D 164 -51.01 16.61 -7.96
CA TYR D 164 -51.72 15.37 -7.65
C TYR D 164 -53.19 15.50 -8.06
N TYR D 165 -53.89 14.38 -8.17
CA TYR D 165 -55.30 14.37 -8.57
C TYR D 165 -56.12 13.68 -7.49
N ARG D 166 -57.30 14.25 -7.20
CA ARG D 166 -58.30 13.60 -6.33
C ARG D 166 -59.58 13.32 -7.10
N SER D 167 -60.06 12.08 -7.12
CA SER D 167 -61.34 11.79 -7.75
CA SER D 167 -61.35 11.75 -7.73
C SER D 167 -62.48 12.35 -6.91
N ASP D 168 -62.24 12.50 -5.61
CA ASP D 168 -63.20 13.01 -4.64
C ASP D 168 -62.41 13.80 -3.59
N GLU D 169 -63.00 14.86 -3.02
CA GLU D 169 -62.26 15.73 -2.10
C GLU D 169 -61.72 14.99 -0.87
N ASP D 170 -62.36 13.86 -0.51
CA ASP D 170 -61.98 13.10 0.68
C ASP D 170 -60.85 12.09 0.39
N ASP D 171 -60.44 12.00 -0.86
CA ASP D 171 -59.37 11.08 -1.26
C ASP D 171 -58.05 11.54 -0.66
N SER D 172 -57.16 10.58 -0.44
CA SER D 172 -55.77 10.92 -0.23
C SER D 172 -55.12 10.97 -1.61
N GLN D 173 -54.58 12.13 -1.95
CA GLN D 173 -54.18 12.39 -3.34
C GLN D 173 -52.92 11.65 -3.77
N TYR D 174 -52.18 11.13 -2.78
CA TYR D 174 -50.82 10.68 -3.06
C TYR D 174 -50.68 9.42 -3.90
N SER D 175 -51.77 8.69 -4.10
CA SER D 175 -51.75 7.60 -5.05
C SER D 175 -51.78 8.08 -6.51
N HIS D 176 -52.03 9.38 -6.72
CA HIS D 176 -52.26 9.93 -8.05
C HIS D 176 -51.45 11.20 -8.37
N PRO D 177 -50.11 11.09 -8.29
CA PRO D 177 -49.26 12.19 -8.74
C PRO D 177 -49.37 12.36 -10.25
N LEU D 178 -49.22 13.58 -10.73
CA LEU D 178 -49.13 13.83 -12.16
C LEU D 178 -47.65 13.92 -12.58
N ASP D 179 -47.37 13.94 -13.88
CA ASP D 179 -45.98 13.75 -14.34
C ASP D 179 -45.14 15.03 -14.43
N PHE D 180 -45.80 16.17 -14.35
CA PHE D 180 -45.18 17.46 -14.67
C PHE D 180 -45.09 18.35 -13.43
N CYS D 181 -44.27 19.38 -13.50
CA CYS D 181 -44.03 20.23 -12.35
C CYS D 181 -44.05 21.72 -12.71
N PRO D 182 -45.18 22.40 -12.45
CA PRO D 182 -45.19 23.86 -12.64
C PRO D 182 -44.27 24.61 -11.67
N ILE D 183 -43.64 25.67 -12.17
CA ILE D 183 -42.80 26.57 -11.37
C ILE D 183 -43.55 27.89 -11.26
N VAL D 184 -43.74 28.34 -10.03
CA VAL D 184 -44.65 29.46 -9.74
C VAL D 184 -43.88 30.59 -9.08
N ASP D 185 -44.06 31.79 -9.63
CA ASP D 185 -43.53 32.99 -8.99
C ASP D 185 -44.47 33.36 -7.85
N THR D 186 -43.99 33.17 -6.62
CA THR D 186 -44.76 33.38 -5.39
C THR D 186 -45.38 34.77 -5.25
N GLU D 187 -44.64 35.79 -5.68
CA GLU D 187 -45.08 37.17 -5.44
C GLU D 187 -45.92 37.71 -6.57
N GLU D 188 -45.60 37.31 -7.80
CA GLU D 188 -46.38 37.69 -8.98
C GLU D 188 -47.62 36.81 -9.16
N LYS D 189 -47.64 35.66 -8.48
CA LYS D 189 -48.75 34.71 -8.53
C LYS D 189 -49.01 34.21 -9.96
N LYS D 190 -47.92 33.80 -10.62
CA LYS D 190 -47.95 33.36 -11.99
C LYS D 190 -47.06 32.13 -12.19
N VAL D 191 -47.50 31.21 -13.06
CA VAL D 191 -46.67 30.10 -13.50
C VAL D 191 -45.66 30.63 -14.52
N ILE D 192 -44.37 30.42 -14.27
CA ILE D 192 -43.36 30.92 -15.18
C ILE D 192 -42.74 29.85 -16.09
N PHE D 193 -42.95 28.57 -15.74
CA PHE D 193 -42.35 27.45 -16.47
C PHE D 193 -43.03 26.18 -16.00
N ILE D 194 -43.01 25.15 -16.84
CA ILE D 194 -43.47 23.83 -16.41
C ILE D 194 -42.44 22.80 -16.82
N ASP D 195 -41.89 22.08 -15.84
CA ASP D 195 -41.00 20.95 -16.13
C ASP D 195 -41.85 19.78 -16.65
N ILE D 196 -41.54 19.34 -17.86
CA ILE D 196 -42.32 18.31 -18.53
C ILE D 196 -41.35 17.18 -18.88
N PRO D 197 -41.64 15.93 -18.48
CA PRO D 197 -40.69 14.84 -18.72
C PRO D 197 -40.68 14.39 -20.18
N ASN D 198 -39.59 13.78 -20.63
CA ASN D 198 -39.49 13.30 -22.01
C ASN D 198 -40.49 12.17 -22.27
N ARG D 199 -40.64 11.30 -21.28
CA ARG D 199 -41.60 10.19 -21.30
C ARG D 199 -42.87 10.64 -20.55
N ARG D 200 -43.96 10.88 -21.26
CA ARG D 200 -45.21 11.28 -20.59
C ARG D 200 -45.88 10.08 -19.92
N ARG D 201 -46.48 10.34 -18.76
CA ARG D 201 -47.26 9.34 -18.03
C ARG D 201 -48.55 10.02 -17.61
N LYS D 202 -49.68 9.55 -18.16
CA LYS D 202 -51.00 10.08 -17.86
C LYS D 202 -51.45 9.63 -16.47
N VAL D 203 -52.42 10.34 -15.92
CA VAL D 203 -52.91 10.07 -14.57
C VAL D 203 -53.33 8.61 -14.42
N SER D 204 -53.00 8.02 -13.27
CA SER D 204 -53.42 6.67 -12.94
C SER D 204 -54.93 6.50 -12.97
N LYS D 205 -55.38 5.37 -13.50
CA LYS D 205 -56.79 5.02 -13.51
C LYS D 205 -57.18 4.12 -12.35
N HIS D 206 -56.20 3.78 -11.49
CA HIS D 206 -56.50 2.97 -10.31
C HIS D 206 -57.35 3.73 -9.30
N LYS D 207 -57.98 2.99 -8.40
CA LYS D 207 -58.69 3.59 -7.30
C LYS D 207 -57.67 4.33 -6.42
N HIS D 208 -58.10 5.42 -5.77
CA HIS D 208 -57.21 6.07 -4.80
C HIS D 208 -56.93 5.12 -3.63
N ALA D 209 -55.72 5.22 -3.08
CA ALA D 209 -55.35 4.42 -1.91
C ALA D 209 -55.71 5.23 -0.67
N ASN D 210 -56.86 4.90 -0.09
CA ASN D 210 -57.45 5.73 0.96
C ASN D 210 -57.39 5.07 2.34
N PHE D 211 -57.67 5.86 3.38
CA PHE D 211 -57.43 5.35 4.74
C PHE D 211 -58.43 5.76 5.83
N TYR D 212 -59.46 6.53 5.47
CA TYR D 212 -60.51 6.81 6.46
C TYR D 212 -61.39 5.58 6.63
N PRO D 213 -62.08 5.45 7.79
CA PRO D 213 -62.94 4.30 8.04
C PRO D 213 -63.90 3.96 6.89
N LYS D 214 -64.54 4.97 6.29
CA LYS D 214 -65.46 4.68 5.17
C LYS D 214 -64.73 4.00 4.01
N HIS D 215 -63.49 4.41 3.77
CA HIS D 215 -62.68 3.83 2.70
C HIS D 215 -62.25 2.40 3.06
N MET D 216 -61.91 2.19 4.32
CA MET D 216 -61.47 0.89 4.79
C MET D 216 -62.59 -0.14 4.76
N ILE D 217 -63.81 0.31 5.06
CA ILE D 217 -64.97 -0.59 4.98
C ILE D 217 -65.13 -1.15 3.57
N GLU D 218 -64.95 -0.29 2.57
CA GLU D 218 -65.02 -0.71 1.17
C GLU D 218 -63.86 -1.64 0.82
N LYS D 219 -62.68 -1.29 1.31
CA LYS D 219 -61.44 -2.04 0.99
C LYS D 219 -61.34 -3.41 1.65
N VAL D 220 -61.57 -3.49 2.96
CA VAL D 220 -61.44 -4.77 3.68
C VAL D 220 -62.73 -5.33 4.29
N GLY D 221 -63.84 -4.64 4.06
CA GLY D 221 -65.15 -5.13 4.49
C GLY D 221 -65.71 -4.57 5.79
N ALA D 222 -64.85 -4.32 6.77
CA ALA D 222 -65.28 -3.79 8.06
C ALA D 222 -64.06 -3.27 8.79
N MET D 223 -64.27 -2.33 9.70
CA MET D 223 -63.23 -1.94 10.65
C MET D 223 -63.17 -2.98 11.76
N ARG D 224 -62.05 -3.02 12.50
CA ARG D 224 -62.00 -3.83 13.72
C ARG D 224 -62.95 -3.23 14.75
N PRO D 225 -63.51 -4.07 15.63
CA PRO D 225 -64.35 -3.54 16.72
C PRO D 225 -63.55 -2.56 17.56
N GLU D 226 -64.20 -1.55 18.13
CA GLU D 226 -63.52 -0.65 19.06
C GLU D 226 -62.97 -1.52 20.18
N ALA D 227 -61.66 -1.42 20.42
CA ALA D 227 -61.03 -2.19 21.49
C ALA D 227 -61.45 -1.66 22.86
N PRO D 228 -61.45 -2.53 23.88
CA PRO D 228 -61.77 -2.04 25.22
C PRO D 228 -60.75 -1.00 25.68
N PRO D 229 -61.20 0.03 26.44
CA PRO D 229 -60.32 1.15 26.74
C PRO D 229 -59.18 0.80 27.69
N ILE D 230 -58.07 1.48 27.50
CA ILE D 230 -56.97 1.46 28.46
C ILE D 230 -56.95 2.87 29.02
N ASN D 231 -57.39 3.01 30.27
CA ASN D 231 -57.52 4.33 30.88
C ASN D 231 -56.35 4.67 31.77
N VAL D 232 -55.69 5.77 31.45
CA VAL D 232 -54.58 6.30 32.25
C VAL D 232 -55.05 7.60 32.90
N THR D 233 -55.16 7.57 34.23
CA THR D 233 -55.72 8.69 34.97
C THR D 233 -54.70 9.25 35.96
N GLN D 234 -54.80 10.55 36.20
CA GLN D 234 -53.97 11.24 37.18
C GLN D 234 -54.91 11.97 38.13
N PRO D 235 -55.60 11.20 38.99
CA PRO D 235 -56.72 11.78 39.73
C PRO D 235 -56.30 12.82 40.76
N GLU D 236 -55.04 12.82 41.17
CA GLU D 236 -54.53 13.79 42.13
C GLU D 236 -53.59 14.81 41.47
N GLY D 237 -53.71 14.92 40.16
CA GLY D 237 -52.97 15.94 39.41
C GLY D 237 -51.56 15.49 39.09
N VAL D 238 -50.68 16.47 38.93
CA VAL D 238 -49.34 16.23 38.39
C VAL D 238 -48.29 16.77 39.35
N SER D 239 -47.04 16.36 39.15
CA SER D 239 -45.96 16.82 40.03
C SER D 239 -45.22 18.04 39.46
N PHE D 240 -45.42 18.35 38.19
CA PHE D 240 -44.78 19.53 37.61
C PHE D 240 -45.53 20.81 37.93
N LYS D 241 -44.80 21.93 37.89
CA LYS D 241 -45.34 23.25 38.17
C LYS D 241 -44.84 24.24 37.14
N MET D 242 -45.78 24.95 36.52
CA MET D 242 -45.46 25.97 35.52
CA MET D 242 -45.43 25.97 35.55
C MET D 242 -45.70 27.36 36.10
N THR D 243 -44.74 28.26 35.90
CA THR D 243 -44.88 29.65 36.29
C THR D 243 -44.61 30.46 35.03
N GLY D 244 -45.68 30.89 34.37
CA GLY D 244 -45.56 31.44 33.01
C GLY D 244 -45.04 30.35 32.11
N ASN D 245 -43.90 30.58 31.46
CA ASN D 245 -43.28 29.56 30.60
C ASN D 245 -42.18 28.75 31.29
N VAL D 246 -41.99 28.97 32.59
CA VAL D 246 -40.95 28.31 33.37
C VAL D 246 -41.48 27.03 34.01
N MET D 247 -40.77 25.93 33.73
CA MET D 247 -41.13 24.62 34.21
C MET D 247 -40.24 24.25 35.39
N GLU D 248 -40.86 23.65 36.42
CA GLU D 248 -40.14 23.00 37.52
C GLU D 248 -40.65 21.57 37.68
N TRP D 249 -39.76 20.59 37.57
CA TRP D 249 -40.16 19.19 37.68
C TRP D 249 -38.95 18.35 38.03
N SER D 250 -39.12 17.48 39.03
CA SER D 250 -38.06 16.55 39.44
C SER D 250 -36.67 17.20 39.50
N ASN D 251 -36.62 18.40 40.09
CA ASN D 251 -35.38 19.20 40.29
C ASN D 251 -34.89 19.94 39.06
N PHE D 252 -35.48 19.64 37.90
CA PHE D 252 -35.18 20.43 36.73
C PHE D 252 -35.92 21.76 36.79
N LYS D 253 -35.30 22.79 36.26
CA LYS D 253 -35.98 24.06 36.00
C LYS D 253 -35.51 24.56 34.64
N PHE D 254 -36.46 25.02 33.82
CA PHE D 254 -36.10 25.53 32.50
C PHE D 254 -37.23 26.36 31.94
N HIS D 255 -36.91 27.13 30.91
CA HIS D 255 -37.91 27.95 30.23
C HIS D 255 -38.31 27.28 28.94
N ILE D 256 -39.62 27.20 28.70
CA ILE D 256 -40.12 26.65 27.47
C ILE D 256 -40.52 27.81 26.55
N GLY D 257 -39.78 27.94 25.45
CA GLY D 257 -40.03 28.98 24.46
C GLY D 257 -40.49 28.34 23.16
N PHE D 258 -40.79 29.17 22.17
CA PHE D 258 -41.31 28.66 20.92
C PHE D 258 -41.12 29.74 19.87
N ASN D 259 -40.71 29.35 18.68
CA ASN D 259 -40.72 30.31 17.60
C ASN D 259 -41.12 29.68 16.27
N TYR D 260 -41.35 30.55 15.29
CA TYR D 260 -41.86 30.20 13.96
C TYR D 260 -41.03 29.12 13.26
N ARG D 261 -39.75 29.06 13.61
CA ARG D 261 -38.77 28.32 12.82
C ARG D 261 -38.36 27.02 13.49
N GLU D 262 -37.79 27.13 14.68
CA GLU D 262 -37.33 25.97 15.46
C GLU D 262 -38.47 25.23 16.15
N GLY D 263 -39.61 25.89 16.33
CA GLY D 263 -40.64 25.32 17.19
C GLY D 263 -40.21 25.46 18.64
N ILE D 264 -40.21 24.36 19.38
CA ILE D 264 -39.84 24.38 20.81
C ILE D 264 -38.38 24.75 21.00
N VAL D 265 -38.15 25.69 21.91
CA VAL D 265 -36.81 26.06 22.34
C VAL D 265 -36.75 25.96 23.85
N LEU D 266 -35.87 25.08 24.35
CA LEU D 266 -35.70 24.91 25.80
C LEU D 266 -34.48 25.71 26.25
N SER D 267 -34.68 26.62 27.21
CA SER D 267 -33.60 27.50 27.65
C SER D 267 -33.35 27.45 29.15
N ASP D 268 -32.14 27.84 29.55
CA ASP D 268 -31.82 28.05 30.97
C ASP D 268 -32.18 26.81 31.78
N VAL D 269 -31.64 25.67 31.35
CA VAL D 269 -31.90 24.39 31.99
C VAL D 269 -30.90 24.17 33.13
N SER D 270 -31.43 23.98 34.34
CA SER D 270 -30.63 23.71 35.53
C SER D 270 -31.19 22.51 36.26
N TYR D 271 -30.36 21.94 37.14
CA TYR D 271 -30.80 20.85 38.01
C TYR D 271 -30.48 21.24 39.45
N ASN D 272 -31.50 21.13 40.31
CA ASN D 272 -31.32 21.44 41.73
C ASN D 272 -30.77 20.22 42.47
N ASP D 273 -29.45 20.22 42.67
CA ASP D 273 -28.73 19.11 43.30
C ASP D 273 -28.68 19.34 44.81
N HIS D 274 -29.75 18.93 45.48
CA HIS D 274 -29.90 19.11 46.95
C HIS D 274 -29.53 20.49 47.45
N GLY D 275 -30.10 21.50 46.80
CA GLY D 275 -29.92 22.88 47.20
C GLY D 275 -28.93 23.62 46.32
N ASN D 276 -28.05 22.88 45.66
CA ASN D 276 -27.08 23.46 44.75
C ASN D 276 -27.65 23.47 43.32
N VAL D 277 -28.08 24.63 42.86
CA VAL D 277 -28.69 24.77 41.53
C VAL D 277 -27.57 24.87 40.50
N ARG D 278 -27.46 23.82 39.68
CA ARG D 278 -26.35 23.66 38.75
C ARG D 278 -26.85 23.83 37.30
N PRO D 279 -26.28 24.81 36.57
CA PRO D 279 -26.66 24.92 35.16
C PRO D 279 -26.25 23.68 34.40
N ILE D 280 -27.05 23.33 33.39
CA ILE D 280 -26.67 22.28 32.44
C ILE D 280 -26.59 22.83 31.01
N PHE D 281 -27.69 23.40 30.50
CA PHE D 281 -27.70 23.94 29.13
C PHE D 281 -28.28 25.34 29.11
N HIS D 282 -27.69 26.23 28.32
CA HIS D 282 -28.29 27.54 28.11
C HIS D 282 -29.45 27.50 27.12
N ARG D 283 -29.31 26.68 26.08
CA ARG D 283 -30.35 26.57 25.05
C ARG D 283 -30.19 25.25 24.32
N ILE D 284 -31.32 24.62 24.00
CA ILE D 284 -31.35 23.40 23.19
C ILE D 284 -32.59 23.44 22.27
N SER D 285 -32.39 23.09 21.00
CA SER D 285 -33.48 23.13 20.02
C SER D 285 -33.04 22.39 18.78
N LEU D 286 -33.98 22.18 17.87
CA LEU D 286 -33.63 21.79 16.50
C LEU D 286 -33.48 23.03 15.65
N SER D 287 -32.35 23.13 14.95
CA SER D 287 -31.96 24.38 14.30
C SER D 287 -32.08 24.33 12.79
N GLU D 288 -32.12 23.12 12.23
CA GLU D 288 -32.30 22.95 10.77
C GLU D 288 -32.61 21.49 10.51
N MET D 289 -33.16 21.20 9.35
CA MET D 289 -33.32 19.83 8.86
C MET D 289 -32.94 19.79 7.38
N ILE D 290 -32.69 18.60 6.86
CA ILE D 290 -32.75 18.44 5.40
C ILE D 290 -33.27 17.04 5.10
N VAL D 291 -34.13 16.93 4.08
CA VAL D 291 -34.74 15.67 3.70
C VAL D 291 -34.37 15.35 2.25
N PRO D 292 -33.12 14.91 2.04
CA PRO D 292 -32.66 14.78 0.65
C PRO D 292 -33.17 13.51 -0.03
N TYR D 293 -33.81 13.68 -1.19
CA TYR D 293 -34.26 12.52 -1.98
C TYR D 293 -33.12 11.94 -2.82
N GLY D 294 -33.27 10.66 -3.17
CA GLY D 294 -32.22 9.87 -3.77
C GLY D 294 -32.43 9.45 -5.22
N SER D 295 -33.40 10.05 -5.91
CA SER D 295 -33.53 9.83 -7.36
C SER D 295 -32.74 10.88 -8.14
N PRO D 296 -31.84 10.43 -9.02
CA PRO D 296 -31.02 11.36 -9.78
C PRO D 296 -31.77 12.02 -10.96
N GLU D 297 -32.97 11.52 -11.25
CA GLU D 297 -33.69 11.94 -12.46
C GLU D 297 -34.28 13.33 -12.27
N PHE D 298 -34.14 14.17 -13.30
CA PHE D 298 -34.70 15.53 -13.29
C PHE D 298 -36.24 15.49 -13.25
N PRO D 299 -36.89 16.39 -12.48
CA PRO D 299 -36.35 17.45 -11.62
C PRO D 299 -36.24 17.03 -10.14
N HIS D 300 -36.08 15.74 -9.87
CA HIS D 300 -36.19 15.27 -8.50
C HIS D 300 -35.02 15.68 -7.61
N GLN D 301 -33.95 16.20 -8.21
CA GLN D 301 -32.88 16.79 -7.39
C GLN D 301 -33.34 17.97 -6.55
N ARG D 302 -34.46 18.59 -6.95
CA ARG D 302 -34.98 19.74 -6.20
C ARG D 302 -35.79 19.32 -4.96
N LYS D 303 -35.87 18.02 -4.69
CA LYS D 303 -36.50 17.53 -3.46
C LYS D 303 -35.41 17.28 -2.40
N HIS D 304 -35.18 18.30 -1.59
CA HIS D 304 -34.27 18.20 -0.45
C HIS D 304 -34.68 19.26 0.56
N ALA D 305 -35.94 19.17 0.98
CA ALA D 305 -36.51 20.22 1.82
C ALA D 305 -35.69 20.43 3.09
N LEU D 306 -35.38 21.68 3.39
CA LEU D 306 -34.84 22.03 4.71
C LEU D 306 -36.02 22.57 5.50
N ASP D 307 -36.78 21.67 6.10
CA ASP D 307 -38.14 22.03 6.55
C ASP D 307 -38.15 23.19 7.53
N ILE D 308 -37.18 23.21 8.44
CA ILE D 308 -37.14 24.21 9.49
C ILE D 308 -36.82 25.57 8.86
N GLY D 309 -35.80 25.60 8.02
CA GLY D 309 -35.37 26.85 7.40
C GLY D 309 -36.26 27.34 6.28
N GLU D 310 -37.02 26.42 5.67
CA GLU D 310 -37.78 26.79 4.47
C GLU D 310 -39.29 26.96 4.72
N TYR D 311 -39.81 26.32 5.77
CA TYR D 311 -41.24 26.39 6.12
C TYR D 311 -41.48 26.75 7.57
N GLY D 312 -40.67 26.18 8.48
CA GLY D 312 -40.76 26.56 9.90
C GLY D 312 -41.51 25.56 10.75
N ALA D 313 -40.85 24.97 11.74
CA ALA D 313 -41.49 23.99 12.62
C ALA D 313 -42.55 24.64 13.51
N GLY D 314 -42.48 25.97 13.65
CA GLY D 314 -43.51 26.74 14.34
C GLY D 314 -44.66 27.02 13.40
N TYR D 315 -44.36 27.60 12.24
CA TYR D 315 -45.40 27.91 11.25
C TYR D 315 -46.22 26.70 10.88
N MET D 316 -45.58 25.52 10.83
CA MET D 316 -46.21 24.29 10.35
CA MET D 316 -46.25 24.31 10.34
C MET D 316 -46.86 23.51 11.50
N THR D 317 -46.79 24.06 12.70
CA THR D 317 -47.23 23.27 13.86
C THR D 317 -48.75 23.04 13.93
N ASN D 318 -49.13 21.85 14.41
CA ASN D 318 -50.53 21.44 14.52
C ASN D 318 -51.14 21.97 15.83
N PRO D 319 -52.39 22.48 15.80
CA PRO D 319 -53.08 22.65 17.08
C PRO D 319 -53.34 21.27 17.67
N LEU D 320 -52.96 21.07 18.93
CA LEU D 320 -53.01 19.74 19.52
C LEU D 320 -54.32 19.29 20.23
N SER D 321 -55.25 20.20 20.51
CA SER D 321 -56.49 19.86 21.24
CA SER D 321 -56.48 19.85 21.26
C SER D 321 -57.20 18.59 20.74
N LEU D 322 -57.38 18.50 19.42
CA LEU D 322 -58.08 17.35 18.81
C LEU D 322 -57.13 16.22 18.42
N GLY D 323 -55.83 16.43 18.66
CA GLY D 323 -54.80 15.56 18.12
C GLY D 323 -54.60 14.23 18.85
N CYS D 324 -55.28 14.07 20.00
CA CYS D 324 -55.20 12.85 20.81
C CYS D 324 -53.77 12.43 21.18
N ASP D 325 -52.82 13.37 21.19
CA ASP D 325 -51.47 13.04 21.65
C ASP D 325 -51.10 13.80 22.90
N CYS D 326 -52.12 14.37 23.53
CA CYS D 326 -51.95 15.07 24.79
CA CYS D 326 -51.98 15.09 24.78
C CYS D 326 -52.91 14.48 25.82
N LYS D 327 -52.72 13.19 26.09
CA LYS D 327 -53.49 12.43 27.06
C LYS D 327 -53.18 12.83 28.49
N GLY D 328 -54.21 12.80 29.34
CA GLY D 328 -54.01 12.99 30.78
C GLY D 328 -54.25 14.41 31.25
N VAL D 329 -53.55 14.80 32.31
CA VAL D 329 -53.59 16.16 32.84
C VAL D 329 -52.41 16.92 32.29
N ILE D 330 -52.68 17.92 31.47
CA ILE D 330 -51.66 18.50 30.62
C ILE D 330 -51.60 20.01 30.76
N HIS D 331 -50.54 20.61 30.22
CA HIS D 331 -50.45 22.05 30.11
C HIS D 331 -50.20 22.37 28.65
N TYR D 332 -50.83 23.42 28.14
CA TYR D 332 -50.65 23.81 26.74
C TYR D 332 -50.06 25.19 26.65
N LEU D 333 -49.33 25.42 25.56
CA LEU D 333 -48.87 26.74 25.18
C LEU D 333 -49.39 27.08 23.80
N ASP D 334 -49.77 28.35 23.62
CA ASP D 334 -50.19 28.87 22.31
C ASP D 334 -48.99 29.48 21.61
N ALA D 335 -49.01 29.48 20.28
CA ALA D 335 -47.97 30.12 19.47
C ALA D 335 -48.56 31.35 18.79
N HIS D 336 -47.78 32.41 18.68
CA HIS D 336 -48.22 33.66 18.06
C HIS D 336 -47.22 34.11 17.01
N PHE D 337 -47.75 34.37 15.82
CA PHE D 337 -46.96 34.82 14.67
C PHE D 337 -47.62 36.05 14.06
N SER D 338 -47.00 36.61 13.02
CA SER D 338 -47.64 37.64 12.22
C SER D 338 -48.10 37.07 10.88
N ASP D 339 -49.23 37.56 10.37
CA ASP D 339 -49.58 37.29 8.97
C ASP D 339 -48.95 38.34 8.04
N ARG D 340 -49.21 38.21 6.75
CA ARG D 340 -48.65 39.10 5.73
CA ARG D 340 -48.62 39.10 5.75
C ARG D 340 -49.05 40.55 5.96
N ALA D 341 -50.27 40.74 6.46
CA ALA D 341 -50.80 42.07 6.72
C ALA D 341 -50.22 42.70 7.97
N GLY D 342 -49.55 41.91 8.80
CA GLY D 342 -48.93 42.43 10.01
C GLY D 342 -49.82 42.26 11.22
N ASP D 343 -50.85 41.44 11.09
CA ASP D 343 -51.75 41.19 12.21
C ASP D 343 -51.32 39.92 12.91
N PRO D 344 -51.48 39.87 14.25
CA PRO D 344 -51.08 38.65 14.98
C PRO D 344 -52.00 37.49 14.64
N ILE D 345 -51.42 36.30 14.52
CA ILE D 345 -52.18 35.07 14.36
C ILE D 345 -51.75 34.09 15.44
N THR D 346 -52.66 33.20 15.80
CA THR D 346 -52.45 32.29 16.92
C THR D 346 -52.65 30.85 16.46
N VAL D 347 -51.73 29.98 16.86
CA VAL D 347 -51.99 28.53 16.81
C VAL D 347 -52.23 28.10 18.25
N LYS D 348 -53.47 27.69 18.50
CA LYS D 348 -53.90 27.26 19.82
C LYS D 348 -53.29 25.92 20.16
N ASN D 349 -52.82 25.78 21.39
CA ASN D 349 -52.35 24.51 21.91
C ASN D 349 -51.27 23.92 21.01
N ALA D 350 -50.28 24.74 20.71
CA ALA D 350 -49.17 24.34 19.84
C ALA D 350 -48.18 23.40 20.54
N VAL D 351 -48.02 23.59 21.86
CA VAL D 351 -47.10 22.77 22.67
C VAL D 351 -47.90 22.06 23.76
N CYS D 352 -47.62 20.76 23.93
CA CYS D 352 -48.21 19.91 24.94
C CYS D 352 -47.17 19.57 25.99
N ILE D 353 -47.51 19.75 27.27
CA ILE D 353 -46.62 19.39 28.35
C ILE D 353 -47.37 18.42 29.26
N HIS D 354 -46.77 17.25 29.51
CA HIS D 354 -47.42 16.27 30.38
C HIS D 354 -46.39 15.32 30.96
N GLU D 355 -46.81 14.55 31.97
CA GLU D 355 -45.91 13.58 32.57
C GLU D 355 -46.51 12.19 32.40
N GLU D 356 -45.63 11.19 32.25
CA GLU D 356 -46.03 9.84 31.92
C GLU D 356 -45.25 8.88 32.78
N ASP D 357 -45.84 7.73 33.05
CA ASP D 357 -45.08 6.61 33.60
C ASP D 357 -44.04 6.21 32.55
N ASP D 358 -42.82 5.92 32.99
CA ASP D 358 -41.77 5.52 32.06
C ASP D 358 -41.09 4.21 32.46
N GLY D 359 -41.86 3.25 32.97
CA GLY D 359 -41.32 1.95 33.36
C GLY D 359 -40.56 2.04 34.67
N LEU D 360 -39.59 1.16 34.86
CA LEU D 360 -38.79 1.15 36.07
C LEU D 360 -37.68 2.17 36.00
N LEU D 361 -37.46 2.84 37.13
CA LEU D 361 -36.30 3.72 37.26
C LEU D 361 -35.09 2.90 37.74
N PHE D 362 -35.31 2.10 38.76
CA PHE D 362 -34.29 1.14 39.20
C PHE D 362 -34.91 0.08 40.08
N LYS D 363 -34.18 -1.02 40.24
CA LYS D 363 -34.64 -2.12 41.08
C LYS D 363 -33.42 -2.92 41.53
N HIS D 364 -33.48 -3.45 42.74
CA HIS D 364 -32.53 -4.50 43.11
C HIS D 364 -33.10 -5.38 44.18
N SER D 365 -32.89 -6.69 44.03
CA SER D 365 -33.31 -7.65 45.04
C SER D 365 -32.15 -8.56 45.41
N ASP D 366 -32.21 -9.07 46.64
CA ASP D 366 -31.16 -9.94 47.17
C ASP D 366 -31.54 -11.42 47.03
N PHE D 367 -30.73 -12.19 46.32
CA PHE D 367 -31.01 -13.63 46.13
C PHE D 367 -31.02 -14.39 47.46
N ARG D 368 -30.37 -13.83 48.47
CA ARG D 368 -30.13 -14.56 49.73
C ARG D 368 -31.41 -14.96 50.47
N ASP D 369 -32.43 -14.11 50.42
CA ASP D 369 -33.74 -14.43 51.01
C ASP D 369 -34.80 -14.58 49.92
N ASN D 370 -34.38 -15.17 48.81
CA ASN D 370 -35.21 -15.35 47.63
C ASN D 370 -35.95 -14.08 47.23
N PHE D 371 -35.21 -12.97 47.18
CA PHE D 371 -35.72 -11.68 46.70
C PHE D 371 -36.73 -10.98 47.61
N ALA D 372 -36.89 -11.44 48.86
CA ALA D 372 -37.68 -10.72 49.86
C ALA D 372 -37.11 -9.33 50.16
N THR D 373 -35.78 -9.25 50.24
CA THR D 373 -35.09 -7.96 50.29
C THR D 373 -35.12 -7.41 48.88
N SER D 374 -35.85 -6.31 48.70
CA SER D 374 -36.10 -5.77 47.37
C SER D 374 -36.46 -4.31 47.46
N LEU D 375 -36.03 -3.55 46.46
CA LEU D 375 -36.47 -2.18 46.33
C LEU D 375 -36.75 -1.94 44.86
N VAL D 376 -37.89 -1.34 44.56
CA VAL D 376 -38.23 -1.01 43.18
C VAL D 376 -38.86 0.38 43.14
N THR D 377 -38.41 1.19 42.19
CA THR D 377 -38.88 2.56 42.05
C THR D 377 -39.25 2.74 40.59
N ARG D 378 -40.48 3.18 40.35
CA ARG D 378 -40.95 3.42 38.99
C ARG D 378 -40.57 4.81 38.55
N ALA D 379 -40.36 4.95 37.25
CA ALA D 379 -39.91 6.20 36.64
C ALA D 379 -41.09 7.01 36.13
N THR D 380 -40.96 8.33 36.24
CA THR D 380 -41.85 9.28 35.58
C THR D 380 -41.03 10.12 34.61
N LYS D 381 -41.59 10.44 33.46
CA LYS D 381 -40.88 11.32 32.52
C LYS D 381 -41.74 12.52 32.24
N LEU D 382 -41.09 13.64 31.97
CA LEU D 382 -41.80 14.86 31.58
C LEU D 382 -41.61 15.06 30.09
N VAL D 383 -42.70 15.26 29.37
CA VAL D 383 -42.65 15.37 27.93
C VAL D 383 -43.16 16.74 27.49
N VAL D 384 -42.34 17.44 26.71
CA VAL D 384 -42.73 18.72 26.08
C VAL D 384 -42.74 18.45 24.59
N SER D 385 -43.92 18.56 23.96
CA SER D 385 -44.08 18.04 22.60
CA SER D 385 -44.06 18.06 22.60
C SER D 385 -44.82 18.99 21.65
N GLN D 386 -44.60 18.78 20.36
CA GLN D 386 -45.33 19.47 19.30
C GLN D 386 -45.41 18.49 18.13
N ILE D 387 -46.32 18.76 17.21
CA ILE D 387 -46.36 17.99 15.97
C ILE D 387 -46.45 18.99 14.84
N PHE D 388 -45.58 18.90 13.85
CA PHE D 388 -45.74 19.77 12.67
C PHE D 388 -45.93 18.99 11.38
N THR D 389 -46.61 19.62 10.44
CA THR D 389 -46.96 18.98 9.18
C THR D 389 -46.32 19.78 8.06
N ALA D 390 -45.43 19.12 7.33
CA ALA D 390 -44.79 19.71 6.17
C ALA D 390 -45.38 19.02 4.95
N ALA D 391 -46.48 19.58 4.47
CA ALA D 391 -47.25 19.02 3.36
C ALA D 391 -47.63 17.56 3.64
N ASN D 392 -46.85 16.62 3.11
CA ASN D 392 -47.19 15.20 3.27
C ASN D 392 -46.76 14.57 4.61
N GLU D 394 -45.58 14.24 8.73
CA GLU D 394 -45.85 14.68 10.08
C GLU D 394 -44.62 14.38 10.91
N TYR D 395 -44.11 15.39 11.61
CA TYR D 395 -43.02 15.15 12.52
C TYR D 395 -43.50 15.39 13.95
N CYS D 396 -43.46 14.34 14.77
CA CYS D 396 -43.89 14.43 16.16
C CYS D 396 -42.63 14.54 17.02
N LEU D 397 -42.49 15.65 17.73
CA LEU D 397 -41.24 15.96 18.44
C LEU D 397 -41.52 15.92 19.93
N TYR D 398 -40.75 15.13 20.66
CA TYR D 398 -40.95 14.94 22.09
C TYR D 398 -39.65 15.19 22.85
N TRP D 399 -39.60 16.30 23.58
CA TRP D 399 -38.47 16.59 24.46
C TRP D 399 -38.80 15.97 25.79
N VAL D 400 -37.93 15.09 26.27
CA VAL D 400 -38.21 14.26 27.42
C VAL D 400 -37.20 14.44 28.52
N PHE D 401 -37.67 14.81 29.71
CA PHE D 401 -36.79 14.92 30.87
C PHE D 401 -37.01 13.72 31.77
N MET D 402 -35.90 13.18 32.28
CA MET D 402 -35.92 11.92 33.02
C MET D 402 -35.40 12.08 34.44
N GLN D 403 -35.83 11.17 35.32
CA GLN D 403 -35.54 11.34 36.76
C GLN D 403 -34.12 10.95 37.17
N ASP D 404 -33.38 10.38 36.23
CA ASP D 404 -31.95 10.14 36.46
C ASP D 404 -31.14 11.35 35.99
N GLY D 405 -31.81 12.43 35.57
CA GLY D 405 -31.13 13.65 35.15
C GLY D 405 -30.82 13.75 33.66
N ALA D 406 -31.16 12.70 32.93
CA ALA D 406 -30.96 12.71 31.48
C ALA D 406 -32.07 13.48 30.75
N ILE D 407 -31.77 13.86 29.51
CA ILE D 407 -32.71 14.56 28.64
C ILE D 407 -32.64 13.82 27.32
N ARG D 408 -33.80 13.47 26.76
CA ARG D 408 -33.89 12.68 25.53
C ARG D 408 -34.70 13.50 24.52
N LEU D 409 -34.38 13.36 23.24
CA LEU D 409 -35.26 13.85 22.18
C LEU D 409 -35.76 12.61 21.45
N ASP D 410 -37.08 12.42 21.45
CA ASP D 410 -37.73 11.33 20.71
C ASP D 410 -38.49 11.98 19.56
N ILE D 411 -38.33 11.42 18.36
CA ILE D 411 -39.12 11.88 17.23
C ILE D 411 -39.90 10.70 16.69
N ARG D 412 -41.14 10.94 16.30
CA ARG D 412 -41.86 9.93 15.54
C ARG D 412 -42.24 10.55 14.21
N LEU D 413 -41.85 9.87 13.13
CA LEU D 413 -42.20 10.28 11.78
C LEU D 413 -43.45 9.56 11.34
N THR D 414 -44.45 10.28 10.87
CA THR D 414 -45.64 9.66 10.26
C THR D 414 -46.12 10.54 9.11
N GLY D 415 -47.40 10.43 8.73
CA GLY D 415 -47.88 11.15 7.56
C GLY D 415 -47.76 10.27 6.33
N ILE D 416 -47.51 10.91 5.19
CA ILE D 416 -47.63 10.17 3.91
C ILE D 416 -46.33 10.30 3.11
N LEU D 417 -45.94 9.20 2.48
CA LEU D 417 -44.80 9.20 1.56
C LEU D 417 -44.99 10.26 0.48
N ASN D 418 -43.92 11.00 0.17
CA ASN D 418 -43.89 11.75 -1.06
C ASN D 418 -43.85 10.75 -2.22
N THR D 419 -44.73 10.95 -3.19
CA THR D 419 -44.80 10.06 -4.32
C THR D 419 -44.70 10.77 -5.65
N TYR D 420 -44.19 10.05 -6.64
CA TYR D 420 -44.18 10.53 -8.02
C TYR D 420 -44.76 9.42 -8.90
N ILE D 421 -45.17 9.78 -10.11
CA ILE D 421 -45.87 8.82 -10.98
C ILE D 421 -44.89 7.78 -11.51
N LEU D 422 -45.38 6.56 -11.71
CA LEU D 422 -44.59 5.45 -12.25
C LEU D 422 -45.38 4.88 -13.41
N GLY D 423 -44.72 4.69 -14.54
CA GLY D 423 -45.39 4.14 -15.73
C GLY D 423 -45.77 2.68 -15.51
N ASP D 424 -46.74 2.20 -16.28
CA ASP D 424 -47.25 0.83 -16.14
C ASP D 424 -46.18 -0.27 -16.06
N ASP D 425 -45.15 -0.16 -16.89
CA ASP D 425 -44.06 -1.15 -16.93
C ASP D 425 -42.71 -0.57 -16.50
N GLU D 426 -42.74 0.62 -15.87
CA GLU D 426 -41.53 1.29 -15.40
C GLU D 426 -41.08 0.66 -14.08
N GLU D 427 -39.77 0.47 -13.94
CA GLU D 427 -39.20 -0.04 -12.70
CA GLU D 427 -39.16 -0.04 -12.71
C GLU D 427 -38.87 1.14 -11.80
N ALA D 428 -39.30 1.05 -10.54
CA ALA D 428 -39.01 2.10 -9.55
C ALA D 428 -37.57 2.00 -9.01
N GLY D 429 -37.07 0.79 -8.83
CA GLY D 429 -35.72 0.63 -8.24
C GLY D 429 -34.68 1.07 -9.24
N PRO D 430 -33.46 1.37 -8.77
CA PRO D 430 -33.01 1.30 -7.37
C PRO D 430 -33.31 2.54 -6.52
N TRP D 431 -33.90 3.58 -7.13
CA TRP D 431 -34.06 4.88 -6.44
C TRP D 431 -35.37 5.06 -5.68
N GLY D 432 -36.29 4.11 -5.83
CA GLY D 432 -37.56 4.18 -5.14
C GLY D 432 -38.27 2.85 -5.11
N THR D 433 -39.49 2.85 -4.56
CA THR D 433 -40.26 1.62 -4.39
C THR D 433 -41.64 1.81 -4.98
N ARG D 434 -42.09 0.81 -5.72
CA ARG D 434 -43.48 0.77 -6.16
C ARG D 434 -44.35 0.37 -4.98
N VAL D 435 -45.01 1.34 -4.35
CA VAL D 435 -45.76 1.07 -3.11
C VAL D 435 -47.24 0.84 -3.39
N TYR D 436 -47.62 1.05 -4.64
CA TYR D 436 -49.01 0.96 -5.09
C TYR D 436 -48.90 1.08 -6.61
N PRO D 437 -49.85 0.52 -7.37
CA PRO D 437 -49.72 0.65 -8.82
C PRO D 437 -49.58 2.09 -9.30
N ASN D 438 -48.60 2.30 -10.19
CA ASN D 438 -48.30 3.61 -10.76
C ASN D 438 -47.77 4.63 -9.75
N VAL D 439 -47.31 4.14 -8.59
CA VAL D 439 -46.79 5.05 -7.56
C VAL D 439 -45.33 4.73 -7.21
N ASN D 440 -44.45 5.70 -7.40
CA ASN D 440 -43.04 5.55 -7.07
C ASN D 440 -42.75 6.41 -5.84
N ALA D 441 -42.43 5.75 -4.72
CA ALA D 441 -41.98 6.48 -3.53
C ALA D 441 -40.46 6.45 -3.51
N HIS D 442 -39.86 7.62 -3.74
CA HIS D 442 -38.40 7.71 -3.88
C HIS D 442 -37.72 7.58 -2.52
N ASN D 443 -36.50 7.01 -2.54
CA ASN D 443 -35.64 6.91 -1.37
C ASN D 443 -35.32 8.32 -0.89
N HIS D 444 -35.14 8.48 0.43
CA HIS D 444 -34.73 9.79 0.96
C HIS D 444 -34.15 9.62 2.34
N GLN D 445 -33.45 10.64 2.84
CA GLN D 445 -33.04 10.61 4.25
C GLN D 445 -33.85 11.68 4.96
N HIS D 446 -34.00 11.56 6.29
CA HIS D 446 -34.49 12.71 7.06
C HIS D 446 -33.37 13.02 8.02
N LEU D 447 -32.79 14.20 7.89
CA LEU D 447 -31.66 14.59 8.75
C LEU D 447 -31.97 15.85 9.56
N PHE D 448 -31.52 15.88 10.82
CA PHE D 448 -31.83 16.96 11.75
C PHE D 448 -30.55 17.54 12.37
N SER D 449 -30.56 18.84 12.64
CA SER D 449 -29.41 19.48 13.30
C SER D 449 -29.85 19.94 14.68
N LEU D 450 -29.45 19.18 15.69
CA LEU D 450 -29.74 19.53 17.08
C LEU D 450 -28.70 20.56 17.52
N ARG D 451 -29.16 21.70 18.04
CA ARG D 451 -28.22 22.75 18.48
C ARG D 451 -28.22 22.83 19.99
N ILE D 452 -27.05 22.56 20.57
CA ILE D 452 -26.87 22.60 22.03
C ILE D 452 -25.93 23.72 22.39
N ASP D 453 -26.42 24.66 23.21
CA ASP D 453 -25.57 25.69 23.80
C ASP D 453 -25.42 25.26 25.26
N PRO D 454 -24.28 24.62 25.59
CA PRO D 454 -24.10 24.03 26.91
C PRO D 454 -23.58 25.02 27.93
N ARG D 455 -23.83 24.70 29.20
CA ARG D 455 -23.30 25.45 30.32
C ARG D 455 -23.15 24.40 31.44
N ILE D 456 -22.38 23.35 31.12
CA ILE D 456 -22.28 22.19 32.00
C ILE D 456 -21.67 22.59 33.34
N ASP D 457 -22.50 22.58 34.38
CA ASP D 457 -22.07 22.96 35.73
C ASP D 457 -21.42 24.36 35.73
N GLY D 458 -21.84 25.20 34.79
CA GLY D 458 -21.33 26.56 34.72
C GLY D 458 -20.51 26.83 33.46
N ASP D 459 -19.74 27.91 33.49
CA ASP D 459 -19.11 28.45 32.31
C ASP D 459 -17.76 27.87 32.00
N GLY D 460 -17.46 27.76 30.72
CA GLY D 460 -16.17 27.26 30.28
C GLY D 460 -16.33 25.77 30.05
N ASN D 461 -16.64 25.40 28.81
CA ASN D 461 -16.90 24.00 28.49
C ASN D 461 -15.99 23.50 27.34
N SER D 462 -15.94 22.19 27.17
CA SER D 462 -15.19 21.58 26.06
C SER D 462 -16.03 20.41 25.56
N ALA D 463 -15.63 19.84 24.43
CA ALA D 463 -16.31 18.64 23.91
C ALA D 463 -15.26 17.60 23.53
N ALA D 464 -15.66 16.33 23.46
CA ALA D 464 -14.73 15.26 23.15
C ALA D 464 -15.49 14.12 22.49
N ALA D 465 -14.78 13.32 21.71
CA ALA D 465 -15.28 12.03 21.25
C ALA D 465 -14.76 10.95 22.20
N CYS D 466 -15.60 9.97 22.50
CA CYS D 466 -15.24 8.84 23.36
C CYS D 466 -15.37 7.56 22.58
N ASP D 467 -14.28 6.82 22.48
CA ASP D 467 -14.22 5.61 21.66
C ASP D 467 -13.80 4.40 22.50
N ALA D 468 -14.62 3.35 22.49
CA ALA D 468 -14.24 2.10 23.18
C ALA D 468 -13.19 1.38 22.38
N LYS D 469 -12.11 0.97 23.05
CA LYS D 469 -10.95 0.37 22.37
C LYS D 469 -10.38 -0.76 23.20
N SER D 470 -10.02 -1.85 22.53
CA SER D 470 -9.26 -2.90 23.19
C SER D 470 -7.90 -2.30 23.59
N SER D 471 -7.33 -2.78 24.68
CA SER D 471 -5.93 -2.47 24.97
C SER D 471 -5.02 -2.73 23.74
N PRO D 472 -4.01 -1.87 23.52
CA PRO D 472 -3.04 -2.09 22.43
C PRO D 472 -2.13 -3.29 22.66
N TYR D 473 -2.07 -3.76 23.90
CA TYR D 473 -1.19 -4.89 24.25
C TYR D 473 -1.81 -6.20 23.82
N PRO D 474 -1.00 -7.11 23.26
CA PRO D 474 -1.56 -8.32 22.70
C PRO D 474 -1.97 -9.34 23.74
N LEU D 475 -2.83 -10.26 23.33
CA LEU D 475 -3.08 -11.46 24.07
C LEU D 475 -1.78 -12.12 24.53
N GLY D 476 -1.73 -12.47 25.81
CA GLY D 476 -0.59 -13.20 26.35
C GLY D 476 0.59 -12.35 26.81
N SER D 477 0.46 -11.04 26.69
CA SER D 477 1.44 -10.14 27.27
C SER D 477 1.17 -9.98 28.75
N PRO D 478 2.19 -9.59 29.54
CA PRO D 478 1.95 -9.29 30.94
C PRO D 478 0.86 -8.26 31.18
N GLU D 479 0.70 -7.34 30.23
CA GLU D 479 -0.27 -6.24 30.32
C GLU D 479 -1.71 -6.64 29.98
N ASN D 480 -1.87 -7.76 29.29
CA ASN D 480 -3.17 -8.18 28.77
C ASN D 480 -3.20 -9.68 28.62
N MET D 481 -2.91 -10.39 29.72
CA MET D 481 -2.64 -11.84 29.64
C MET D 481 -3.75 -12.60 28.92
N TYR D 482 -4.99 -12.30 29.28
CA TYR D 482 -6.12 -13.04 28.72
C TYR D 482 -6.85 -12.28 27.62
N GLY D 483 -6.28 -11.17 27.21
CA GLY D 483 -6.77 -10.44 26.04
C GLY D 483 -8.09 -9.71 26.22
N ASN D 484 -8.51 -9.48 27.46
CA ASN D 484 -9.85 -8.95 27.73
C ASN D 484 -9.86 -7.44 28.01
N ALA D 485 -8.68 -6.84 28.17
CA ALA D 485 -8.62 -5.45 28.62
C ALA D 485 -9.18 -4.46 27.58
N PHE D 486 -9.95 -3.49 28.06
CA PHE D 486 -10.41 -2.43 27.17
C PHE D 486 -10.73 -1.18 27.95
N TYR D 487 -10.77 -0.07 27.22
CA TYR D 487 -10.84 1.24 27.84
C TYR D 487 -11.58 2.21 26.94
N SER D 488 -11.83 3.41 27.45
CA SER D 488 -12.47 4.45 26.65
C SER D 488 -11.44 5.49 26.32
N GLU D 489 -11.18 5.69 25.03
CA GLU D 489 -10.23 6.71 24.58
C GLU D 489 -10.98 8.00 24.37
N LYS D 490 -10.61 9.02 25.15
CA LYS D 490 -11.26 10.33 25.09
C LYS D 490 -10.38 11.28 24.28
N THR D 491 -10.93 11.78 23.18
CA THR D 491 -10.23 12.75 22.34
C THR D 491 -10.90 14.11 22.50
N THR D 492 -10.27 14.99 23.28
CA THR D 492 -10.81 16.32 23.51
C THR D 492 -10.53 17.18 22.29
N PHE D 493 -11.56 17.89 21.84
CA PHE D 493 -11.44 18.75 20.67
C PHE D 493 -10.80 20.07 21.07
N LYS D 494 -9.66 20.37 20.45
CA LYS D 494 -8.94 21.60 20.75
C LYS D 494 -9.34 22.74 19.82
N THR D 495 -9.46 22.44 18.52
CA THR D 495 -9.91 23.42 17.54
C THR D 495 -11.15 22.91 16.83
N VAL D 496 -11.86 23.81 16.17
CA VAL D 496 -13.07 23.43 15.43
C VAL D 496 -12.84 22.22 14.54
N LYS D 497 -11.74 22.20 13.78
CA LYS D 497 -11.47 21.08 12.84
C LYS D 497 -11.50 19.73 13.54
N ASP D 498 -10.96 19.68 14.76
CA ASP D 498 -10.90 18.44 15.56
C ASP D 498 -12.29 17.86 15.81
N SER D 499 -13.28 18.75 15.93
CA SER D 499 -14.63 18.34 16.34
C SER D 499 -15.43 17.65 15.23
N LEU D 500 -14.99 17.83 13.98
CA LEU D 500 -15.78 17.38 12.84
C LEU D 500 -15.65 15.87 12.70
N THR D 501 -16.62 15.17 13.32
CA THR D 501 -16.55 13.74 13.60
C THR D 501 -17.87 13.07 13.31
N ASN D 502 -17.79 11.77 12.99
CA ASN D 502 -18.96 10.98 12.70
C ASN D 502 -19.14 9.92 13.73
N TYR D 503 -20.38 9.44 13.87
CA TYR D 503 -20.64 8.28 14.68
C TYR D 503 -19.84 7.10 14.07
N GLU D 504 -19.27 6.27 14.94
CA GLU D 504 -18.56 5.07 14.50
C GLU D 504 -19.03 3.85 15.27
N SER D 505 -19.64 2.90 14.57
CA SER D 505 -20.07 1.66 15.22
C SER D 505 -18.87 0.86 15.74
N ALA D 506 -17.74 0.96 15.06
CA ALA D 506 -16.57 0.15 15.44
C ALA D 506 -16.05 0.46 16.85
N THR D 507 -16.34 1.65 17.36
CA THR D 507 -15.91 2.06 18.69
C THR D 507 -17.06 2.46 19.61
N GLY D 508 -18.30 2.27 19.13
CA GLY D 508 -19.49 2.67 19.87
C GLY D 508 -19.37 4.12 20.33
N ARG D 509 -18.99 4.99 19.39
CA ARG D 509 -18.63 6.36 19.74
C ARG D 509 -19.74 7.12 20.44
N SER D 510 -19.37 7.86 21.48
CA SER D 510 -20.26 8.83 22.09
C SER D 510 -19.49 10.12 22.17
N TRP D 511 -20.17 11.18 22.59
CA TRP D 511 -19.48 12.47 22.72
C TRP D 511 -19.79 13.07 24.08
N ASP D 512 -18.80 13.73 24.66
CA ASP D 512 -18.98 14.38 25.96
C ASP D 512 -18.98 15.89 25.77
N ILE D 513 -19.84 16.56 26.52
CA ILE D 513 -19.70 17.99 26.72
C ILE D 513 -19.42 18.16 28.21
N PHE D 514 -18.30 18.80 28.55
CA PHE D 514 -17.88 18.73 29.94
C PHE D 514 -17.29 20.06 30.38
N ASN D 515 -17.06 20.18 31.68
CA ASN D 515 -16.50 21.40 32.24
C ASN D 515 -15.11 21.09 32.81
N PRO D 516 -14.05 21.46 32.07
CA PRO D 516 -12.68 21.10 32.47
C PRO D 516 -12.20 21.87 33.70
N ASN D 517 -13.01 22.80 34.19
CA ASN D 517 -12.65 23.61 35.36
C ASN D 517 -13.03 22.97 36.67
N LYS D 518 -13.76 21.85 36.57
CA LYS D 518 -14.30 21.19 37.74
C LYS D 518 -14.01 19.70 37.69
N VAL D 519 -14.09 19.06 38.85
CA VAL D 519 -13.74 17.65 38.98
C VAL D 519 -14.74 16.93 39.89
N ASN D 520 -15.20 15.76 39.44
CA ASN D 520 -16.00 14.90 40.30
C ASN D 520 -15.13 14.39 41.48
N PRO D 521 -15.60 14.60 42.73
CA PRO D 521 -14.72 14.22 43.86
C PRO D 521 -14.52 12.70 44.01
N TYR D 522 -15.39 11.91 43.41
CA TYR D 522 -15.21 10.48 43.44
C TYR D 522 -14.34 10.00 42.28
N SER D 523 -14.80 10.22 41.05
CA SER D 523 -14.16 9.60 39.90
C SER D 523 -12.93 10.35 39.41
N GLY D 524 -12.84 11.62 39.78
CA GLY D 524 -11.73 12.46 39.33
C GLY D 524 -11.83 12.97 37.89
N LYS D 525 -13.00 12.76 37.29
CA LYS D 525 -13.32 13.19 35.91
C LYS D 525 -14.15 14.47 35.93
N PRO D 526 -14.05 15.28 34.86
CA PRO D 526 -14.86 16.50 34.81
C PRO D 526 -16.35 16.18 34.70
N PRO D 527 -17.22 17.04 35.29
CA PRO D 527 -18.65 16.77 35.12
C PRO D 527 -19.03 16.89 33.65
N SER D 528 -19.90 16.01 33.18
CA SER D 528 -20.29 16.01 31.78
C SER D 528 -21.72 15.60 31.54
N TYR D 529 -22.23 15.99 30.37
CA TYR D 529 -23.38 15.28 29.76
C TYR D 529 -22.83 14.60 28.53
N LYS D 530 -23.21 13.33 28.35
CA LYS D 530 -22.72 12.53 27.27
C LYS D 530 -23.83 12.38 26.24
N LEU D 531 -23.52 12.68 24.99
CA LEU D 531 -24.46 12.43 23.91
C LEU D 531 -24.37 10.96 23.48
N VAL D 532 -25.49 10.24 23.62
CA VAL D 532 -25.57 8.86 23.21
C VAL D 532 -26.60 8.82 22.08
N SER D 533 -26.09 8.55 20.89
CA SER D 533 -26.88 8.75 19.67
C SER D 533 -26.29 7.86 18.59
N THR D 534 -27.09 6.88 18.12
CA THR D 534 -26.60 5.94 17.13
C THR D 534 -27.37 6.04 15.82
N GLN D 535 -28.47 6.79 15.80
CA GLN D 535 -29.18 7.00 14.53
C GLN D 535 -28.54 8.19 13.82
N CYS D 536 -27.36 7.92 13.25
CA CYS D 536 -26.49 8.95 12.69
C CYS D 536 -26.05 8.54 11.29
N PRO D 537 -26.94 8.74 10.31
CA PRO D 537 -26.65 8.32 8.95
C PRO D 537 -25.56 9.16 8.34
N PRO D 538 -24.72 8.57 7.49
CA PRO D 538 -23.84 9.37 6.66
C PRO D 538 -24.70 10.19 5.73
N LEU D 539 -24.25 11.36 5.33
CA LEU D 539 -24.93 12.06 4.26
C LEU D 539 -24.62 11.31 2.96
N LEU D 540 -25.64 10.79 2.28
CA LEU D 540 -25.38 9.98 1.08
C LEU D 540 -25.08 10.78 -0.18
N ALA D 541 -25.64 11.99 -0.27
CA ALA D 541 -25.29 12.91 -1.36
C ALA D 541 -23.79 13.23 -1.38
N LYS D 542 -23.22 13.31 -2.57
CA LYS D 542 -21.76 13.44 -2.71
C LYS D 542 -21.23 14.81 -2.34
N GLU D 543 -19.94 14.89 -2.04
CA GLU D 543 -19.30 16.20 -1.85
C GLU D 543 -19.50 17.00 -3.13
N GLY D 544 -19.85 18.27 -2.96
CA GLY D 544 -20.10 19.14 -4.10
C GLY D 544 -21.53 19.06 -4.62
N SER D 545 -22.33 18.13 -4.11
CA SER D 545 -23.74 18.07 -4.47
C SER D 545 -24.51 19.27 -3.92
N LEU D 546 -25.64 19.54 -4.55
CA LEU D 546 -26.52 20.61 -4.10
C LEU D 546 -26.89 20.41 -2.63
N VAL D 547 -27.19 19.17 -2.26
CA VAL D 547 -27.55 18.83 -0.89
C VAL D 547 -26.38 19.13 0.05
N ALA D 548 -25.20 18.60 -0.27
CA ALA D 548 -24.05 18.83 0.63
C ALA D 548 -23.70 20.30 0.76
N LYS D 549 -23.89 21.06 -0.32
CA LYS D 549 -23.54 22.48 -0.30
C LYS D 549 -24.54 23.30 0.51
N ARG D 550 -25.82 23.00 0.35
CA ARG D 550 -26.85 23.74 1.09
C ARG D 550 -26.96 23.35 2.57
N ALA D 551 -26.44 22.18 2.94
CA ALA D 551 -26.47 21.70 4.33
C ALA D 551 -25.06 21.30 4.78
N PRO D 552 -24.15 22.29 4.95
CA PRO D 552 -22.75 21.96 5.28
C PRO D 552 -22.65 21.19 6.60
N TRP D 553 -23.58 21.47 7.51
CA TRP D 553 -23.65 20.80 8.82
C TRP D 553 -23.92 19.30 8.74
N ALA D 554 -24.57 18.87 7.65
CA ALA D 554 -25.05 17.49 7.61
C ALA D 554 -23.97 16.46 7.29
N SER D 555 -22.79 16.95 6.87
CA SER D 555 -21.65 16.13 6.46
C SER D 555 -20.97 15.42 7.61
N HIS D 556 -21.17 15.93 8.82
CA HIS D 556 -20.62 15.28 10.02
C HIS D 556 -21.68 15.11 11.08
N SER D 557 -21.53 14.08 11.89
CA SER D 557 -22.43 13.84 13.03
C SER D 557 -22.30 14.96 14.06
N VAL D 558 -21.08 15.46 14.21
CA VAL D 558 -20.83 16.51 15.22
C VAL D 558 -20.02 17.66 14.61
N ASN D 559 -20.47 18.88 14.91
CA ASN D 559 -19.73 20.09 14.59
C ASN D 559 -19.73 20.98 15.83
N VAL D 560 -18.55 21.36 16.32
CA VAL D 560 -18.50 22.23 17.47
C VAL D 560 -17.77 23.52 17.11
N VAL D 561 -18.41 24.65 17.40
CA VAL D 561 -17.87 25.96 17.01
C VAL D 561 -17.92 26.92 18.19
N PRO D 562 -17.13 28.01 18.16
CA PRO D 562 -17.26 28.98 19.23
C PRO D 562 -18.66 29.60 19.28
N TYR D 563 -19.10 29.96 20.49
CA TYR D 563 -20.32 30.69 20.66
C TYR D 563 -20.14 32.13 20.14
N LYS D 564 -21.12 32.59 19.36
CA LYS D 564 -21.36 34.03 19.12
C LYS D 564 -22.85 34.25 19.21
N ASP D 565 -23.29 35.43 19.64
CA ASP D 565 -24.73 35.70 19.61
C ASP D 565 -25.26 35.59 18.16
N ASN D 566 -26.51 35.12 18.06
CA ASN D 566 -27.18 34.97 16.76
CA ASN D 566 -27.21 34.93 16.78
C ASN D 566 -26.57 33.88 15.84
N ARG D 567 -25.87 32.91 16.41
CA ARG D 567 -25.41 31.75 15.61
C ARG D 567 -26.43 30.62 15.78
N LEU D 568 -27.55 30.73 15.07
CA LEU D 568 -28.65 29.80 15.27
C LEU D 568 -28.80 28.79 14.14
N TYR D 569 -28.78 29.30 12.92
CA TYR D 569 -29.28 28.52 11.76
C TYR D 569 -28.15 28.11 10.80
N PRO D 570 -27.80 26.81 10.83
CA PRO D 570 -26.54 26.37 10.18
C PRO D 570 -26.54 26.28 8.65
N SER D 571 -27.69 26.49 8.02
CA SER D 571 -27.74 26.67 6.57
C SER D 571 -28.01 28.12 6.22
N GLY D 572 -27.76 29.03 7.17
CA GLY D 572 -27.95 30.46 6.87
C GLY D 572 -29.30 30.98 7.31
N ASP D 573 -29.40 32.31 7.37
CA ASP D 573 -30.62 32.95 7.84
C ASP D 573 -31.79 32.84 6.87
N HIS D 574 -31.50 32.91 5.57
CA HIS D 574 -32.54 32.85 4.55
C HIS D 574 -32.22 31.71 3.59
N VAL D 575 -32.90 30.58 3.81
CA VAL D 575 -32.52 29.31 3.18
C VAL D 575 -33.05 29.08 1.75
N PRO D 576 -34.35 29.35 1.49
CA PRO D 576 -34.84 29.04 0.14
C PRO D 576 -34.03 29.67 -0.99
N GLN D 577 -33.69 28.82 -1.95
CA GLN D 577 -33.05 29.25 -3.21
C GLN D 577 -31.58 29.65 -3.09
N TRP D 578 -31.00 29.45 -1.91
CA TRP D 578 -29.55 29.61 -1.75
C TRP D 578 -28.87 28.46 -2.49
N SER D 579 -27.88 28.78 -3.33
CA SER D 579 -27.22 27.71 -4.11
C SER D 579 -26.34 26.79 -3.27
N GLY D 580 -25.99 27.24 -2.07
CA GLY D 580 -25.00 26.53 -1.29
C GLY D 580 -23.61 27.11 -1.45
N ASP D 581 -23.45 28.09 -2.34
CA ASP D 581 -22.15 28.73 -2.51
C ASP D 581 -22.09 29.93 -1.60
N GLY D 582 -20.99 30.03 -0.86
CA GLY D 582 -20.75 31.18 0.01
C GLY D 582 -20.48 30.83 1.46
N VAL D 583 -19.86 31.77 2.17
CA VAL D 583 -19.46 31.57 3.55
C VAL D 583 -20.57 32.13 4.45
N ARG D 584 -21.48 31.25 4.82
CA ARG D 584 -22.55 31.60 5.72
C ARG D 584 -22.91 30.36 6.54
N GLY D 585 -23.72 30.56 7.58
CA GLY D 585 -24.14 29.43 8.41
C GLY D 585 -22.94 28.65 8.92
N MET D 586 -23.07 27.31 8.98
CA MET D 586 -22.03 26.48 9.57
C MET D 586 -20.68 26.66 8.86
N ARG D 587 -20.74 26.92 7.55
CA ARG D 587 -19.52 27.09 6.78
C ARG D 587 -18.72 28.29 7.31
N GLU D 588 -19.44 29.36 7.63
CA GLU D 588 -18.83 30.57 8.20
C GLU D 588 -18.32 30.30 9.61
N TRP D 589 -19.10 29.58 10.40
CA TRP D 589 -18.71 29.36 11.80
C TRP D 589 -17.50 28.45 11.90
N ILE D 590 -17.37 27.50 10.98
CA ILE D 590 -16.21 26.63 10.96
C ILE D 590 -15.00 27.41 10.48
N GLY D 591 -15.22 28.31 9.51
CA GLY D 591 -14.11 29.10 8.92
C GLY D 591 -12.98 28.20 8.48
N ASP D 592 -11.76 28.49 8.91
CA ASP D 592 -10.64 27.65 8.51
C ASP D 592 -10.38 26.51 9.49
N GLY D 593 -11.29 26.32 10.45
CA GLY D 593 -11.19 25.23 11.43
C GLY D 593 -10.21 25.42 12.57
N SER D 594 -9.57 26.58 12.63
CA SER D 594 -8.46 26.78 13.57
C SER D 594 -8.84 27.36 14.92
N GLU D 595 -10.08 27.83 15.06
CA GLU D 595 -10.47 28.52 16.29
C GLU D 595 -10.56 27.59 17.50
N ASN D 596 -10.17 28.11 18.66
CA ASN D 596 -10.24 27.37 19.90
C ASN D 596 -11.65 27.02 20.33
N ILE D 597 -11.85 25.76 20.74
CA ILE D 597 -13.12 25.35 21.34
C ILE D 597 -12.91 24.58 22.64
N ASP D 598 -11.72 24.70 23.22
CA ASP D 598 -11.38 24.01 24.48
C ASP D 598 -11.53 25.01 25.62
N ASN D 599 -12.37 24.67 26.57
CA ASN D 599 -12.60 25.50 27.77
C ASN D 599 -13.05 26.93 27.42
N THR D 600 -14.19 27.03 26.74
CA THR D 600 -14.70 28.34 26.32
C THR D 600 -16.23 28.23 26.15
N ASP D 601 -16.85 29.26 25.57
CA ASP D 601 -18.26 29.21 25.24
C ASP D 601 -18.35 28.59 23.86
N ILE D 602 -19.02 27.44 23.79
CA ILE D 602 -19.06 26.65 22.56
C ILE D 602 -20.52 26.38 22.13
N LEU D 603 -20.68 25.96 20.88
CA LEU D 603 -22.00 25.49 20.38
C LEU D 603 -21.78 24.13 19.76
N PHE D 604 -22.64 23.18 20.12
CA PHE D 604 -22.46 21.80 19.70
C PHE D 604 -23.66 21.45 18.79
N PHE D 605 -23.41 21.28 17.49
CA PHE D 605 -24.44 20.92 16.52
C PHE D 605 -24.34 19.44 16.16
N HIS D 606 -25.41 18.67 16.36
CA HIS D 606 -25.37 17.23 16.13
C HIS D 606 -26.32 16.88 15.00
N THR D 607 -25.82 16.14 14.01
CA THR D 607 -26.63 15.66 12.87
C THR D 607 -27.04 14.24 13.15
N PHE D 608 -28.36 14.00 13.08
CA PHE D 608 -28.88 12.66 13.31
C PHE D 608 -30.11 12.49 12.42
N GLY D 609 -30.62 11.26 12.37
CA GLY D 609 -31.80 11.00 11.57
C GLY D 609 -31.85 9.57 11.04
N ILE D 610 -32.53 9.42 9.90
CA ILE D 610 -32.73 8.09 9.32
C ILE D 610 -32.59 8.12 7.80
N THR D 611 -32.37 6.94 7.23
CA THR D 611 -32.41 6.76 5.78
C THR D 611 -33.62 5.89 5.48
N HIS D 612 -34.51 6.40 4.64
CA HIS D 612 -35.81 5.77 4.41
C HIS D 612 -35.88 5.14 3.00
N PHE D 613 -35.96 3.81 2.97
CA PHE D 613 -36.26 3.05 1.76
C PHE D 613 -37.70 2.58 1.85
N PRO D 614 -38.61 3.28 1.15
CA PRO D 614 -40.04 2.98 1.31
C PRO D 614 -40.40 1.52 1.01
N ALA D 615 -41.42 1.05 1.72
CA ALA D 615 -41.99 -0.26 1.48
C ALA D 615 -43.51 -0.07 1.49
N PRO D 616 -44.24 -1.05 0.94
CA PRO D 616 -45.72 -0.90 0.96
C PRO D 616 -46.36 -0.68 2.31
N GLU D 617 -45.76 -1.19 3.40
CA GLU D 617 -46.26 -0.95 4.76
C GLU D 617 -46.39 0.53 5.08
N ASP D 618 -45.59 1.36 4.41
CA ASP D 618 -45.57 2.80 4.68
C ASP D 618 -46.74 3.51 3.99
N PHE D 619 -47.54 2.79 3.19
CA PHE D 619 -48.52 3.42 2.31
C PHE D 619 -49.91 2.82 2.61
N PRO D 620 -50.99 3.60 2.42
CA PRO D 620 -51.11 5.01 2.05
C PRO D 620 -50.82 5.98 3.17
N LEU D 621 -50.68 5.47 4.39
CA LEU D 621 -50.39 6.31 5.56
C LEU D 621 -49.34 5.57 6.37
N MET D 622 -48.28 6.28 6.79
CA MET D 622 -47.12 5.60 7.36
C MET D 622 -47.22 5.34 8.88
N PRO D 623 -47.02 4.09 9.32
CA PRO D 623 -46.90 3.87 10.76
C PRO D 623 -45.69 4.65 11.32
N ALA D 624 -45.82 5.12 12.55
CA ALA D 624 -44.81 6.00 13.17
C ALA D 624 -43.45 5.30 13.20
N GLU D 625 -42.42 6.01 12.72
CA GLU D 625 -41.04 5.52 12.75
C GLU D 625 -40.25 6.33 13.78
N PRO D 626 -39.59 5.63 14.71
CA PRO D 626 -38.94 6.31 15.83
C PRO D 626 -37.52 6.75 15.55
N ILE D 627 -37.15 7.89 16.13
CA ILE D 627 -35.76 8.33 16.14
C ILE D 627 -35.52 8.82 17.56
N THR D 628 -34.33 8.54 18.11
CA THR D 628 -34.04 9.02 19.47
C THR D 628 -32.57 9.32 19.68
N LEU D 629 -32.31 10.24 20.62
CA LEU D 629 -30.96 10.51 21.11
C LEU D 629 -31.08 10.93 22.56
N MET D 630 -30.00 10.76 23.32
CA MET D 630 -30.04 11.12 24.74
C MET D 630 -28.80 11.89 25.16
N LEU D 631 -28.99 12.81 26.10
CA LEU D 631 -27.90 13.48 26.80
C LEU D 631 -27.96 13.06 28.27
N ARG D 632 -26.94 12.31 28.71
CA ARG D 632 -26.94 11.63 30.03
C ARG D 632 -25.88 12.24 30.91
N PRO D 633 -26.20 12.47 32.18
CA PRO D 633 -25.13 12.98 33.06
C PRO D 633 -24.13 11.87 33.36
N ARG D 634 -22.84 12.16 33.17
CA ARG D 634 -21.79 11.20 33.54
C ARG D 634 -20.71 11.98 34.28
N HIS D 635 -20.44 11.57 35.52
CA HIS D 635 -19.52 12.30 36.41
C HIS D 635 -20.05 13.68 36.78
N PHE D 636 -21.32 13.95 36.44
CA PHE D 636 -21.98 15.19 36.85
C PHE D 636 -22.35 15.11 38.34
N PHE D 637 -23.00 14.02 38.71
CA PHE D 637 -23.39 13.75 40.11
C PHE D 637 -22.39 12.80 40.78
N THR D 638 -22.41 12.79 42.11
CA THR D 638 -21.59 11.84 42.85
C THR D 638 -22.31 10.52 43.13
N GLU D 639 -23.62 10.47 42.90
CA GLU D 639 -24.39 9.23 42.98
C GLU D 639 -25.68 9.36 42.21
N ASN D 640 -26.36 8.24 42.01
CA ASN D 640 -27.67 8.20 41.34
C ASN D 640 -28.60 9.27 41.94
N PRO D 641 -28.98 10.28 41.14
CA PRO D 641 -29.76 11.40 41.72
C PRO D 641 -31.22 11.09 42.06
N GLY D 642 -31.70 9.93 41.67
CA GLY D 642 -33.10 9.58 41.88
C GLY D 642 -33.39 8.82 43.16
N LEU D 643 -32.36 8.63 43.99
CA LEU D 643 -32.51 7.74 45.16
C LEU D 643 -33.39 8.29 46.28
N ASP D 644 -33.69 9.59 46.24
CA ASP D 644 -34.62 10.17 47.23
C ASP D 644 -36.07 10.18 46.76
N ILE D 645 -36.33 9.59 45.59
CA ILE D 645 -37.70 9.34 45.15
C ILE D 645 -38.28 8.17 45.96
N GLN D 646 -39.51 8.30 46.47
CA GLN D 646 -40.11 7.21 47.28
C GLN D 646 -40.24 5.98 46.41
N PRO D 647 -39.75 4.82 46.90
CA PRO D 647 -39.92 3.60 46.11
C PRO D 647 -41.37 3.19 46.00
N SER D 648 -41.69 2.43 44.96
CA SER D 648 -43.01 1.83 44.81
C SER D 648 -43.16 0.68 45.80
N TYR D 649 -42.04 0.01 46.06
CA TYR D 649 -41.96 -1.06 47.04
C TYR D 649 -40.56 -1.10 47.62
N ALA D 650 -40.47 -1.29 48.94
CA ALA D 650 -39.18 -1.46 49.58
C ALA D 650 -39.32 -2.36 50.81
N MET D 651 -38.48 -3.39 50.86
CA MET D 651 -38.36 -4.27 52.02
CA MET D 651 -38.37 -4.29 52.00
C MET D 651 -36.89 -4.52 52.29
N THR D 652 -36.46 -4.21 53.50
CA THR D 652 -35.07 -4.45 53.88
C THR D 652 -34.90 -5.89 54.36
N THR D 653 -33.64 -6.29 54.53
CA THR D 653 -33.32 -7.61 55.04
C THR D 653 -33.89 -7.85 56.45
N SER D 654 -33.77 -6.84 57.31
CA SER D 654 -34.27 -6.94 58.68
C SER D 654 -35.81 -7.03 58.70
N GLU D 655 -36.46 -6.22 57.87
CA GLU D 655 -37.92 -6.27 57.69
C GLU D 655 -38.38 -7.63 57.18
N ALA D 656 -37.68 -8.16 56.18
CA ALA D 656 -38.01 -9.47 55.60
C ALA D 656 -37.87 -10.60 56.63
N LYS D 657 -36.93 -10.43 57.56
CA LYS D 657 -36.77 -11.37 58.67
C LYS D 657 -37.93 -11.24 59.65
N ARG D 658 -38.28 -9.99 60.00
CA ARG D 658 -39.40 -9.70 60.92
C ARG D 658 -40.75 -10.22 60.44
N ALA D 659 -40.89 -10.39 59.12
CA ALA D 659 -42.07 -11.04 58.53
C ALA D 659 -41.87 -12.56 58.47
N VAL D 660 -41.30 -13.10 59.55
CA VAL D 660 -40.89 -14.52 59.68
C VAL D 660 -40.28 -15.12 58.39
N ALA E 4 -38.14 37.11 -54.40
CA ALA E 4 -36.80 36.87 -55.00
C ALA E 4 -35.95 35.97 -54.10
N ALA E 5 -35.85 34.70 -54.46
CA ALA E 5 -34.99 33.76 -53.74
C ALA E 5 -33.53 34.12 -54.01
N PRO E 6 -32.69 34.13 -52.95
CA PRO E 6 -31.31 34.58 -53.17
C PRO E 6 -30.52 33.58 -54.02
N ALA E 7 -29.59 34.08 -54.82
CA ALA E 7 -28.77 33.24 -55.69
C ALA E 7 -27.96 32.25 -54.86
N ARG E 8 -27.76 31.06 -55.43
CA ARG E 8 -26.97 30.01 -54.77
C ARG E 8 -25.47 30.31 -54.90
N PRO E 9 -24.68 29.94 -53.87
CA PRO E 9 -23.23 30.11 -53.90
C PRO E 9 -22.52 29.12 -54.83
N ALA E 10 -21.25 29.38 -55.05
CA ALA E 10 -20.36 28.54 -55.86
C ALA E 10 -20.19 27.12 -55.31
N HIS E 11 -20.44 26.96 -54.00
CA HIS E 11 -20.01 25.79 -53.23
C HIS E 11 -20.90 25.68 -51.98
N PRO E 12 -21.38 24.46 -51.65
CA PRO E 12 -22.31 24.24 -50.53
C PRO E 12 -21.75 24.66 -49.16
N LEU E 13 -20.43 24.78 -49.03
CA LEU E 13 -19.89 25.19 -47.72
C LEU E 13 -19.56 26.68 -47.65
N ASP E 14 -19.85 27.42 -48.71
CA ASP E 14 -19.58 28.86 -48.67
C ASP E 14 -20.46 29.50 -47.61
N PRO E 15 -19.91 30.45 -46.84
CA PRO E 15 -20.71 31.18 -45.86
C PRO E 15 -21.89 31.88 -46.53
N LEU E 16 -22.88 32.27 -45.74
CA LEU E 16 -24.01 33.03 -46.32
C LEU E 16 -23.53 34.38 -46.86
N SER E 17 -24.01 34.73 -48.06
CA SER E 17 -23.77 36.03 -48.66
C SER E 17 -24.61 37.08 -47.96
N THR E 18 -24.31 38.36 -48.16
CA THR E 18 -25.13 39.42 -47.57
C THR E 18 -26.60 39.31 -48.04
N ALA E 19 -26.82 38.93 -49.30
CA ALA E 19 -28.17 38.73 -49.84
C ALA E 19 -28.90 37.55 -49.22
N GLU E 20 -28.15 36.50 -48.88
CA GLU E 20 -28.73 35.36 -48.19
C GLU E 20 -29.11 35.69 -46.76
N ILE E 21 -28.28 36.49 -46.09
CA ILE E 21 -28.55 36.93 -44.72
C ILE E 21 -29.82 37.76 -44.69
N LYS E 22 -29.91 38.72 -45.61
CA LYS E 22 -31.09 39.59 -45.68
C LYS E 22 -32.33 38.76 -46.03
N ALA E 23 -32.17 37.78 -46.91
CA ALA E 23 -33.29 36.91 -47.28
C ALA E 23 -33.80 36.14 -46.08
N ALA E 24 -32.86 35.63 -45.28
CA ALA E 24 -33.17 34.86 -44.08
C ALA E 24 -33.88 35.72 -43.04
N THR E 25 -33.37 36.92 -42.79
CA THR E 25 -33.97 37.80 -41.78
C THR E 25 -35.34 38.34 -42.23
N ASN E 26 -35.52 38.54 -43.53
CA ASN E 26 -36.84 38.88 -44.07
C ASN E 26 -37.85 37.77 -43.81
N THR E 27 -37.42 36.53 -44.07
CA THR E 27 -38.23 35.34 -43.92
C THR E 27 -38.66 35.13 -42.46
N VAL E 28 -37.75 35.42 -41.53
CA VAL E 28 -38.03 35.23 -40.11
C VAL E 28 -38.94 36.34 -39.57
N LYS E 29 -38.73 37.57 -40.03
CA LYS E 29 -39.60 38.70 -39.66
C LYS E 29 -41.06 38.48 -40.11
N SER E 30 -41.23 37.90 -41.30
CA SER E 30 -42.56 37.57 -41.81
C SER E 30 -43.21 36.44 -41.01
N TYR E 31 -42.42 35.44 -40.64
CA TYR E 31 -42.92 34.33 -39.83
C TYR E 31 -43.42 34.83 -38.48
N PHE E 32 -42.65 35.72 -37.85
CA PHE E 32 -43.04 36.30 -36.58
C PHE E 32 -43.76 37.63 -36.80
N ALA E 33 -44.68 37.64 -37.76
CA ALA E 33 -45.47 38.84 -38.10
C ALA E 33 -46.13 39.38 -36.86
N GLY E 34 -45.96 40.68 -36.65
CA GLY E 34 -46.58 41.38 -35.51
C GLY E 34 -45.77 41.33 -34.24
N LYS E 35 -44.67 40.59 -34.25
CA LYS E 35 -43.82 40.42 -33.08
C LYS E 35 -42.58 41.30 -33.17
N LYS E 36 -42.19 41.87 -32.03
CA LYS E 36 -40.99 42.66 -31.95
C LYS E 36 -39.80 41.73 -31.65
N ILE E 37 -39.04 41.40 -32.69
CA ILE E 37 -37.87 40.51 -32.58
C ILE E 37 -36.54 41.23 -32.88
N SER E 38 -35.46 40.67 -32.33
CA SER E 38 -34.12 41.14 -32.68
C SER E 38 -33.23 39.95 -33.01
N PHE E 39 -32.29 40.15 -33.94
CA PHE E 39 -31.48 39.05 -34.43
C PHE E 39 -30.18 38.91 -33.67
N ASN E 40 -29.91 37.69 -33.21
CA ASN E 40 -28.68 37.42 -32.47
C ASN E 40 -27.62 36.76 -33.37
N THR E 41 -28.04 35.78 -34.15
CA THR E 41 -27.18 35.01 -35.04
C THR E 41 -27.96 34.68 -36.31
N VAL E 42 -27.36 34.92 -37.48
CA VAL E 42 -27.86 34.37 -38.74
C VAL E 42 -26.66 33.80 -39.48
N THR E 43 -26.60 32.48 -39.57
CA THR E 43 -25.41 31.82 -40.08
C THR E 43 -25.75 30.60 -40.92
N LEU E 44 -24.80 30.18 -41.75
CA LEU E 44 -24.97 28.96 -42.54
C LEU E 44 -25.24 27.75 -41.63
N ARG E 45 -26.28 26.98 -41.98
CA ARG E 45 -26.39 25.63 -41.44
C ARG E 45 -25.71 24.68 -42.44
N GLU E 46 -24.56 24.15 -42.08
CA GLU E 46 -23.79 23.34 -43.02
C GLU E 46 -24.54 22.07 -43.40
N PRO E 47 -24.35 21.60 -44.64
CA PRO E 47 -25.02 20.38 -45.09
C PRO E 47 -24.64 19.17 -44.25
N ALA E 48 -25.52 18.16 -44.25
CA ALA E 48 -25.21 16.88 -43.61
C ALA E 48 -23.93 16.33 -44.24
N ARG E 49 -23.08 15.73 -43.41
CA ARG E 49 -21.80 15.20 -43.84
C ARG E 49 -21.95 14.26 -45.03
N LYS E 50 -22.91 13.33 -44.92
CA LYS E 50 -23.13 12.36 -45.99
C LYS E 50 -23.60 13.07 -47.26
N ALA E 51 -24.48 14.05 -47.09
CA ALA E 51 -25.02 14.80 -48.22
C ALA E 51 -23.91 15.52 -48.98
N TYR E 52 -23.02 16.17 -48.21
CA TYR E 52 -21.87 16.83 -48.79
C TYR E 52 -20.96 15.86 -49.56
N ILE E 53 -20.56 14.77 -48.92
CA ILE E 53 -19.59 13.84 -49.51
C ILE E 53 -20.16 13.20 -50.78
N GLN E 54 -21.44 12.86 -50.75
CA GLN E 54 -22.10 12.29 -51.93
C GLN E 54 -22.17 13.30 -53.07
N TRP E 55 -22.42 14.56 -52.74
CA TRP E 55 -22.40 15.61 -53.76
C TRP E 55 -21.02 15.76 -54.38
N LYS E 56 -20.01 15.76 -53.53
CA LYS E 56 -18.65 16.04 -53.95
C LYS E 56 -18.04 14.88 -54.75
N GLU E 57 -18.37 13.66 -54.37
CA GLU E 57 -17.64 12.48 -54.85
C GLU E 57 -18.47 11.46 -55.62
N GLN E 58 -19.80 11.53 -55.50
CA GLN E 58 -20.66 10.50 -56.09
C GLN E 58 -21.75 11.06 -57.01
N GLY E 59 -21.57 12.31 -57.45
CA GLY E 59 -22.54 12.95 -58.32
C GLY E 59 -23.91 13.12 -57.68
N GLY E 60 -23.92 13.21 -56.34
CA GLY E 60 -25.16 13.41 -55.60
C GLY E 60 -25.75 14.81 -55.77
N PRO E 61 -26.98 15.01 -55.31
CA PRO E 61 -27.67 16.28 -55.43
C PRO E 61 -27.01 17.37 -54.58
N LEU E 62 -27.16 18.61 -55.02
CA LEU E 62 -26.64 19.76 -54.29
C LEU E 62 -27.48 19.92 -53.03
N PRO E 63 -26.83 19.92 -51.84
CA PRO E 63 -27.60 20.11 -50.62
C PRO E 63 -28.39 21.42 -50.63
N PRO E 64 -29.53 21.44 -49.90
CA PRO E 64 -30.33 22.64 -49.73
C PRO E 64 -29.52 23.69 -49.00
N ARG E 65 -29.69 24.94 -49.40
CA ARG E 65 -29.05 26.05 -48.75
C ARG E 65 -29.88 26.51 -47.55
N LEU E 66 -29.34 26.34 -46.34
CA LEU E 66 -30.09 26.60 -45.10
C LEU E 66 -29.41 27.63 -44.20
N ALA E 67 -30.21 28.50 -43.59
CA ALA E 67 -29.72 29.46 -42.59
C ALA E 67 -30.25 29.12 -41.21
N TYR E 68 -29.33 29.07 -40.24
CA TYR E 68 -29.69 28.94 -38.82
C TYR E 68 -29.82 30.32 -38.21
N TYR E 69 -30.89 30.54 -37.47
CA TYR E 69 -31.06 31.81 -36.79
C TYR E 69 -31.34 31.63 -35.30
N VAL E 70 -30.94 32.66 -34.55
CA VAL E 70 -31.30 32.85 -33.15
C VAL E 70 -31.85 34.28 -33.04
N ILE E 71 -33.02 34.40 -32.42
CA ILE E 71 -33.66 35.69 -32.21
C ILE E 71 -34.06 35.85 -30.74
N LEU E 72 -34.19 37.10 -30.32
CA LEU E 72 -34.83 37.43 -29.06
C LEU E 72 -36.17 38.07 -29.37
N GLU E 73 -37.12 37.98 -28.45
CA GLU E 73 -38.36 38.73 -28.56
C GLU E 73 -38.53 39.58 -27.31
N ALA E 74 -38.87 40.85 -27.50
CA ALA E 74 -39.10 41.76 -26.37
C ALA E 74 -40.16 41.17 -25.44
N GLY E 75 -39.86 41.17 -24.14
CA GLY E 75 -40.77 40.64 -23.12
C GLY E 75 -40.86 39.12 -23.02
N LYS E 76 -40.04 38.42 -23.81
CA LYS E 76 -40.00 36.96 -23.76
C LYS E 76 -38.63 36.48 -23.24
N PRO E 77 -38.64 35.46 -22.37
CA PRO E 77 -37.37 34.97 -21.83
C PRO E 77 -36.61 34.10 -22.84
N GLY E 78 -35.29 34.08 -22.73
CA GLY E 78 -34.45 33.21 -23.53
C GLY E 78 -34.42 33.64 -24.98
N VAL E 79 -34.53 32.67 -25.87
CA VAL E 79 -34.35 32.90 -27.30
C VAL E 79 -35.30 32.02 -28.09
N LYS E 80 -35.40 32.31 -29.37
CA LYS E 80 -36.00 31.38 -30.27
C LYS E 80 -34.95 31.10 -31.35
N GLU E 81 -34.91 29.86 -31.83
CA GLU E 81 -33.96 29.49 -32.88
C GLU E 81 -34.66 28.68 -33.95
N GLY E 82 -34.01 28.49 -35.09
CA GLY E 82 -34.60 27.66 -36.14
C GLY E 82 -33.83 27.69 -37.44
N LEU E 83 -34.46 27.16 -38.49
CA LEU E 83 -33.84 27.08 -39.81
C LEU E 83 -34.73 27.69 -40.88
N VAL E 84 -34.09 28.36 -41.82
CA VAL E 84 -34.76 28.89 -43.01
C VAL E 84 -34.23 28.16 -44.22
N ASP E 85 -35.15 27.64 -45.04
CA ASP E 85 -34.78 27.12 -46.35
C ASP E 85 -34.75 28.32 -47.29
N LEU E 86 -33.56 28.62 -47.80
CA LEU E 86 -33.36 29.85 -48.55
C LEU E 86 -34.01 29.85 -49.93
N ALA E 87 -34.07 28.68 -50.56
CA ALA E 87 -34.65 28.56 -51.90
C ALA E 87 -36.14 28.86 -51.87
N SER E 88 -36.83 28.35 -50.86
CA SER E 88 -38.27 28.56 -50.74
C SER E 88 -38.65 29.72 -49.81
N LEU E 89 -37.65 30.42 -49.28
CA LEU E 89 -37.84 31.52 -48.31
C LEU E 89 -38.89 31.19 -47.24
N SER E 90 -38.66 30.08 -46.53
CA SER E 90 -39.60 29.68 -45.50
C SER E 90 -38.88 29.12 -44.27
N VAL E 91 -39.46 29.37 -43.11
CA VAL E 91 -39.00 28.78 -41.85
C VAL E 91 -39.44 27.32 -41.86
N ILE E 92 -38.49 26.41 -41.65
CA ILE E 92 -38.78 24.98 -41.78
C ILE E 92 -38.64 24.24 -40.44
N GLU E 93 -38.03 24.91 -39.46
CA GLU E 93 -37.81 24.32 -38.16
C GLU E 93 -37.72 25.48 -37.19
N THR E 94 -38.32 25.31 -36.02
CA THR E 94 -38.37 26.39 -35.03
C THR E 94 -38.45 25.82 -33.62
N ARG E 95 -37.92 26.55 -32.64
CA ARG E 95 -38.16 26.22 -31.23
C ARG E 95 -37.76 27.34 -30.28
N ALA E 96 -38.50 27.43 -29.18
CA ALA E 96 -38.24 28.45 -28.17
C ALA E 96 -37.48 27.80 -27.02
N LEU E 97 -36.45 28.49 -26.56
CA LEU E 97 -35.63 28.00 -25.46
C LEU E 97 -35.65 29.10 -24.43
N GLU E 98 -36.54 28.96 -23.44
CA GLU E 98 -36.79 30.06 -22.51
C GLU E 98 -35.72 30.20 -21.44
N THR E 99 -34.89 29.17 -21.29
CA THR E 99 -33.97 29.11 -20.15
C THR E 99 -32.49 29.07 -20.55
N VAL E 100 -32.17 29.60 -21.73
CA VAL E 100 -30.77 29.78 -22.14
C VAL E 100 -30.52 31.25 -22.47
N GLN E 101 -29.25 31.62 -22.57
CA GLN E 101 -28.88 32.94 -23.07
C GLN E 101 -27.86 32.75 -24.19
N PRO E 102 -27.94 33.59 -25.25
CA PRO E 102 -27.07 33.41 -26.40
C PRO E 102 -25.78 34.23 -26.40
N ILE E 103 -24.97 33.97 -27.42
CA ILE E 103 -23.72 34.66 -27.63
C ILE E 103 -23.90 36.19 -27.60
N LEU E 104 -22.94 36.90 -27.01
CA LEU E 104 -23.02 38.35 -26.96
C LEU E 104 -22.37 38.93 -28.21
N THR E 105 -23.15 39.70 -28.98
CA THR E 105 -22.66 40.30 -30.22
C THR E 105 -21.95 41.60 -29.91
N VAL E 106 -21.22 42.14 -30.87
CA VAL E 106 -20.59 43.44 -30.71
C VAL E 106 -21.64 44.50 -30.32
N GLU E 107 -22.81 44.44 -30.95
CA GLU E 107 -23.88 45.40 -30.64
C GLU E 107 -24.32 45.31 -29.20
N ASP E 108 -24.81 44.13 -28.79
CA ASP E 108 -25.39 44.01 -27.44
C ASP E 108 -24.34 44.21 -26.33
N LEU E 109 -23.08 44.36 -26.74
CA LEU E 109 -21.96 44.70 -25.86
C LEU E 109 -21.54 46.19 -25.82
N CYS E 110 -21.39 46.85 -26.98
CA CYS E 110 -20.93 48.26 -27.01
C CYS E 110 -21.88 49.21 -26.23
N SER E 111 -23.06 48.71 -25.87
CA SER E 111 -24.08 49.49 -25.17
C SER E 111 -23.84 49.65 -23.66
N THR E 112 -23.04 48.78 -23.07
CA THR E 112 -22.97 48.69 -21.62
C THR E 112 -22.33 49.92 -20.95
N GLU E 113 -21.36 50.51 -21.62
CA GLU E 113 -20.64 51.64 -21.06
C GLU E 113 -21.56 52.82 -20.78
N GLU E 114 -22.44 53.13 -21.72
CA GLU E 114 -23.37 54.24 -21.52
C GLU E 114 -24.40 53.92 -20.46
N VAL E 115 -24.76 52.65 -20.31
CA VAL E 115 -25.65 52.23 -19.22
C VAL E 115 -25.01 52.52 -17.87
N ILE E 116 -23.79 52.05 -17.67
CA ILE E 116 -23.16 52.25 -16.37
C ILE E 116 -22.79 53.73 -16.10
N ARG E 117 -22.40 54.47 -17.14
CA ARG E 117 -22.04 55.87 -16.93
C ARG E 117 -23.22 56.71 -16.43
N ASN E 118 -24.43 56.24 -16.73
CA ASN E 118 -25.67 56.98 -16.43
C ASN E 118 -26.46 56.43 -15.26
N ASP E 119 -25.98 55.35 -14.66
CA ASP E 119 -26.68 54.74 -13.53
C ASP E 119 -26.30 55.44 -12.21
N PRO E 120 -27.31 55.96 -11.48
CA PRO E 120 -27.02 56.62 -10.19
C PRO E 120 -26.17 55.80 -9.20
N ALA E 121 -26.45 54.50 -9.07
CA ALA E 121 -25.70 53.68 -8.10
C ALA E 121 -24.23 53.53 -8.52
N VAL E 122 -23.98 53.40 -9.83
CA VAL E 122 -22.59 53.30 -10.34
C VAL E 122 -21.86 54.63 -10.14
N ILE E 123 -22.54 55.73 -10.43
CA ILE E 123 -21.97 57.07 -10.21
C ILE E 123 -21.57 57.25 -8.74
N GLU E 124 -22.44 56.83 -7.82
CA GLU E 124 -22.14 56.91 -6.39
C GLU E 124 -20.87 56.10 -6.07
N GLN E 125 -20.75 54.94 -6.70
CA GLN E 125 -19.56 54.11 -6.49
C GLN E 125 -18.29 54.72 -7.07
N CYS E 126 -18.40 55.42 -8.19
CA CYS E 126 -17.26 56.13 -8.75
C CYS E 126 -16.84 57.26 -7.81
N VAL E 127 -17.83 57.98 -7.29
CA VAL E 127 -17.57 59.07 -6.35
C VAL E 127 -16.85 58.55 -5.10
N LEU E 128 -17.35 57.46 -4.53
CA LEU E 128 -16.68 56.81 -3.39
C LEU E 128 -15.25 56.36 -3.72
N SER E 129 -15.04 55.96 -4.97
CA SER E 129 -13.74 55.47 -5.42
C SER E 129 -12.80 56.60 -5.84
N GLY E 130 -13.20 57.85 -5.63
CA GLY E 130 -12.34 58.99 -5.94
C GLY E 130 -12.49 59.62 -7.32
N ILE E 131 -13.56 59.30 -8.02
CA ILE E 131 -13.83 59.91 -9.32
C ILE E 131 -15.10 60.77 -9.25
N PRO E 132 -14.95 62.11 -9.45
CA PRO E 132 -16.12 62.99 -9.35
C PRO E 132 -17.22 62.64 -10.34
N ALA E 133 -18.47 62.89 -9.94
CA ALA E 133 -19.64 62.58 -10.75
C ALA E 133 -19.62 63.24 -12.12
N ASN E 134 -18.93 64.39 -12.25
CA ASN E 134 -18.83 65.10 -13.52
C ASN E 134 -17.70 64.58 -14.43
N GLU E 135 -17.07 63.49 -14.00
CA GLU E 135 -15.99 62.86 -14.78
C GLU E 135 -16.33 61.42 -15.17
N MET E 136 -17.62 61.12 -15.28
CA MET E 136 -18.07 59.79 -15.70
C MET E 136 -17.66 59.41 -17.12
N HIS E 137 -17.38 60.40 -17.97
CA HIS E 137 -16.89 60.15 -19.33
C HIS E 137 -15.48 59.55 -19.31
N LYS E 138 -14.86 59.54 -18.13
CA LYS E 138 -13.53 58.96 -17.96
C LYS E 138 -13.58 57.51 -17.46
N VAL E 139 -14.77 57.05 -17.13
CA VAL E 139 -14.96 55.68 -16.64
C VAL E 139 -15.32 54.80 -17.81
N TYR E 140 -14.69 53.64 -17.90
CA TYR E 140 -14.88 52.72 -19.00
C TYR E 140 -15.18 51.33 -18.43
N CYS E 141 -15.72 50.44 -19.24
CA CYS E 141 -15.81 49.07 -18.78
C CYS E 141 -15.66 48.10 -19.93
N ASP E 142 -15.07 46.94 -19.63
CA ASP E 142 -15.09 45.79 -20.52
C ASP E 142 -16.31 44.98 -20.11
N PRO E 143 -17.33 44.93 -20.98
CA PRO E 143 -18.65 44.32 -20.72
C PRO E 143 -18.78 42.78 -20.85
N TRP E 144 -18.11 42.00 -20.00
CA TRP E 144 -18.09 40.54 -20.15
C TRP E 144 -19.46 39.92 -19.98
N THR E 145 -19.68 38.71 -20.50
CA THR E 145 -20.87 38.01 -19.99
C THR E 145 -20.62 37.81 -18.48
N ILE E 146 -21.69 37.69 -17.72
CA ILE E 146 -21.54 37.39 -16.29
C ILE E 146 -20.91 36.00 -16.11
N GLY E 147 -20.94 35.19 -17.16
CA GLY E 147 -20.35 33.85 -17.14
C GLY E 147 -21.37 32.94 -16.51
N TYR E 148 -21.34 32.90 -15.19
CA TYR E 148 -22.43 32.29 -14.43
C TYR E 148 -22.44 32.88 -13.04
N ASP E 149 -23.62 33.30 -12.62
CA ASP E 149 -23.81 33.77 -11.26
C ASP E 149 -25.09 33.13 -10.73
N GLU E 150 -24.93 32.38 -9.65
CA GLU E 150 -26.00 31.57 -9.06
C GLU E 150 -27.14 32.38 -8.45
N ARG E 151 -26.95 33.69 -8.34
CA ARG E 151 -28.02 34.57 -7.88
C ARG E 151 -29.10 34.80 -8.93
N TRP E 152 -28.77 34.64 -10.22
CA TRP E 152 -29.74 34.91 -11.29
C TRP E 152 -29.89 33.79 -12.33
N GLY E 153 -28.94 32.86 -12.41
CA GLY E 153 -29.09 31.77 -13.38
C GLY E 153 -29.21 32.34 -14.78
N THR E 154 -30.18 31.84 -15.56
CA THR E 154 -30.45 32.35 -16.90
C THR E 154 -31.71 33.22 -16.92
N GLY E 155 -32.17 33.62 -15.74
CA GLY E 155 -33.47 34.29 -15.59
C GLY E 155 -33.53 35.67 -16.21
N LYS E 156 -32.36 36.30 -16.32
CA LYS E 156 -32.19 37.56 -17.03
C LYS E 156 -30.94 37.41 -17.88
N ARG E 157 -30.84 38.18 -18.96
CA ARG E 157 -29.61 38.18 -19.73
C ARG E 157 -28.63 39.20 -19.14
N LEU E 158 -27.48 38.74 -18.66
CA LEU E 158 -26.62 39.60 -17.84
C LEU E 158 -25.19 39.74 -18.32
N GLN E 159 -24.66 40.94 -18.08
CA GLN E 159 -23.24 41.20 -18.26
C GLN E 159 -22.65 41.68 -16.95
N GLN E 160 -21.36 41.48 -16.80
CA GLN E 160 -20.65 42.05 -15.69
C GLN E 160 -19.69 43.07 -16.24
N ALA E 161 -19.73 44.27 -15.71
CA ALA E 161 -18.93 45.34 -16.26
C ALA E 161 -17.64 45.45 -15.46
N LEU E 162 -16.55 44.99 -16.03
CA LEU E 162 -15.25 45.20 -15.37
C LEU E 162 -14.79 46.63 -15.64
N VAL E 163 -14.70 47.42 -14.57
CA VAL E 163 -14.61 48.88 -14.67
C VAL E 163 -13.18 49.41 -14.57
N TYR E 164 -12.88 50.41 -15.41
CA TYR E 164 -11.55 51.00 -15.48
C TYR E 164 -11.65 52.51 -15.64
N TYR E 165 -10.55 53.20 -15.38
CA TYR E 165 -10.54 54.66 -15.48
C TYR E 165 -9.46 55.09 -16.46
N ARG E 166 -9.77 56.10 -17.28
CA ARG E 166 -8.78 56.74 -18.17
C ARG E 166 -8.65 58.21 -17.80
N SER E 167 -7.42 58.66 -17.53
CA SER E 167 -7.20 60.09 -17.30
CA SER E 167 -7.16 60.10 -17.30
C SER E 167 -7.36 60.88 -18.59
N ASP E 168 -7.08 60.22 -19.72
CA ASP E 168 -7.19 60.79 -21.05
C ASP E 168 -7.66 59.69 -22.00
N GLU E 169 -8.40 60.03 -23.05
CA GLU E 169 -8.97 58.99 -23.93
C GLU E 169 -7.93 58.06 -24.56
N ASP E 170 -6.70 58.56 -24.69
CA ASP E 170 -5.63 57.80 -25.36
C ASP E 170 -4.88 56.87 -24.42
N ASP E 171 -5.23 56.91 -23.14
CA ASP E 171 -4.61 56.03 -22.13
C ASP E 171 -5.00 54.59 -22.38
N SER E 172 -4.11 53.69 -21.94
CA SER E 172 -4.50 52.31 -21.80
C SER E 172 -5.08 52.17 -20.38
N GLN E 173 -6.34 51.80 -20.30
CA GLN E 173 -7.09 51.87 -19.04
C GLN E 173 -6.66 50.84 -18.00
N TYR E 174 -5.91 49.82 -18.43
CA TYR E 174 -5.72 48.63 -17.59
C TYR E 174 -4.81 48.81 -16.37
N SER E 175 -4.13 49.94 -16.29
CA SER E 175 -3.36 50.25 -15.08
C SER E 175 -4.27 50.78 -13.96
N HIS E 176 -5.54 51.08 -14.31
CA HIS E 176 -6.50 51.71 -13.42
C HIS E 176 -7.87 51.02 -13.32
N PRO E 177 -7.89 49.74 -12.92
CA PRO E 177 -9.17 49.11 -12.62
C PRO E 177 -9.80 49.73 -11.38
N LEU E 178 -11.13 49.74 -11.33
CA LEU E 178 -11.86 50.12 -10.11
C LEU E 178 -12.22 48.86 -9.30
N ASP E 179 -12.71 49.05 -8.07
CA ASP E 179 -12.81 47.91 -7.15
C ASP E 179 -14.13 47.14 -7.22
N PHE E 180 -15.11 47.71 -7.91
CA PHE E 180 -16.50 47.21 -7.86
C PHE E 180 -16.93 46.70 -9.23
N CYS E 181 -18.01 45.94 -9.26
CA CYS E 181 -18.44 45.27 -10.49
C CYS E 181 -19.95 45.37 -10.71
N PRO E 182 -20.40 46.33 -11.53
CA PRO E 182 -21.83 46.41 -11.85
C PRO E 182 -22.31 45.20 -12.66
N ILE E 183 -23.54 44.77 -12.37
CA ILE E 183 -24.22 43.70 -13.11
C ILE E 183 -25.32 44.36 -13.91
N VAL E 184 -25.32 44.11 -15.22
CA VAL E 184 -26.19 44.83 -16.14
C VAL E 184 -27.12 43.89 -16.86
N ASP E 185 -28.41 44.25 -16.87
CA ASP E 185 -29.39 43.50 -17.65
C ASP E 185 -29.26 43.97 -19.10
N THR E 186 -28.76 43.07 -19.95
CA THR E 186 -28.45 43.36 -21.36
C THR E 186 -29.64 43.91 -22.15
N GLU E 187 -30.81 43.33 -21.92
CA GLU E 187 -31.97 43.64 -22.73
C GLU E 187 -32.77 44.81 -22.18
N GLU E 188 -32.83 44.93 -20.85
CA GLU E 188 -33.50 46.06 -20.20
C GLU E 188 -32.61 47.30 -20.13
N LYS E 189 -31.30 47.10 -20.32
CA LYS E 189 -30.33 48.19 -20.31
C LYS E 189 -30.30 48.94 -18.99
N LYS E 190 -30.25 48.17 -17.90
CA LYS E 190 -30.20 48.74 -16.56
C LYS E 190 -29.26 47.97 -15.67
N VAL E 191 -28.61 48.68 -14.75
CA VAL E 191 -27.82 48.04 -13.69
C VAL E 191 -28.79 47.43 -12.68
N ILE E 192 -28.63 46.14 -12.39
CA ILE E 192 -29.51 45.48 -11.42
C ILE E 192 -28.85 45.24 -10.06
N PHE E 193 -27.52 45.31 -10.01
CA PHE E 193 -26.76 45.01 -8.80
C PHE E 193 -25.34 45.51 -8.99
N ILE E 194 -24.65 45.78 -7.90
CA ILE E 194 -23.22 46.09 -7.96
C ILE E 194 -22.51 45.29 -6.89
N ASP E 195 -21.60 44.41 -7.31
CA ASP E 195 -20.71 43.71 -6.37
C ASP E 195 -19.68 44.70 -5.83
N ILE E 196 -19.68 44.85 -4.52
CA ILE E 196 -18.82 45.82 -3.83
C ILE E 196 -17.98 45.04 -2.80
N PRO E 197 -16.64 45.21 -2.85
CA PRO E 197 -15.78 44.43 -1.98
C PRO E 197 -15.83 44.91 -0.53
N ASN E 198 -15.53 44.01 0.41
CA ASN E 198 -15.51 44.36 1.84
C ASN E 198 -14.46 45.41 2.12
N ARG E 199 -13.32 45.31 1.43
CA ARG E 199 -12.20 46.22 1.57
C ARG E 199 -12.24 47.17 0.37
N ARG E 200 -12.58 48.45 0.58
CA ARG E 200 -12.61 49.40 -0.55
C ARG E 200 -11.21 49.83 -0.93
N ARG E 201 -10.98 49.94 -2.24
CA ARG E 201 -9.72 50.42 -2.80
C ARG E 201 -10.07 51.51 -3.82
N LYS E 202 -9.69 52.75 -3.52
CA LYS E 202 -9.96 53.86 -4.42
C LYS E 202 -9.06 53.80 -5.65
N VAL E 203 -9.45 54.55 -6.69
CA VAL E 203 -8.73 54.56 -7.96
C VAL E 203 -7.27 54.91 -7.71
N SER E 204 -6.38 54.22 -8.43
CA SER E 204 -4.96 54.49 -8.36
C SER E 204 -4.64 55.93 -8.78
N LYS E 205 -3.70 56.53 -8.07
CA LYS E 205 -3.23 57.88 -8.40
C LYS E 205 -1.96 57.88 -9.25
N HIS E 206 -1.45 56.69 -9.58
CA HIS E 206 -0.26 56.58 -10.44
C HIS E 206 -0.58 57.00 -11.87
N LYS E 207 0.47 57.30 -12.62
CA LYS E 207 0.33 57.59 -14.04
C LYS E 207 -0.16 56.33 -14.72
N HIS E 208 -0.89 56.49 -15.82
CA HIS E 208 -1.29 55.34 -16.61
C HIS E 208 -0.06 54.67 -17.23
N ALA E 209 -0.11 53.35 -17.36
CA ALA E 209 0.98 52.58 -17.97
C ALA E 209 0.69 52.49 -19.45
N ASN E 210 1.30 53.38 -20.22
CA ASN E 210 0.92 53.56 -21.62
C ASN E 210 1.97 53.02 -22.59
N PHE E 211 1.62 52.93 -23.87
CA PHE E 211 2.51 52.27 -24.82
C PHE E 211 2.57 52.83 -26.23
N TYR E 212 1.88 53.93 -26.53
CA TYR E 212 2.04 54.54 -27.84
C TYR E 212 3.36 55.33 -27.86
N PRO E 213 3.91 55.59 -29.06
CA PRO E 213 5.15 56.37 -29.14
C PRO E 213 5.15 57.66 -28.32
N LYS E 214 4.09 58.46 -28.38
CA LYS E 214 4.09 59.70 -27.61
C LYS E 214 4.28 59.43 -26.11
N HIS E 215 3.71 58.35 -25.61
CA HIS E 215 3.84 57.95 -24.21
C HIS E 215 5.25 57.43 -23.89
N MET E 216 5.82 56.67 -24.83
CA MET E 216 7.16 56.10 -24.64
C MET E 216 8.23 57.18 -24.63
N ILE E 217 8.01 58.23 -25.41
CA ILE E 217 8.96 59.36 -25.46
C ILE E 217 9.03 60.04 -24.08
N GLU E 218 7.87 60.22 -23.44
CA GLU E 218 7.83 60.74 -22.07
C GLU E 218 8.45 59.76 -21.08
N LYS E 219 8.18 58.46 -21.29
CA LYS E 219 8.65 57.44 -20.34
C LYS E 219 10.15 57.14 -20.39
N VAL E 220 10.69 56.92 -21.58
CA VAL E 220 12.10 56.52 -21.72
C VAL E 220 12.97 57.54 -22.47
N GLY E 221 12.35 58.63 -22.91
CA GLY E 221 13.11 59.73 -23.53
C GLY E 221 12.99 59.82 -25.04
N ALA E 222 12.93 58.67 -25.70
CA ALA E 222 12.91 58.63 -27.16
C ALA E 222 12.57 57.23 -27.60
N MET E 223 12.02 57.14 -28.81
CA MET E 223 11.84 55.84 -29.46
C MET E 223 13.19 55.42 -30.06
N ARG E 224 13.36 54.11 -30.29
CA ARG E 224 14.50 53.64 -31.09
C ARG E 224 14.37 54.16 -32.51
N PRO E 225 15.51 54.43 -33.20
CA PRO E 225 15.43 54.85 -34.61
C PRO E 225 14.73 53.78 -35.43
N GLU E 226 14.05 54.17 -36.50
CA GLU E 226 13.42 53.20 -37.39
C GLU E 226 14.54 52.28 -37.90
N ALA E 227 14.35 50.97 -37.77
CA ALA E 227 15.35 50.00 -38.24
C ALA E 227 15.37 49.93 -39.76
N PRO E 228 16.55 49.58 -40.34
CA PRO E 228 16.60 49.41 -41.79
C PRO E 228 15.62 48.32 -42.20
N PRO E 229 14.95 48.47 -43.36
CA PRO E 229 13.90 47.52 -43.70
C PRO E 229 14.41 46.13 -44.06
N ILE E 230 13.59 45.14 -43.78
CA ILE E 230 13.82 43.79 -44.27
C ILE E 230 12.70 43.55 -45.26
N ASN E 231 13.03 43.57 -46.54
CA ASN E 231 12.03 43.48 -47.61
C ASN E 231 11.85 42.06 -48.12
N VAL E 232 10.64 41.54 -47.97
CA VAL E 232 10.30 40.22 -48.49
C VAL E 232 9.34 40.39 -49.66
N THR E 233 9.82 40.02 -50.85
CA THR E 233 9.05 40.24 -52.07
C THR E 233 8.72 38.94 -52.79
N GLN E 234 7.55 38.89 -53.43
N GLN E 234 7.59 38.93 -53.47
CA GLN E 234 7.17 37.78 -54.29
CA GLN E 234 7.17 37.80 -54.28
C GLN E 234 6.88 38.34 -55.69
C GLN E 234 6.88 38.32 -55.69
N PRO E 235 7.96 38.70 -56.42
CA PRO E 235 7.82 39.47 -57.67
C PRO E 235 7.14 38.72 -58.80
N GLU E 236 7.12 37.40 -58.71
CA GLU E 236 6.48 36.58 -59.73
C GLU E 236 5.22 35.92 -59.18
N GLY E 237 4.71 36.48 -58.08
CA GLY E 237 3.44 36.06 -57.49
C GLY E 237 3.61 34.82 -56.62
N VAL E 238 2.53 34.05 -56.53
CA VAL E 238 2.44 32.95 -55.57
C VAL E 238 2.15 31.63 -56.26
N SER E 239 2.31 30.52 -55.53
CA SER E 239 2.05 29.21 -56.11
C SER E 239 0.64 28.68 -55.81
N PHE E 240 -0.05 29.31 -54.86
CA PHE E 240 -1.41 28.87 -54.52
C PHE E 240 -2.43 29.44 -55.49
N LYS E 241 -3.53 28.70 -55.65
CA LYS E 241 -4.63 29.11 -56.50
C LYS E 241 -5.93 29.02 -55.74
N MET E 242 -6.69 30.11 -55.75
CA MET E 242 -8.01 30.12 -55.13
CA MET E 242 -8.01 30.15 -55.11
C MET E 242 -9.11 30.13 -56.17
N THR E 243 -10.11 29.29 -55.96
CA THR E 243 -11.29 29.27 -56.80
C THR E 243 -12.50 29.46 -55.86
N GLY E 244 -13.00 30.69 -55.81
CA GLY E 244 -13.98 31.06 -54.78
C GLY E 244 -13.27 30.88 -53.45
N ASN E 245 -13.82 30.02 -52.61
CA ASN E 245 -13.23 29.72 -51.30
C ASN E 245 -12.38 28.46 -51.27
N VAL E 246 -12.19 27.85 -52.44
CA VAL E 246 -11.42 26.61 -52.53
C VAL E 246 -9.96 26.90 -52.83
N MET E 247 -9.09 26.37 -51.98
CA MET E 247 -7.66 26.57 -52.06
C MET E 247 -7.01 25.34 -52.69
N GLU E 248 -6.06 25.57 -53.60
CA GLU E 248 -5.16 24.51 -54.10
C GLU E 248 -3.71 24.95 -53.91
N TRP E 249 -2.93 24.17 -53.17
CA TRP E 249 -1.53 24.54 -52.92
C TRP E 249 -0.74 23.29 -52.54
N SER E 250 0.39 23.10 -53.20
CA SER E 250 1.30 21.99 -52.86
C SER E 250 0.58 20.65 -52.69
N ASN E 251 -0.32 20.37 -53.64
CA ASN E 251 -1.14 19.14 -53.68
C ASN E 251 -2.30 19.10 -52.69
N PHE E 252 -2.34 20.04 -51.76
CA PHE E 252 -3.51 20.17 -50.90
C PHE E 252 -4.66 20.83 -51.65
N LYS E 253 -5.87 20.42 -51.30
CA LYS E 253 -7.09 21.11 -51.76
C LYS E 253 -8.05 21.11 -50.58
N PHE E 254 -8.64 22.27 -50.31
CA PHE E 254 -9.58 22.39 -49.20
C PHE E 254 -10.45 23.62 -49.36
N HIS E 255 -11.55 23.65 -48.62
CA HIS E 255 -12.44 24.79 -48.63
C HIS E 255 -12.17 25.65 -47.40
N ILE E 256 -12.04 26.95 -47.61
CA ILE E 256 -11.88 27.87 -46.50
C ILE E 256 -13.21 28.53 -46.19
N GLY E 257 -13.76 28.21 -45.02
CA GLY E 257 -15.02 28.77 -44.57
C GLY E 257 -14.80 29.68 -43.37
N PHE E 258 -15.88 30.29 -42.89
CA PHE E 258 -15.77 31.22 -41.79
C PHE E 258 -17.14 31.38 -41.17
N ASN E 259 -17.21 31.42 -39.85
CA ASN E 259 -18.46 31.80 -39.21
C ASN E 259 -18.25 32.64 -37.96
N TYR E 260 -19.37 33.18 -37.46
CA TYR E 260 -19.41 34.10 -36.34
C TYR E 260 -18.74 33.58 -35.07
N ARG E 261 -18.70 32.25 -34.95
CA ARG E 261 -18.37 31.60 -33.69
C ARG E 261 -16.97 30.99 -33.72
N GLU E 262 -16.75 30.09 -34.67
CA GLU E 262 -15.46 29.40 -34.76
C GLU E 262 -14.40 30.22 -35.47
N GLY E 263 -14.83 31.23 -36.23
CA GLY E 263 -13.92 31.91 -37.14
C GLY E 263 -13.65 30.99 -38.31
N ILE E 264 -12.37 30.77 -38.61
CA ILE E 264 -11.97 29.94 -39.76
C ILE E 264 -12.40 28.48 -39.59
N VAL E 265 -12.99 27.94 -40.64
CA VAL E 265 -13.34 26.53 -40.69
C VAL E 265 -12.76 25.96 -41.97
N LEU E 266 -11.88 24.97 -41.82
CA LEU E 266 -11.26 24.31 -42.97
C LEU E 266 -11.98 23.00 -43.24
N SER E 267 -12.47 22.83 -44.47
CA SER E 267 -13.28 21.66 -44.81
C SER E 267 -12.77 20.91 -46.03
N ASP E 268 -13.12 19.62 -46.11
CA ASP E 268 -12.91 18.83 -47.32
C ASP E 268 -11.44 18.89 -47.74
N VAL E 269 -10.56 18.57 -46.79
CA VAL E 269 -9.11 18.65 -46.98
C VAL E 269 -8.64 17.33 -47.59
N SER E 270 -7.99 17.43 -48.75
CA SER E 270 -7.45 16.25 -49.44
C SER E 270 -6.02 16.53 -49.89
N TYR E 271 -5.30 15.47 -50.23
CA TYR E 271 -3.93 15.59 -50.75
C TYR E 271 -3.85 14.79 -52.04
N ASN E 272 -3.34 15.44 -53.09
CA ASN E 272 -3.20 14.80 -54.39
C ASN E 272 -1.88 14.05 -54.44
N ASP E 273 -1.94 12.75 -54.18
CA ASP E 273 -0.77 11.88 -54.13
C ASP E 273 -0.49 11.31 -55.52
N HIS E 274 0.23 12.09 -56.33
CA HIS E 274 0.56 11.72 -57.72
C HIS E 274 -0.62 11.19 -58.50
N GLY E 275 -1.73 11.93 -58.42
CA GLY E 275 -2.92 11.62 -59.20
C GLY E 275 -4.01 10.95 -58.39
N ASN E 276 -3.63 10.36 -57.26
CA ASN E 276 -4.57 9.74 -56.35
C ASN E 276 -4.97 10.76 -55.26
N VAL E 277 -6.16 11.32 -55.39
CA VAL E 277 -6.64 12.34 -54.46
C VAL E 277 -7.21 11.65 -53.23
N ARG E 278 -6.52 11.85 -52.11
CA ARG E 278 -6.83 11.13 -50.88
C ARG E 278 -7.39 12.09 -49.83
N PRO E 279 -8.59 11.78 -49.33
CA PRO E 279 -9.14 12.62 -48.26
C PRO E 279 -8.27 12.53 -47.02
N ILE E 280 -8.21 13.62 -46.25
CA ILE E 280 -7.54 13.59 -44.96
C ILE E 280 -8.52 14.01 -43.85
N PHE E 281 -9.12 15.20 -43.96
CA PHE E 281 -10.07 15.68 -42.95
C PHE E 281 -11.33 16.21 -43.61
N HIS E 282 -12.49 15.93 -43.02
CA HIS E 282 -13.72 16.55 -43.49
C HIS E 282 -13.87 17.97 -42.97
N ARG E 283 -13.47 18.19 -41.72
CA ARG E 283 -13.59 19.53 -41.13
C ARG E 283 -12.62 19.67 -39.99
N ILE E 284 -12.01 20.85 -39.86
CA ILE E 284 -11.13 21.16 -38.74
C ILE E 284 -11.34 22.62 -38.36
N SER E 285 -11.46 22.86 -37.06
CA SER E 285 -11.69 24.23 -36.57
C SER E 285 -11.46 24.26 -35.08
N LEU E 286 -11.42 25.47 -34.51
CA LEU E 286 -11.55 25.61 -33.05
C LEU E 286 -13.02 25.72 -32.69
N SER E 287 -13.45 24.92 -31.72
CA SER E 287 -14.88 24.75 -31.44
C SER E 287 -15.32 25.40 -30.13
N GLU E 288 -14.37 25.62 -29.22
CA GLU E 288 -14.67 26.30 -27.95
C GLU E 288 -13.35 26.72 -27.32
N MET E 289 -13.41 27.63 -26.36
CA MET E 289 -12.26 27.95 -25.54
C MET E 289 -12.76 28.11 -24.10
N ILE E 290 -11.83 28.09 -23.14
CA ILE E 290 -12.12 28.64 -21.81
C ILE E 290 -10.85 29.27 -21.23
N VAL E 291 -10.97 30.41 -20.56
CA VAL E 291 -9.83 31.12 -20.02
C VAL E 291 -10.06 31.27 -18.52
N PRO E 292 -9.88 30.17 -17.77
CA PRO E 292 -10.22 30.22 -16.35
C PRO E 292 -9.21 30.96 -15.48
N TYR E 293 -9.70 31.96 -14.74
CA TYR E 293 -8.86 32.68 -13.79
C TYR E 293 -8.69 31.92 -12.47
N GLY E 294 -7.58 32.21 -11.79
CA GLY E 294 -7.16 31.43 -10.63
C GLY E 294 -7.21 32.12 -9.28
N SER E 295 -7.88 33.27 -9.18
CA SER E 295 -8.12 33.89 -7.87
C SER E 295 -9.44 33.40 -7.30
N PRO E 296 -9.41 32.85 -6.07
CA PRO E 296 -10.63 32.34 -5.48
C PRO E 296 -11.54 33.44 -4.90
N GLU E 297 -11.05 34.68 -4.84
CA GLU E 297 -11.78 35.75 -4.16
C GLU E 297 -12.96 36.23 -4.99
N PHE E 298 -14.08 36.46 -4.31
CA PHE E 298 -15.32 36.92 -4.98
C PHE E 298 -15.11 38.34 -5.53
N PRO E 299 -15.64 38.65 -6.73
CA PRO E 299 -16.40 37.82 -7.67
C PRO E 299 -15.54 37.25 -8.80
N HIS E 300 -14.25 37.05 -8.53
CA HIS E 300 -13.32 36.66 -9.59
C HIS E 300 -13.57 35.25 -10.15
N GLN E 301 -14.40 34.47 -9.47
CA GLN E 301 -14.75 33.15 -10.02
C GLN E 301 -15.54 33.27 -11.32
N ARG E 302 -16.10 34.45 -11.55
CA ARG E 302 -16.87 34.69 -12.76
C ARG E 302 -16.00 35.02 -13.98
N LYS E 303 -14.69 35.04 -13.79
CA LYS E 303 -13.75 35.21 -14.92
C LYS E 303 -13.31 33.83 -15.40
N HIS E 304 -14.04 33.32 -16.40
CA HIS E 304 -13.67 32.08 -17.09
C HIS E 304 -14.32 32.10 -18.47
N ALA E 305 -13.96 33.11 -19.24
CA ALA E 305 -14.58 33.36 -20.53
C ALA E 305 -14.45 32.16 -21.46
N LEU E 306 -15.58 31.74 -22.03
CA LEU E 306 -15.53 30.77 -23.12
C LEU E 306 -15.65 31.60 -24.38
N ASP E 307 -14.51 32.09 -24.87
CA ASP E 307 -14.55 33.22 -25.83
C ASP E 307 -15.32 32.89 -27.10
N ILE E 308 -15.15 31.65 -27.60
CA ILE E 308 -15.76 31.25 -28.84
C ILE E 308 -17.29 31.17 -28.66
N GLY E 309 -17.73 30.50 -27.60
CA GLY E 309 -19.17 30.30 -27.38
C GLY E 309 -19.89 31.51 -26.81
N GLU E 310 -19.14 32.41 -26.20
CA GLU E 310 -19.75 33.56 -25.51
C GLU E 310 -19.66 34.89 -26.28
N TYR E 311 -18.67 35.02 -27.18
CA TYR E 311 -18.49 36.26 -27.95
C TYR E 311 -18.35 35.99 -29.46
N GLY E 312 -17.66 34.90 -29.80
CA GLY E 312 -17.51 34.51 -31.23
C GLY E 312 -16.19 34.94 -31.83
N ALA E 313 -15.39 33.97 -32.27
CA ALA E 313 -14.11 34.28 -32.93
C ALA E 313 -14.30 34.99 -34.27
N GLY E 314 -15.49 34.84 -34.86
CA GLY E 314 -15.88 35.59 -36.06
C GLY E 314 -16.33 36.99 -35.69
N TYR E 315 -17.30 37.08 -34.78
CA TYR E 315 -17.80 38.39 -34.35
C TYR E 315 -16.70 39.31 -33.86
N MET E 316 -15.70 38.73 -33.19
CA MET E 316 -14.60 39.48 -32.59
CA MET E 316 -14.62 39.52 -32.59
C MET E 316 -13.43 39.72 -33.54
N THR E 317 -13.55 39.25 -34.79
CA THR E 317 -12.38 39.27 -35.65
C THR E 317 -12.00 40.67 -36.15
N ASN E 318 -10.70 40.90 -36.29
CA ASN E 318 -10.15 42.18 -36.73
C ASN E 318 -10.13 42.27 -38.25
N PRO E 319 -10.48 43.45 -38.81
CA PRO E 319 -10.17 43.68 -40.21
C PRO E 319 -8.65 43.75 -40.35
N LEU E 320 -8.09 42.99 -41.29
CA LEU E 320 -6.64 42.82 -41.35
C LEU E 320 -5.81 43.75 -42.26
N SER E 321 -6.47 44.59 -43.05
CA SER E 321 -5.75 45.46 -43.99
CA SER E 321 -5.75 45.47 -43.99
C SER E 321 -4.70 46.39 -43.34
N LEU E 322 -5.08 47.09 -42.27
CA LEU E 322 -4.27 48.22 -41.74
C LEU E 322 -2.87 47.99 -41.15
N GLY E 323 -2.80 47.36 -39.97
CA GLY E 323 -1.55 47.21 -39.21
C GLY E 323 -0.39 46.53 -39.93
N CYS E 324 -0.62 45.26 -40.31
CA CYS E 324 0.27 44.49 -41.19
C CYS E 324 0.72 43.14 -40.61
N ASP E 325 -0.19 42.16 -40.64
CA ASP E 325 0.18 40.76 -40.42
C ASP E 325 -0.18 39.93 -41.64
N CYS E 326 -0.45 40.62 -42.75
CA CYS E 326 -0.70 39.99 -44.04
C CYS E 326 0.27 40.60 -45.06
N LYS E 327 1.57 40.43 -44.78
CA LYS E 327 2.68 40.90 -45.62
C LYS E 327 2.80 40.08 -46.90
N GLY E 328 3.11 40.76 -48.01
CA GLY E 328 3.43 40.07 -49.27
C GLY E 328 2.28 40.05 -50.26
N VAL E 329 2.21 39.00 -51.08
CA VAL E 329 1.13 38.81 -52.05
C VAL E 329 0.07 37.89 -51.43
N ILE E 330 -1.09 38.48 -51.17
CA ILE E 330 -2.06 38.00 -50.21
C ILE E 330 -3.40 37.71 -50.88
N HIS E 331 -4.22 36.84 -50.26
CA HIS E 331 -5.63 36.77 -50.61
C HIS E 331 -6.45 37.00 -49.35
N TYR E 332 -7.49 37.84 -49.45
CA TYR E 332 -8.39 38.09 -48.32
C TYR E 332 -9.78 37.52 -48.52
N LEU E 333 -10.42 37.16 -47.41
CA LEU E 333 -11.85 36.85 -47.39
C LEU E 333 -12.55 37.83 -46.45
N ASP E 334 -13.74 38.29 -46.83
CA ASP E 334 -14.57 39.12 -45.96
C ASP E 334 -15.50 38.20 -45.17
N ALA E 335 -15.94 38.67 -44.00
CA ALA E 335 -16.92 37.96 -43.18
C ALA E 335 -18.23 38.73 -43.17
N HIS E 336 -19.34 38.00 -43.21
CA HIS E 336 -20.66 38.59 -43.23
C HIS E 336 -21.55 38.01 -42.15
N PHE E 337 -22.13 38.93 -41.36
CA PHE E 337 -23.03 38.56 -40.25
C PHE E 337 -24.32 39.37 -40.32
N SER E 338 -25.22 39.15 -39.37
CA SER E 338 -26.41 40.00 -39.24
C SER E 338 -26.26 40.90 -38.03
N ASP E 339 -26.77 42.13 -38.11
CA ASP E 339 -26.91 42.93 -36.89
C ASP E 339 -28.28 42.66 -36.26
N ARG E 340 -28.55 43.31 -35.12
CA ARG E 340 -29.79 43.14 -34.37
CA ARG E 340 -29.80 43.10 -34.38
C ARG E 340 -31.03 43.43 -35.23
N ALA E 341 -30.91 44.40 -36.13
CA ALA E 341 -32.03 44.76 -37.01
C ALA E 341 -32.28 43.77 -38.12
N GLY E 342 -31.31 42.87 -38.36
CA GLY E 342 -31.45 41.87 -39.41
C GLY E 342 -30.81 42.30 -40.72
N ASP E 343 -30.02 43.35 -40.66
CA ASP E 343 -29.28 43.85 -41.83
C ASP E 343 -27.90 43.21 -41.87
N PRO E 344 -27.43 42.84 -43.08
CA PRO E 344 -26.07 42.28 -43.20
C PRO E 344 -25.01 43.28 -42.79
N ILE E 345 -24.01 42.80 -42.05
CA ILE E 345 -22.83 43.58 -41.73
C ILE E 345 -21.59 42.83 -42.21
N THR E 346 -20.56 43.57 -42.56
CA THR E 346 -19.34 43.02 -43.15
C THR E 346 -18.13 43.38 -42.32
N VAL E 347 -17.27 42.38 -42.07
CA VAL E 347 -15.92 42.67 -41.61
C VAL E 347 -14.99 42.42 -42.80
N LYS E 348 -14.39 43.50 -43.29
CA LYS E 348 -13.51 43.46 -44.45
C LYS E 348 -12.20 42.77 -44.11
N ASN E 349 -11.74 41.90 -44.99
CA ASN E 349 -10.42 41.31 -44.85
C ASN E 349 -10.26 40.62 -43.49
N ALA E 350 -11.24 39.78 -43.17
CA ALA E 350 -11.24 39.05 -41.90
C ALA E 350 -10.24 37.87 -41.89
N VAL E 351 -10.00 37.29 -43.06
CA VAL E 351 -9.07 36.16 -43.20
C VAL E 351 -7.97 36.53 -44.20
N CYS E 352 -6.72 36.23 -43.82
CA CYS E 352 -5.53 36.48 -44.63
C CYS E 352 -4.96 35.15 -45.09
N ILE E 353 -4.73 35.01 -46.39
CA ILE E 353 -4.11 33.80 -46.92
C ILE E 353 -2.81 34.22 -47.61
N HIS E 354 -1.71 33.58 -47.26
CA HIS E 354 -0.41 33.91 -47.87
C HIS E 354 0.55 32.75 -47.74
N GLU E 355 1.63 32.78 -48.54
CA GLU E 355 2.66 31.76 -48.42
C GLU E 355 3.97 32.40 -47.98
N GLU E 356 4.75 31.64 -47.21
CA GLU E 356 5.97 32.15 -46.59
C GLU E 356 7.07 31.14 -46.75
N ASP E 357 8.32 31.62 -46.80
CA ASP E 357 9.46 30.74 -46.61
C ASP E 357 9.36 30.14 -45.21
N ASP E 358 9.68 28.85 -45.10
CA ASP E 358 9.65 28.19 -43.80
C ASP E 358 10.96 27.47 -43.49
N GLY E 359 12.08 28.03 -43.93
CA GLY E 359 13.39 27.40 -43.68
C GLY E 359 13.64 26.20 -44.58
N LEU E 360 14.43 25.25 -44.09
CA LEU E 360 14.77 24.08 -44.89
C LEU E 360 13.67 23.05 -44.83
N LEU E 361 13.37 22.44 -45.98
CA LEU E 361 12.46 21.30 -46.02
C LEU E 361 13.26 20.02 -45.76
N PHE E 362 14.38 19.90 -46.46
CA PHE E 362 15.32 18.80 -46.20
C PHE E 362 16.67 19.08 -46.82
N LYS E 363 17.67 18.37 -46.32
CA LYS E 363 19.04 18.53 -46.82
C LYS E 363 19.81 17.25 -46.54
N HIS E 364 20.73 16.91 -47.43
CA HIS E 364 21.74 15.92 -47.11
C HIS E 364 22.97 16.09 -47.97
N SER E 365 24.12 15.94 -47.33
CA SER E 365 25.40 16.03 -48.02
C SER E 365 26.27 14.85 -47.65
N ASP E 366 27.16 14.47 -48.57
CA ASP E 366 28.02 13.30 -48.36
C ASP E 366 29.41 13.74 -47.85
N PHE E 367 29.83 13.21 -46.70
CA PHE E 367 31.13 13.58 -46.14
C PHE E 367 32.28 13.15 -47.07
N ARG E 368 31.99 12.19 -47.94
CA ARG E 368 33.04 11.56 -48.72
C ARG E 368 33.79 12.50 -49.65
N ASP E 369 33.09 13.47 -50.23
CA ASP E 369 33.75 14.50 -51.04
C ASP E 369 33.64 15.88 -50.38
N ASN E 370 33.81 15.87 -49.07
CA ASN E 370 33.63 17.06 -48.23
C ASN E 370 32.41 17.89 -48.57
N PHE E 371 31.28 17.17 -48.70
CA PHE E 371 29.96 17.77 -48.90
C PHE E 371 29.71 18.42 -50.27
N ALA E 372 30.55 18.11 -51.26
CA ALA E 372 30.32 18.53 -52.64
C ALA E 372 29.05 17.88 -53.19
N THR E 373 28.86 16.61 -52.87
CA THR E 373 27.59 15.93 -53.12
C THR E 373 26.62 16.45 -52.08
N SER E 374 25.62 17.18 -52.53
CA SER E 374 24.70 17.84 -51.60
C SER E 374 23.38 18.14 -52.30
N LEU E 375 22.29 18.03 -51.54
CA LEU E 375 20.99 18.44 -52.03
C LEU E 375 20.33 19.20 -50.91
N VAL E 376 19.82 20.39 -51.23
CA VAL E 376 19.11 21.20 -50.25
C VAL E 376 17.83 21.76 -50.89
N THR E 377 16.73 21.68 -50.16
CA THR E 377 15.43 22.14 -50.66
C THR E 377 14.79 22.97 -49.57
N ARG E 378 14.43 24.20 -49.91
CA ARG E 378 13.78 25.10 -48.95
C ARG E 378 12.29 24.87 -48.92
N ALA E 379 11.71 25.10 -47.73
CA ALA E 379 10.30 24.85 -47.45
C ALA E 379 9.49 26.11 -47.71
N THR E 380 8.27 25.94 -48.22
CA THR E 380 7.28 27.00 -48.24
C THR E 380 6.08 26.56 -47.42
N LYS E 381 5.48 27.47 -46.66
CA LYS E 381 4.27 27.12 -45.91
C LYS E 381 3.13 28.01 -46.38
N LEU E 382 1.92 27.46 -46.33
CA LEU E 382 0.73 28.23 -46.63
C LEU E 382 0.03 28.56 -45.32
N VAL E 383 -0.28 29.84 -45.12
CA VAL E 383 -0.85 30.29 -43.86
C VAL E 383 -2.24 30.87 -44.10
N VAL E 384 -3.22 30.39 -43.34
CA VAL E 384 -4.59 30.92 -43.38
C VAL E 384 -4.84 31.47 -41.99
N SER E 385 -5.03 32.78 -41.85
CA SER E 385 -4.98 33.41 -40.53
CA SER E 385 -4.99 33.38 -40.52
C SER E 385 -6.09 34.41 -40.27
N GLN E 386 -6.37 34.65 -38.99
CA GLN E 386 -7.27 35.70 -38.52
C GLN E 386 -6.71 36.19 -37.17
N ILE E 387 -7.18 37.35 -36.74
CA ILE E 387 -6.84 37.82 -35.41
C ILE E 387 -8.15 38.29 -34.80
N PHE E 388 -8.48 37.81 -33.61
CA PHE E 388 -9.66 38.35 -32.94
C PHE E 388 -9.32 38.98 -31.62
N THR E 389 -10.14 39.94 -31.24
CA THR E 389 -9.95 40.68 -30.01
C THR E 389 -11.12 40.44 -29.09
N ALA E 390 -10.83 39.90 -27.92
CA ALA E 390 -11.82 39.69 -26.87
C ALA E 390 -11.52 40.66 -25.74
N ALA E 391 -12.09 41.86 -25.85
CA ALA E 391 -11.84 42.97 -24.91
C ALA E 391 -10.34 43.22 -24.81
N ASN E 392 -9.72 42.72 -23.75
CA ASN E 392 -8.29 42.98 -23.55
C ASN E 392 -7.33 42.12 -24.39
N GLU E 394 -5.80 39.60 -27.47
CA GLU E 394 -5.72 39.40 -28.91
C GLU E 394 -5.27 37.98 -29.14
N TYR E 395 -6.04 37.25 -29.94
CA TYR E 395 -5.67 35.91 -30.31
C TYR E 395 -5.35 35.88 -31.80
N CYS E 396 -4.10 35.58 -32.15
CA CYS E 396 -3.69 35.50 -33.55
C CYS E 396 -3.65 34.02 -33.94
N LEU E 397 -4.50 33.62 -34.88
CA LEU E 397 -4.66 32.20 -35.22
C LEU E 397 -4.10 31.95 -36.62
N TYR E 398 -3.18 30.98 -36.72
CA TYR E 398 -2.53 30.67 -37.99
C TYR E 398 -2.65 29.20 -38.31
N TRP E 399 -3.46 28.87 -39.32
CA TRP E 399 -3.54 27.49 -39.81
C TRP E 399 -2.51 27.36 -40.91
N VAL E 400 -1.63 26.38 -40.75
CA VAL E 400 -0.42 26.30 -41.56
C VAL E 400 -0.36 24.96 -42.26
N PHE E 401 -0.28 24.98 -43.60
CA PHE E 401 -0.10 23.76 -44.39
C PHE E 401 1.35 23.68 -44.84
N MET E 402 1.92 22.48 -44.75
CA MET E 402 3.35 22.27 -44.97
C MET E 402 3.59 21.27 -46.10
N GLN E 403 4.78 21.33 -46.71
CA GLN E 403 5.07 20.58 -47.94
C GLN E 403 5.47 19.14 -47.69
N ASP E 404 5.58 18.78 -46.43
CA ASP E 404 5.71 17.38 -46.06
C ASP E 404 4.33 16.74 -45.81
N GLY E 405 3.26 17.49 -46.06
CA GLY E 405 1.90 16.98 -45.87
C GLY E 405 1.31 17.20 -44.49
N ALA E 406 2.11 17.80 -43.61
CA ALA E 406 1.61 18.12 -42.25
C ALA E 406 0.76 19.38 -42.24
N ILE E 407 -0.04 19.50 -41.19
CA ILE E 407 -0.86 20.68 -40.95
C ILE E 407 -0.61 21.10 -39.50
N ARG E 408 -0.35 22.39 -39.29
CA ARG E 408 -0.02 22.92 -37.96
C ARG E 408 -1.02 24.01 -37.61
N LEU E 409 -1.37 24.13 -36.34
CA LEU E 409 -2.07 25.33 -35.85
C LEU E 409 -1.07 26.07 -34.96
N ASP E 410 -0.78 27.33 -35.31
CA ASP E 410 0.06 28.20 -34.49
C ASP E 410 -0.84 29.29 -33.95
N ILE E 411 -0.73 29.56 -32.66
CA ILE E 411 -1.48 30.66 -32.08
C ILE E 411 -0.46 31.60 -31.49
N ARG E 412 -0.70 32.89 -31.60
CA ARG E 412 0.11 33.84 -30.84
C ARG E 412 -0.85 34.66 -30.00
N LEU E 413 -0.60 34.67 -28.69
N LEU E 413 -0.62 34.67 -28.69
CA LEU E 413 -1.40 35.46 -27.75
CA LEU E 413 -1.43 35.46 -27.79
C LEU E 413 -0.72 36.80 -27.52
C LEU E 413 -0.76 36.78 -27.49
N THR E 414 -1.48 37.88 -27.68
CA THR E 414 -0.98 39.21 -27.31
C THR E 414 -2.14 40.06 -26.76
N GLY E 415 -2.02 41.38 -26.85
CA GLY E 415 -2.99 42.26 -26.19
C GLY E 415 -2.59 42.56 -24.76
N ILE E 416 -3.57 42.73 -23.89
CA ILE E 416 -3.31 43.27 -22.57
C ILE E 416 -3.83 42.34 -21.48
N LEU E 417 -3.08 42.25 -20.38
CA LEU E 417 -3.50 41.47 -19.22
C LEU E 417 -4.83 41.97 -18.69
N ASN E 418 -5.72 41.04 -18.32
CA ASN E 418 -6.85 41.44 -17.49
C ASN E 418 -6.27 41.79 -16.12
N THR E 419 -6.68 42.93 -15.58
CA THR E 419 -6.18 43.39 -14.30
C THR E 419 -7.28 43.77 -13.34
N TYR E 420 -6.99 43.66 -12.05
CA TYR E 420 -7.91 44.09 -11.01
C TYR E 420 -7.10 44.98 -10.05
N ILE E 421 -7.79 45.78 -9.26
CA ILE E 421 -7.08 46.71 -8.36
C ILE E 421 -6.35 45.99 -7.23
N LEU E 422 -5.23 46.56 -6.80
CA LEU E 422 -4.45 46.02 -5.71
C LEU E 422 -4.19 47.15 -4.74
N GLY E 423 -4.47 46.91 -3.45
CA GLY E 423 -4.23 47.94 -2.43
C GLY E 423 -2.75 48.23 -2.28
N ASP E 424 -2.44 49.35 -1.62
CA ASP E 424 -1.06 49.87 -1.50
C ASP E 424 0.19 48.97 -1.20
N ASP E 425 0.26 48.06 -0.19
CA ASP E 425 -0.74 47.59 0.78
C ASP E 425 -0.87 46.04 0.69
N GLU E 426 -1.48 45.59 -0.40
CA GLU E 426 -2.00 44.25 -0.55
C GLU E 426 -0.96 43.40 -1.30
N GLU E 427 -0.85 42.12 -0.91
CA GLU E 427 -0.01 41.17 -1.64
C GLU E 427 -0.87 40.54 -2.74
N ALA E 428 -0.35 40.51 -3.97
CA ALA E 428 -1.05 39.89 -5.09
C ALA E 428 -0.92 38.36 -5.08
N GLY E 429 0.24 37.86 -4.67
CA GLY E 429 0.46 36.40 -4.68
C GLY E 429 -0.37 35.74 -3.61
N PRO E 430 -0.62 34.43 -3.75
CA PRO E 430 -0.15 33.52 -4.80
C PRO E 430 -1.03 33.48 -6.06
N TRP E 431 -2.14 34.23 -6.08
CA TRP E 431 -3.13 34.13 -7.17
C TRP E 431 -2.93 35.10 -8.33
N GLY E 432 -2.00 36.04 -8.17
CA GLY E 432 -1.71 37.01 -9.21
C GLY E 432 -0.36 37.68 -9.02
N THR E 433 -0.03 38.60 -9.92
CA THR E 433 1.24 39.30 -9.88
C THR E 433 1.00 40.80 -9.88
N ARG E 434 1.75 41.51 -9.04
CA ARG E 434 1.79 42.97 -9.09
C ARG E 434 2.67 43.37 -10.28
N VAL E 435 2.02 43.75 -11.39
CA VAL E 435 2.76 44.04 -12.63
C VAL E 435 3.02 45.53 -12.80
N TYR E 436 2.43 46.32 -11.91
CA TYR E 436 2.53 47.79 -11.92
C TYR E 436 1.92 48.21 -10.58
N PRO E 437 2.32 49.36 -10.03
CA PRO E 437 1.69 49.72 -8.75
C PRO E 437 0.17 49.73 -8.77
N ASN E 438 -0.40 49.13 -7.74
CA ASN E 438 -1.86 48.99 -7.58
C ASN E 438 -2.54 48.13 -8.64
N VAL E 439 -1.75 47.32 -9.35
CA VAL E 439 -2.33 46.47 -10.40
C VAL E 439 -2.07 45.00 -10.11
N ASN E 440 -3.13 44.19 -10.00
CA ASN E 440 -3.01 42.76 -9.76
C ASN E 440 -3.44 42.07 -11.04
N ALA E 441 -2.52 41.36 -11.69
CA ALA E 441 -2.87 40.56 -12.86
C ALA E 441 -3.01 39.12 -12.39
N HIS E 442 -4.24 38.61 -12.39
CA HIS E 442 -4.51 37.30 -11.82
C HIS E 442 -3.99 36.19 -12.75
N ASN E 443 -3.60 35.07 -12.12
CA ASN E 443 -3.24 33.84 -12.82
C ASN E 443 -4.43 33.35 -13.64
N HIS E 444 -4.15 32.75 -14.80
CA HIS E 444 -5.24 32.19 -15.61
C HIS E 444 -4.68 31.19 -16.59
N GLN E 445 -5.54 30.31 -17.10
CA GLN E 445 -5.13 29.45 -18.23
C GLN E 445 -5.86 29.92 -19.48
N HIS E 446 -5.28 29.65 -20.66
CA HIS E 446 -6.02 29.79 -21.92
C HIS E 446 -6.12 28.39 -22.49
N LEU E 447 -7.33 27.85 -22.60
CA LEU E 447 -7.51 26.49 -23.12
C LEU E 447 -8.42 26.51 -24.34
N PHE E 448 -8.09 25.64 -25.30
CA PHE E 448 -8.79 25.61 -26.60
C PHE E 448 -9.24 24.20 -26.92
N SER E 449 -10.37 24.06 -27.62
CA SER E 449 -10.85 22.75 -28.05
C SER E 449 -10.79 22.67 -29.58
N LEU E 450 -9.76 21.99 -30.08
CA LEU E 450 -9.60 21.76 -31.52
C LEU E 450 -10.55 20.62 -31.90
N ARG E 451 -11.39 20.86 -32.89
CA ARG E 451 -12.36 19.84 -33.35
C ARG E 451 -11.95 19.32 -34.70
N ILE E 452 -11.62 18.02 -34.75
CA ILE E 452 -11.20 17.35 -35.98
C ILE E 452 -12.26 16.33 -36.38
N ASP E 453 -12.80 16.49 -37.59
CA ASP E 453 -13.68 15.47 -38.19
C ASP E 453 -12.83 14.83 -39.28
N PRO E 454 -12.24 13.67 -38.99
CA PRO E 454 -11.26 13.07 -39.88
C PRO E 454 -11.92 12.20 -40.93
N ARG E 455 -11.17 12.00 -42.00
CA ARG E 455 -11.54 11.12 -43.09
C ARG E 455 -10.22 10.62 -43.66
N ILE E 456 -9.41 10.01 -42.79
CA ILE E 456 -8.04 9.66 -43.13
C ILE E 456 -8.03 8.61 -44.24
N ASP E 457 -7.63 9.02 -45.44
CA ASP E 457 -7.59 8.13 -46.61
C ASP E 457 -8.96 7.50 -46.86
N GLY E 458 -10.01 8.23 -46.48
CA GLY E 458 -11.37 7.76 -46.68
C GLY E 458 -12.10 7.41 -45.40
N ASP E 459 -13.17 6.62 -45.54
CA ASP E 459 -14.14 6.43 -44.48
C ASP E 459 -13.86 5.26 -43.57
N GLY E 460 -14.20 5.41 -42.30
CA GLY E 460 -13.96 4.38 -41.31
C GLY E 460 -12.61 4.67 -40.67
N ASN E 461 -12.63 5.38 -39.55
CA ASN E 461 -11.39 5.76 -38.86
C ASN E 461 -11.43 5.31 -37.39
N SER E 462 -10.27 5.34 -36.75
CA SER E 462 -10.13 5.04 -35.34
C SER E 462 -9.10 6.02 -34.79
N ALA E 463 -8.97 6.06 -33.46
CA ALA E 463 -7.94 6.87 -32.82
C ALA E 463 -7.21 6.02 -31.79
N ALA E 464 -5.99 6.44 -31.44
CA ALA E 464 -5.18 5.69 -30.49
C ALA E 464 -4.25 6.63 -29.76
N ALA E 465 -3.85 6.25 -28.56
CA ALA E 465 -2.72 6.92 -27.89
C ALA E 465 -1.47 6.12 -28.19
N CYS E 466 -0.35 6.81 -28.36
CA CYS E 466 0.96 6.20 -28.64
C CYS E 466 1.93 6.61 -27.56
N ASP E 467 2.47 5.63 -26.85
CA ASP E 467 3.33 5.90 -25.69
C ASP E 467 4.69 5.25 -25.88
N ALA E 468 5.76 6.03 -25.77
CA ALA E 468 7.11 5.45 -25.85
C ALA E 468 7.42 4.73 -24.54
N LYS E 469 7.93 3.51 -24.64
CA LYS E 469 8.16 2.69 -23.46
C LYS E 469 9.43 1.89 -23.62
N SER E 470 10.21 1.80 -22.55
CA SER E 470 11.35 0.88 -22.50
C SER E 470 10.79 -0.56 -22.59
N SER E 471 11.57 -1.47 -23.16
CA SER E 471 11.18 -2.89 -23.10
C SER E 471 10.90 -3.32 -21.65
N PRO E 472 9.90 -4.21 -21.43
CA PRO E 472 9.67 -4.71 -20.07
C PRO E 472 10.79 -5.62 -19.55
N TYR E 473 11.62 -6.14 -20.45
CA TYR E 473 12.69 -7.06 -20.08
C TYR E 473 13.87 -6.30 -19.46
N PRO E 474 14.46 -6.87 -18.40
CA PRO E 474 15.47 -6.10 -17.69
C PRO E 474 16.81 -6.07 -18.40
N LEU E 475 17.65 -5.12 -17.99
CA LEU E 475 19.03 -5.11 -18.34
C LEU E 475 19.67 -6.48 -18.08
N GLY E 476 20.43 -6.96 -19.05
CA GLY E 476 21.20 -8.20 -18.89
C GLY E 476 20.39 -9.46 -19.19
N SER E 477 19.14 -9.31 -19.60
CA SER E 477 18.37 -10.44 -20.08
C SER E 477 18.72 -10.70 -21.54
N PRO E 478 18.51 -11.94 -22.03
CA PRO E 478 18.71 -12.24 -23.45
C PRO E 478 17.93 -11.30 -24.37
N GLU E 479 16.77 -10.84 -23.91
CA GLU E 479 15.89 -9.97 -24.70
C GLU E 479 16.28 -8.51 -24.71
N ASN E 480 17.11 -8.10 -23.75
CA ASN E 480 17.47 -6.69 -23.59
C ASN E 480 18.85 -6.58 -22.95
N MET E 481 19.84 -7.20 -23.58
CA MET E 481 21.14 -7.42 -22.93
C MET E 481 21.74 -6.13 -22.41
N TYR E 482 21.71 -5.08 -23.24
CA TYR E 482 22.37 -3.82 -22.86
C TYR E 482 21.36 -2.76 -22.39
N GLY E 483 20.11 -3.16 -22.24
CA GLY E 483 19.10 -2.32 -21.62
C GLY E 483 18.60 -1.15 -22.43
N ASN E 484 18.86 -1.18 -23.74
CA ASN E 484 18.54 -0.05 -24.62
C ASN E 484 17.22 -0.19 -25.37
N ALA E 485 16.57 -1.36 -25.34
CA ALA E 485 15.41 -1.58 -26.20
C ALA E 485 14.22 -0.71 -25.80
N PHE E 486 13.55 -0.15 -26.80
CA PHE E 486 12.33 0.59 -26.54
C PHE E 486 11.42 0.57 -27.75
N TYR E 487 10.14 0.80 -27.50
CA TYR E 487 9.12 0.66 -28.53
C TYR E 487 8.01 1.68 -28.32
N SER E 488 7.06 1.71 -29.25
CA SER E 488 5.89 2.56 -29.11
C SER E 488 4.71 1.68 -28.83
N GLU E 489 4.07 1.88 -27.68
CA GLU E 489 2.87 1.13 -27.34
C GLU E 489 1.65 1.87 -27.86
N LYS E 490 0.90 1.21 -28.74
CA LYS E 490 -0.29 1.81 -29.35
C LYS E 490 -1.54 1.26 -28.67
N THR E 491 -2.31 2.16 -28.06
CA THR E 491 -3.56 1.78 -27.43
C THR E 491 -4.71 2.35 -28.28
N THR E 492 -5.33 1.47 -29.07
CA THR E 492 -6.47 1.86 -29.89
C THR E 492 -7.70 2.00 -29.01
N PHE E 493 -8.41 3.12 -29.20
CA PHE E 493 -9.61 3.39 -28.42
C PHE E 493 -10.79 2.60 -29.00
N LYS E 494 -11.41 1.77 -28.17
CA LYS E 494 -12.53 0.96 -28.62
C LYS E 494 -13.87 1.63 -28.35
N THR E 495 -14.00 2.20 -27.14
CA THR E 495 -15.21 2.96 -26.80
C THR E 495 -14.81 4.34 -26.37
N VAL E 496 -15.80 5.24 -26.32
CA VAL E 496 -15.56 6.63 -25.95
C VAL E 496 -14.74 6.73 -24.67
N LYS E 497 -15.11 5.96 -23.65
CA LYS E 497 -14.37 6.06 -22.35
C LYS E 497 -12.86 5.88 -22.51
N ASP E 498 -12.46 4.96 -23.40
CA ASP E 498 -11.05 4.67 -23.64
C ASP E 498 -10.26 5.87 -24.12
N SER E 499 -10.95 6.76 -24.81
CA SER E 499 -10.32 7.88 -25.50
C SER E 499 -9.97 9.00 -24.55
N LEU E 500 -10.59 9.01 -23.37
CA LEU E 500 -10.46 10.15 -22.45
C LEU E 500 -9.11 10.09 -21.79
N THR E 501 -8.16 10.82 -22.41
CA THR E 501 -6.74 10.69 -22.14
C THR E 501 -6.05 12.03 -22.07
N ASN E 502 -4.95 12.08 -21.31
CA ASN E 502 -4.15 13.29 -21.16
C ASN E 502 -2.79 13.14 -21.78
N TYR E 503 -2.21 14.26 -22.18
CA TYR E 503 -0.81 14.24 -22.56
C TYR E 503 0.02 13.72 -21.36
N GLU E 504 1.03 12.90 -21.65
CA GLU E 504 1.93 12.39 -20.62
C GLU E 504 3.37 12.61 -21.04
N SER E 505 4.10 13.44 -20.30
CA SER E 505 5.50 13.62 -20.60
C SER E 505 6.34 12.35 -20.40
N ALA E 506 5.92 11.49 -19.48
CA ALA E 506 6.68 10.28 -19.14
C ALA E 506 6.78 9.28 -20.30
N THR E 507 5.86 9.40 -21.25
CA THR E 507 5.86 8.53 -22.42
C THR E 507 5.91 9.32 -23.74
N GLY E 508 6.06 10.64 -23.65
CA GLY E 508 6.05 11.50 -24.83
C GLY E 508 4.81 11.22 -25.67
N ARG E 509 3.66 11.15 -25.01
CA ARG E 509 2.45 10.67 -25.66
C ARG E 509 2.09 11.44 -26.93
N SER E 510 1.72 10.72 -27.98
CA SER E 510 1.08 11.35 -29.13
C SER E 510 -0.21 10.57 -29.40
N TRP E 511 -1.01 11.05 -30.34
CA TRP E 511 -2.25 10.37 -30.69
C TRP E 511 -2.33 10.17 -32.19
N ASP E 512 -2.83 9.01 -32.61
CA ASP E 512 -3.01 8.72 -34.02
C ASP E 512 -4.47 8.75 -34.38
N ILE E 513 -4.76 9.29 -35.56
CA ILE E 513 -6.05 9.09 -36.17
C ILE E 513 -5.76 8.32 -37.45
N PHE E 514 -6.36 7.14 -37.60
CA PHE E 514 -5.89 6.25 -38.65
C PHE E 514 -7.07 5.51 -39.31
N ASN E 515 -6.78 4.89 -40.45
CA ASN E 515 -7.79 4.11 -41.18
C ASN E 515 -7.46 2.62 -41.10
N PRO E 516 -8.17 1.89 -40.22
CA PRO E 516 -7.83 0.47 -40.00
C PRO E 516 -8.22 -0.40 -41.20
N ASN E 517 -8.85 0.20 -42.21
CA ASN E 517 -9.26 -0.56 -43.42
C ASN E 517 -8.19 -0.64 -44.50
N LYS E 518 -7.08 0.05 -44.25
CA LYS E 518 -6.03 0.20 -45.23
C LYS E 518 -4.69 -0.07 -44.57
N VAL E 519 -3.69 -0.36 -45.40
CA VAL E 519 -2.36 -0.77 -44.95
CA VAL E 519 -2.37 -0.68 -44.91
C VAL E 519 -1.29 -0.07 -45.80
N ASN E 520 -0.26 0.48 -45.15
CA ASN E 520 0.89 1.00 -45.88
C ASN E 520 1.67 -0.17 -46.44
N PRO E 521 1.95 -0.16 -47.76
CA PRO E 521 2.58 -1.39 -48.32
C PRO E 521 4.01 -1.61 -47.88
N TYR E 522 4.66 -0.56 -47.37
CA TYR E 522 6.00 -0.73 -46.86
C TYR E 522 5.99 -1.15 -45.38
N SER E 523 5.40 -0.31 -44.53
CA SER E 523 5.55 -0.52 -43.08
C SER E 523 4.56 -1.52 -42.49
N GLY E 524 3.48 -1.78 -43.24
CA GLY E 524 2.40 -2.64 -42.76
C GLY E 524 1.45 -2.04 -41.72
N LYS E 525 1.59 -0.73 -41.51
CA LYS E 525 0.79 0.02 -40.54
C LYS E 525 -0.33 0.78 -41.27
N PRO E 526 -1.46 1.06 -40.57
CA PRO E 526 -2.53 1.81 -41.23
C PRO E 526 -2.09 3.24 -41.52
N PRO E 527 -2.59 3.83 -42.59
CA PRO E 527 -2.26 5.25 -42.83
C PRO E 527 -2.84 6.09 -41.70
N SER E 528 -2.08 7.10 -41.26
CA SER E 528 -2.51 7.93 -40.13
C SER E 528 -2.03 9.37 -40.27
N TYR E 529 -2.72 10.27 -39.55
CA TYR E 529 -2.14 11.56 -39.16
C TYR E 529 -1.94 11.47 -37.65
N LYS E 530 -0.78 11.92 -37.18
CA LYS E 530 -0.43 11.83 -35.78
C LYS E 530 -0.53 13.22 -35.19
N LEU E 531 -1.28 13.34 -34.11
CA LEU E 531 -1.30 14.59 -33.37
C LEU E 531 -0.08 14.67 -32.46
N VAL E 532 0.75 15.70 -32.69
CA VAL E 532 1.93 15.95 -31.90
C VAL E 532 1.74 17.30 -31.20
N SER E 533 1.56 17.22 -29.90
CA SER E 533 1.04 18.38 -29.16
C SER E 533 1.46 18.23 -27.72
N THR E 534 2.31 19.15 -27.24
CA THR E 534 2.80 19.06 -25.87
C THR E 534 2.33 20.21 -24.99
N GLN E 535 1.77 21.25 -25.59
CA GLN E 535 1.23 22.35 -24.79
C GLN E 535 -0.19 21.97 -24.35
N CYS E 536 -0.26 21.07 -23.38
CA CYS E 536 -1.50 20.42 -22.98
C CYS E 536 -1.60 20.50 -21.45
N PRO E 537 -2.03 21.66 -20.94
CA PRO E 537 -2.08 21.86 -19.49
C PRO E 537 -3.18 21.00 -18.89
N PRO E 538 -2.98 20.54 -17.66
CA PRO E 538 -4.12 19.97 -16.94
C PRO E 538 -5.08 21.11 -16.68
N LEU E 539 -6.37 20.79 -16.57
CA LEU E 539 -7.33 21.79 -16.09
C LEU E 539 -7.11 21.95 -14.60
N LEU E 540 -6.75 23.16 -14.16
CA LEU E 540 -6.37 23.32 -12.75
C LEU E 540 -7.58 23.45 -11.82
N ALA E 541 -8.69 23.99 -12.34
CA ALA E 541 -9.93 24.04 -11.57
C ALA E 541 -10.37 22.63 -11.15
N LYS E 542 -10.89 22.51 -9.94
CA LYS E 542 -11.23 21.18 -9.39
C LYS E 542 -12.46 20.52 -10.02
N GLU E 543 -12.56 19.20 -9.90
CA GLU E 543 -13.78 18.49 -10.28
C GLU E 543 -14.94 19.12 -9.52
N GLY E 544 -16.05 19.33 -10.22
CA GLY E 544 -17.21 19.94 -9.61
C GLY E 544 -17.20 21.46 -9.58
N SER E 545 -16.08 22.06 -9.98
CA SER E 545 -16.00 23.51 -10.04
C SER E 545 -16.82 24.08 -11.19
N LEU E 546 -17.18 25.35 -11.08
CA LEU E 546 -17.90 26.04 -12.14
C LEU E 546 -17.20 25.85 -13.48
N VAL E 547 -15.88 26.02 -13.48
CA VAL E 547 -15.09 25.92 -14.70
C VAL E 547 -15.18 24.52 -15.27
N ALA E 548 -14.97 23.51 -14.42
CA ALA E 548 -14.98 22.12 -14.91
C ALA E 548 -16.36 21.69 -15.41
N LYS E 549 -17.41 22.24 -14.79
CA LYS E 549 -18.78 21.89 -15.18
C LYS E 549 -19.16 22.53 -16.50
N ARG E 550 -18.77 23.79 -16.68
CA ARG E 550 -19.11 24.51 -17.90
C ARG E 550 -18.27 24.11 -19.11
N ALA E 551 -17.12 23.49 -18.86
CA ALA E 551 -16.21 23.06 -19.93
C ALA E 551 -15.81 21.59 -19.75
N PRO E 552 -16.78 20.66 -19.94
CA PRO E 552 -16.54 19.23 -19.70
C PRO E 552 -15.38 18.71 -20.54
N TRP E 553 -15.20 19.30 -21.73
CA TRP E 553 -14.15 18.90 -22.66
C TRP E 553 -12.74 19.20 -22.16
N ALA E 554 -12.62 20.17 -21.25
CA ALA E 554 -11.30 20.68 -20.89
C ALA E 554 -10.55 19.78 -19.91
N SER E 555 -11.24 18.83 -19.30
CA SER E 555 -10.68 17.94 -18.29
CA SER E 555 -10.64 17.97 -18.28
C SER E 555 -9.75 16.88 -18.87
N HIS E 556 -9.86 16.63 -20.18
CA HIS E 556 -8.94 15.69 -20.85
C HIS E 556 -8.30 16.31 -22.06
N SER E 557 -7.08 15.89 -22.38
CA SER E 557 -6.40 16.37 -23.58
C SER E 557 -7.09 15.90 -24.86
N VAL E 558 -7.67 14.70 -24.80
CA VAL E 558 -8.36 14.13 -25.96
C VAL E 558 -9.69 13.55 -25.52
N ASN E 559 -10.71 13.82 -26.36
CA ASN E 559 -12.05 13.26 -26.20
C ASN E 559 -12.45 12.79 -27.60
N VAL E 560 -12.76 11.51 -27.75
CA VAL E 560 -13.21 11.04 -29.06
C VAL E 560 -14.62 10.46 -28.95
N VAL E 561 -15.52 10.94 -29.82
CA VAL E 561 -16.94 10.56 -29.75
C VAL E 561 -17.46 10.22 -31.15
N PRO E 562 -18.56 9.47 -31.24
CA PRO E 562 -19.14 9.18 -32.55
C PRO E 562 -19.56 10.45 -33.28
N TYR E 563 -19.43 10.44 -34.60
CA TYR E 563 -19.92 11.53 -35.38
C TYR E 563 -21.47 11.53 -35.36
N LYS E 564 -22.07 12.70 -35.18
CA LYS E 564 -23.47 12.97 -35.53
C LYS E 564 -23.48 14.36 -36.17
N ASP E 565 -24.43 14.63 -37.07
CA ASP E 565 -24.52 15.99 -37.61
C ASP E 565 -24.83 17.00 -36.48
N ASN E 566 -24.31 18.20 -36.62
CA ASN E 566 -24.52 19.28 -35.63
C ASN E 566 -23.88 19.02 -34.24
N ARG E 567 -22.83 18.19 -34.18
CA ARG E 567 -22.04 18.06 -32.95
C ARG E 567 -20.83 18.96 -33.06
N LEU E 568 -21.05 20.25 -32.86
CA LEU E 568 -19.99 21.22 -33.08
C LEU E 568 -19.41 21.74 -31.78
N TYR E 569 -20.29 22.15 -30.87
CA TYR E 569 -19.88 23.01 -29.75
C TYR E 569 -19.93 22.30 -28.41
N PRO E 570 -18.73 21.97 -27.87
CA PRO E 570 -18.64 21.05 -26.73
C PRO E 570 -19.10 21.58 -25.36
N SER E 571 -19.36 22.89 -25.24
CA SER E 571 -20.00 23.41 -24.04
C SER E 571 -21.46 23.77 -24.30
N GLY E 572 -22.02 23.18 -25.36
CA GLY E 572 -23.43 23.41 -25.68
C GLY E 572 -23.63 24.52 -26.68
N ASP E 573 -24.84 24.58 -27.23
CA ASP E 573 -25.14 25.58 -28.24
C ASP E 573 -25.26 27.00 -27.73
N HIS E 574 -25.82 27.17 -26.53
CA HIS E 574 -25.97 28.49 -25.94
C HIS E 574 -25.24 28.55 -24.61
N VAL E 575 -24.06 29.16 -24.64
CA VAL E 575 -23.10 29.02 -23.53
C VAL E 575 -23.28 30.01 -22.35
N PRO E 576 -23.50 31.32 -22.64
CA PRO E 576 -23.59 32.24 -21.50
C PRO E 576 -24.63 31.84 -20.46
N GLN E 577 -24.20 31.87 -19.19
CA GLN E 577 -25.07 31.70 -18.02
C GLN E 577 -25.55 30.27 -17.81
N TRP E 578 -25.05 29.33 -18.61
CA TRP E 578 -25.27 27.92 -18.29
C TRP E 578 -24.50 27.56 -17.03
N SER E 579 -25.17 26.90 -16.07
CA SER E 579 -24.51 26.56 -14.81
C SER E 579 -23.47 25.46 -14.93
N GLY E 580 -23.54 24.72 -16.03
CA GLY E 580 -22.73 23.52 -16.17
C GLY E 580 -23.47 22.25 -15.77
N ASP E 581 -24.68 22.39 -15.26
CA ASP E 581 -25.48 21.22 -14.91
C ASP E 581 -26.31 20.83 -16.12
N GLY E 582 -26.27 19.55 -16.44
CA GLY E 582 -27.10 19.03 -17.54
C GLY E 582 -26.33 18.25 -18.58
N VAL E 583 -27.06 17.43 -19.33
CA VAL E 583 -26.45 16.58 -20.34
C VAL E 583 -26.57 17.30 -21.69
N ARG E 584 -25.52 18.04 -22.01
CA ARG E 584 -25.43 18.74 -23.28
C ARG E 584 -23.96 18.83 -23.69
N GLY E 585 -23.74 19.21 -24.94
CA GLY E 585 -22.38 19.30 -25.48
C GLY E 585 -21.61 18.02 -25.24
N MET E 586 -20.33 18.16 -24.87
CA MET E 586 -19.44 16.99 -24.77
C MET E 586 -19.97 15.98 -23.74
N ARG E 587 -20.63 16.47 -22.71
CA ARG E 587 -21.18 15.58 -21.68
C ARG E 587 -22.23 14.66 -22.29
N GLU E 588 -23.07 15.20 -23.16
CA GLU E 588 -24.05 14.38 -23.89
C GLU E 588 -23.38 13.42 -24.87
N TRP E 589 -22.36 13.90 -25.59
CA TRP E 589 -21.73 13.08 -26.61
C TRP E 589 -20.97 11.92 -26.00
N ILE E 590 -20.38 12.16 -24.84
CA ILE E 590 -19.69 11.07 -24.13
C ILE E 590 -20.71 10.08 -23.57
N GLY E 591 -21.82 10.60 -23.05
CA GLY E 591 -22.88 9.76 -22.45
C GLY E 591 -22.30 8.84 -21.38
N ASP E 592 -22.58 7.55 -21.48
CA ASP E 592 -22.03 6.62 -20.50
C ASP E 592 -20.65 6.05 -20.89
N GLY E 593 -20.05 6.62 -21.93
CA GLY E 593 -18.73 6.22 -22.39
C GLY E 593 -18.66 4.90 -23.15
N SER E 594 -19.80 4.25 -23.40
CA SER E 594 -19.79 2.89 -23.94
C SER E 594 -19.86 2.78 -25.46
N GLU E 595 -20.14 3.90 -26.14
CA GLU E 595 -20.34 3.81 -27.60
C GLU E 595 -19.05 3.50 -28.35
N ASN E 596 -19.18 2.72 -29.42
CA ASN E 596 -18.06 2.37 -30.28
C ASN E 596 -17.46 3.57 -31.00
N ILE E 597 -16.13 3.65 -30.98
CA ILE E 597 -15.43 4.65 -31.78
C ILE E 597 -14.32 4.01 -32.63
N ASP E 598 -14.37 2.69 -32.79
CA ASP E 598 -13.35 1.96 -33.54
C ASP E 598 -13.89 1.69 -34.94
N ASN E 599 -13.18 2.19 -35.97
CA ASN E 599 -13.53 1.97 -37.37
C ASN E 599 -14.95 2.46 -37.70
N THR E 600 -15.16 3.75 -37.50
CA THR E 600 -16.48 4.33 -37.74
C THR E 600 -16.27 5.82 -38.07
N ASP E 601 -17.35 6.59 -38.10
CA ASP E 601 -17.25 8.03 -38.28
C ASP E 601 -17.11 8.63 -36.87
N ILE E 602 -15.97 9.28 -36.64
CA ILE E 602 -15.65 9.78 -35.29
C ILE E 602 -15.38 11.29 -35.30
N LEU E 603 -15.38 11.86 -34.10
CA LEU E 603 -14.97 13.27 -33.91
C LEU E 603 -13.93 13.28 -32.82
N PHE E 604 -12.84 14.01 -33.07
CA PHE E 604 -11.70 14.02 -32.18
C PHE E 604 -11.54 15.46 -31.66
N PHE E 605 -11.78 15.67 -30.36
CA PHE E 605 -11.67 16.99 -29.75
C PHE E 605 -10.41 17.02 -28.90
N HIS E 606 -9.52 17.97 -29.16
CA HIS E 606 -8.24 18.07 -28.44
C HIS E 606 -8.19 19.36 -27.65
N THR E 607 -7.90 19.22 -26.36
CA THR E 607 -7.71 20.38 -25.47
C THR E 607 -6.23 20.73 -25.34
N PHE E 608 -5.88 21.97 -25.68
CA PHE E 608 -4.49 22.40 -25.56
C PHE E 608 -4.49 23.84 -25.10
N GLY E 609 -3.31 24.38 -24.79
CA GLY E 609 -3.23 25.78 -24.39
C GLY E 609 -2.07 26.02 -23.45
N ILE E 610 -2.21 27.06 -22.64
CA ILE E 610 -1.14 27.45 -21.73
C ILE E 610 -1.70 27.83 -20.36
N THR E 611 -0.78 27.85 -19.39
CA THR E 611 -1.06 28.35 -18.05
C THR E 611 -0.21 29.61 -17.88
N HIS E 612 -0.88 30.72 -17.60
CA HIS E 612 -0.22 32.05 -17.62
C HIS E 612 -0.11 32.62 -16.19
N PHE E 613 1.14 32.74 -15.71
CA PHE E 613 1.48 33.44 -14.45
C PHE E 613 2.11 34.77 -14.86
N PRO E 614 1.33 35.85 -14.78
CA PRO E 614 1.81 37.11 -15.32
C PRO E 614 3.12 37.59 -14.68
N ALA E 615 3.89 38.32 -15.48
CA ALA E 615 5.10 38.96 -14.99
C ALA E 615 5.08 40.38 -15.55
N PRO E 616 5.91 41.28 -14.99
CA PRO E 616 5.95 42.65 -15.54
C PRO E 616 6.24 42.77 -17.02
N GLU E 617 7.04 41.86 -17.58
CA GLU E 617 7.29 41.83 -19.04
C GLU E 617 5.99 41.82 -19.87
N ASP E 618 4.91 41.29 -19.31
CA ASP E 618 3.64 41.17 -20.03
C ASP E 618 2.86 42.47 -20.04
N PHE E 619 3.36 43.50 -19.33
CA PHE E 619 2.58 44.73 -19.11
C PHE E 619 3.38 45.93 -19.61
N PRO E 620 2.71 47.02 -20.05
CA PRO E 620 1.29 47.25 -20.24
C PRO E 620 0.68 46.56 -21.47
N LEU E 621 1.56 46.03 -22.33
CA LEU E 621 1.15 45.35 -23.57
C LEU E 621 2.02 44.10 -23.67
N MET E 622 1.40 42.94 -23.94
CA MET E 622 2.13 41.69 -23.82
C MET E 622 2.84 41.24 -25.11
N PRO E 623 4.14 40.93 -25.03
CA PRO E 623 4.80 40.31 -26.19
C PRO E 623 4.10 39.01 -26.56
N ALA E 624 4.04 38.72 -27.85
CA ALA E 624 3.33 37.54 -28.34
C ALA E 624 3.85 36.26 -27.68
N GLU E 625 2.90 35.43 -27.22
CA GLU E 625 3.22 34.15 -26.59
C GLU E 625 2.74 33.02 -27.51
N PRO E 626 3.64 32.09 -27.86
CA PRO E 626 3.28 31.06 -28.85
C PRO E 626 2.64 29.79 -28.29
N ILE E 627 1.72 29.25 -29.08
CA ILE E 627 1.16 27.92 -28.81
C ILE E 627 1.15 27.21 -30.15
N THR E 628 1.46 25.91 -30.16
CA THR E 628 1.44 25.19 -31.45
C THR E 628 1.09 23.74 -31.25
N LEU E 629 0.54 23.15 -32.31
CA LEU E 629 0.28 21.71 -32.38
C LEU E 629 0.36 21.33 -33.84
N MET E 630 0.64 20.05 -34.10
CA MET E 630 0.78 19.65 -35.50
C MET E 630 0.09 18.34 -35.73
N LEU E 631 -0.46 18.16 -36.93
CA LEU E 631 -0.99 16.87 -37.39
C LEU E 631 -0.10 16.41 -38.55
N ARG E 632 0.64 15.31 -38.34
CA ARG E 632 1.72 14.85 -39.26
C ARG E 632 1.33 13.54 -39.92
N PRO E 633 1.54 13.41 -41.23
CA PRO E 633 1.26 12.10 -41.84
C PRO E 633 2.29 11.07 -41.39
N ARG E 634 1.83 9.92 -40.92
CA ARG E 634 2.74 8.84 -40.58
C ARG E 634 2.14 7.55 -41.13
N HIS E 635 2.89 6.87 -41.99
CA HIS E 635 2.41 5.68 -42.70
C HIS E 635 1.29 6.02 -43.68
N PHE E 636 1.06 7.32 -43.88
CA PHE E 636 0.08 7.78 -44.88
C PHE E 636 0.72 7.64 -46.27
N PHE E 637 1.93 8.15 -46.42
CA PHE E 637 2.66 8.05 -47.69
C PHE E 637 3.67 6.90 -47.64
N THR E 638 4.13 6.48 -48.82
CA THR E 638 5.18 5.47 -48.89
C THR E 638 6.58 6.06 -48.94
N GLU E 639 6.67 7.37 -49.15
CA GLU E 639 7.95 8.06 -49.02
C GLU E 639 7.69 9.54 -48.83
N ASN E 640 8.75 10.27 -48.51
CA ASN E 640 8.70 11.73 -48.33
C ASN E 640 7.99 12.35 -49.53
N PRO E 641 6.82 12.98 -49.31
CA PRO E 641 6.01 13.52 -50.43
C PRO E 641 6.56 14.77 -51.10
N GLY E 642 7.57 15.39 -50.51
CA GLY E 642 8.13 16.63 -51.03
C GLY E 642 9.29 16.45 -52.00
N LEU E 643 9.64 15.20 -52.31
CA LEU E 643 10.86 14.96 -53.09
C LEU E 643 10.82 15.41 -54.55
N ASP E 644 9.63 15.68 -55.08
CA ASP E 644 9.50 16.18 -56.45
C ASP E 644 9.49 17.72 -56.51
N ILE E 645 9.71 18.37 -55.38
CA ILE E 645 9.92 19.82 -55.33
C ILE E 645 11.34 20.11 -55.85
N GLN E 646 11.49 21.07 -56.77
CA GLN E 646 12.84 21.41 -57.29
C GLN E 646 13.76 21.85 -56.16
N PRO E 647 14.94 21.23 -56.05
CA PRO E 647 15.86 21.66 -55.00
C PRO E 647 16.36 23.08 -55.21
N SER E 648 16.78 23.73 -54.13
CA SER E 648 17.42 25.02 -54.21
C SER E 648 18.85 24.85 -54.72
N TYR E 649 19.43 23.71 -54.38
CA TYR E 649 20.75 23.35 -54.87
C TYR E 649 20.85 21.84 -54.89
N ALA E 650 21.42 21.30 -55.96
CA ALA E 650 21.68 19.88 -56.01
C ALA E 650 22.92 19.62 -56.83
N MET E 651 23.87 18.87 -56.26
N MET E 651 23.84 18.85 -56.25
CA MET E 651 25.02 18.36 -57.00
CA MET E 651 25.04 18.35 -56.93
C MET E 651 25.22 16.89 -56.63
C MET E 651 25.18 16.87 -56.60
N THR E 652 25.25 16.04 -57.64
CA THR E 652 25.47 14.60 -57.44
C THR E 652 26.95 14.30 -57.32
N THR E 653 27.26 13.09 -56.86
CA THR E 653 28.64 12.60 -56.79
C THR E 653 29.38 12.69 -58.14
N SER E 654 28.72 12.24 -59.20
CA SER E 654 29.29 12.26 -60.54
C SER E 654 29.52 13.68 -61.04
N GLU E 655 28.57 14.58 -60.79
CA GLU E 655 28.70 16.00 -61.12
C GLU E 655 29.86 16.64 -60.34
N ALA E 656 29.98 16.28 -59.06
CA ALA E 656 31.05 16.82 -58.20
C ALA E 656 32.44 16.39 -58.68
N LYS E 657 32.54 15.16 -59.21
CA LYS E 657 33.77 14.65 -59.80
C LYS E 657 34.12 15.41 -61.08
N ARG E 658 33.12 15.63 -61.93
CA ARG E 658 33.29 16.36 -63.20
C ARG E 658 33.81 17.78 -63.00
N ALA E 659 33.45 18.41 -61.89
CA ALA E 659 33.95 19.75 -61.55
C ALA E 659 35.39 19.67 -61.00
N VAL E 660 36.25 18.97 -61.73
CA VAL E 660 37.63 18.62 -61.33
C VAL E 660 37.83 18.39 -59.83
N ALA F 5 56.14 34.36 -33.11
CA ALA F 5 54.96 34.50 -32.20
C ALA F 5 53.77 35.17 -32.90
N PRO F 6 52.61 34.47 -32.92
CA PRO F 6 51.45 34.96 -33.67
C PRO F 6 50.83 36.19 -33.00
N ALA F 7 50.17 37.03 -33.80
CA ALA F 7 49.51 38.23 -33.28
C ALA F 7 48.36 37.85 -32.35
N ARG F 8 48.22 38.60 -31.26
CA ARG F 8 47.08 38.47 -30.35
C ARG F 8 45.76 38.74 -31.08
N PRO F 9 44.67 38.10 -30.61
CA PRO F 9 43.36 38.35 -31.23
C PRO F 9 42.78 39.68 -30.77
N ALA F 10 41.74 40.12 -31.47
CA ALA F 10 40.97 41.28 -31.04
C ALA F 10 40.34 41.10 -29.65
N HIS F 11 40.04 39.85 -29.29
CA HIS F 11 39.22 39.55 -28.10
C HIS F 11 39.70 38.20 -27.51
N PRO F 12 39.82 38.08 -26.17
CA PRO F 12 40.31 36.86 -25.52
C PRO F 12 39.50 35.59 -25.84
N LEU F 13 38.25 35.75 -26.27
CA LEU F 13 37.41 34.56 -26.54
C LEU F 13 37.37 34.20 -28.02
N ASP F 14 38.08 34.97 -28.83
CA ASP F 14 38.17 34.68 -30.25
C ASP F 14 38.77 33.30 -30.48
N PRO F 15 38.22 32.53 -31.44
CA PRO F 15 38.86 31.24 -31.72
C PRO F 15 40.29 31.41 -32.23
N LEU F 16 41.12 30.37 -32.10
CA LEU F 16 42.48 30.42 -32.64
C LEU F 16 42.48 30.75 -34.13
N SER F 17 43.35 31.66 -34.54
CA SER F 17 43.58 31.96 -35.95
C SER F 17 44.39 30.83 -36.61
N THR F 18 44.43 30.82 -37.94
CA THR F 18 45.29 29.87 -38.65
C THR F 18 46.76 30.04 -38.24
N ALA F 19 47.20 31.29 -38.04
CA ALA F 19 48.55 31.56 -37.57
C ALA F 19 48.80 31.00 -36.18
N GLU F 20 47.81 31.11 -35.30
CA GLU F 20 47.93 30.59 -33.95
C GLU F 20 47.97 29.07 -33.94
N ILE F 21 47.15 28.45 -34.80
CA ILE F 21 47.11 26.99 -34.92
C ILE F 21 48.47 26.47 -35.40
N LYS F 22 48.99 27.07 -36.47
CA LYS F 22 50.33 26.72 -36.97
C LYS F 22 51.42 26.91 -35.90
N ALA F 23 51.36 28.01 -35.16
CA ALA F 23 52.34 28.29 -34.11
C ALA F 23 52.28 27.26 -32.99
N ALA F 24 51.07 26.86 -32.63
CA ALA F 24 50.88 25.86 -31.59
C ALA F 24 51.40 24.49 -32.03
N THR F 25 51.12 24.09 -33.28
CA THR F 25 51.60 22.78 -33.77
C THR F 25 53.13 22.77 -33.96
N ASN F 26 53.70 23.88 -34.41
CA ASN F 26 55.16 24.03 -34.45
C ASN F 26 55.79 23.84 -33.09
N THR F 27 55.18 24.44 -32.06
CA THR F 27 55.69 24.39 -30.70
C THR F 27 55.65 22.97 -30.15
N VAL F 28 54.54 22.26 -30.40
CA VAL F 28 54.38 20.89 -29.96
C VAL F 28 55.34 19.94 -30.68
N LYS F 29 55.41 20.07 -32.02
CA LYS F 29 56.38 19.32 -32.84
C LYS F 29 57.79 19.39 -32.29
N SER F 30 58.21 20.59 -31.86
CA SER F 30 59.55 20.80 -31.32
C SER F 30 59.74 20.26 -29.91
N TYR F 31 58.66 20.30 -29.12
CA TYR F 31 58.71 19.78 -27.75
C TYR F 31 58.90 18.27 -27.77
N PHE F 32 58.26 17.62 -28.74
CA PHE F 32 58.36 16.20 -28.96
C PHE F 32 59.34 15.94 -30.09
N ALA F 33 60.51 16.58 -29.98
CA ALA F 33 61.58 16.49 -30.97
C ALA F 33 61.97 15.03 -31.19
N GLY F 34 61.98 14.62 -32.45
CA GLY F 34 62.39 13.27 -32.83
C GLY F 34 61.28 12.24 -32.75
N LYS F 35 60.11 12.65 -32.30
CA LYS F 35 58.97 11.73 -32.18
C LYS F 35 57.94 11.87 -33.30
N LYS F 36 57.39 10.74 -33.73
CA LYS F 36 56.41 10.72 -34.80
C LYS F 36 55.02 10.95 -34.18
N ILE F 37 54.54 12.19 -34.25
CA ILE F 37 53.26 12.57 -33.65
C ILE F 37 52.25 13.06 -34.70
N SER F 38 50.96 12.88 -34.41
CA SER F 38 49.90 13.40 -35.27
C SER F 38 48.89 14.19 -34.44
N PHE F 39 48.25 15.17 -35.06
CA PHE F 39 47.40 16.12 -34.34
C PHE F 39 45.93 15.75 -34.44
N ASN F 40 45.30 15.66 -33.27
CA ASN F 40 43.88 15.34 -33.19
C ASN F 40 43.03 16.59 -32.96
N THR F 41 43.49 17.46 -32.07
CA THR F 41 42.78 18.69 -31.69
C THR F 41 43.81 19.79 -31.42
N VAL F 42 43.62 20.96 -32.02
CA VAL F 42 44.31 22.17 -31.57
C VAL F 42 43.25 23.26 -31.47
N THR F 43 42.95 23.68 -30.26
CA THR F 43 41.79 24.57 -30.04
C THR F 43 42.07 25.58 -28.93
N LEU F 44 41.32 26.66 -28.91
CA LEU F 44 41.48 27.62 -27.83
C LEU F 44 41.22 26.99 -26.48
N ARG F 45 42.12 27.21 -25.51
CA ARG F 45 41.79 26.99 -24.11
C ARG F 45 41.24 28.32 -23.57
N GLU F 46 39.94 28.35 -23.29
CA GLU F 46 39.28 29.59 -22.89
C GLU F 46 39.84 30.08 -21.54
N PRO F 47 39.92 31.40 -21.36
CA PRO F 47 40.44 31.96 -20.10
C PRO F 47 39.60 31.53 -18.90
N ALA F 48 40.18 31.56 -17.71
CA ALA F 48 39.42 31.33 -16.48
C ALA F 48 38.29 32.37 -16.35
N ARG F 49 37.12 31.93 -15.88
CA ARG F 49 35.93 32.79 -15.80
C ARG F 49 36.24 34.08 -15.02
N LYS F 50 36.83 33.90 -13.83
CA LYS F 50 37.18 34.99 -12.93
C LYS F 50 38.16 35.97 -13.60
N ALA F 51 39.23 35.42 -14.16
CA ALA F 51 40.21 36.19 -14.94
C ALA F 51 39.59 36.96 -16.10
N TYR F 52 38.68 36.31 -16.84
CA TYR F 52 38.02 36.98 -17.97
C TYR F 52 37.18 38.16 -17.49
N ILE F 53 36.34 37.94 -16.49
CA ILE F 53 35.44 38.97 -15.98
C ILE F 53 36.25 40.13 -15.38
N GLN F 54 37.34 39.80 -14.70
CA GLN F 54 38.25 40.81 -14.14
C GLN F 54 38.89 41.68 -15.21
N TRP F 55 39.31 41.05 -16.32
CA TRP F 55 39.80 41.80 -17.48
C TRP F 55 38.69 42.64 -18.10
N LYS F 56 37.52 42.04 -18.26
CA LYS F 56 36.40 42.69 -18.92
C LYS F 56 35.88 43.89 -18.13
N GLU F 57 35.80 43.75 -16.82
CA GLU F 57 35.05 44.70 -15.99
C GLU F 57 35.82 45.43 -14.90
N GLN F 58 36.98 44.89 -14.49
CA GLN F 58 37.69 45.40 -13.32
C GLN F 58 39.11 45.85 -13.62
N GLY F 59 39.39 46.10 -14.90
CA GLY F 59 40.73 46.53 -15.34
C GLY F 59 41.82 45.51 -15.09
N GLY F 60 41.46 44.24 -15.05
CA GLY F 60 42.43 43.17 -14.85
C GLY F 60 43.33 42.96 -16.06
N PRO F 61 44.39 42.15 -15.90
CA PRO F 61 45.29 41.90 -17.00
C PRO F 61 44.62 41.02 -18.05
N LEU F 62 45.01 41.21 -19.30
CA LEU F 62 44.60 40.37 -20.41
C LEU F 62 45.03 38.94 -20.13
N PRO F 63 44.06 38.00 -20.08
CA PRO F 63 44.43 36.60 -19.83
C PRO F 63 45.41 36.07 -20.89
N PRO F 64 46.30 35.15 -20.47
CA PRO F 64 47.19 34.53 -21.43
C PRO F 64 46.42 33.84 -22.55
N ARG F 65 46.99 33.87 -23.74
CA ARG F 65 46.42 33.23 -24.90
C ARG F 65 46.96 31.81 -24.98
N LEU F 66 46.08 30.82 -24.80
CA LEU F 66 46.48 29.42 -24.64
C LEU F 66 45.83 28.52 -25.68
N ALA F 67 46.60 27.57 -26.20
CA ALA F 67 46.03 26.57 -27.10
C ALA F 67 46.10 25.20 -26.43
N TYR F 68 45.01 24.45 -26.54
CA TYR F 68 44.92 23.10 -25.97
C TYR F 68 45.12 22.15 -27.13
N TYR F 69 45.98 21.15 -26.93
CA TYR F 69 46.23 20.18 -27.98
C TYR F 69 46.00 18.76 -27.49
N VAL F 70 45.60 17.90 -28.42
CA VAL F 70 45.58 16.46 -28.25
C VAL F 70 46.35 15.86 -29.43
N ILE F 71 47.31 14.98 -29.13
CA ILE F 71 48.09 14.31 -30.17
C ILE F 71 48.17 12.82 -29.90
N LEU F 72 48.42 12.09 -30.98
CA LEU F 72 48.73 10.67 -30.93
C LEU F 72 50.20 10.49 -31.29
N GLU F 73 50.83 9.46 -30.74
CA GLU F 73 52.19 9.11 -31.15
C GLU F 73 52.15 7.69 -31.67
N ALA F 74 52.74 7.45 -32.85
CA ALA F 74 52.78 6.11 -33.43
C ALA F 74 53.37 5.12 -32.44
N GLY F 75 52.72 3.97 -32.31
CA GLY F 75 53.18 2.93 -31.40
C GLY F 75 52.93 3.18 -29.92
N LYS F 76 52.27 4.29 -29.58
CA LYS F 76 51.94 4.62 -28.19
C LYS F 76 50.42 4.57 -27.99
N PRO F 77 49.97 4.01 -26.84
CA PRO F 77 48.53 3.87 -26.64
C PRO F 77 47.90 5.18 -26.21
N GLY F 78 46.62 5.36 -26.51
CA GLY F 78 45.90 6.54 -26.02
C GLY F 78 46.38 7.83 -26.69
N VAL F 79 46.55 8.88 -25.90
CA VAL F 79 46.86 10.21 -26.43
C VAL F 79 47.79 10.95 -25.48
N LYS F 80 48.31 12.09 -25.95
CA LYS F 80 48.91 13.07 -25.07
C LYS F 80 48.17 14.39 -25.26
N GLU F 81 48.03 15.15 -24.19
CA GLU F 81 47.36 16.45 -24.28
C GLU F 81 48.14 17.46 -23.47
N GLY F 82 47.89 18.74 -23.71
CA GLY F 82 48.56 19.77 -22.94
C GLY F 82 48.17 21.14 -23.43
N LEU F 83 48.92 22.14 -22.99
CA LEU F 83 48.64 23.54 -23.30
C LEU F 83 49.88 24.20 -23.86
N VAL F 84 49.67 25.07 -24.85
CA VAL F 84 50.75 25.90 -25.40
C VAL F 84 50.46 27.35 -25.05
N ASP F 85 51.41 28.02 -24.43
CA ASP F 85 51.34 29.48 -24.29
C ASP F 85 51.84 30.07 -25.59
N LEU F 86 50.95 30.76 -26.30
CA LEU F 86 51.22 31.22 -27.67
C LEU F 86 52.16 32.43 -27.74
N ALA F 87 52.22 33.21 -26.67
CA ALA F 87 53.10 34.38 -26.62
C ALA F 87 54.56 33.96 -26.47
N SER F 88 54.79 32.94 -25.66
CA SER F 88 56.14 32.45 -25.36
C SER F 88 56.52 31.30 -26.28
N LEU F 89 55.58 30.83 -27.08
CA LEU F 89 55.75 29.67 -27.97
C LEU F 89 56.30 28.44 -27.23
N SER F 90 55.68 28.12 -26.09
CA SER F 90 56.14 27.00 -25.27
C SER F 90 55.00 26.16 -24.68
N VAL F 91 55.27 24.87 -24.54
CA VAL F 91 54.38 23.95 -23.84
C VAL F 91 54.48 24.20 -22.33
N ILE F 92 53.36 24.54 -21.70
CA ILE F 92 53.36 24.87 -20.28
C ILE F 92 52.76 23.77 -19.42
N GLU F 93 52.12 22.80 -20.06
CA GLU F 93 51.39 21.76 -19.36
C GLU F 93 51.30 20.57 -20.31
N THR F 94 51.53 19.37 -19.78
CA THR F 94 51.47 18.17 -20.61
C THR F 94 51.06 16.95 -19.78
N ARG F 95 50.38 16.00 -20.42
CA ARG F 95 50.14 14.70 -19.79
C ARG F 95 49.75 13.63 -20.80
N ALA F 96 50.18 12.40 -20.49
CA ALA F 96 49.89 11.25 -21.30
C ALA F 96 48.69 10.56 -20.70
N LEU F 97 47.76 10.17 -21.56
CA LEU F 97 46.53 9.51 -21.15
C LEU F 97 46.46 8.25 -21.98
N GLU F 98 46.97 7.17 -21.43
CA GLU F 98 47.16 5.95 -22.20
C GLU F 98 45.88 5.15 -22.38
N THR F 99 44.84 5.48 -21.61
CA THR F 99 43.64 4.63 -21.57
C THR F 99 42.35 5.37 -22.01
N VAL F 100 42.50 6.41 -22.83
CA VAL F 100 41.36 7.08 -23.45
C VAL F 100 41.51 7.08 -24.97
N GLN F 101 40.43 7.39 -25.68
CA GLN F 101 40.49 7.58 -27.14
C GLN F 101 39.82 8.92 -27.44
N PRO F 102 40.37 9.66 -28.42
CA PRO F 102 39.87 11.01 -28.69
C PRO F 102 38.85 11.07 -29.81
N ILE F 103 38.26 12.26 -29.95
CA ILE F 103 37.28 12.57 -30.99
C ILE F 103 37.80 12.12 -32.38
N LEU F 104 36.90 11.62 -33.21
CA LEU F 104 37.27 11.19 -34.56
C LEU F 104 37.15 12.36 -35.53
N THR F 105 38.28 12.75 -36.09
CA THR F 105 38.32 13.87 -37.03
C THR F 105 37.91 13.37 -38.40
N VAL F 106 37.62 14.30 -39.31
CA VAL F 106 37.26 13.94 -40.68
C VAL F 106 38.39 13.12 -41.35
N GLU F 107 39.65 13.42 -41.03
CA GLU F 107 40.81 12.63 -41.53
C GLU F 107 40.95 11.26 -40.89
N ASP F 108 40.55 11.15 -39.61
CA ASP F 108 40.58 9.87 -38.91
C ASP F 108 39.60 8.93 -39.58
N LEU F 109 38.54 9.50 -40.16
CA LEU F 109 37.39 8.74 -40.68
C LEU F 109 37.33 8.40 -42.18
N CYS F 110 37.63 9.36 -43.06
CA CYS F 110 37.52 9.14 -44.52
C CYS F 110 38.42 7.98 -44.98
N SER F 111 39.30 7.52 -44.10
CA SER F 111 40.24 6.41 -44.38
C SER F 111 39.61 5.00 -44.36
N THR F 112 38.53 4.85 -43.62
CA THR F 112 38.01 3.51 -43.29
C THR F 112 37.47 2.73 -44.49
N GLU F 113 36.87 3.45 -45.42
CA GLU F 113 36.24 2.82 -46.55
C GLU F 113 37.23 2.02 -47.38
N GLU F 114 38.41 2.59 -47.61
CA GLU F 114 39.38 1.89 -48.43
C GLU F 114 39.98 0.72 -47.65
N VAL F 115 40.06 0.86 -46.33
CA VAL F 115 40.52 -0.25 -45.48
C VAL F 115 39.56 -1.43 -45.65
N ILE F 116 38.25 -1.19 -45.52
CA ILE F 116 37.32 -2.33 -45.61
C ILE F 116 37.19 -2.90 -47.01
N ARG F 117 37.31 -2.06 -48.03
CA ARG F 117 37.18 -2.52 -49.43
C ARG F 117 38.31 -3.48 -49.81
N ASN F 118 39.44 -3.34 -49.13
CA ASN F 118 40.65 -4.09 -49.47
C ASN F 118 40.95 -5.21 -48.49
N ASP F 119 40.07 -5.41 -47.51
CA ASP F 119 40.30 -6.48 -46.53
C ASP F 119 39.73 -7.81 -47.01
N PRO F 120 40.58 -8.85 -47.10
CA PRO F 120 40.05 -10.14 -47.60
C PRO F 120 38.82 -10.70 -46.85
N ALA F 121 38.79 -10.58 -45.53
CA ALA F 121 37.66 -11.09 -44.74
C ALA F 121 36.37 -10.33 -45.07
N VAL F 122 36.48 -9.02 -45.24
CA VAL F 122 35.31 -8.22 -45.63
C VAL F 122 34.85 -8.61 -47.04
N ILE F 123 35.81 -8.78 -47.94
CA ILE F 123 35.46 -9.12 -49.32
C ILE F 123 34.71 -10.43 -49.33
N GLU F 124 35.19 -11.42 -48.55
CA GLU F 124 34.49 -12.69 -48.44
C GLU F 124 33.03 -12.55 -47.97
N GLN F 125 32.79 -11.66 -47.01
CA GLN F 125 31.45 -11.41 -46.51
C GLN F 125 30.55 -10.73 -47.55
N CYS F 126 31.13 -9.85 -48.36
CA CYS F 126 30.41 -9.24 -49.47
C CYS F 126 30.00 -10.31 -50.47
N VAL F 127 30.95 -11.19 -50.81
CA VAL F 127 30.65 -12.28 -51.74
C VAL F 127 29.54 -13.19 -51.22
N LEU F 128 29.60 -13.55 -49.93
CA LEU F 128 28.54 -14.36 -49.30
C LEU F 128 27.18 -13.65 -49.30
N SER F 129 27.23 -12.32 -49.27
CA SER F 129 26.05 -11.46 -49.26
C SER F 129 25.53 -11.14 -50.68
N GLY F 130 26.17 -11.70 -51.70
CA GLY F 130 25.70 -11.51 -53.08
C GLY F 130 26.35 -10.39 -53.89
N ILE F 131 27.47 -9.84 -53.39
CA ILE F 131 28.21 -8.83 -54.13
C ILE F 131 29.57 -9.43 -54.50
N PRO F 132 29.82 -9.65 -55.81
CA PRO F 132 31.10 -10.27 -56.20
C PRO F 132 32.31 -9.42 -55.84
N ALA F 133 33.45 -10.09 -55.67
CA ALA F 133 34.68 -9.40 -55.29
C ALA F 133 35.04 -8.27 -56.25
N ASN F 134 34.68 -8.41 -57.53
CA ASN F 134 35.00 -7.39 -58.51
C ASN F 134 34.06 -6.17 -58.47
N GLU F 135 33.15 -6.18 -57.50
CA GLU F 135 32.23 -5.05 -57.30
C GLU F 135 32.47 -4.37 -55.96
N MET F 136 33.66 -4.55 -55.38
CA MET F 136 33.97 -3.92 -54.10
C MET F 136 33.93 -2.40 -54.16
N HIS F 137 34.11 -1.81 -55.36
CA HIS F 137 34.04 -0.36 -55.48
C HIS F 137 32.62 0.18 -55.28
N LYS F 138 31.66 -0.74 -55.24
CA LYS F 138 30.26 -0.42 -55.01
C LYS F 138 29.87 -0.55 -53.54
N VAL F 139 30.82 -0.96 -52.72
CA VAL F 139 30.60 -1.13 -51.29
C VAL F 139 31.09 0.12 -50.58
N TYR F 140 30.22 0.65 -49.72
CA TYR F 140 30.52 1.87 -48.96
C TYR F 140 30.31 1.59 -47.49
N CYS F 141 30.87 2.45 -46.64
CA CYS F 141 30.53 2.33 -45.23
C CYS F 141 30.51 3.70 -44.57
N ASP F 142 29.65 3.82 -43.57
CA ASP F 142 29.70 4.95 -42.63
C ASP F 142 30.52 4.49 -41.44
N PRO F 143 31.67 5.13 -41.23
CA PRO F 143 32.69 4.74 -40.25
C PRO F 143 32.53 5.26 -38.79
N TRP F 144 31.53 4.78 -38.07
CA TRP F 144 31.23 5.31 -36.74
C TRP F 144 32.34 4.96 -35.77
N THR F 145 32.49 5.73 -34.68
CA THR F 145 33.24 5.16 -33.59
C THR F 145 32.54 3.87 -33.18
N ILE F 146 33.32 2.95 -32.63
CA ILE F 146 32.77 1.73 -32.09
C ILE F 146 31.78 2.05 -30.95
N GLY F 147 31.90 3.24 -30.38
CA GLY F 147 31.03 3.66 -29.26
C GLY F 147 31.62 3.08 -28.00
N TYR F 148 31.22 1.85 -27.71
CA TYR F 148 31.89 1.08 -26.68
C TYR F 148 31.69 -0.38 -26.99
N ASP F 149 32.80 -1.12 -27.01
CA ASP F 149 32.72 -2.59 -27.12
C ASP F 149 33.59 -3.22 -26.03
N GLU F 150 32.93 -3.96 -25.14
CA GLU F 150 33.57 -4.55 -23.97
C GLU F 150 34.66 -5.56 -24.33
N ARG F 151 34.71 -5.97 -25.60
CA ARG F 151 35.79 -6.85 -26.02
C ARG F 151 37.15 -6.16 -26.13
N TRP F 152 37.17 -4.82 -26.31
CA TRP F 152 38.44 -4.10 -26.49
C TRP F 152 38.65 -2.87 -25.61
N GLY F 153 37.58 -2.40 -24.98
CA GLY F 153 37.72 -1.20 -24.13
C GLY F 153 38.33 -0.04 -24.90
N THR F 154 39.30 0.64 -24.28
CA THR F 154 40.07 1.70 -24.94
C THR F 154 41.46 1.20 -25.40
N GLY F 155 41.66 -0.12 -25.40
CA GLY F 155 42.99 -0.69 -25.69
C GLY F 155 43.52 -0.52 -27.10
N LYS F 156 42.60 -0.36 -28.04
CA LYS F 156 42.87 0.00 -29.44
C LYS F 156 41.91 1.12 -29.80
N ARG F 157 42.28 1.95 -30.77
CA ARG F 157 41.36 2.98 -31.27
C ARG F 157 40.52 2.38 -32.39
N LEU F 158 39.20 2.31 -32.20
CA LEU F 158 38.36 1.49 -33.08
C LEU F 158 37.18 2.21 -33.71
N GLN F 159 36.89 1.85 -34.96
CA GLN F 159 35.65 2.25 -35.63
C GLN F 159 34.86 1.02 -35.98
N GLN F 160 33.55 1.18 -36.14
CA GLN F 160 32.70 0.13 -36.68
C GLN F 160 32.19 0.63 -38.02
N ALA F 161 32.29 -0.22 -39.04
CA ALA F 161 31.90 0.21 -40.37
C ALA F 161 30.50 -0.28 -40.67
N LEU F 162 29.54 0.62 -40.70
CA LEU F 162 28.17 0.23 -41.08
C LEU F 162 28.18 0.21 -42.60
N VAL F 163 27.97 -0.98 -43.16
N VAL F 163 28.00 -0.97 -43.17
CA VAL F 163 28.23 -1.23 -44.59
CA VAL F 163 28.27 -1.18 -44.59
C VAL F 163 26.98 -1.10 -45.46
C VAL F 163 27.00 -1.12 -45.46
N TYR F 164 27.15 -0.52 -46.64
CA TYR F 164 26.06 -0.32 -47.59
C TYR F 164 26.54 -0.59 -49.01
N TYR F 165 25.59 -0.66 -49.93
CA TYR F 165 25.91 -0.95 -51.32
C TYR F 165 25.26 0.12 -52.20
N ARG F 166 26.00 0.60 -53.21
CA ARG F 166 25.43 1.48 -54.24
C ARG F 166 25.57 0.82 -55.61
N SER F 167 24.47 0.74 -56.35
CA SER F 167 24.53 0.22 -57.72
CA SER F 167 24.51 0.23 -57.73
C SER F 167 25.21 1.21 -58.66
N ASP F 168 25.11 2.50 -58.32
CA ASP F 168 25.66 3.60 -59.08
C ASP F 168 26.14 4.60 -58.04
N GLU F 169 27.25 5.28 -58.29
CA GLU F 169 27.86 6.20 -57.33
C GLU F 169 26.92 7.31 -56.85
N ASP F 170 25.94 7.68 -57.69
CA ASP F 170 24.96 8.72 -57.37
C ASP F 170 23.75 8.21 -56.56
N ASP F 171 23.71 6.90 -56.29
CA ASP F 171 22.64 6.32 -55.47
C ASP F 171 22.73 6.84 -54.04
N SER F 172 21.59 6.87 -53.34
CA SER F 172 21.62 6.98 -51.89
C SER F 172 21.71 5.55 -51.36
N GLN F 173 22.81 5.27 -50.67
CA GLN F 173 23.13 3.88 -50.31
C GLN F 173 22.22 3.26 -49.24
N TYR F 174 21.41 4.08 -48.59
CA TYR F 174 20.75 3.61 -47.36
C TYR F 174 19.59 2.64 -47.56
N SER F 175 19.18 2.43 -48.81
CA SER F 175 18.19 1.41 -49.09
C SER F 175 18.84 0.03 -49.15
N HIS F 176 20.16 0.00 -49.15
CA HIS F 176 20.91 -1.26 -49.32
C HIS F 176 22.00 -1.49 -48.25
N PRO F 177 21.61 -1.55 -46.97
CA PRO F 177 22.58 -1.98 -45.96
C PRO F 177 22.94 -3.45 -46.15
N LEU F 178 24.14 -3.82 -45.71
CA LEU F 178 24.53 -5.21 -45.63
C LEU F 178 24.39 -5.72 -44.20
N ASP F 179 24.53 -7.03 -44.02
CA ASP F 179 24.16 -7.61 -42.72
C ASP F 179 25.23 -7.67 -41.65
N PHE F 180 26.49 -7.39 -42.01
CA PHE F 180 27.62 -7.59 -41.11
C PHE F 180 28.33 -6.27 -40.80
N CYS F 181 29.19 -6.30 -39.78
CA CYS F 181 29.77 -5.06 -39.27
C CYS F 181 31.28 -5.23 -38.97
N PRO F 182 32.14 -4.80 -39.90
CA PRO F 182 33.58 -4.86 -39.66
C PRO F 182 34.02 -3.89 -38.57
N ILE F 183 34.96 -4.34 -37.75
CA ILE F 183 35.60 -3.52 -36.71
C ILE F 183 37.01 -3.18 -37.20
N VAL F 184 37.31 -1.89 -37.22
CA VAL F 184 38.54 -1.38 -37.82
C VAL F 184 39.42 -0.67 -36.79
N ASP F 185 40.69 -1.07 -36.73
CA ASP F 185 41.70 -0.34 -35.93
C ASP F 185 42.08 0.93 -36.70
N THR F 186 41.71 2.08 -36.14
CA THR F 186 41.85 3.38 -36.81
C THR F 186 43.32 3.67 -37.13
N GLU F 187 44.19 3.41 -36.18
CA GLU F 187 45.58 3.81 -36.32
C GLU F 187 46.43 2.79 -37.08
N GLU F 188 46.05 1.51 -36.98
CA GLU F 188 46.73 0.45 -37.73
C GLU F 188 46.18 0.27 -39.14
N LYS F 189 45.00 0.88 -39.40
CA LYS F 189 44.32 0.76 -40.69
C LYS F 189 44.11 -0.70 -41.12
N LYS F 190 43.53 -1.48 -40.21
CA LYS F 190 43.22 -2.87 -40.52
C LYS F 190 41.95 -3.32 -39.84
N VAL F 191 41.26 -4.26 -40.50
CA VAL F 191 40.08 -4.89 -39.91
C VAL F 191 40.54 -5.92 -38.90
N ILE F 192 40.02 -5.83 -37.68
CA ILE F 192 40.45 -6.76 -36.64
C ILE F 192 39.39 -7.81 -36.30
N PHE F 193 38.17 -7.57 -36.74
CA PHE F 193 37.05 -8.46 -36.45
C PHE F 193 35.87 -8.10 -37.34
N ILE F 194 34.98 -9.05 -37.56
CA ILE F 194 33.72 -8.78 -38.24
C ILE F 194 32.58 -9.42 -37.47
N ASP F 195 31.64 -8.61 -37.00
CA ASP F 195 30.43 -9.13 -36.38
C ASP F 195 29.52 -9.66 -37.49
N ILE F 196 29.22 -10.96 -37.45
CA ILE F 196 28.43 -11.61 -38.48
C ILE F 196 27.18 -12.17 -37.79
N PRO F 197 25.98 -11.85 -38.31
CA PRO F 197 24.76 -12.25 -37.62
C PRO F 197 24.48 -13.73 -37.78
N ASN F 198 23.69 -14.28 -36.86
CA ASN F 198 23.33 -15.69 -36.90
C ASN F 198 22.45 -15.96 -38.11
N ARG F 199 21.56 -15.01 -38.42
CA ARG F 199 20.71 -15.09 -39.59
C ARG F 199 21.30 -14.23 -40.70
N ARG F 200 21.80 -14.86 -41.75
CA ARG F 200 22.34 -14.10 -42.88
C ARG F 200 21.23 -13.54 -43.77
N ARG F 201 21.44 -12.30 -44.24
CA ARG F 201 20.54 -11.64 -45.16
C ARG F 201 21.38 -11.07 -46.28
N LYS F 202 21.18 -11.60 -47.48
CA LYS F 202 21.92 -11.13 -48.67
C LYS F 202 21.41 -9.76 -49.12
N VAL F 203 22.23 -9.06 -49.92
CA VAL F 203 21.93 -7.69 -50.38
C VAL F 203 20.58 -7.64 -51.08
N SER F 204 19.82 -6.60 -50.77
CA SER F 204 18.54 -6.37 -51.43
C SER F 204 18.66 -6.29 -52.95
N LYS F 205 17.68 -6.88 -53.65
CA LYS F 205 17.65 -6.80 -55.10
C LYS F 205 16.74 -5.70 -55.65
N HIS F 206 16.16 -4.89 -54.75
CA HIS F 206 15.31 -3.80 -55.18
C HIS F 206 16.10 -2.63 -55.73
N LYS F 207 15.45 -1.77 -56.51
CA LYS F 207 16.04 -0.52 -56.95
C LYS F 207 16.39 0.30 -55.72
N HIS F 208 17.42 1.12 -55.84
CA HIS F 208 17.75 2.04 -54.75
C HIS F 208 16.64 3.06 -54.60
N ALA F 209 16.46 3.55 -53.37
CA ALA F 209 15.43 4.58 -53.08
C ALA F 209 16.13 5.92 -53.18
N ASN F 210 16.03 6.56 -54.33
CA ASN F 210 16.84 7.74 -54.61
C ASN F 210 16.02 9.01 -54.56
N PHE F 211 16.71 10.15 -54.54
CA PHE F 211 16.01 11.41 -54.31
C PHE F 211 16.49 12.64 -55.11
N TYR F 212 17.49 12.49 -55.99
CA TYR F 212 17.87 13.63 -56.84
C TYR F 212 16.83 13.83 -57.96
N PRO F 213 16.72 15.05 -58.52
CA PRO F 213 15.75 15.27 -59.61
C PRO F 213 15.76 14.19 -60.73
N LYS F 214 16.94 13.75 -61.20
CA LYS F 214 16.97 12.75 -62.25
C LYS F 214 16.30 11.46 -61.82
N HIS F 215 16.49 11.11 -60.54
CA HIS F 215 15.88 9.92 -59.99
C HIS F 215 14.38 10.10 -59.85
N MET F 216 13.96 11.29 -59.44
CA MET F 216 12.54 11.53 -59.24
C MET F 216 11.76 11.52 -60.56
N ILE F 217 12.38 12.03 -61.62
CA ILE F 217 11.72 12.04 -62.94
C ILE F 217 11.44 10.61 -63.39
N GLU F 218 12.39 9.71 -63.15
CA GLU F 218 12.18 8.30 -63.45
C GLU F 218 11.11 7.67 -62.56
N LYS F 219 11.08 8.06 -61.28
CA LYS F 219 10.19 7.42 -60.31
C LYS F 219 8.75 7.90 -60.42
N VAL F 220 8.53 9.21 -60.53
CA VAL F 220 7.18 9.79 -60.50
C VAL F 220 6.78 10.53 -61.77
N GLY F 221 7.71 10.58 -62.74
CA GLY F 221 7.40 11.10 -64.08
C GLY F 221 7.97 12.46 -64.41
N ALA F 222 7.90 13.37 -63.44
CA ALA F 222 8.35 14.74 -63.63
C ALA F 222 8.55 15.37 -62.28
N MET F 223 9.40 16.39 -62.23
CA MET F 223 9.47 17.29 -61.08
C MET F 223 8.31 18.28 -61.14
N ARG F 224 7.98 18.86 -60.00
CA ARG F 224 7.04 19.98 -59.98
C ARG F 224 7.69 21.16 -60.67
N PRO F 225 6.88 22.05 -61.28
CA PRO F 225 7.42 23.29 -61.83
C PRO F 225 8.17 24.08 -60.77
N GLU F 226 9.20 24.80 -61.19
CA GLU F 226 9.89 25.75 -60.33
C GLU F 226 8.85 26.70 -59.74
N ALA F 227 8.87 26.87 -58.42
CA ALA F 227 7.90 27.75 -57.75
C ALA F 227 8.39 29.18 -57.86
N PRO F 228 7.46 30.16 -57.80
CA PRO F 228 7.88 31.56 -57.83
C PRO F 228 8.80 31.90 -56.67
N PRO F 229 9.79 32.77 -56.91
CA PRO F 229 10.77 33.13 -55.89
C PRO F 229 10.17 33.90 -54.72
N ILE F 230 10.77 33.75 -53.54
CA ILE F 230 10.48 34.61 -52.40
C ILE F 230 11.81 35.27 -52.09
N ASN F 231 11.89 36.59 -52.29
CA ASN F 231 13.15 37.29 -52.18
C ASN F 231 13.27 38.15 -50.92
N VAL F 232 14.45 38.11 -50.30
CA VAL F 232 14.73 38.88 -49.08
C VAL F 232 15.85 39.84 -49.37
N THR F 233 15.59 41.14 -49.21
CA THR F 233 16.61 42.17 -49.38
C THR F 233 16.64 43.12 -48.20
N GLN F 234 17.80 43.73 -47.98
CA GLN F 234 17.97 44.79 -47.00
C GLN F 234 18.75 45.90 -47.69
N PRO F 235 18.06 46.72 -48.50
CA PRO F 235 18.70 47.76 -49.32
C PRO F 235 19.44 48.83 -48.52
N GLU F 236 19.03 49.03 -47.26
CA GLU F 236 19.67 50.00 -46.39
C GLU F 236 20.59 49.34 -45.37
N GLY F 237 20.91 48.07 -45.62
CA GLY F 237 21.81 47.34 -44.76
C GLY F 237 21.08 46.68 -43.60
N VAL F 238 21.86 46.19 -42.65
CA VAL F 238 21.33 45.47 -41.48
C VAL F 238 21.33 46.35 -40.22
N SER F 239 20.57 45.93 -39.21
CA SER F 239 20.47 46.69 -37.98
C SER F 239 21.54 46.28 -36.99
N PHE F 240 22.14 45.10 -37.19
CA PHE F 240 23.15 44.64 -36.25
C PHE F 240 24.53 45.19 -36.59
N LYS F 241 25.40 45.20 -35.59
CA LYS F 241 26.77 45.69 -35.74
C LYS F 241 27.71 44.64 -35.18
N MET F 242 28.61 44.15 -36.03
CA MET F 242 29.66 43.27 -35.57
CA MET F 242 29.66 43.23 -35.61
C MET F 242 31.00 43.97 -35.51
N THR F 243 31.68 43.75 -34.40
CA THR F 243 33.03 44.27 -34.21
C THR F 243 33.90 43.04 -33.99
N GLY F 244 34.52 42.55 -35.06
CA GLY F 244 35.15 41.26 -35.02
C GLY F 244 34.06 40.24 -34.77
N ASN F 245 34.19 39.49 -33.68
CA ASN F 245 33.19 38.46 -33.33
C ASN F 245 32.14 38.93 -32.31
N VAL F 246 32.19 40.21 -31.96
CA VAL F 246 31.26 40.76 -30.97
C VAL F 246 30.05 41.31 -31.71
N MET F 247 28.86 40.86 -31.31
CA MET F 247 27.63 41.23 -31.93
C MET F 247 26.85 42.20 -31.05
N GLU F 248 26.30 43.25 -31.66
CA GLU F 248 25.35 44.14 -31.00
C GLU F 248 24.08 44.20 -31.84
N TRP F 249 22.92 43.91 -31.24
CA TRP F 249 21.66 43.89 -31.95
C TRP F 249 20.52 44.02 -30.95
N SER F 250 19.63 45.00 -31.18
CA SER F 250 18.41 45.17 -30.37
C SER F 250 18.72 45.08 -28.85
N ASN F 251 19.76 45.82 -28.45
CA ASN F 251 20.23 45.92 -27.05
C ASN F 251 21.05 44.75 -26.54
N PHE F 252 21.00 43.61 -27.23
CA PHE F 252 21.86 42.50 -26.86
C PHE F 252 23.30 42.78 -27.31
N LYS F 253 24.26 42.33 -26.50
CA LYS F 253 25.67 42.30 -26.89
C LYS F 253 26.20 40.95 -26.47
N PHE F 254 27.00 40.34 -27.34
CA PHE F 254 27.60 39.03 -27.00
C PHE F 254 28.72 38.71 -27.94
N HIS F 255 29.52 37.72 -27.55
CA HIS F 255 30.62 37.26 -28.38
C HIS F 255 30.24 35.96 -29.07
N ILE F 256 30.43 35.89 -30.39
CA ILE F 256 30.20 34.67 -31.16
C ILE F 256 31.51 33.90 -31.33
N GLY F 257 31.59 32.75 -30.66
CA GLY F 257 32.79 31.90 -30.73
C GLY F 257 32.41 30.63 -31.46
N PHE F 258 33.41 29.79 -31.72
CA PHE F 258 33.18 28.54 -32.43
C PHE F 258 34.32 27.62 -32.08
N ASN F 259 34.02 26.34 -31.90
CA ASN F 259 35.10 25.39 -31.78
C ASN F 259 34.77 24.04 -32.40
N TYR F 260 35.78 23.19 -32.48
CA TYR F 260 35.71 21.90 -33.17
C TYR F 260 34.58 21.00 -32.65
N ARG F 261 34.18 21.22 -31.41
CA ARG F 261 33.39 20.24 -30.68
C ARG F 261 31.95 20.70 -30.48
N GLU F 262 31.79 21.88 -29.87
CA GLU F 262 30.48 22.44 -29.62
C GLU F 262 29.88 23.16 -30.81
N GLY F 263 30.72 23.51 -31.78
CA GLY F 263 30.31 24.44 -32.81
C GLY F 263 30.19 25.84 -32.22
N ILE F 264 29.03 26.45 -32.42
CA ILE F 264 28.76 27.81 -31.93
C ILE F 264 28.79 27.90 -30.40
N VAL F 265 29.51 28.90 -29.88
CA VAL F 265 29.54 29.16 -28.45
C VAL F 265 29.22 30.64 -28.28
N LEU F 266 28.17 30.95 -27.53
CA LEU F 266 27.79 32.35 -27.31
C LEU F 266 28.26 32.76 -25.91
N SER F 267 29.04 33.85 -25.82
CA SER F 267 29.63 34.22 -24.54
C SER F 267 29.32 35.65 -24.17
N ASP F 268 29.35 35.94 -22.87
CA ASP F 268 29.34 37.33 -22.38
C ASP F 268 28.11 38.04 -22.91
N VAL F 269 26.96 37.40 -22.72
CA VAL F 269 25.69 37.89 -23.23
C VAL F 269 25.10 38.88 -22.25
N SER F 270 24.84 40.09 -22.73
CA SER F 270 24.21 41.13 -21.91
C SER F 270 23.07 41.81 -22.64
N TYR F 271 22.23 42.53 -21.88
CA TYR F 271 21.16 43.31 -22.48
C TYR F 271 21.26 44.75 -21.95
N ASN F 272 21.31 45.70 -22.88
CA ASN F 272 21.38 47.10 -22.51
C ASN F 272 19.97 47.63 -22.23
N ASP F 273 19.61 47.64 -20.94
CA ASP F 273 18.29 48.03 -20.49
C ASP F 273 18.32 49.55 -20.26
N HIS F 274 18.15 50.32 -21.33
CA HIS F 274 18.15 51.79 -21.27
C HIS F 274 19.31 52.35 -20.45
N GLY F 275 20.51 51.87 -20.75
CA GLY F 275 21.71 52.42 -20.12
C GLY F 275 22.29 51.51 -19.05
N ASN F 276 21.44 50.69 -18.44
CA ASN F 276 21.86 49.64 -17.51
CA ASN F 276 21.94 49.67 -17.53
C ASN F 276 22.26 48.41 -18.31
N VAL F 277 23.56 48.16 -18.47
CA VAL F 277 24.02 46.99 -19.21
C VAL F 277 23.99 45.81 -18.24
N ARG F 278 23.03 44.90 -18.46
CA ARG F 278 22.77 43.83 -17.50
C ARG F 278 23.20 42.49 -18.06
N PRO F 279 24.14 41.84 -17.38
CA PRO F 279 24.55 40.49 -17.79
C PRO F 279 23.38 39.52 -17.77
N ILE F 280 23.43 38.53 -18.65
CA ILE F 280 22.42 37.48 -18.66
C ILE F 280 23.09 36.11 -18.55
N PHE F 281 24.01 35.80 -19.49
CA PHE F 281 24.71 34.50 -19.48
C PHE F 281 26.18 34.75 -19.72
N HIS F 282 27.04 34.05 -18.99
CA HIS F 282 28.45 34.06 -19.31
C HIS F 282 28.77 33.23 -20.57
N ARG F 283 28.06 32.10 -20.74
CA ARG F 283 28.35 31.20 -21.85
C ARG F 283 27.14 30.31 -22.08
N ILE F 284 26.81 30.07 -23.34
CA ILE F 284 25.75 29.11 -23.67
C ILE F 284 26.15 28.36 -24.94
N SER F 285 25.92 27.04 -24.92
CA SER F 285 26.32 26.21 -26.05
C SER F 285 25.66 24.86 -25.88
N LEU F 286 25.74 24.03 -26.93
CA LEU F 286 25.42 22.61 -26.80
C LEU F 286 26.70 21.86 -26.44
N SER F 287 26.65 21.04 -25.40
CA SER F 287 27.88 20.52 -24.80
C SER F 287 28.09 19.02 -25.03
N GLU F 288 27.02 18.30 -25.33
CA GLU F 288 27.10 16.88 -25.67
C GLU F 288 25.76 16.49 -26.30
N MET F 289 25.75 15.34 -26.97
CA MET F 289 24.52 14.74 -27.43
C MET F 289 24.62 13.25 -27.21
N ILE F 290 23.49 12.57 -27.31
CA ILE F 290 23.55 11.10 -27.48
C ILE F 290 22.32 10.72 -28.29
N VAL F 291 22.50 9.76 -29.20
CA VAL F 291 21.44 9.35 -30.12
C VAL F 291 21.26 7.83 -29.96
N PRO F 292 20.64 7.43 -28.84
CA PRO F 292 20.59 5.99 -28.53
C PRO F 292 19.54 5.24 -29.34
N TYR F 293 19.98 4.18 -30.00
CA TYR F 293 19.05 3.34 -30.74
C TYR F 293 18.38 2.32 -29.86
N GLY F 294 17.23 1.83 -30.32
CA GLY F 294 16.35 1.02 -29.48
C GLY F 294 16.16 -0.44 -29.86
N SER F 295 17.02 -0.97 -30.74
CA SER F 295 17.00 -2.42 -30.98
C SER F 295 17.99 -3.12 -30.06
N PRO F 296 17.53 -4.14 -29.33
CA PRO F 296 18.44 -4.80 -28.40
C PRO F 296 19.36 -5.82 -29.07
N GLU F 297 19.14 -6.08 -30.35
CA GLU F 297 19.84 -7.16 -31.02
C GLU F 297 21.29 -6.76 -31.34
N PHE F 298 22.21 -7.70 -31.13
CA PHE F 298 23.64 -7.46 -31.35
C PHE F 298 23.94 -7.24 -32.84
N PRO F 299 24.84 -6.29 -33.18
CA PRO F 299 25.63 -5.35 -32.36
C PRO F 299 24.99 -3.97 -32.29
N HIS F 300 23.67 -3.91 -32.36
CA HIS F 300 23.00 -2.60 -32.49
C HIS F 300 23.07 -1.76 -31.20
N GLN F 301 23.43 -2.38 -30.08
CA GLN F 301 23.65 -1.63 -28.83
C GLN F 301 24.79 -0.61 -28.99
N ARG F 302 25.67 -0.82 -29.96
CA ARG F 302 26.79 0.12 -30.19
C ARG F 302 26.37 1.34 -31.00
N LYS F 303 25.07 1.46 -31.33
CA LYS F 303 24.56 2.67 -31.98
C LYS F 303 23.97 3.57 -30.90
N HIS F 304 24.81 4.48 -30.41
CA HIS F 304 24.40 5.49 -29.43
C HIS F 304 25.39 6.64 -29.52
N ALA F 305 25.50 7.19 -30.72
CA ALA F 305 26.53 8.20 -31.00
C ALA F 305 26.42 9.39 -30.07
N LEU F 306 27.55 9.82 -29.50
CA LEU F 306 27.58 11.09 -28.78
C LEU F 306 28.25 12.08 -29.75
N ASP F 307 27.43 12.63 -30.65
CA ASP F 307 28.00 13.24 -31.85
C ASP F 307 28.96 14.37 -31.54
N ILE F 308 28.61 15.19 -30.55
CA ILE F 308 29.45 16.33 -30.18
C ILE F 308 30.81 15.84 -29.65
N GLY F 309 30.79 14.94 -28.69
CA GLY F 309 32.03 14.45 -28.11
C GLY F 309 32.79 13.42 -28.95
N GLU F 310 32.13 12.75 -29.88
CA GLU F 310 32.82 11.70 -30.65
C GLU F 310 33.21 12.12 -32.07
N TYR F 311 32.58 13.16 -32.62
CA TYR F 311 32.88 13.65 -33.98
C TYR F 311 33.10 15.17 -34.02
N GLY F 312 32.24 15.88 -33.30
CA GLY F 312 32.40 17.35 -33.15
C GLY F 312 31.49 18.13 -34.08
N ALA F 313 30.62 18.97 -33.51
CA ALA F 313 29.73 19.83 -34.28
C ALA F 313 30.50 20.86 -35.10
N GLY F 314 31.76 21.12 -34.73
CA GLY F 314 32.61 22.02 -35.50
C GLY F 314 33.27 21.26 -36.63
N TYR F 315 33.94 20.15 -36.30
CA TYR F 315 34.57 19.33 -37.33
C TYR F 315 33.60 18.85 -38.42
N MET F 316 32.35 18.56 -38.03
N MET F 316 32.35 18.58 -38.04
CA MET F 316 31.32 18.06 -38.96
CA MET F 316 31.35 18.07 -38.96
C MET F 316 30.56 19.16 -39.70
C MET F 316 30.51 19.15 -39.63
N THR F 317 30.88 20.41 -39.42
CA THR F 317 30.03 21.52 -39.89
C THR F 317 30.12 21.72 -41.41
N ASN F 318 28.96 22.02 -42.03
CA ASN F 318 28.87 22.22 -43.49
C ASN F 318 29.29 23.63 -43.88
N PRO F 319 30.08 23.79 -44.97
CA PRO F 319 30.16 25.13 -45.55
C PRO F 319 28.79 25.52 -46.10
N LEU F 320 28.30 26.70 -45.71
CA LEU F 320 26.89 27.06 -45.94
C LEU F 320 26.55 27.81 -47.22
N SER F 321 27.48 28.55 -47.81
CA SER F 321 27.11 29.47 -48.90
C SER F 321 26.25 28.79 -49.99
N LEU F 322 26.60 27.56 -50.34
CA LEU F 322 25.89 26.82 -51.39
C LEU F 322 24.60 26.19 -50.88
N GLY F 323 23.48 26.87 -51.12
CA GLY F 323 22.16 26.39 -50.69
C GLY F 323 20.99 26.88 -51.55
N CYS F 324 20.36 27.99 -51.19
CA CYS F 324 20.73 28.80 -50.04
CA CYS F 324 20.76 28.77 -50.03
C CYS F 324 20.30 28.12 -48.74
N ASP F 325 21.29 27.73 -47.94
CA ASP F 325 21.08 27.25 -46.60
C ASP F 325 20.53 28.41 -45.79
N CYS F 326 21.01 29.60 -46.11
CA CYS F 326 20.64 30.81 -45.40
C CYS F 326 20.17 31.85 -46.38
N LYS F 327 18.97 32.37 -46.14
CA LYS F 327 18.33 33.29 -47.06
C LYS F 327 18.39 34.70 -46.52
N GLY F 328 18.69 35.66 -47.38
CA GLY F 328 18.75 37.07 -47.00
C GLY F 328 20.16 37.62 -47.00
N VAL F 329 20.36 38.68 -46.21
CA VAL F 329 21.64 39.37 -46.17
C VAL F 329 22.44 38.78 -45.02
N ILE F 330 23.49 38.04 -45.38
CA ILE F 330 24.18 37.18 -44.42
C ILE F 330 25.60 37.66 -44.07
N HIS F 331 25.92 37.65 -42.78
CA HIS F 331 27.33 37.79 -42.34
C HIS F 331 27.83 36.37 -42.02
N TYR F 332 28.89 35.94 -42.68
CA TYR F 332 29.43 34.59 -42.47
C TYR F 332 30.68 34.62 -41.60
N LEU F 333 30.89 33.54 -40.86
CA LEU F 333 32.17 33.26 -40.22
C LEU F 333 32.76 31.95 -40.76
N ASP F 334 34.08 31.91 -40.87
CA ASP F 334 34.81 30.69 -41.22
C ASP F 334 35.30 30.01 -39.95
N ALA F 335 35.47 28.68 -40.02
CA ALA F 335 36.02 27.91 -38.89
C ALA F 335 37.44 27.46 -39.24
N HIS F 336 38.32 27.46 -38.24
CA HIS F 336 39.70 27.02 -38.41
C HIS F 336 40.10 25.94 -37.43
N PHE F 337 40.63 24.84 -37.97
CA PHE F 337 41.05 23.67 -37.19
C PHE F 337 42.46 23.27 -37.60
N SER F 338 43.00 22.24 -36.96
CA SER F 338 44.23 21.59 -37.41
C SER F 338 43.92 20.25 -38.08
N ASP F 339 44.70 19.89 -39.10
CA ASP F 339 44.66 18.52 -39.60
C ASP F 339 45.70 17.68 -38.88
N ARG F 340 45.79 16.41 -39.26
CA ARG F 340 46.66 15.44 -38.59
C ARG F 340 48.13 15.88 -38.69
N ALA F 341 48.49 16.46 -39.84
CA ALA F 341 49.85 16.95 -40.04
C ALA F 341 50.20 18.22 -39.23
N GLY F 342 49.19 18.90 -38.70
CA GLY F 342 49.42 20.10 -37.90
C GLY F 342 49.27 21.39 -38.70
N ASP F 343 48.73 21.26 -39.90
CA ASP F 343 48.49 22.42 -40.75
C ASP F 343 47.06 22.90 -40.57
N PRO F 344 46.86 24.24 -40.55
CA PRO F 344 45.50 24.75 -40.41
C PRO F 344 44.60 24.35 -41.57
N ILE F 345 43.36 24.02 -41.27
CA ILE F 345 42.36 23.85 -42.30
C ILE F 345 41.20 24.81 -42.04
N THR F 346 40.48 25.14 -43.11
CA THR F 346 39.40 26.14 -43.03
C THR F 346 38.11 25.54 -43.55
N VAL F 347 37.03 25.76 -42.81
CA VAL F 347 35.70 25.49 -43.33
C VAL F 347 35.07 26.86 -43.57
N LYS F 348 34.89 27.20 -44.85
CA LYS F 348 34.39 28.52 -45.24
C LYS F 348 32.90 28.60 -44.92
N ASN F 349 32.46 29.76 -44.44
CA ASN F 349 31.04 30.00 -44.25
C ASN F 349 30.43 28.94 -43.31
N ALA F 350 31.10 28.70 -42.19
CA ALA F 350 30.67 27.69 -41.20
C ALA F 350 29.47 28.19 -40.40
N VAL F 351 29.44 29.48 -40.16
CA VAL F 351 28.35 30.09 -39.37
C VAL F 351 27.67 31.19 -40.19
N CYS F 352 26.35 31.23 -40.08
CA CYS F 352 25.49 32.23 -40.73
CA CYS F 352 25.52 32.23 -40.75
C CYS F 352 24.91 33.14 -39.69
N ILE F 353 25.00 34.45 -39.92
CA ILE F 353 24.42 35.42 -39.02
C ILE F 353 23.52 36.33 -39.82
N HIS F 354 22.25 36.42 -39.44
CA HIS F 354 21.32 37.30 -40.15
C HIS F 354 20.11 37.68 -39.33
N GLU F 355 19.41 38.73 -39.76
CA GLU F 355 18.20 39.11 -39.09
C GLU F 355 17.02 38.84 -40.02
N GLU F 356 15.88 38.48 -39.43
CA GLU F 356 14.71 38.00 -40.19
C GLU F 356 13.43 38.53 -39.55
N ASP F 357 12.39 38.76 -40.35
CA ASP F 357 11.06 39.00 -39.81
C ASP F 357 10.62 37.79 -38.99
N ASP F 358 9.94 38.06 -37.87
CA ASP F 358 9.50 36.95 -37.01
C ASP F 358 8.02 37.11 -36.60
N GLY F 359 7.19 37.59 -37.53
CA GLY F 359 5.77 37.76 -37.26
C GLY F 359 5.48 38.94 -36.35
N LEU F 360 4.37 38.87 -35.62
CA LEU F 360 3.99 39.97 -34.73
C LEU F 360 4.77 39.93 -33.44
N LEU F 361 5.20 41.10 -32.98
CA LEU F 361 5.81 41.22 -31.67
C LEU F 361 4.71 41.46 -30.62
N PHE F 362 3.78 42.37 -30.94
CA PHE F 362 2.61 42.62 -30.12
C PHE F 362 1.57 43.45 -30.88
N LYS F 363 0.35 43.41 -30.39
CA LYS F 363 -0.75 44.10 -31.03
C LYS F 363 -1.85 44.29 -29.99
N HIS F 364 -2.52 45.45 -30.05
CA HIS F 364 -3.77 45.60 -29.36
C HIS F 364 -4.62 46.65 -30.04
N SER F 365 -5.91 46.34 -30.16
CA SER F 365 -6.89 47.28 -30.71
C SER F 365 -8.09 47.42 -29.78
N ASP F 366 -8.75 48.57 -29.84
CA ASP F 366 -9.91 48.88 -28.98
C ASP F 366 -11.23 48.59 -29.72
N PHE F 367 -12.04 47.69 -29.18
CA PHE F 367 -13.34 47.36 -29.79
C PHE F 367 -14.29 48.54 -29.87
N ARG F 368 -14.06 49.56 -29.03
CA ARG F 368 -15.02 50.66 -28.85
C ARG F 368 -15.20 51.51 -30.10
N ASP F 369 -14.16 51.59 -30.93
CA ASP F 369 -14.25 52.28 -32.22
C ASP F 369 -13.97 51.33 -33.38
N ASN F 370 -14.43 50.09 -33.22
CA ASN F 370 -14.29 49.08 -34.26
C ASN F 370 -12.83 48.84 -34.65
N PHE F 371 -11.94 48.99 -33.67
CA PHE F 371 -10.53 48.67 -33.83
C PHE F 371 -9.76 49.75 -34.59
N ALA F 372 -10.34 50.94 -34.73
CA ALA F 372 -9.61 52.07 -35.29
C ALA F 372 -8.46 52.51 -34.40
N THR F 373 -8.67 52.43 -33.08
CA THR F 373 -7.57 52.59 -32.13
C THR F 373 -6.81 51.26 -32.15
N SER F 374 -5.57 51.32 -32.58
CA SER F 374 -4.80 50.10 -32.76
C SER F 374 -3.31 50.39 -32.76
N LEU F 375 -2.53 49.47 -32.19
CA LEU F 375 -1.08 49.53 -32.34
C LEU F 375 -0.60 48.14 -32.68
N VAL F 376 0.27 48.06 -33.68
CA VAL F 376 0.83 46.78 -34.12
C VAL F 376 2.31 46.99 -34.34
N THR F 377 3.13 46.09 -33.81
CA THR F 377 4.57 46.12 -34.05
C THR F 377 5.05 44.74 -34.49
N ARG F 378 5.71 44.68 -35.65
CA ARG F 378 6.29 43.41 -36.17
C ARG F 378 7.60 43.10 -35.48
N ALA F 379 7.89 41.81 -35.34
CA ALA F 379 9.09 41.31 -34.67
C ALA F 379 10.20 41.07 -35.67
N THR F 380 11.42 41.33 -35.22
CA THR F 380 12.63 40.92 -35.92
C THR F 380 13.38 39.96 -35.01
N LYS F 381 13.98 38.91 -35.60
CA LYS F 381 14.84 38.02 -34.81
C LYS F 381 16.25 38.02 -35.41
N LEU F 382 17.24 37.76 -34.56
CA LEU F 382 18.61 37.61 -34.99
C LEU F 382 18.98 36.14 -34.88
N VAL F 383 19.52 35.57 -35.95
CA VAL F 383 19.78 34.13 -36.01
C VAL F 383 21.26 33.89 -36.26
N VAL F 384 21.87 33.06 -35.41
CA VAL F 384 23.25 32.61 -35.57
C VAL F 384 23.15 31.10 -35.75
N SER F 385 23.57 30.59 -36.91
CA SER F 385 23.26 29.21 -37.24
CA SER F 385 23.24 29.22 -37.30
C SER F 385 24.42 28.45 -37.90
N GLN F 386 24.38 27.13 -37.79
CA GLN F 386 25.30 26.24 -38.48
C GLN F 386 24.51 24.98 -38.86
N ILE F 387 25.06 24.18 -39.75
CA ILE F 387 24.45 22.86 -40.04
C ILE F 387 25.62 21.90 -40.01
N PHE F 388 25.50 20.81 -39.25
CA PHE F 388 26.55 19.81 -39.27
C PHE F 388 26.01 18.46 -39.71
N THR F 389 26.88 17.63 -40.31
CA THR F 389 26.48 16.33 -40.84
C THR F 389 27.26 15.25 -40.12
N ALA F 390 26.54 14.32 -39.50
CA ALA F 390 27.15 13.19 -38.82
C ALA F 390 26.75 11.95 -39.60
N ALA F 391 27.57 11.62 -40.61
CA ALA F 391 27.29 10.51 -41.56
C ALA F 391 25.94 10.72 -42.24
N ASN F 392 24.91 10.02 -41.76
CA ASN F 392 23.58 10.05 -42.39
C ASN F 392 22.73 11.26 -41.96
N GLU F 394 21.75 15.15 -40.53
CA GLU F 394 21.97 16.62 -40.58
C GLU F 394 21.27 17.28 -39.40
N TYR F 395 22.03 18.08 -38.66
CA TYR F 395 21.49 18.85 -37.55
C TYR F 395 21.65 20.32 -37.92
N CYS F 396 20.52 21.02 -38.06
CA CYS F 396 20.55 22.44 -38.36
C CYS F 396 20.28 23.16 -37.05
N LEU F 397 21.23 24.00 -36.63
CA LEU F 397 21.16 24.61 -35.31
C LEU F 397 20.99 26.11 -35.48
N TYR F 398 19.99 26.68 -34.80
CA TYR F 398 19.71 28.12 -34.91
C TYR F 398 19.63 28.72 -33.53
N TRP F 399 20.58 29.62 -33.20
CA TRP F 399 20.50 30.38 -31.96
C TRP F 399 19.77 31.68 -32.28
N VAL F 400 18.67 31.92 -31.58
CA VAL F 400 17.74 32.98 -31.97
C VAL F 400 17.55 34.02 -30.85
N PHE F 401 17.87 35.28 -31.15
CA PHE F 401 17.66 36.36 -30.20
C PHE F 401 16.40 37.13 -30.61
N MET F 402 15.56 37.45 -29.63
CA MET F 402 14.29 38.10 -29.93
CA MET F 402 14.25 38.05 -29.87
C MET F 402 14.11 39.42 -29.19
N GLN F 403 13.23 40.25 -29.72
CA GLN F 403 13.10 41.64 -29.26
C GLN F 403 12.34 41.82 -27.95
N ASP F 404 11.74 40.73 -27.47
CA ASP F 404 11.17 40.72 -26.12
C ASP F 404 12.23 40.34 -25.06
N GLY F 405 13.48 40.19 -25.51
CA GLY F 405 14.59 39.82 -24.62
C GLY F 405 14.79 38.31 -24.45
N ALA F 406 13.96 37.51 -25.11
CA ALA F 406 14.08 36.04 -25.04
C ALA F 406 15.16 35.51 -25.98
N ILE F 407 15.73 34.38 -25.63
CA ILE F 407 16.71 33.68 -26.46
C ILE F 407 16.15 32.27 -26.67
N ARG F 408 16.16 31.81 -27.92
CA ARG F 408 15.57 30.52 -28.29
C ARG F 408 16.63 29.69 -28.98
N LEU F 409 16.56 28.36 -28.81
CA LEU F 409 17.35 27.47 -29.65
C LEU F 409 16.36 26.66 -30.44
N ASP F 410 16.48 26.74 -31.76
CA ASP F 410 15.70 25.91 -32.69
C ASP F 410 16.63 24.93 -33.35
N ILE F 411 16.20 23.66 -33.45
CA ILE F 411 16.97 22.64 -34.16
C ILE F 411 16.03 22.03 -35.18
N ARG F 412 16.56 21.78 -36.37
CA ARG F 412 15.84 20.98 -37.35
C ARG F 412 16.72 19.80 -37.71
N LEU F 413 16.14 18.62 -37.59
CA LEU F 413 16.80 17.35 -37.92
C LEU F 413 16.35 16.97 -39.30
N THR F 414 17.33 16.71 -40.16
CA THR F 414 17.03 16.20 -41.49
C THR F 414 18.11 15.17 -41.85
N GLY F 415 18.29 14.90 -43.13
CA GLY F 415 19.26 13.87 -43.54
C GLY F 415 18.54 12.57 -43.76
N ILE F 416 19.22 11.47 -43.47
CA ILE F 416 18.73 10.16 -43.84
C ILE F 416 18.70 9.27 -42.63
N LEU F 417 17.66 8.42 -42.55
CA LEU F 417 17.56 7.42 -41.51
C LEU F 417 18.75 6.47 -41.52
N ASN F 418 19.25 6.11 -40.33
CA ASN F 418 20.15 4.97 -40.27
C ASN F 418 19.31 3.74 -40.54
N THR F 419 19.80 2.88 -41.42
CA THR F 419 19.05 1.69 -41.76
C THR F 419 19.90 0.43 -41.60
N TYR F 420 19.22 -0.67 -41.37
CA TYR F 420 19.85 -1.96 -41.29
C TYR F 420 19.01 -2.88 -42.19
N ILE F 421 19.58 -4.01 -42.59
CA ILE F 421 18.90 -4.89 -43.53
C ILE F 421 17.76 -5.67 -42.87
N LEU F 422 16.72 -5.93 -43.66
CA LEU F 422 15.58 -6.65 -43.17
C LEU F 422 15.35 -7.77 -44.16
N GLY F 423 15.27 -9.00 -43.67
CA GLY F 423 14.94 -10.13 -44.54
C GLY F 423 13.52 -10.06 -45.11
N ASP F 424 13.30 -10.75 -46.24
CA ASP F 424 11.99 -10.75 -46.92
C ASP F 424 10.83 -11.08 -45.97
N ASP F 425 11.04 -12.04 -45.09
CA ASP F 425 9.98 -12.51 -44.19
C ASP F 425 10.15 -12.02 -42.76
N GLU F 426 11.14 -11.13 -42.55
CA GLU F 426 11.46 -10.62 -41.23
C GLU F 426 10.57 -9.43 -40.85
N GLU F 427 10.07 -9.42 -39.62
CA GLU F 427 9.30 -8.29 -39.09
C GLU F 427 10.25 -7.27 -38.44
N ALA F 428 10.06 -5.99 -38.75
CA ALA F 428 10.92 -4.94 -38.20
C ALA F 428 10.51 -4.57 -36.79
N GLY F 429 9.20 -4.58 -36.52
CA GLY F 429 8.71 -4.14 -35.21
C GLY F 429 9.07 -5.19 -34.17
N PRO F 430 9.05 -4.82 -32.89
CA PRO F 430 8.67 -3.53 -32.33
C PRO F 430 9.80 -2.50 -32.30
N TRP F 431 11.02 -2.89 -32.73
CA TRP F 431 12.20 -2.02 -32.54
C TRP F 431 12.53 -1.12 -33.72
N GLY F 432 11.81 -1.32 -34.84
CA GLY F 432 12.06 -0.54 -36.04
C GLY F 432 10.90 -0.60 -37.00
N THR F 433 11.05 0.08 -38.14
CA THR F 433 10.00 0.18 -39.14
C THR F 433 10.52 -0.23 -40.51
N ARG F 434 9.71 -1.00 -41.26
CA ARG F 434 10.06 -1.32 -42.63
C ARG F 434 9.69 -0.09 -43.45
N VAL F 435 10.69 0.75 -43.75
CA VAL F 435 10.43 1.99 -44.47
C VAL F 435 10.52 1.88 -46.01
N TYR F 436 11.00 0.73 -46.47
CA TYR F 436 11.25 0.43 -47.88
C TYR F 436 11.53 -1.07 -47.89
N PRO F 437 11.24 -1.77 -48.99
CA PRO F 437 11.49 -3.21 -48.90
C PRO F 437 12.94 -3.56 -48.52
N ASN F 438 13.07 -4.52 -47.61
CA ASN F 438 14.33 -5.02 -47.06
C ASN F 438 15.09 -3.97 -46.25
N VAL F 439 14.37 -2.93 -45.80
CA VAL F 439 15.01 -1.86 -45.01
C VAL F 439 14.36 -1.73 -43.65
N ASN F 440 15.17 -1.86 -42.60
CA ASN F 440 14.71 -1.68 -41.21
C ASN F 440 15.34 -0.40 -40.64
N ALA F 441 14.49 0.58 -40.35
CA ALA F 441 14.96 1.80 -39.70
C ALA F 441 14.59 1.70 -38.21
N HIS F 442 15.62 1.53 -37.39
CA HIS F 442 15.48 1.26 -35.97
C HIS F 442 15.01 2.50 -35.23
N ASN F 443 14.24 2.27 -34.17
CA ASN F 443 13.84 3.33 -33.24
C ASN F 443 15.08 3.94 -32.59
N HIS F 444 15.02 5.24 -32.31
CA HIS F 444 16.12 5.91 -31.59
C HIS F 444 15.64 7.22 -31.00
N GLN F 445 16.39 7.74 -30.03
CA GLN F 445 16.18 9.09 -29.50
C GLN F 445 17.30 10.01 -29.96
N HIS F 446 17.02 11.31 -30.05
CA HIS F 446 18.08 12.30 -30.26
C HIS F 446 18.04 13.18 -29.01
N LEU F 447 19.10 13.12 -28.21
CA LEU F 447 19.12 13.90 -26.96
C LEU F 447 20.31 14.85 -26.96
N PHE F 448 20.11 16.02 -26.38
CA PHE F 448 21.09 17.10 -26.43
C PHE F 448 21.30 17.63 -25.03
N SER F 449 22.51 18.08 -24.74
CA SER F 449 22.80 18.67 -23.42
C SER F 449 23.16 20.15 -23.63
N LEU F 450 22.21 21.02 -23.32
CA LEU F 450 22.41 22.47 -23.41
C LEU F 450 23.14 22.89 -22.14
N ARG F 451 24.25 23.60 -22.28
CA ARG F 451 25.01 24.04 -21.12
C ARG F 451 24.90 25.56 -20.99
N ILE F 452 24.32 25.98 -19.86
CA ILE F 452 24.16 27.42 -19.56
C ILE F 452 25.04 27.78 -18.37
N ASP F 453 25.92 28.75 -18.59
CA ASP F 453 26.69 29.34 -17.49
C ASP F 453 26.04 30.71 -17.28
N PRO F 454 25.14 30.80 -16.29
CA PRO F 454 24.33 32.02 -16.14
C PRO F 454 25.04 33.12 -15.37
N ARG F 455 24.58 34.34 -15.61
CA ARG F 455 25.05 35.50 -14.86
C ARG F 455 23.87 36.44 -14.82
N ILE F 456 22.75 35.97 -14.27
CA ILE F 456 21.49 36.65 -14.39
C ILE F 456 21.52 37.97 -13.62
N ASP F 457 21.56 39.08 -14.36
CA ASP F 457 21.61 40.42 -13.73
C ASP F 457 22.82 40.52 -12.81
N GLY F 458 23.86 39.75 -13.13
CA GLY F 458 25.11 39.77 -12.40
C GLY F 458 25.39 38.48 -11.63
N ASP F 459 26.28 38.55 -10.65
CA ASP F 459 26.85 37.39 -9.97
C ASP F 459 26.06 36.93 -8.75
N GLY F 460 26.03 35.62 -8.56
CA GLY F 460 25.27 35.00 -7.48
C GLY F 460 23.90 34.62 -8.00
N ASN F 461 23.76 33.39 -8.47
CA ASN F 461 22.51 32.92 -9.09
C ASN F 461 22.01 31.65 -8.40
N SER F 462 20.74 31.31 -8.64
CA SER F 462 20.17 30.07 -8.11
C SER F 462 19.26 29.53 -9.19
N ALA F 463 18.78 28.30 -9.02
CA ALA F 463 17.84 27.75 -9.98
C ALA F 463 16.68 27.12 -9.23
N ALA F 464 15.56 26.93 -9.92
CA ALA F 464 14.36 26.40 -9.28
C ALA F 464 13.49 25.72 -10.32
N ALA F 465 12.64 24.81 -9.87
CA ALA F 465 11.57 24.27 -10.69
C ALA F 465 10.30 25.01 -10.32
N CYS F 466 9.46 25.26 -11.31
CA CYS F 466 8.20 25.98 -11.14
C CYS F 466 7.08 25.05 -11.60
N ASP F 467 6.15 24.73 -10.70
CA ASP F 467 5.10 23.75 -11.00
C ASP F 467 3.72 24.38 -10.78
N ALA F 468 2.87 24.34 -11.80
CA ALA F 468 1.49 24.84 -11.63
C ALA F 468 0.70 23.85 -10.79
N LYS F 469 0.03 24.37 -9.76
CA LYS F 469 -0.79 23.51 -8.88
C LYS F 469 -2.12 24.13 -8.48
N SER F 470 -3.16 23.30 -8.41
CA SER F 470 -4.40 23.73 -7.82
C SER F 470 -4.15 24.05 -6.35
N SER F 471 -4.91 25.00 -5.82
CA SER F 471 -4.91 25.24 -4.39
C SER F 471 -5.17 23.93 -3.66
N PRO F 472 -4.48 23.71 -2.52
CA PRO F 472 -4.78 22.50 -1.76
C PRO F 472 -6.13 22.54 -1.05
N TYR F 473 -6.74 23.73 -0.95
CA TYR F 473 -8.07 23.82 -0.32
C TYR F 473 -9.16 23.28 -1.24
N PRO F 474 -10.13 22.55 -0.67
CA PRO F 474 -11.12 21.89 -1.51
C PRO F 474 -12.18 22.83 -2.06
N LEU F 475 -12.85 22.37 -3.09
CA LEU F 475 -14.05 23.03 -3.60
C LEU F 475 -15.02 23.27 -2.44
N GLY F 476 -15.57 24.48 -2.35
CA GLY F 476 -16.57 24.79 -1.32
C GLY F 476 -16.04 25.25 0.02
N SER F 477 -14.73 25.29 0.18
CA SER F 477 -14.08 25.84 1.38
C SER F 477 -14.08 27.37 1.27
N PRO F 478 -14.00 28.07 2.40
CA PRO F 478 -13.91 29.53 2.33
C PRO F 478 -12.72 30.01 1.50
N GLU F 479 -11.65 29.21 1.49
CA GLU F 479 -10.39 29.54 0.80
C GLU F 479 -10.44 29.32 -0.73
N ASN F 480 -11.39 28.50 -1.18
CA ASN F 480 -11.44 28.11 -2.59
C ASN F 480 -12.89 27.75 -2.93
N MET F 481 -13.80 28.70 -2.69
CA MET F 481 -15.24 28.41 -2.76
C MET F 481 -15.66 27.74 -4.06
N TYR F 482 -15.20 28.26 -5.19
CA TYR F 482 -15.65 27.72 -6.48
C TYR F 482 -14.62 26.79 -7.12
N GLY F 483 -13.59 26.42 -6.35
CA GLY F 483 -12.60 25.42 -6.76
C GLY F 483 -11.66 25.81 -7.89
N ASN F 484 -11.59 27.11 -8.19
CA ASN F 484 -10.78 27.60 -9.33
C ASN F 484 -9.36 28.06 -8.98
N ALA F 485 -9.04 28.17 -7.70
CA ALA F 485 -7.74 28.75 -7.32
C ALA F 485 -6.55 27.90 -7.76
N PHE F 486 -5.53 28.56 -8.31
CA PHE F 486 -4.29 27.84 -8.60
C PHE F 486 -3.09 28.76 -8.53
N TYR F 487 -1.91 28.17 -8.36
CA TYR F 487 -0.72 28.97 -8.13
C TYR F 487 0.50 28.30 -8.74
N SER F 488 1.64 28.99 -8.70
CA SER F 488 2.90 28.41 -9.15
C SER F 488 3.76 28.11 -7.94
N GLU F 489 4.07 26.83 -7.74
CA GLU F 489 4.94 26.38 -6.66
C GLU F 489 6.40 26.40 -7.13
N LYS F 490 7.19 27.22 -6.47
CA LYS F 490 8.60 27.35 -6.80
C LYS F 490 9.44 26.55 -5.82
N THR F 491 10.19 25.58 -6.34
CA THR F 491 11.10 24.80 -5.50
C THR F 491 12.52 25.22 -5.85
N THR F 492 13.13 26.03 -4.99
CA THR F 492 14.49 26.48 -5.18
C THR F 492 15.46 25.37 -4.81
N PHE F 493 16.41 25.11 -5.69
CA PHE F 493 17.38 24.03 -5.48
C PHE F 493 18.45 24.52 -4.51
N LYS F 494 18.62 23.83 -3.38
CA LYS F 494 19.63 24.25 -2.40
C LYS F 494 20.95 23.51 -2.64
N THR F 495 20.84 22.21 -2.94
CA THR F 495 22.04 21.41 -3.24
C THR F 495 21.90 20.74 -4.58
N VAL F 496 23.02 20.24 -5.09
CA VAL F 496 23.01 19.61 -6.40
C VAL F 496 21.90 18.55 -6.54
N LYS F 497 21.76 17.65 -5.57
CA LYS F 497 20.74 16.61 -5.65
C LYS F 497 19.33 17.16 -5.87
N ASP F 498 19.02 18.30 -5.27
CA ASP F 498 17.71 18.90 -5.43
C ASP F 498 17.41 19.25 -6.89
N SER F 499 18.46 19.51 -7.68
CA SER F 499 18.27 20.01 -9.05
C SER F 499 17.91 18.96 -10.06
N LEU F 500 18.17 17.70 -9.69
CA LEU F 500 18.09 16.59 -10.64
C LEU F 500 16.62 16.30 -10.86
N THR F 501 16.09 16.97 -11.87
CA THR F 501 14.63 17.03 -12.09
C THR F 501 14.24 16.79 -13.55
N ASN F 502 13.03 16.27 -13.73
CA ASN F 502 12.51 16.02 -15.06
C ASN F 502 11.35 16.93 -15.42
N TYR F 503 11.16 17.11 -16.72
CA TYR F 503 9.97 17.84 -17.16
C TYR F 503 8.76 17.02 -16.67
N GLU F 504 7.70 17.72 -16.28
CA GLU F 504 6.46 17.08 -15.83
C GLU F 504 5.27 17.75 -16.49
N SER F 505 4.55 16.99 -17.34
CA SER F 505 3.37 17.53 -17.98
C SER F 505 2.28 17.83 -16.95
N ALA F 506 2.25 17.06 -15.86
CA ALA F 506 1.20 17.20 -14.83
C ALA F 506 1.17 18.58 -14.20
N THR F 507 2.31 19.27 -14.20
CA THR F 507 2.43 20.59 -13.57
C THR F 507 2.90 21.63 -14.59
N GLY F 508 3.04 21.23 -15.85
CA GLY F 508 3.62 22.11 -16.89
C GLY F 508 4.91 22.79 -16.41
N ARG F 509 5.80 21.97 -15.86
CA ARG F 509 7.01 22.43 -15.21
C ARG F 509 7.87 23.32 -16.10
N SER F 510 8.37 24.41 -15.52
CA SER F 510 9.42 25.19 -16.15
C SER F 510 10.51 25.35 -15.10
N TRP F 511 11.66 25.91 -15.50
CA TRP F 511 12.72 26.15 -14.53
C TRP F 511 13.14 27.60 -14.59
N ASP F 512 13.50 28.14 -13.44
CA ASP F 512 13.99 29.52 -13.37
C ASP F 512 15.46 29.51 -13.07
N ILE F 513 16.18 30.44 -13.68
CA ILE F 513 17.53 30.75 -13.23
C ILE F 513 17.44 32.23 -12.80
N PHE F 514 17.80 32.50 -11.56
CA PHE F 514 17.45 33.81 -11.01
C PHE F 514 18.54 34.37 -10.12
N ASN F 515 18.45 35.67 -9.84
CA ASN F 515 19.43 36.32 -8.97
C ASN F 515 18.74 36.66 -7.63
N PRO F 516 19.01 35.88 -6.58
CA PRO F 516 18.31 36.08 -5.28
C PRO F 516 18.79 37.33 -4.54
N ASN F 517 19.79 38.00 -5.09
CA ASN F 517 20.34 39.23 -4.49
C ASN F 517 19.62 40.49 -4.92
N LYS F 518 18.67 40.32 -5.83
CA LYS F 518 17.97 41.44 -6.43
C LYS F 518 16.47 41.18 -6.45
N VAL F 519 15.68 42.26 -6.60
CA VAL F 519 14.21 42.17 -6.57
CA VAL F 519 14.22 42.14 -6.63
C VAL F 519 13.60 43.08 -7.63
N ASN F 520 12.60 42.58 -8.35
CA ASN F 520 11.84 43.40 -9.26
C ASN F 520 10.98 44.32 -8.40
N PRO F 521 11.08 45.66 -8.58
CA PRO F 521 10.34 46.58 -7.69
C PRO F 521 8.84 46.58 -7.86
N TYR F 522 8.36 46.03 -8.98
CA TYR F 522 6.93 45.88 -9.17
C TYR F 522 6.41 44.56 -8.57
N SER F 523 6.93 43.43 -9.04
CA SER F 523 6.37 42.15 -8.61
C SER F 523 6.92 41.61 -7.30
N GLY F 524 8.07 42.11 -6.86
CA GLY F 524 8.71 41.60 -5.63
C GLY F 524 9.47 40.29 -5.78
N LYS F 525 9.57 39.80 -7.01
CA LYS F 525 10.24 38.53 -7.31
C LYS F 525 11.63 38.83 -7.87
N PRO F 526 12.57 37.86 -7.73
CA PRO F 526 13.92 38.08 -8.25
C PRO F 526 13.94 38.09 -9.78
N PRO F 527 14.87 38.85 -10.37
CA PRO F 527 14.98 38.84 -11.82
C PRO F 527 15.41 37.44 -12.27
N SER F 528 14.79 36.95 -13.34
CA SER F 528 15.06 35.58 -13.81
C SER F 528 15.00 35.48 -15.32
N TYR F 529 15.62 34.41 -15.84
CA TYR F 529 15.28 33.86 -17.15
C TYR F 529 14.64 32.51 -16.86
N LYS F 530 13.55 32.22 -17.56
CA LYS F 530 12.80 30.98 -17.33
C LYS F 530 13.00 30.09 -18.54
N LEU F 531 13.38 28.85 -18.27
CA LEU F 531 13.53 27.84 -19.30
C LEU F 531 12.16 27.25 -19.56
N VAL F 532 11.69 27.44 -20.79
CA VAL F 532 10.42 26.88 -21.21
C VAL F 532 10.74 25.84 -22.28
N SER F 533 10.56 24.58 -21.91
CA SER F 533 11.06 23.47 -22.72
C SER F 533 10.19 22.25 -22.46
N THR F 534 9.46 21.79 -23.51
CA THR F 534 8.59 20.62 -23.33
C THR F 534 9.04 19.39 -24.11
N GLN F 535 9.95 19.57 -25.06
CA GLN F 535 10.50 18.43 -25.79
C GLN F 535 11.62 17.83 -24.94
N CYS F 536 11.19 17.11 -23.91
CA CYS F 536 12.07 16.60 -22.87
C CYS F 536 11.75 15.13 -22.65
N PRO F 537 12.27 14.26 -23.52
CA PRO F 537 11.95 12.83 -23.43
C PRO F 537 12.62 12.22 -22.21
N PRO F 538 12.01 11.17 -21.65
CA PRO F 538 12.73 10.40 -20.65
C PRO F 538 13.82 9.66 -21.40
N LEU F 539 14.92 9.34 -20.73
CA LEU F 539 15.89 8.44 -21.31
C LEU F 539 15.31 7.05 -21.24
N LEU F 540 15.13 6.43 -22.40
CA LEU F 540 14.41 5.16 -22.45
C LEU F 540 15.32 3.99 -22.08
N ALA F 541 16.61 4.10 -22.37
CA ALA F 541 17.56 3.09 -21.90
C ALA F 541 17.54 2.97 -20.37
N LYS F 542 17.69 1.75 -19.87
CA LYS F 542 17.53 1.48 -18.43
C LYS F 542 18.70 2.00 -17.61
N GLU F 543 18.47 2.18 -16.31
CA GLU F 543 19.56 2.40 -15.37
C GLU F 543 20.59 1.30 -15.50
N GLY F 544 21.86 1.69 -15.55
CA GLY F 544 22.94 0.71 -15.66
C GLY F 544 23.23 0.27 -17.08
N SER F 545 22.44 0.73 -18.04
CA SER F 545 22.71 0.50 -19.46
C SER F 545 23.96 1.24 -19.92
N LEU F 546 24.56 0.77 -21.01
CA LEU F 546 25.70 1.43 -21.62
C LEU F 546 25.38 2.91 -21.93
N VAL F 547 24.20 3.15 -22.49
CA VAL F 547 23.71 4.50 -22.79
C VAL F 547 23.64 5.38 -21.51
N ALA F 548 22.99 4.85 -20.47
CA ALA F 548 22.81 5.65 -19.25
C ALA F 548 24.14 5.91 -18.55
N LYS F 549 25.07 4.95 -18.68
CA LYS F 549 26.38 5.11 -18.02
C LYS F 549 27.27 6.12 -18.76
N ARG F 550 27.23 6.07 -20.09
CA ARG F 550 28.09 6.96 -20.88
C ARG F 550 27.51 8.37 -21.00
N ALA F 551 26.23 8.53 -20.70
CA ALA F 551 25.58 9.85 -20.74
C ALA F 551 24.84 10.15 -19.44
N PRO F 552 25.59 10.29 -18.33
CA PRO F 552 25.01 10.47 -16.99
C PRO F 552 24.10 11.70 -16.93
N TRP F 553 24.37 12.69 -17.78
CA TRP F 553 23.53 13.89 -17.86
C TRP F 553 22.14 13.65 -18.45
N ALA F 554 21.99 12.59 -19.23
CA ALA F 554 20.75 12.39 -20.01
C ALA F 554 19.57 11.84 -19.22
N SER F 555 19.85 11.35 -18.01
CA SER F 555 18.85 10.73 -17.13
CA SER F 555 18.81 10.73 -17.19
C SER F 555 17.92 11.74 -16.49
N HIS F 556 18.31 13.02 -16.49
CA HIS F 556 17.42 14.07 -15.96
C HIS F 556 17.31 15.23 -16.92
N SER F 557 16.16 15.92 -16.90
CA SER F 557 15.95 17.06 -17.80
C SER F 557 16.83 18.20 -17.37
N VAL F 558 17.06 18.32 -16.07
CA VAL F 558 17.90 19.40 -15.56
C VAL F 558 18.94 18.87 -14.56
N ASN F 559 20.17 19.39 -14.66
CA ASN F 559 21.24 19.06 -13.73
C ASN F 559 21.92 20.39 -13.42
N VAL F 560 21.97 20.77 -12.14
CA VAL F 560 22.65 22.04 -11.77
C VAL F 560 23.82 21.73 -10.85
N VAL F 561 25.02 22.20 -11.22
CA VAL F 561 26.23 21.90 -10.44
C VAL F 561 27.02 23.19 -10.20
N PRO F 562 27.89 23.21 -9.17
CA PRO F 562 28.73 24.39 -8.99
C PRO F 562 29.63 24.65 -10.19
N TYR F 563 29.86 25.93 -10.47
CA TYR F 563 30.84 26.32 -11.47
C TYR F 563 32.28 25.95 -11.04
N LYS F 564 33.01 25.29 -11.93
CA LYS F 564 34.48 25.28 -11.91
C LYS F 564 34.98 25.48 -13.33
N ASP F 565 36.20 25.97 -13.47
CA ASP F 565 36.77 26.11 -14.80
C ASP F 565 36.90 24.73 -15.43
N ASN F 566 36.80 24.67 -16.75
CA ASN F 566 36.97 23.44 -17.52
C ASN F 566 35.91 22.38 -17.19
N ARG F 567 34.68 22.83 -16.87
CA ARG F 567 33.54 21.92 -16.73
C ARG F 567 32.63 22.13 -17.94
N LEU F 568 33.11 21.66 -19.08
CA LEU F 568 32.42 21.87 -20.33
C LEU F 568 31.64 20.64 -20.74
N TYR F 569 32.28 19.47 -20.65
CA TYR F 569 31.80 18.29 -21.41
C TYR F 569 31.29 17.18 -20.50
N PRO F 570 29.94 16.99 -20.45
CA PRO F 570 29.34 16.17 -19.39
C PRO F 570 29.50 14.64 -19.51
N SER F 571 29.96 14.15 -20.66
CA SER F 571 30.36 12.74 -20.76
C SER F 571 31.89 12.57 -20.69
N GLY F 572 32.58 13.59 -20.19
CA GLY F 572 34.04 13.55 -20.09
C GLY F 572 34.76 14.20 -21.25
N ASP F 573 36.07 14.40 -21.11
CA ASP F 573 36.88 15.05 -22.13
C ASP F 573 37.12 14.18 -23.35
N HIS F 574 37.33 12.88 -23.13
CA HIS F 574 37.63 12.00 -24.24
C HIS F 574 36.58 10.90 -24.26
N VAL F 575 35.61 11.04 -25.15
CA VAL F 575 34.38 10.24 -25.10
C VAL F 575 34.44 8.86 -25.76
N PRO F 576 34.98 8.76 -27.00
CA PRO F 576 34.95 7.43 -27.65
C PRO F 576 35.53 6.33 -26.78
N GLN F 577 34.80 5.21 -26.70
CA GLN F 577 35.22 3.97 -26.05
C GLN F 577 35.30 4.00 -24.53
N TRP F 578 34.88 5.11 -23.92
CA TRP F 578 34.70 5.14 -22.48
C TRP F 578 33.55 4.19 -22.12
N SER F 579 33.77 3.30 -21.16
CA SER F 579 32.69 2.35 -20.77
C SER F 579 31.51 3.00 -20.02
N GLY F 580 31.72 4.20 -19.50
CA GLY F 580 30.74 4.84 -18.62
C GLY F 580 31.00 4.56 -17.14
N ASP F 581 32.04 3.78 -16.83
CA ASP F 581 32.45 3.56 -15.44
C ASP F 581 33.48 4.62 -15.08
N GLY F 582 33.27 5.24 -13.92
CA GLY F 582 34.21 6.21 -13.41
C GLY F 582 33.61 7.55 -13.09
N VAL F 583 34.31 8.28 -12.22
CA VAL F 583 33.85 9.58 -11.77
C VAL F 583 34.46 10.63 -12.67
N ARG F 584 33.73 10.98 -13.73
CA ARG F 584 34.18 12.00 -14.67
C ARG F 584 32.93 12.70 -15.22
N GLY F 585 33.15 13.85 -15.88
CA GLY F 585 32.07 14.62 -16.46
C GLY F 585 30.98 14.90 -15.43
N MET F 586 29.72 14.83 -15.85
CA MET F 586 28.59 15.13 -14.96
C MET F 586 28.58 14.29 -13.68
N ARG F 587 29.03 13.03 -13.75
CA ARG F 587 29.04 12.21 -12.56
C ARG F 587 30.03 12.79 -11.52
N GLU F 588 31.16 13.31 -11.99
CA GLU F 588 32.11 13.95 -11.08
C GLU F 588 31.53 15.24 -10.50
N TRP F 589 30.91 16.04 -11.37
CA TRP F 589 30.40 17.35 -10.94
C TRP F 589 29.26 17.22 -9.95
N ILE F 590 28.42 16.21 -10.12
CA ILE F 590 27.35 15.96 -9.17
C ILE F 590 27.92 15.45 -7.83
N GLY F 591 28.97 14.64 -7.92
CA GLY F 591 29.62 14.09 -6.72
C GLY F 591 28.60 13.38 -5.85
N ASP F 592 28.60 13.69 -4.55
CA ASP F 592 27.63 13.07 -3.64
C ASP F 592 26.30 13.83 -3.57
N GLY F 593 26.18 14.87 -4.40
CA GLY F 593 24.94 15.64 -4.49
C GLY F 593 24.76 16.70 -3.44
N SER F 594 25.74 16.87 -2.55
CA SER F 594 25.57 17.71 -1.37
C SER F 594 26.00 19.15 -1.55
N GLU F 595 26.72 19.46 -2.62
CA GLU F 595 27.31 20.81 -2.74
C GLU F 595 26.25 21.89 -2.95
N ASN F 596 26.49 23.05 -2.35
CA ASN F 596 25.59 24.19 -2.49
C ASN F 596 25.49 24.70 -3.93
N ILE F 597 24.25 24.95 -4.37
CA ILE F 597 24.03 25.64 -5.65
C ILE F 597 23.08 26.84 -5.52
N ASP F 598 22.84 27.26 -4.28
CA ASP F 598 21.97 28.41 -3.98
C ASP F 598 22.83 29.69 -3.81
N ASN F 599 22.55 30.68 -4.64
CA ASN F 599 23.27 31.98 -4.62
C ASN F 599 24.79 31.86 -4.74
N THR F 600 25.21 31.31 -5.86
CA THR F 600 26.62 31.08 -6.11
C THR F 600 26.83 31.01 -7.62
N ASP F 601 28.05 30.64 -8.06
CA ASP F 601 28.34 30.49 -9.47
C ASP F 601 27.94 29.05 -9.80
N ILE F 602 26.98 28.91 -10.72
CA ILE F 602 26.43 27.59 -11.05
C ILE F 602 26.52 27.30 -12.56
N LEU F 603 26.30 26.03 -12.93
CA LEU F 603 26.16 25.63 -14.33
C LEU F 603 24.88 24.82 -14.41
N PHE F 604 24.11 25.09 -15.45
CA PHE F 604 22.76 24.53 -15.63
C PHE F 604 22.81 23.77 -16.94
N PHE F 605 22.72 22.44 -16.83
CA PHE F 605 22.74 21.57 -18.01
C PHE F 605 21.35 21.03 -18.23
N HIS F 606 20.79 21.28 -19.41
CA HIS F 606 19.41 20.85 -19.73
C HIS F 606 19.44 19.79 -20.82
N THR F 607 18.76 18.67 -20.57
CA THR F 607 18.62 17.59 -21.55
C THR F 607 17.27 17.71 -22.26
N PHE F 608 17.29 17.77 -23.58
CA PHE F 608 16.06 17.90 -24.37
C PHE F 608 16.23 17.11 -25.67
N GLY F 609 15.16 16.95 -26.42
CA GLY F 609 15.29 16.25 -27.71
C GLY F 609 14.02 15.50 -28.05
N ILE F 610 14.15 14.45 -28.85
CA ILE F 610 12.98 13.76 -29.35
C ILE F 610 13.18 12.26 -29.36
N THR F 611 12.06 11.54 -29.47
CA THR F 611 12.08 10.09 -29.62
C THR F 611 11.52 9.82 -31.03
N HIS F 612 12.31 9.11 -31.84
CA HIS F 612 11.99 8.95 -33.28
C HIS F 612 11.57 7.51 -33.56
N PHE F 613 10.30 7.33 -33.93
CA PHE F 613 9.80 6.05 -34.45
C PHE F 613 9.64 6.24 -35.96
N PRO F 614 10.61 5.74 -36.73
CA PRO F 614 10.59 6.01 -38.18
C PRO F 614 9.31 5.59 -38.89
N ALA F 615 8.97 6.35 -39.94
CA ALA F 615 7.86 5.97 -40.80
C ALA F 615 8.32 6.20 -42.24
N PRO F 616 7.61 5.63 -43.21
CA PRO F 616 8.04 5.80 -44.61
C PRO F 616 8.18 7.23 -45.08
N GLU F 617 7.41 8.16 -44.51
CA GLU F 617 7.53 9.58 -44.84
C GLU F 617 8.95 10.10 -44.62
N ASP F 618 9.70 9.42 -43.74
CA ASP F 618 11.06 9.86 -43.38
C ASP F 618 12.12 9.40 -44.38
N PHE F 619 11.70 8.58 -45.34
CA PHE F 619 12.60 7.87 -46.28
C PHE F 619 12.25 8.25 -47.73
N PRO F 620 13.25 8.27 -48.64
CA PRO F 620 14.69 8.07 -48.46
C PRO F 620 15.44 9.26 -47.86
N LEU F 621 14.77 10.39 -47.73
CA LEU F 621 15.37 11.61 -47.19
C LEU F 621 14.32 12.22 -46.27
N MET F 622 14.73 12.61 -45.06
CA MET F 622 13.76 12.98 -44.04
C MET F 622 13.37 14.46 -44.06
N PRO F 623 12.06 14.76 -44.10
CA PRO F 623 11.63 16.16 -43.93
C PRO F 623 12.08 16.68 -42.57
N ALA F 624 12.46 17.95 -42.50
CA ALA F 624 12.97 18.50 -41.25
C ALA F 624 11.98 18.29 -40.10
N GLU F 625 12.51 17.83 -38.97
CA GLU F 625 11.75 17.67 -37.73
C GLU F 625 12.24 18.71 -36.72
N PRO F 626 11.32 19.54 -36.21
CA PRO F 626 11.72 20.64 -35.33
C PRO F 626 11.86 20.27 -33.85
N ILE F 627 12.81 20.94 -33.20
CA ILE F 627 12.98 20.88 -31.74
C ILE F 627 13.24 22.32 -31.31
N THR F 628 12.66 22.74 -30.18
CA THR F 628 12.88 24.11 -29.72
C THR F 628 12.82 24.20 -28.21
N LEU F 629 13.52 25.19 -27.67
CA LEU F 629 13.41 25.54 -26.27
C LEU F 629 13.65 27.05 -26.20
N MET F 630 13.19 27.68 -25.12
CA MET F 630 13.35 29.12 -25.01
C MET F 630 13.78 29.49 -23.60
N LEU F 631 14.53 30.58 -23.51
CA LEU F 631 14.88 31.18 -22.21
C LEU F 631 14.27 32.58 -22.23
N ARG F 632 13.25 32.82 -21.39
CA ARG F 632 12.45 34.06 -21.45
C ARG F 632 12.69 34.89 -20.19
N PRO F 633 12.83 36.21 -20.34
CA PRO F 633 12.95 37.03 -19.11
C PRO F 633 11.62 37.03 -18.38
N ARG F 634 11.65 36.75 -17.07
CA ARG F 634 10.45 36.90 -16.24
C ARG F 634 10.87 37.58 -14.95
N HIS F 635 10.26 38.74 -14.71
CA HIS F 635 10.62 39.63 -13.58
C HIS F 635 12.00 40.23 -13.76
N PHE F 636 12.58 40.04 -14.94
CA PHE F 636 13.85 40.64 -15.27
C PHE F 636 13.65 42.11 -15.58
N PHE F 637 12.64 42.40 -16.39
CA PHE F 637 12.29 43.80 -16.73
C PHE F 637 11.08 44.22 -15.91
N THR F 638 10.83 45.52 -15.82
CA THR F 638 9.61 46.00 -15.16
C THR F 638 8.45 46.28 -16.11
N GLU F 639 8.70 46.16 -17.42
CA GLU F 639 7.66 46.27 -18.43
C GLU F 639 8.18 45.63 -19.72
N ASN F 640 7.28 45.39 -20.67
CA ASN F 640 7.66 44.88 -21.99
C ASN F 640 8.82 45.70 -22.56
N PRO F 641 9.99 45.06 -22.80
CA PRO F 641 11.16 45.82 -23.25
C PRO F 641 11.13 46.27 -24.71
N GLY F 642 10.14 45.82 -25.47
CA GLY F 642 10.09 46.11 -26.90
C GLY F 642 9.29 47.34 -27.25
N LEU F 643 8.75 48.02 -26.23
CA LEU F 643 7.78 49.10 -26.46
C LEU F 643 8.36 50.37 -27.08
N ASP F 644 9.69 50.53 -27.05
CA ASP F 644 10.30 51.67 -27.73
C ASP F 644 10.67 51.37 -29.20
N ILE F 645 10.26 50.20 -29.70
CA ILE F 645 10.42 49.90 -31.13
C ILE F 645 9.31 50.63 -31.90
N GLN F 646 9.67 51.34 -32.98
CA GLN F 646 8.66 52.06 -33.76
C GLN F 646 7.61 51.07 -34.24
N PRO F 647 6.31 51.36 -33.98
CA PRO F 647 5.23 50.47 -34.42
C PRO F 647 5.17 50.39 -35.95
N SER F 648 4.65 49.27 -36.46
CA SER F 648 4.39 49.12 -37.87
C SER F 648 3.17 49.94 -38.25
N TYR F 649 2.24 50.04 -37.30
CA TYR F 649 1.06 50.87 -37.42
C TYR F 649 0.62 51.30 -36.04
N ALA F 650 0.21 52.57 -35.90
CA ALA F 650 -0.32 53.05 -34.63
C ALA F 650 -1.32 54.15 -34.90
N MET F 651 -2.49 54.00 -34.29
CA MET F 651 -3.48 55.08 -34.28
CA MET F 651 -3.52 55.03 -34.31
C MET F 651 -4.13 55.12 -32.91
N THR F 652 -4.11 56.31 -32.30
CA THR F 652 -4.71 56.52 -31.00
C THR F 652 -6.21 56.78 -31.14
N THR F 653 -6.92 56.79 -30.02
CA THR F 653 -8.34 57.12 -30.01
C THR F 653 -8.62 58.55 -30.49
N SER F 654 -7.81 59.51 -30.04
CA SER F 654 -7.94 60.90 -30.48
C SER F 654 -7.66 61.04 -31.97
N GLU F 655 -6.66 60.32 -32.47
CA GLU F 655 -6.35 60.33 -33.91
C GLU F 655 -7.50 59.72 -34.72
N ALA F 656 -8.08 58.64 -34.21
CA ALA F 656 -9.18 57.96 -34.90
C ALA F 656 -10.42 58.84 -34.96
N LYS F 657 -10.64 59.64 -33.92
CA LYS F 657 -11.76 60.58 -33.88
C LYS F 657 -11.58 61.72 -34.90
N ARG F 658 -10.37 62.26 -34.97
CA ARG F 658 -10.00 63.30 -35.95
C ARG F 658 -10.11 62.82 -37.39
N ALA F 659 -9.75 61.55 -37.63
CA ALA F 659 -9.82 60.95 -38.96
C ALA F 659 -11.29 60.85 -39.41
N VAL F 660 -12.18 61.42 -38.58
CA VAL F 660 -13.63 61.36 -38.73
C VAL F 660 -14.14 59.96 -38.41
#